data_8YEB
#
_entry.id   8YEB
#
_cell.length_a   130.095
_cell.length_b   148.264
_cell.length_c   136.707
_cell.angle_alpha   90.00
_cell.angle_beta   94.97
_cell.angle_gamma   90.00
#
_symmetry.space_group_name_H-M   'P 1 21 1'
#
loop_
_entity.id
_entity.type
_entity.pdbx_description
1 polymer 'Ketose 3-epimerase'
2 non-polymer 'MAGNESIUM ION'
3 non-polymer DI(HYDROXYETHYL)ETHER
4 water water
#
_entity_poly.entity_id   1
_entity_poly.type   'polypeptide(L)'
_entity_poly.pdbx_seq_one_letter_code
;LEVLFQGPMKIGCHGLVWTGHFDAEGIRYSVQKTREAGFDLVEFPLMDPFSFDVQTAKSALAEHGLAASASLGLSDATDV
SSEDPAVVKAGEELLNRAVDVLAELGATDFCGVIYSAMKKYMEPATAAGLANSKAAVGRVADRASDLGINVSLEVVNRYE
TNVLNTGRQALAYLEELNRPNLGIHLDTYHMNIEESDMFSPILDTAEALRYVHIGESHRGYLGTGSVDFDTFFKALGRIG
YDGPVVFESFSSSVVAPDLSRMLGIWRNLWADNEELGAHANAFIRDKLTAIKTIELH
;
_entity_poly.pdbx_strand_id   A,E,B,C,D,F,G,H,I,J,K,L,M,N,O,P
#
loop_
_chem_comp.id
_chem_comp.type
_chem_comp.name
_chem_comp.formula
MG non-polymer 'MAGNESIUM ION' 'Mg 2'
PEG non-polymer DI(HYDROXYETHYL)ETHER 'C4 H10 O3'
#
# COMPACT_ATOMS: atom_id res chain seq x y z
N MET A 9 11.12 -3.91 -8.13
CA MET A 9 12.07 -3.29 -7.16
C MET A 9 12.68 -2.04 -7.78
N LYS A 10 12.70 -0.97 -7.01
CA LYS A 10 13.32 0.26 -7.45
C LYS A 10 14.61 0.52 -6.69
N ILE A 11 15.68 0.81 -7.45
CA ILE A 11 16.95 1.15 -6.87
C ILE A 11 16.95 2.65 -6.69
N GLY A 12 17.16 3.10 -5.46
CA GLY A 12 17.05 4.52 -5.16
C GLY A 12 18.30 5.11 -4.52
N CYS A 13 18.29 6.44 -4.43
CA CYS A 13 19.39 7.20 -3.86
C CYS A 13 18.84 8.23 -2.87
N HIS A 14 19.44 8.29 -1.68
CA HIS A 14 19.04 9.25 -0.68
C HIS A 14 19.46 10.63 -1.14
N GLY A 15 18.60 11.63 -0.86
CA GLY A 15 18.79 13.01 -1.25
C GLY A 15 20.07 13.66 -0.73
N LEU A 16 20.57 13.22 0.45
CA LEU A 16 21.73 13.85 1.07
C LEU A 16 23.04 13.51 0.36
N VAL A 17 22.99 12.68 -0.66
CA VAL A 17 24.15 12.47 -1.49
C VAL A 17 24.42 13.74 -2.30
N TRP A 18 23.36 14.46 -2.68
CA TRP A 18 23.49 15.62 -3.56
C TRP A 18 23.37 16.98 -2.87
N THR A 19 22.38 17.16 -1.97
CA THR A 19 22.24 18.44 -1.31
C THR A 19 21.65 18.30 0.09
N GLY A 20 21.92 19.31 0.92
CA GLY A 20 21.40 19.38 2.27
C GLY A 20 20.20 20.33 2.41
N HIS A 21 19.92 21.10 1.35
CA HIS A 21 18.83 22.06 1.38
C HIS A 21 17.87 21.75 0.25
N PHE A 22 16.66 21.31 0.61
CA PHE A 22 15.71 20.87 -0.42
C PHE A 22 14.74 22.00 -0.84
N ASP A 23 15.32 23.08 -1.38
CA ASP A 23 14.57 24.15 -1.98
C ASP A 23 14.33 23.81 -3.46
N ALA A 24 13.85 24.79 -4.22
CA ALA A 24 13.56 24.54 -5.62
C ALA A 24 14.81 24.03 -6.31
N GLU A 25 15.95 24.71 -6.11
CA GLU A 25 17.18 24.34 -6.77
C GLU A 25 17.67 22.98 -6.30
N GLY A 26 17.63 22.75 -4.98
CA GLY A 26 18.06 21.48 -4.41
C GLY A 26 17.24 20.31 -4.94
N ILE A 27 15.93 20.50 -5.09
CA ILE A 27 15.04 19.47 -5.57
C ILE A 27 15.38 19.06 -7.00
N ARG A 28 15.51 20.06 -7.89
CA ARG A 28 15.83 19.79 -9.28
C ARG A 28 17.21 19.17 -9.39
N TYR A 29 18.16 19.69 -8.61
CA TYR A 29 19.54 19.23 -8.63
C TYR A 29 19.63 17.77 -8.18
N SER A 30 19.01 17.43 -7.04
CA SER A 30 19.06 16.07 -6.52
C SER A 30 18.41 15.09 -7.49
N VAL A 31 17.26 15.48 -8.06
CA VAL A 31 16.54 14.62 -8.99
C VAL A 31 17.39 14.38 -10.23
N GLN A 32 17.98 15.45 -10.75
CA GLN A 32 18.79 15.35 -11.95
C GLN A 32 20.01 14.45 -11.73
N LYS A 33 20.77 14.72 -10.66
CA LYS A 33 21.97 13.95 -10.35
C LYS A 33 21.64 12.49 -10.09
N THR A 34 20.50 12.23 -9.42
CA THR A 34 20.07 10.88 -9.13
C THR A 34 19.88 10.12 -10.43
N ARG A 35 19.14 10.73 -11.36
CA ARG A 35 18.87 10.11 -12.66
C ARG A 35 20.20 9.88 -13.40
N GLU A 36 21.08 10.87 -13.40
CA GLU A 36 22.37 10.78 -14.10
C GLU A 36 23.27 9.71 -13.47
N ALA A 37 23.08 9.42 -12.17
CA ALA A 37 23.84 8.37 -11.51
C ALA A 37 23.32 6.97 -11.91
N GLY A 38 22.16 6.90 -12.55
CA GLY A 38 21.63 5.60 -12.96
C GLY A 38 20.52 5.04 -12.07
N PHE A 39 20.10 5.79 -11.04
CA PHE A 39 19.05 5.35 -10.12
C PHE A 39 17.62 5.48 -10.69
N ASP A 40 16.72 4.63 -10.17
CA ASP A 40 15.31 4.64 -10.54
C ASP A 40 14.54 5.64 -9.67
N LEU A 41 15.00 5.85 -8.43
CA LEU A 41 14.19 6.60 -7.48
C LEU A 41 15.06 7.48 -6.58
N VAL A 42 14.47 8.59 -6.15
CA VAL A 42 15.12 9.47 -5.21
C VAL A 42 14.29 9.47 -3.94
N GLU A 43 14.98 9.39 -2.79
CA GLU A 43 14.30 9.48 -1.50
C GLU A 43 14.54 10.88 -0.98
N PHE A 44 13.45 11.65 -0.87
CA PHE A 44 13.55 12.99 -0.34
C PHE A 44 13.52 12.96 1.18
N PRO A 45 14.54 13.53 1.84
CA PRO A 45 14.48 13.70 3.29
C PRO A 45 13.62 14.91 3.62
N LEU A 46 12.41 14.68 4.10
CA LEU A 46 11.48 15.76 4.41
C LEU A 46 11.55 16.17 5.89
N MET A 47 12.63 16.82 6.29
CA MET A 47 12.72 17.26 7.68
C MET A 47 11.72 18.39 7.94
N ASP A 48 11.39 19.17 6.89
CA ASP A 48 10.38 20.21 6.98
C ASP A 48 9.41 20.10 5.82
N PRO A 49 8.42 19.20 5.94
CA PRO A 49 7.47 18.93 4.86
C PRO A 49 6.49 20.07 4.57
N PHE A 50 6.35 20.99 5.53
CA PHE A 50 5.42 22.10 5.37
C PHE A 50 5.88 23.02 4.23
N SER A 51 7.20 23.19 4.09
CA SER A 51 7.74 24.11 3.09
C SER A 51 8.23 23.40 1.83
N PHE A 52 8.22 22.07 1.80
CA PHE A 52 8.72 21.32 0.65
C PHE A 52 7.92 21.71 -0.58
N ASP A 53 8.63 22.09 -1.64
CA ASP A 53 7.99 22.54 -2.86
C ASP A 53 7.57 21.35 -3.71
N VAL A 54 6.33 20.91 -3.49
CA VAL A 54 5.78 19.73 -4.15
C VAL A 54 5.71 19.90 -5.67
N GLN A 55 5.32 21.10 -6.13
CA GLN A 55 5.15 21.35 -7.56
C GLN A 55 6.47 21.22 -8.32
N THR A 56 7.55 21.76 -7.75
CA THR A 56 8.87 21.66 -8.36
C THR A 56 9.29 20.20 -8.46
N ALA A 57 9.07 19.46 -7.36
CA ALA A 57 9.41 18.04 -7.31
C ALA A 57 8.63 17.27 -8.37
N LYS A 58 7.34 17.54 -8.48
CA LYS A 58 6.54 16.85 -9.48
C LYS A 58 7.07 17.13 -10.88
N SER A 59 7.45 18.40 -11.12
CA SER A 59 8.01 18.82 -12.39
C SER A 59 9.32 18.08 -12.68
N ALA A 60 10.24 18.08 -11.70
CA ALA A 60 11.55 17.47 -11.87
C ALA A 60 11.44 15.95 -12.04
N LEU A 61 10.58 15.31 -11.25
CA LEU A 61 10.44 13.86 -11.32
C LEU A 61 9.95 13.49 -12.71
N ALA A 62 8.96 14.24 -13.22
CA ALA A 62 8.40 13.97 -14.53
C ALA A 62 9.47 14.16 -15.61
N GLU A 63 10.25 15.25 -15.50
CA GLU A 63 11.28 15.57 -16.48
C GLU A 63 12.30 14.43 -16.60
N HIS A 64 12.73 13.86 -15.47
CA HIS A 64 13.76 12.83 -15.51
C HIS A 64 13.20 11.41 -15.41
N GLY A 65 11.88 11.25 -15.49
CA GLY A 65 11.26 9.94 -15.44
C GLY A 65 11.68 9.17 -14.19
N LEU A 66 11.64 9.85 -13.03
CA LEU A 66 12.10 9.27 -11.78
C LEU A 66 10.98 9.12 -10.77
N ALA A 67 11.02 8.00 -10.03
CA ALA A 67 10.08 7.76 -8.95
C ALA A 67 10.59 8.44 -7.69
N ALA A 68 9.73 8.57 -6.69
CA ALA A 68 10.11 9.19 -5.43
C ALA A 68 9.52 8.51 -4.20
N SER A 69 10.27 8.67 -3.09
CA SER A 69 9.86 8.30 -1.76
C SER A 69 10.25 9.42 -0.81
N ALA A 70 9.80 9.29 0.44
CA ALA A 70 10.12 10.28 1.45
C ALA A 70 10.48 9.62 2.78
N SER A 71 11.42 10.25 3.46
CA SER A 71 11.88 9.80 4.76
C SER A 71 11.98 11.03 5.63
N LEU A 72 11.99 10.82 6.94
CA LEU A 72 12.11 11.90 7.90
C LEU A 72 12.56 11.34 9.25
N GLY A 73 13.20 12.19 10.02
CA GLY A 73 13.54 11.90 11.40
C GLY A 73 12.96 12.96 12.31
N LEU A 74 12.23 12.52 13.35
CA LEU A 74 11.66 13.42 14.32
C LEU A 74 12.72 13.99 15.28
N SER A 75 12.31 15.02 16.03
CA SER A 75 13.16 15.69 17.00
C SER A 75 12.41 15.81 18.33
N ASP A 76 12.99 16.54 19.29
CA ASP A 76 12.42 16.71 20.62
C ASP A 76 11.04 17.34 20.55
N ALA A 77 10.92 18.35 19.70
CA ALA A 77 9.68 19.09 19.56
C ALA A 77 8.59 18.21 18.98
N THR A 78 8.96 17.18 18.22
CA THR A 78 7.99 16.35 17.55
C THR A 78 8.14 14.88 17.95
N ASP A 79 8.59 14.64 19.17
CA ASP A 79 8.82 13.29 19.64
C ASP A 79 7.50 12.59 19.98
N VAL A 80 7.09 11.66 19.13
CA VAL A 80 5.85 10.92 19.33
C VAL A 80 5.95 9.92 20.47
N SER A 81 7.16 9.67 21.00
CA SER A 81 7.35 8.79 22.14
C SER A 81 7.38 9.57 23.45
N SER A 82 7.07 10.87 23.38
CA SER A 82 7.05 11.72 24.56
C SER A 82 5.86 11.40 25.47
N GLU A 83 5.95 11.83 26.72
CA GLU A 83 4.83 11.64 27.64
C GLU A 83 3.92 12.87 27.61
N ASP A 84 4.39 13.92 26.93
CA ASP A 84 3.68 15.16 26.77
C ASP A 84 2.82 15.07 25.52
N PRO A 85 1.49 15.03 25.68
CA PRO A 85 0.56 14.90 24.56
C PRO A 85 0.70 16.01 23.52
N ALA A 86 1.09 17.22 23.96
CA ALA A 86 1.27 18.33 23.04
C ALA A 86 2.43 18.04 22.09
N VAL A 87 3.54 17.51 22.64
CA VAL A 87 4.71 17.19 21.84
C VAL A 87 4.36 16.08 20.85
N VAL A 88 3.60 15.09 21.33
CA VAL A 88 3.19 13.98 20.51
C VAL A 88 2.34 14.49 19.35
N LYS A 89 1.40 15.39 19.67
CA LYS A 89 0.49 15.92 18.67
C LYS A 89 1.27 16.65 17.58
N ALA A 90 2.31 17.39 17.97
CA ALA A 90 3.13 18.12 17.02
C ALA A 90 3.81 17.16 16.05
N GLY A 91 4.37 16.07 16.58
CA GLY A 91 5.05 15.07 15.77
C GLY A 91 4.10 14.40 14.80
N GLU A 92 2.90 14.12 15.28
CA GLU A 92 1.86 13.49 14.48
C GLU A 92 1.48 14.44 13.35
N GLU A 93 1.46 15.74 13.66
CA GLU A 93 1.10 16.76 12.70
C GLU A 93 2.14 16.79 11.59
N LEU A 94 3.42 16.73 11.98
CA LEU A 94 4.50 16.76 11.02
C LEU A 94 4.47 15.52 10.14
N LEU A 95 4.25 14.34 10.75
CA LEU A 95 4.19 13.08 10.02
C LEU A 95 3.06 13.12 8.99
N ASN A 96 1.89 13.63 9.40
CA ASN A 96 0.73 13.71 8.51
C ASN A 96 1.02 14.56 7.26
N ARG A 97 1.71 15.67 7.44
CA ARG A 97 2.04 16.55 6.32
C ARG A 97 2.99 15.86 5.37
N ALA A 98 3.94 15.09 5.91
CA ALA A 98 4.89 14.36 5.07
C ALA A 98 4.13 13.38 4.18
N VAL A 99 3.16 12.70 4.79
CA VAL A 99 2.34 11.74 4.07
C VAL A 99 1.53 12.46 2.97
N ASP A 100 1.02 13.64 3.31
CA ASP A 100 0.26 14.43 2.34
C ASP A 100 1.13 14.77 1.14
N VAL A 101 2.40 15.10 1.40
CA VAL A 101 3.33 15.40 0.34
C VAL A 101 3.47 14.21 -0.59
N LEU A 102 3.65 13.03 0.00
CA LEU A 102 3.81 11.82 -0.78
C LEU A 102 2.57 11.56 -1.64
N ALA A 103 1.39 11.79 -1.07
CA ALA A 103 0.14 11.60 -1.80
C ALA A 103 0.07 12.49 -3.04
N GLU A 104 0.42 13.77 -2.89
CA GLU A 104 0.45 14.72 -3.98
C GLU A 104 1.46 14.31 -5.06
N LEU A 105 2.56 13.69 -4.65
CA LEU A 105 3.58 13.28 -5.60
C LEU A 105 3.18 12.00 -6.32
N GLY A 106 2.14 11.32 -5.84
CA GLY A 106 1.77 10.04 -6.41
C GLY A 106 2.72 8.93 -5.99
N ALA A 107 3.46 9.16 -4.88
CA ALA A 107 4.42 8.20 -4.36
C ALA A 107 3.72 7.15 -3.49
N THR A 108 4.46 6.11 -3.07
CA THR A 108 3.86 5.04 -2.27
C THR A 108 4.55 4.75 -0.95
N ASP A 109 5.76 5.27 -0.74
CA ASP A 109 6.52 4.88 0.46
C ASP A 109 6.96 6.05 1.32
N PHE A 110 6.57 5.98 2.59
CA PHE A 110 7.04 6.86 3.64
C PHE A 110 7.80 6.00 4.63
N CYS A 111 8.94 6.50 5.12
CA CYS A 111 9.75 5.73 6.06
C CYS A 111 10.66 6.61 6.92
N GLY A 112 11.46 5.98 7.77
CA GLY A 112 12.41 6.68 8.62
C GLY A 112 12.08 6.52 10.10
N VAL A 113 12.68 7.39 10.92
CA VAL A 113 12.54 7.33 12.35
C VAL A 113 11.36 8.19 12.75
N ILE A 114 10.16 7.60 12.67
CA ILE A 114 8.92 8.32 12.93
C ILE A 114 8.25 7.83 14.20
N TYR A 115 8.88 6.91 14.91
CA TYR A 115 8.29 6.33 16.12
C TYR A 115 8.88 6.97 17.36
N SER A 116 9.90 7.81 17.13
CA SER A 116 10.58 8.51 18.20
C SER A 116 11.38 9.65 17.62
N ALA A 117 12.03 10.42 18.48
CA ALA A 117 12.97 11.42 18.03
C ALA A 117 14.23 10.69 17.55
N MET A 118 14.86 11.23 16.53
CA MET A 118 16.08 10.67 16.00
C MET A 118 17.23 11.38 16.71
N LYS A 119 17.64 10.81 17.84
CA LYS A 119 18.69 11.42 18.62
C LYS A 119 19.27 10.42 19.60
N LYS A 120 20.28 10.88 20.36
CA LYS A 120 20.84 10.08 21.43
C LYS A 120 20.06 10.34 22.73
N TYR A 121 19.15 9.45 23.08
CA TYR A 121 18.40 9.57 24.31
C TYR A 121 19.29 9.45 25.54
N MET A 122 18.92 10.14 26.61
CA MET A 122 19.69 10.10 27.87
C MET A 122 18.91 9.34 28.92
N GLU A 123 17.88 8.62 28.48
CA GLU A 123 17.05 7.77 29.32
C GLU A 123 16.42 6.70 28.46
N PRO A 124 16.03 5.56 29.06
CA PRO A 124 15.33 4.52 28.35
C PRO A 124 13.90 4.92 28.03
N ALA A 125 13.29 4.25 27.06
CA ALA A 125 11.91 4.54 26.70
C ALA A 125 11.03 4.18 27.89
N THR A 126 9.98 4.97 28.09
CA THR A 126 9.08 4.72 29.21
C THR A 126 7.84 4.01 28.68
N ALA A 127 7.14 3.32 29.58
CA ALA A 127 5.92 2.61 29.25
C ALA A 127 4.90 3.56 28.62
N ALA A 128 4.70 4.71 29.24
CA ALA A 128 3.71 5.68 28.77
C ALA A 128 4.12 6.23 27.40
N GLY A 129 5.43 6.48 27.22
CA GLY A 129 5.97 7.01 25.98
C GLY A 129 5.77 6.03 24.82
N LEU A 130 6.02 4.76 25.07
CA LEU A 130 5.90 3.74 24.04
C LEU A 130 4.44 3.59 23.63
N ALA A 131 3.53 3.74 24.60
CA ALA A 131 2.12 3.65 24.28
C ALA A 131 1.72 4.81 23.37
N ASN A 132 2.25 6.00 23.66
CA ASN A 132 1.96 7.19 22.89
C ASN A 132 2.51 7.06 21.47
N SER A 133 3.72 6.51 21.35
CA SER A 133 4.36 6.30 20.06
C SER A 133 3.52 5.38 19.18
N LYS A 134 3.16 4.21 19.71
CA LYS A 134 2.41 3.24 18.95
C LYS A 134 1.05 3.80 18.51
N ALA A 135 0.37 4.51 19.42
CA ALA A 135 -0.94 5.07 19.11
C ALA A 135 -0.80 6.12 18.02
N ALA A 136 0.17 7.02 18.15
CA ALA A 136 0.41 8.05 17.15
C ALA A 136 0.72 7.43 15.79
N VAL A 137 1.63 6.44 15.77
CA VAL A 137 2.03 5.78 14.53
C VAL A 137 0.85 5.04 13.91
N GLY A 138 -0.01 4.48 14.76
CA GLY A 138 -1.19 3.77 14.28
C GLY A 138 -2.13 4.71 13.52
N ARG A 139 -2.32 5.91 14.07
CA ARG A 139 -3.21 6.89 13.47
C ARG A 139 -2.63 7.40 12.15
N VAL A 140 -1.33 7.60 12.10
CA VAL A 140 -0.68 8.05 10.87
C VAL A 140 -0.77 6.98 9.80
N ALA A 141 -0.55 5.72 10.19
CA ALA A 141 -0.61 4.61 9.25
C ALA A 141 -2.01 4.47 8.66
N ASP A 142 -3.02 4.63 9.51
CA ASP A 142 -4.41 4.52 9.08
C ASP A 142 -4.70 5.57 8.02
N ARG A 143 -4.28 6.80 8.33
CA ARG A 143 -4.47 7.92 7.44
C ARG A 143 -3.72 7.70 6.14
N ALA A 144 -2.50 7.19 6.26
CA ALA A 144 -1.67 6.93 5.08
C ALA A 144 -2.31 5.83 4.25
N SER A 145 -2.92 4.86 4.92
CA SER A 145 -3.57 3.73 4.24
C SER A 145 -4.68 4.23 3.32
N ASP A 146 -5.50 5.15 3.82
CA ASP A 146 -6.59 5.68 3.03
C ASP A 146 -6.05 6.46 1.82
N LEU A 147 -4.79 6.90 1.90
CA LEU A 147 -4.18 7.64 0.81
C LEU A 147 -3.33 6.71 -0.06
N GLY A 148 -3.47 5.39 0.15
CA GLY A 148 -2.67 4.46 -0.62
C GLY A 148 -1.17 4.55 -0.38
N ILE A 149 -0.75 4.93 0.84
CA ILE A 149 0.66 5.09 1.17
C ILE A 149 1.10 4.07 2.22
N ASN A 150 2.27 3.45 1.99
CA ASN A 150 2.86 2.53 2.96
C ASN A 150 3.77 3.28 3.92
N VAL A 151 3.77 2.85 5.18
CA VAL A 151 4.61 3.47 6.21
C VAL A 151 5.53 2.40 6.80
N SER A 152 6.84 2.65 6.75
CA SER A 152 7.81 1.67 7.24
C SER A 152 8.67 2.30 8.32
N LEU A 153 8.79 1.61 9.46
CA LEU A 153 9.58 2.12 10.56
C LEU A 153 11.02 1.71 10.33
N GLU A 154 11.91 2.68 10.30
CA GLU A 154 13.31 2.37 10.10
C GLU A 154 14.00 2.06 11.43
N VAL A 155 14.55 0.85 11.53
CA VAL A 155 15.27 0.43 12.70
C VAL A 155 16.62 1.10 12.70
N VAL A 156 16.96 1.80 13.79
CA VAL A 156 18.24 2.50 13.85
C VAL A 156 18.98 2.16 15.15
N ASN A 157 20.25 2.54 15.22
CA ASN A 157 21.09 2.12 16.33
C ASN A 157 20.76 2.87 17.64
N ARG A 158 21.38 2.39 18.73
CA ARG A 158 21.14 2.86 20.08
C ARG A 158 21.36 4.36 20.24
N TYR A 159 22.23 4.95 19.40
CA TYR A 159 22.56 6.34 19.52
C TYR A 159 21.56 7.23 18.80
N GLU A 160 20.65 6.63 18.03
CA GLU A 160 19.68 7.41 17.27
C GLU A 160 18.26 7.17 17.75
N THR A 161 18.04 6.11 18.52
CA THR A 161 16.75 5.86 19.16
C THR A 161 16.89 4.88 20.32
N ASN A 162 15.97 4.96 21.27
CA ASN A 162 15.92 4.03 22.39
C ASN A 162 14.73 3.10 22.25
N VAL A 163 13.99 3.18 21.14
CA VAL A 163 12.79 2.40 20.94
C VAL A 163 13.06 1.16 20.10
N LEU A 164 13.32 1.34 18.79
CA LEU A 164 13.49 0.21 17.88
C LEU A 164 14.93 0.10 17.40
N ASN A 165 15.74 -0.74 18.07
CA ASN A 165 17.12 -0.94 17.69
C ASN A 165 17.36 -2.20 16.86
N THR A 166 16.41 -3.15 16.87
CA THR A 166 16.58 -4.38 16.12
C THR A 166 15.31 -4.71 15.35
N GLY A 167 15.45 -5.54 14.32
CA GLY A 167 14.31 -6.04 13.58
C GLY A 167 13.30 -6.75 14.48
N ARG A 168 13.79 -7.54 15.43
CA ARG A 168 12.92 -8.28 16.34
C ARG A 168 12.05 -7.32 17.14
N GLN A 169 12.66 -6.26 17.68
CA GLN A 169 11.92 -5.26 18.43
C GLN A 169 10.86 -4.60 17.56
N ALA A 170 11.20 -4.34 16.30
CA ALA A 170 10.25 -3.72 15.38
C ALA A 170 9.07 -4.64 15.14
N LEU A 171 9.32 -5.95 15.04
CA LEU A 171 8.27 -6.92 14.83
C LEU A 171 7.30 -6.96 16.02
N ALA A 172 7.85 -6.85 17.24
CA ALA A 172 7.01 -6.82 18.42
C ALA A 172 6.22 -5.50 18.47
N TYR A 173 6.83 -4.41 18.00
CA TYR A 173 6.14 -3.14 17.97
C TYR A 173 4.93 -3.22 17.04
N LEU A 174 5.14 -3.79 15.85
CA LEU A 174 4.10 -3.88 14.82
C LEU A 174 3.01 -4.90 15.16
N GLU A 175 3.36 -5.89 15.98
CA GLU A 175 2.45 -6.97 16.35
C GLU A 175 1.23 -6.37 17.04
N GLU A 176 1.46 -5.42 17.95
CA GLU A 176 0.40 -4.78 18.70
C GLU A 176 -0.51 -3.97 17.78
N LEU A 177 0.09 -3.13 16.92
CA LEU A 177 -0.68 -2.26 16.03
C LEU A 177 -1.48 -3.01 14.98
N ASN A 178 -0.90 -4.07 14.41
CA ASN A 178 -1.56 -4.89 13.40
C ASN A 178 -2.17 -4.03 12.30
N ARG A 179 -1.35 -3.15 11.73
CA ARG A 179 -1.77 -2.32 10.62
C ARG A 179 -1.19 -2.92 9.36
N PRO A 180 -2.02 -3.14 8.33
CA PRO A 180 -1.56 -3.83 7.12
C PRO A 180 -0.54 -3.03 6.31
N ASN A 181 -0.59 -1.70 6.35
CA ASN A 181 0.33 -0.88 5.56
C ASN A 181 1.53 -0.45 6.40
N LEU A 182 1.68 -1.04 7.59
CA LEU A 182 2.78 -0.70 8.46
C LEU A 182 3.88 -1.75 8.29
N GLY A 183 5.09 -1.30 7.94
CA GLY A 183 6.17 -2.23 7.69
C GLY A 183 7.45 -1.93 8.45
N ILE A 184 8.50 -2.69 8.11
CA ILE A 184 9.80 -2.53 8.73
C ILE A 184 10.78 -2.08 7.67
N HIS A 185 11.58 -1.09 8.01
CA HIS A 185 12.64 -0.57 7.15
C HIS A 185 13.98 -0.90 7.81
N LEU A 186 14.78 -1.70 7.13
CA LEU A 186 16.12 -2.05 7.63
C LEU A 186 17.20 -1.28 6.87
N ASP A 187 18.26 -0.96 7.61
CA ASP A 187 19.38 -0.22 7.11
C ASP A 187 20.65 -0.97 7.50
N THR A 188 21.50 -1.27 6.52
CA THR A 188 22.68 -2.09 6.76
C THR A 188 23.64 -1.42 7.74
N TYR A 189 23.73 -0.08 7.68
CA TYR A 189 24.58 0.66 8.59
C TYR A 189 24.14 0.42 10.04
N HIS A 190 22.84 0.51 10.30
CA HIS A 190 22.33 0.32 11.65
C HIS A 190 22.39 -1.14 12.07
N MET A 191 22.12 -2.04 11.11
CA MET A 191 22.16 -3.48 11.34
C MET A 191 23.58 -3.92 11.72
N ASN A 192 24.57 -3.26 11.14
CA ASN A 192 25.97 -3.55 11.38
C ASN A 192 26.30 -3.42 12.88
N ILE A 193 25.66 -2.48 13.55
CA ILE A 193 25.87 -2.30 14.98
C ILE A 193 25.03 -3.27 15.84
N GLU A 194 23.69 -3.17 15.75
CA GLU A 194 22.77 -3.85 16.66
C GLU A 194 22.54 -5.35 16.38
N GLU A 195 22.47 -5.80 15.13
CA GLU A 195 22.00 -7.14 14.82
C GLU A 195 23.07 -8.19 15.09
N SER A 196 22.62 -9.44 15.25
CA SER A 196 23.51 -10.57 15.47
C SER A 196 24.25 -10.95 14.20
N ASP A 197 23.61 -10.69 13.05
CA ASP A 197 24.18 -10.99 11.74
C ASP A 197 23.30 -10.30 10.68
N MET A 198 23.65 -10.46 9.40
CA MET A 198 22.89 -9.79 8.36
C MET A 198 21.74 -10.64 7.81
N PHE A 199 21.77 -11.97 7.97
CA PHE A 199 20.68 -12.77 7.41
C PHE A 199 19.49 -12.93 8.37
N SER A 200 19.71 -13.06 9.68
CA SER A 200 18.65 -13.37 10.64
C SER A 200 17.54 -12.31 10.67
N PRO A 201 17.89 -11.02 10.71
CA PRO A 201 16.86 -9.99 10.68
C PRO A 201 15.99 -10.03 9.42
N ILE A 202 16.58 -10.33 8.26
CA ILE A 202 15.83 -10.38 7.02
C ILE A 202 14.81 -11.50 7.09
N LEU A 203 15.26 -12.68 7.51
CA LEU A 203 14.39 -13.85 7.56
C LEU A 203 13.28 -13.67 8.59
N ASP A 204 13.58 -13.16 9.80
CA ASP A 204 12.54 -12.99 10.80
C ASP A 204 11.53 -11.93 10.38
N THR A 205 12.04 -10.84 9.79
CA THR A 205 11.24 -9.69 9.43
C THR A 205 10.65 -9.80 8.03
N ALA A 206 10.76 -10.98 7.40
CA ALA A 206 10.41 -11.16 6.00
C ALA A 206 9.04 -10.62 5.59
N GLU A 207 7.98 -10.96 6.33
CA GLU A 207 6.65 -10.45 6.02
C GLU A 207 6.61 -8.92 6.03
N ALA A 208 7.10 -8.33 7.11
CA ALA A 208 7.00 -6.90 7.32
C ALA A 208 8.08 -6.10 6.58
N LEU A 209 9.14 -6.73 6.05
CA LEU A 209 10.21 -5.96 5.42
C LEU A 209 9.71 -5.24 4.15
N ARG A 210 9.56 -3.93 4.24
CA ARG A 210 9.01 -3.14 3.14
C ARG A 210 9.98 -2.13 2.53
N TYR A 211 11.07 -1.77 3.22
CA TYR A 211 12.01 -0.77 2.75
C TYR A 211 13.42 -1.11 3.17
N VAL A 212 14.41 -0.81 2.31
CA VAL A 212 15.81 -1.15 2.58
C VAL A 212 16.75 0.02 2.30
N HIS A 213 17.62 0.33 3.26
CA HIS A 213 18.69 1.28 3.05
C HIS A 213 20.03 0.56 2.93
N ILE A 214 20.80 0.93 1.91
CA ILE A 214 22.12 0.36 1.70
C ILE A 214 23.16 1.39 2.14
N GLY A 215 23.82 1.10 3.25
CA GLY A 215 24.85 1.98 3.78
C GLY A 215 26.06 1.24 4.38
N GLU A 216 27.26 1.77 4.12
CA GLU A 216 28.50 1.24 4.63
C GLU A 216 28.64 1.57 6.12
N SER A 217 29.55 0.85 6.80
CA SER A 217 29.74 0.99 8.24
C SER A 217 29.99 2.42 8.67
N HIS A 218 30.71 3.20 7.86
CA HIS A 218 31.00 4.58 8.19
C HIS A 218 30.17 5.55 7.34
N ARG A 219 29.19 5.01 6.62
CA ARG A 219 28.26 5.73 5.77
C ARG A 219 28.93 6.40 4.56
N GLY A 220 30.04 5.84 4.08
CA GLY A 220 30.73 6.33 2.90
C GLY A 220 30.57 5.41 1.69
N TYR A 221 31.67 5.25 0.94
CA TYR A 221 31.72 4.43 -0.25
C TYR A 221 31.38 2.97 0.07
N LEU A 222 30.54 2.37 -0.77
CA LEU A 222 30.15 0.98 -0.55
C LEU A 222 31.37 0.07 -0.77
N GLY A 223 31.60 -0.83 0.19
CA GLY A 223 32.71 -1.78 0.10
C GLY A 223 34.03 -1.25 0.70
N THR A 224 34.01 -0.05 1.27
CA THR A 224 35.20 0.49 1.90
C THR A 224 35.03 0.49 3.41
N GLY A 225 34.11 -0.34 3.90
CA GLY A 225 33.90 -0.46 5.33
C GLY A 225 33.74 -1.91 5.78
N SER A 226 33.12 -2.13 6.95
CA SER A 226 33.03 -3.48 7.53
C SER A 226 31.67 -4.17 7.31
N VAL A 227 30.72 -3.52 6.63
CA VAL A 227 29.38 -4.10 6.45
C VAL A 227 29.45 -5.34 5.55
N ASP A 228 28.78 -6.41 6.02
CA ASP A 228 28.70 -7.67 5.30
C ASP A 228 27.54 -7.63 4.30
N PHE A 229 27.76 -6.97 3.15
CA PHE A 229 26.74 -6.81 2.14
C PHE A 229 26.41 -8.14 1.47
N ASP A 230 27.41 -9.00 1.29
CA ASP A 230 27.18 -10.28 0.64
C ASP A 230 26.11 -11.10 1.36
N THR A 231 26.21 -11.22 2.69
CA THR A 231 25.23 -11.99 3.43
C THR A 231 23.88 -11.29 3.38
N PHE A 232 23.88 -9.96 3.49
CA PHE A 232 22.64 -9.19 3.46
C PHE A 232 21.86 -9.40 2.16
N PHE A 233 22.53 -9.23 1.01
CA PHE A 233 21.85 -9.36 -0.28
C PHE A 233 21.44 -10.81 -0.53
N LYS A 234 22.23 -11.78 -0.09
CA LYS A 234 21.84 -13.17 -0.28
C LYS A 234 20.56 -13.48 0.49
N ALA A 235 20.45 -12.95 1.70
CA ALA A 235 19.26 -13.16 2.52
C ALA A 235 18.06 -12.47 1.87
N LEU A 236 18.28 -11.28 1.28
CA LEU A 236 17.22 -10.57 0.60
C LEU A 236 16.70 -11.41 -0.56
N GLY A 237 17.64 -11.99 -1.31
CA GLY A 237 17.28 -12.83 -2.43
C GLY A 237 16.50 -14.07 -2.00
N ARG A 238 16.88 -14.63 -0.85
CA ARG A 238 16.22 -15.83 -0.35
C ARG A 238 14.74 -15.58 -0.03
N ILE A 239 14.38 -14.43 0.53
CA ILE A 239 12.98 -14.18 0.89
C ILE A 239 12.22 -13.53 -0.27
N GLY A 240 12.90 -13.31 -1.40
CA GLY A 240 12.28 -12.70 -2.57
C GLY A 240 11.81 -11.27 -2.29
N TYR A 241 12.63 -10.47 -1.61
CA TYR A 241 12.27 -9.09 -1.34
C TYR A 241 12.18 -8.31 -2.66
N ASP A 242 11.07 -7.60 -2.86
CA ASP A 242 10.88 -6.87 -4.11
C ASP A 242 10.61 -5.38 -3.86
N GLY A 243 10.91 -4.91 -2.66
CA GLY A 243 10.72 -3.50 -2.33
C GLY A 243 11.93 -2.65 -2.71
N PRO A 244 11.88 -1.35 -2.36
CA PRO A 244 12.97 -0.41 -2.67
C PRO A 244 14.29 -0.69 -1.95
N VAL A 245 15.38 -0.55 -2.69
CA VAL A 245 16.73 -0.66 -2.18
C VAL A 245 17.37 0.68 -2.45
N VAL A 246 17.57 1.46 -1.39
CA VAL A 246 18.05 2.82 -1.52
C VAL A 246 19.41 3.02 -0.87
N PHE A 247 20.32 3.56 -1.68
CA PHE A 247 21.66 3.91 -1.24
C PHE A 247 21.60 5.16 -0.35
N GLU A 248 22.31 5.12 0.77
CA GLU A 248 22.36 6.26 1.67
C GLU A 248 23.79 6.49 2.14
N SER A 249 24.27 7.72 2.03
CA SER A 249 25.66 8.04 2.33
C SER A 249 25.74 9.49 2.80
N PHE A 250 26.60 9.75 3.78
CA PHE A 250 26.74 11.08 4.33
C PHE A 250 28.22 11.46 4.45
N SER A 251 28.49 12.71 4.08
CA SER A 251 29.83 13.25 4.15
C SER A 251 29.76 14.73 4.50
N SER A 252 30.85 15.26 5.06
CA SER A 252 30.94 16.67 5.38
C SER A 252 30.96 17.54 4.11
N SER A 253 31.08 16.90 2.92
CA SER A 253 31.04 17.64 1.67
C SER A 253 29.64 18.14 1.35
N VAL A 254 28.59 17.45 1.84
CA VAL A 254 27.20 17.83 1.64
C VAL A 254 26.51 17.91 2.99
N VAL A 255 26.14 19.12 3.41
CA VAL A 255 25.65 19.34 4.77
C VAL A 255 24.20 19.82 4.83
N ALA A 256 23.42 19.12 5.67
CA ALA A 256 22.07 19.50 6.00
C ALA A 256 22.23 20.17 7.34
N PRO A 257 21.75 21.42 7.50
CA PRO A 257 21.96 22.20 8.72
C PRO A 257 21.56 21.44 9.99
N ASP A 258 20.41 20.74 9.98
CA ASP A 258 20.00 19.99 11.15
C ASP A 258 20.35 18.50 11.05
N LEU A 259 20.00 17.86 9.93
CA LEU A 259 20.18 16.42 9.78
C LEU A 259 21.65 15.97 9.95
N SER A 260 22.60 16.69 9.38
CA SER A 260 24.02 16.34 9.49
C SER A 260 24.51 16.37 10.93
N ARG A 261 24.04 17.32 11.72
CA ARG A 261 24.41 17.43 13.12
C ARG A 261 23.82 16.25 13.90
N MET A 262 22.56 15.93 13.60
CA MET A 262 21.84 14.87 14.29
C MET A 262 22.50 13.52 14.05
N LEU A 263 23.07 13.29 12.85
CA LEU A 263 23.67 12.00 12.51
C LEU A 263 25.16 11.96 12.80
N GLY A 264 25.72 13.07 13.32
CA GLY A 264 27.12 13.11 13.69
C GLY A 264 28.07 12.94 12.50
N ILE A 265 27.80 13.65 11.41
CA ILE A 265 28.62 13.58 10.21
C ILE A 265 29.79 14.56 10.36
N TRP A 266 30.78 14.18 11.18
CA TRP A 266 31.95 15.02 11.40
C TRP A 266 32.97 14.89 10.27
N ARG A 267 33.14 13.70 9.72
CA ARG A 267 34.26 13.42 8.85
C ARG A 267 33.91 13.58 7.38
N ASN A 268 34.95 13.65 6.58
CA ASN A 268 34.86 13.64 5.13
C ASN A 268 34.96 12.18 4.67
N LEU A 269 33.88 11.66 4.07
CA LEU A 269 33.92 10.30 3.54
C LEU A 269 34.06 10.30 2.03
N TRP A 270 33.78 11.44 1.40
CA TRP A 270 33.86 11.63 -0.06
C TRP A 270 33.71 13.11 -0.41
N ALA A 271 34.35 13.53 -1.51
CA ALA A 271 34.25 14.90 -1.98
C ALA A 271 33.46 14.98 -3.28
N ASP A 272 33.43 13.88 -4.03
CA ASP A 272 32.80 13.86 -5.34
C ASP A 272 31.58 12.93 -5.33
N ASN A 273 30.40 13.52 -5.22
CA ASN A 273 29.17 12.75 -5.12
C ASN A 273 28.82 12.09 -6.45
N GLU A 274 29.33 12.63 -7.56
CA GLU A 274 29.05 12.03 -8.86
C GLU A 274 29.68 10.64 -8.97
N GLU A 275 30.97 10.52 -8.64
CA GLU A 275 31.61 9.21 -8.69
C GLU A 275 30.96 8.30 -7.66
N LEU A 276 30.66 8.84 -6.50
CA LEU A 276 30.05 8.05 -5.43
C LEU A 276 28.73 7.45 -5.88
N GLY A 277 27.83 8.31 -6.37
CA GLY A 277 26.51 7.90 -6.79
C GLY A 277 26.54 6.83 -7.87
N ALA A 278 27.34 7.07 -8.93
CA ALA A 278 27.42 6.12 -10.03
C ALA A 278 27.95 4.77 -9.53
N HIS A 279 28.97 4.82 -8.68
CA HIS A 279 29.54 3.61 -8.10
C HIS A 279 28.52 2.84 -7.27
N ALA A 280 27.79 3.55 -6.41
CA ALA A 280 26.79 2.95 -5.54
C ALA A 280 25.67 2.31 -6.36
N ASN A 281 25.26 2.98 -7.44
CA ASN A 281 24.21 2.47 -8.28
C ASN A 281 24.64 1.12 -8.86
N ALA A 282 25.87 1.09 -9.38
CA ALA A 282 26.39 -0.14 -9.96
C ALA A 282 26.59 -1.23 -8.91
N PHE A 283 27.06 -0.86 -7.72
CA PHE A 283 27.29 -1.80 -6.64
C PHE A 283 26.01 -2.55 -6.31
N ILE A 284 24.94 -1.79 -6.07
CA ILE A 284 23.66 -2.36 -5.72
C ILE A 284 23.10 -3.21 -6.86
N ARG A 285 23.08 -2.66 -8.09
CA ARG A 285 22.49 -3.37 -9.22
C ARG A 285 23.25 -4.67 -9.52
N ASP A 286 24.59 -4.63 -9.53
CA ASP A 286 25.38 -5.78 -9.87
C ASP A 286 25.24 -6.86 -8.80
N LYS A 287 25.15 -6.44 -7.54
CA LYS A 287 24.99 -7.38 -6.46
C LYS A 287 23.68 -8.14 -6.64
N LEU A 288 22.60 -7.43 -6.99
CA LEU A 288 21.31 -8.05 -7.20
C LEU A 288 21.36 -8.98 -8.41
N THR A 289 22.10 -8.59 -9.45
CA THR A 289 22.22 -9.45 -10.62
C THR A 289 22.86 -10.79 -10.23
N ALA A 290 24.00 -10.72 -9.53
CA ALA A 290 24.70 -11.92 -9.10
C ALA A 290 23.85 -12.77 -8.15
N ILE A 291 23.17 -12.13 -7.18
CA ILE A 291 22.35 -12.84 -6.21
C ILE A 291 21.21 -13.61 -6.88
N LYS A 292 20.67 -13.07 -7.98
CA LYS A 292 19.59 -13.72 -8.70
C LYS A 292 20.01 -15.07 -9.29
N THR A 293 21.29 -15.25 -9.62
CA THR A 293 21.76 -16.50 -10.18
C THR A 293 21.88 -17.61 -9.12
N ILE A 294 21.92 -17.24 -7.84
CA ILE A 294 22.16 -18.21 -6.76
C ILE A 294 21.07 -19.28 -6.69
N GLU A 295 19.80 -18.94 -6.93
CA GLU A 295 18.73 -19.93 -6.86
C GLU A 295 18.88 -21.00 -7.95
N LEU A 296 19.47 -20.62 -9.09
CA LEU A 296 19.64 -21.51 -10.22
C LEU A 296 20.70 -22.59 -9.99
N HIS A 297 21.63 -22.37 -9.04
CA HIS A 297 22.72 -23.32 -8.84
C HIS A 297 22.75 -23.88 -7.41
N MET B 9 51.82 -9.67 27.50
CA MET B 9 50.43 -9.19 27.25
C MET B 9 49.54 -9.58 28.43
N LYS B 10 48.74 -8.62 28.89
CA LYS B 10 47.78 -8.86 29.94
C LYS B 10 46.38 -8.96 29.36
N ILE B 11 45.66 -10.02 29.71
CA ILE B 11 44.28 -10.21 29.31
C ILE B 11 43.44 -9.60 30.41
N GLY B 12 42.67 -8.57 30.05
CA GLY B 12 41.89 -7.89 31.06
C GLY B 12 40.38 -7.87 30.82
N CYS B 13 39.67 -7.43 31.87
CA CYS B 13 38.23 -7.32 31.84
C CYS B 13 37.83 -5.99 32.47
N HIS B 14 36.94 -5.28 31.81
CA HIS B 14 36.46 -4.01 32.30
C HIS B 14 35.68 -4.25 33.58
N GLY B 15 35.87 -3.38 34.56
CA GLY B 15 35.18 -3.50 35.85
C GLY B 15 33.66 -3.38 35.74
N LEU B 16 33.15 -2.68 34.71
CA LEU B 16 31.73 -2.44 34.50
C LEU B 16 30.97 -3.72 34.18
N VAL B 17 31.67 -4.79 33.81
CA VAL B 17 31.01 -6.05 33.58
C VAL B 17 30.36 -6.51 34.89
N TRP B 18 31.10 -6.38 35.98
CA TRP B 18 30.67 -6.90 37.28
C TRP B 18 29.82 -5.94 38.10
N THR B 19 30.23 -4.66 38.22
CA THR B 19 29.50 -3.73 39.08
C THR B 19 29.45 -2.34 38.47
N GLY B 20 28.45 -1.57 38.93
CA GLY B 20 28.27 -0.21 38.46
C GLY B 20 28.77 0.86 39.44
N HIS B 21 29.05 0.45 40.68
CA HIS B 21 29.49 1.40 41.70
C HIS B 21 30.79 0.91 42.31
N PHE B 22 31.85 1.68 42.11
CA PHE B 22 33.18 1.27 42.59
C PHE B 22 33.53 1.86 43.97
N ASP B 23 32.76 1.46 44.98
CA ASP B 23 33.09 1.72 46.37
C ASP B 23 33.94 0.56 46.92
N ALA B 24 34.03 0.45 48.25
CA ALA B 24 34.82 -0.63 48.84
C ALA B 24 34.32 -1.99 48.38
N GLU B 25 33.02 -2.23 48.51
CA GLU B 25 32.47 -3.54 48.20
C GLU B 25 32.57 -3.82 46.70
N GLY B 26 32.25 -2.82 45.87
CA GLY B 26 32.29 -2.96 44.44
C GLY B 26 33.70 -3.29 43.94
N ILE B 27 34.69 -2.61 44.49
CA ILE B 27 36.07 -2.82 44.10
C ILE B 27 36.47 -4.27 44.38
N ARG B 28 36.19 -4.75 45.59
CA ARG B 28 36.55 -6.10 45.98
C ARG B 28 35.84 -7.10 45.09
N TYR B 29 34.54 -6.86 44.84
CA TYR B 29 33.72 -7.76 44.04
C TYR B 29 34.22 -7.85 42.58
N SER B 30 34.46 -6.69 41.95
CA SER B 30 34.91 -6.67 40.56
C SER B 30 36.26 -7.35 40.41
N VAL B 31 37.16 -7.11 41.36
CA VAL B 31 38.48 -7.70 41.32
C VAL B 31 38.38 -9.23 41.43
N GLN B 32 37.60 -9.69 42.40
CA GLN B 32 37.45 -11.12 42.63
C GLN B 32 36.83 -11.81 41.40
N LYS B 33 35.76 -11.22 40.85
CA LYS B 33 35.07 -11.80 39.71
C LYS B 33 35.99 -11.87 38.50
N THR B 34 36.84 -10.86 38.32
CA THR B 34 37.79 -10.82 37.23
C THR B 34 38.77 -11.97 37.33
N ARG B 35 39.31 -12.18 38.54
CA ARG B 35 40.29 -13.26 38.76
C ARG B 35 39.62 -14.60 38.54
N GLU B 36 38.40 -14.76 39.07
CA GLU B 36 37.69 -16.02 38.94
C GLU B 36 37.37 -16.32 37.47
N ALA B 37 37.20 -15.27 36.66
CA ALA B 37 36.89 -15.47 35.24
C ALA B 37 38.15 -15.85 34.44
N GLY B 38 39.33 -15.74 35.05
CA GLY B 38 40.55 -16.18 34.40
C GLY B 38 41.40 -15.04 33.84
N PHE B 39 40.99 -13.78 34.06
CA PHE B 39 41.70 -12.62 33.55
C PHE B 39 42.94 -12.27 34.37
N ASP B 40 43.90 -11.63 33.71
CA ASP B 40 45.11 -11.14 34.35
C ASP B 40 44.89 -9.78 34.98
N LEU B 41 44.00 -8.96 34.39
CA LEU B 41 43.92 -7.55 34.78
C LEU B 41 42.47 -7.05 34.79
N VAL B 42 42.24 -6.05 35.64
CA VAL B 42 40.93 -5.44 35.76
C VAL B 42 41.10 -3.97 35.40
N GLU B 43 40.14 -3.44 34.65
CA GLU B 43 40.17 -2.03 34.28
C GLU B 43 39.13 -1.29 35.11
N PHE B 44 39.60 -0.40 35.98
CA PHE B 44 38.70 0.35 36.85
C PHE B 44 38.22 1.59 36.12
N PRO B 45 36.89 1.81 36.06
CA PRO B 45 36.36 3.08 35.55
C PRO B 45 36.43 4.16 36.61
N LEU B 46 37.29 5.16 36.39
CA LEU B 46 37.45 6.27 37.33
C LEU B 46 36.66 7.50 36.86
N MET B 47 35.34 7.38 36.78
CA MET B 47 34.54 8.53 36.39
C MET B 47 34.72 9.60 37.46
N ASP B 48 34.69 9.16 38.72
CA ASP B 48 34.92 10.03 39.86
C ASP B 48 36.13 9.53 40.65
N PRO B 49 37.34 9.97 40.23
CA PRO B 49 38.61 9.54 40.84
C PRO B 49 38.86 10.13 42.22
N PHE B 50 38.15 11.21 42.53
CA PHE B 50 38.30 11.85 43.83
C PHE B 50 37.72 10.97 44.95
N SER B 51 36.70 10.18 44.63
CA SER B 51 36.07 9.33 45.63
C SER B 51 36.47 7.87 45.48
N PHE B 52 37.45 7.57 44.63
CA PHE B 52 37.86 6.18 44.43
C PHE B 52 38.68 5.70 45.63
N ASP B 53 38.30 4.56 46.19
CA ASP B 53 38.96 4.00 47.35
C ASP B 53 40.23 3.27 46.90
N VAL B 54 41.32 4.01 46.77
CA VAL B 54 42.57 3.48 46.25
C VAL B 54 43.10 2.37 47.15
N GLN B 55 43.02 2.56 48.46
CA GLN B 55 43.57 1.59 49.39
C GLN B 55 42.87 0.25 49.27
N THR B 56 41.54 0.25 49.15
CA THR B 56 40.81 -1.01 49.01
C THR B 56 41.23 -1.71 47.72
N ALA B 57 41.48 -0.92 46.67
CA ALA B 57 41.90 -1.44 45.38
C ALA B 57 43.25 -2.13 45.49
N LYS B 58 44.20 -1.46 46.15
CA LYS B 58 45.54 -2.01 46.33
C LYS B 58 45.48 -3.35 47.04
N SER B 59 44.67 -3.39 48.10
CA SER B 59 44.51 -4.60 48.90
C SER B 59 43.94 -5.75 48.06
N ALA B 60 42.82 -5.49 47.36
CA ALA B 60 42.12 -6.51 46.59
C ALA B 60 43.03 -7.03 45.47
N LEU B 61 43.77 -6.13 44.82
CA LEU B 61 44.64 -6.52 43.72
C LEU B 61 45.72 -7.48 44.23
N ALA B 62 46.34 -7.15 45.35
CA ALA B 62 47.39 -7.95 45.94
C ALA B 62 46.84 -9.31 46.36
N GLU B 63 45.63 -9.31 46.94
CA GLU B 63 45.01 -10.55 47.39
C GLU B 63 44.83 -11.52 46.23
N HIS B 64 44.35 -11.01 45.08
CA HIS B 64 44.05 -11.86 43.95
C HIS B 64 45.18 -11.87 42.91
N GLY B 65 46.28 -11.19 43.20
CA GLY B 65 47.42 -11.18 42.30
C GLY B 65 47.03 -10.71 40.90
N LEU B 66 46.24 -9.64 40.85
CA LEU B 66 45.71 -9.13 39.61
C LEU B 66 46.33 -7.77 39.29
N ALA B 67 46.57 -7.54 37.99
CA ALA B 67 47.07 -6.25 37.55
C ALA B 67 45.89 -5.31 37.37
N ALA B 68 46.18 -4.01 37.24
CA ALA B 68 45.10 -3.04 37.08
C ALA B 68 45.49 -1.87 36.18
N SER B 69 44.45 -1.35 35.53
CA SER B 69 44.53 -0.18 34.68
C SER B 69 43.30 0.69 34.97
N ALA B 70 43.28 1.92 34.44
CA ALA B 70 42.14 2.77 34.67
C ALA B 70 41.74 3.52 33.40
N SER B 71 40.44 3.73 33.26
CA SER B 71 39.89 4.44 32.13
C SER B 71 38.76 5.34 32.65
N LEU B 72 38.53 6.44 31.94
CA LEU B 72 37.37 7.28 32.22
C LEU B 72 36.95 8.05 30.97
N GLY B 73 35.70 8.51 30.99
CA GLY B 73 35.19 9.38 29.96
C GLY B 73 34.86 10.74 30.57
N LEU B 74 35.27 11.82 29.90
CA LEU B 74 34.92 13.16 30.36
C LEU B 74 33.45 13.46 30.08
N SER B 75 32.99 14.58 30.68
CA SER B 75 31.62 15.02 30.52
C SER B 75 31.61 16.49 30.10
N ASP B 76 30.40 17.08 30.01
CA ASP B 76 30.25 18.47 29.63
C ASP B 76 31.03 19.40 30.56
N ALA B 77 30.98 19.15 31.87
CA ALA B 77 31.64 20.02 32.84
C ALA B 77 33.17 19.88 32.78
N THR B 78 33.67 18.76 32.25
CA THR B 78 35.10 18.52 32.22
C THR B 78 35.58 18.26 30.80
N ASP B 79 34.96 18.92 29.84
CA ASP B 79 35.31 18.73 28.45
C ASP B 79 36.54 19.55 28.09
N VAL B 80 37.67 18.87 27.87
CA VAL B 80 38.91 19.55 27.54
C VAL B 80 38.92 20.10 26.12
N SER B 81 37.92 19.74 25.30
CA SER B 81 37.84 20.24 23.94
C SER B 81 36.95 21.49 23.89
N SER B 82 36.50 21.96 25.06
CA SER B 82 35.64 23.12 25.14
C SER B 82 36.44 24.41 24.89
N GLU B 83 35.74 25.46 24.46
CA GLU B 83 36.38 26.76 24.26
C GLU B 83 36.39 27.56 25.56
N ASP B 84 35.78 27.00 26.61
CA ASP B 84 35.71 27.62 27.92
C ASP B 84 36.86 27.12 28.77
N PRO B 85 37.82 28.01 29.12
CA PRO B 85 39.01 27.68 29.91
C PRO B 85 38.67 27.14 31.30
N ALA B 86 37.54 27.59 31.85
CA ALA B 86 37.08 27.08 33.15
C ALA B 86 36.72 25.60 33.04
N VAL B 87 36.06 25.26 31.94
CA VAL B 87 35.64 23.90 31.70
C VAL B 87 36.87 23.04 31.40
N VAL B 88 37.78 23.60 30.60
CA VAL B 88 38.98 22.87 30.22
C VAL B 88 39.82 22.60 31.46
N LYS B 89 39.92 23.60 32.34
CA LYS B 89 40.73 23.47 33.54
C LYS B 89 40.13 22.41 34.45
N ALA B 90 38.80 22.35 34.51
CA ALA B 90 38.12 21.36 35.32
C ALA B 90 38.44 19.95 34.83
N GLY B 91 38.40 19.77 33.51
CA GLY B 91 38.67 18.47 32.92
C GLY B 91 40.10 18.02 33.19
N GLU B 92 41.04 18.96 33.04
CA GLU B 92 42.45 18.68 33.27
C GLU B 92 42.66 18.25 34.72
N GLU B 93 41.93 18.86 35.65
CA GLU B 93 42.04 18.52 37.06
C GLU B 93 41.57 17.10 37.31
N LEU B 94 40.48 16.72 36.64
CA LEU B 94 39.93 15.38 36.76
C LEU B 94 40.94 14.36 36.24
N LEU B 95 41.55 14.68 35.10
CA LEU B 95 42.54 13.80 34.48
C LEU B 95 43.75 13.64 35.40
N ASN B 96 44.25 14.75 35.94
CA ASN B 96 45.43 14.70 36.79
C ASN B 96 45.19 13.82 38.01
N ARG B 97 44.01 13.91 38.61
CA ARG B 97 43.71 13.11 39.78
C ARG B 97 43.68 11.62 39.44
N ALA B 98 43.09 11.30 38.28
CA ALA B 98 43.00 9.91 37.85
C ALA B 98 44.41 9.33 37.71
N VAL B 99 45.32 10.14 37.15
CA VAL B 99 46.71 9.73 36.98
C VAL B 99 47.34 9.48 38.34
N ASP B 100 46.97 10.31 39.32
CA ASP B 100 47.48 10.16 40.68
C ASP B 100 46.99 8.83 41.25
N VAL B 101 45.74 8.47 40.96
CA VAL B 101 45.19 7.21 41.45
C VAL B 101 46.01 6.05 40.93
N LEU B 102 46.30 6.05 39.64
CA LEU B 102 47.05 4.97 39.02
C LEU B 102 48.46 4.90 39.60
N ALA B 103 49.06 6.07 39.84
CA ALA B 103 50.41 6.12 40.39
C ALA B 103 50.45 5.45 41.76
N GLU B 104 49.42 5.72 42.58
CA GLU B 104 49.32 5.14 43.90
C GLU B 104 49.17 3.62 43.81
N LEU B 105 48.33 3.17 42.86
CA LEU B 105 48.07 1.75 42.68
C LEU B 105 49.27 1.04 42.08
N GLY B 106 50.28 1.79 41.61
CA GLY B 106 51.43 1.19 40.97
C GLY B 106 51.10 0.71 39.55
N ALA B 107 49.97 1.19 39.01
CA ALA B 107 49.54 0.81 37.67
C ALA B 107 50.19 1.71 36.64
N THR B 108 50.32 1.20 35.41
CA THR B 108 51.02 1.93 34.36
C THR B 108 50.15 2.40 33.19
N ASP B 109 48.88 2.01 33.11
CA ASP B 109 48.08 2.37 31.94
C ASP B 109 46.82 3.17 32.29
N PHE B 110 46.76 4.38 31.73
CA PHE B 110 45.58 5.24 31.82
C PHE B 110 45.06 5.41 30.41
N CYS B 111 43.74 5.30 30.21
CA CYS B 111 43.17 5.39 28.88
C CYS B 111 41.73 5.90 28.87
N GLY B 112 41.10 5.84 27.70
CA GLY B 112 39.71 6.22 27.55
C GLY B 112 39.56 7.54 26.79
N VAL B 113 38.35 8.10 26.89
CA VAL B 113 37.99 9.32 26.18
C VAL B 113 38.34 10.54 27.05
N ILE B 114 39.60 10.92 27.01
CA ILE B 114 40.10 12.01 27.85
C ILE B 114 40.44 13.25 27.01
N TYR B 115 40.20 13.19 25.70
CA TYR B 115 40.49 14.31 24.83
C TYR B 115 39.22 15.14 24.55
N SER B 116 38.08 14.64 25.02
CA SER B 116 36.80 15.30 24.83
C SER B 116 35.80 14.71 25.81
N ALA B 117 34.59 15.27 25.81
CA ALA B 117 33.50 14.68 26.56
C ALA B 117 33.06 13.41 25.84
N MET B 118 32.67 12.41 26.61
CA MET B 118 32.17 11.17 26.03
C MET B 118 30.67 11.35 25.89
N LYS B 119 30.26 11.85 24.73
CA LYS B 119 28.85 12.09 24.49
C LYS B 119 28.57 12.31 23.01
N LYS B 120 27.30 12.55 22.69
CA LYS B 120 26.90 12.84 21.33
C LYS B 120 26.87 14.36 21.14
N TYR B 121 27.90 14.89 20.49
CA TYR B 121 27.96 16.30 20.18
C TYR B 121 26.92 16.65 19.13
N MET B 122 26.41 17.89 19.18
CA MET B 122 25.41 18.34 18.22
C MET B 122 26.03 19.29 17.21
N GLU B 123 27.34 19.44 17.28
CA GLU B 123 28.12 20.34 16.46
C GLU B 123 29.48 19.69 16.17
N PRO B 124 30.13 20.04 15.05
CA PRO B 124 31.48 19.58 14.75
C PRO B 124 32.51 20.24 15.67
N ALA B 125 33.68 19.59 15.81
CA ALA B 125 34.72 20.11 16.67
C ALA B 125 35.21 21.45 16.12
N THR B 126 35.69 22.32 17.00
CA THR B 126 36.17 23.61 16.53
C THR B 126 37.69 23.67 16.68
N ALA B 127 38.31 24.54 15.88
CA ALA B 127 39.75 24.73 15.94
C ALA B 127 40.22 25.14 17.34
N ALA B 128 39.51 26.08 17.97
CA ALA B 128 39.89 26.54 19.30
C ALA B 128 39.78 25.38 20.28
N GLY B 129 38.68 24.63 20.14
CA GLY B 129 38.41 23.48 20.99
C GLY B 129 39.49 22.42 20.86
N LEU B 130 39.89 22.11 19.62
CA LEU B 130 40.89 21.09 19.36
C LEU B 130 42.22 21.51 20.00
N ALA B 131 42.56 22.80 19.87
CA ALA B 131 43.80 23.33 20.43
C ALA B 131 43.83 23.12 21.94
N ASN B 132 42.72 23.42 22.61
CA ASN B 132 42.62 23.29 24.06
C ASN B 132 42.75 21.84 24.49
N SER B 133 42.11 20.94 23.74
CA SER B 133 42.15 19.50 24.03
C SER B 133 43.59 19.01 23.97
N LYS B 134 44.28 19.33 22.87
CA LYS B 134 45.66 18.90 22.67
C LYS B 134 46.58 19.45 23.75
N ALA B 135 46.42 20.74 24.09
CA ALA B 135 47.26 21.36 25.10
C ALA B 135 47.08 20.66 26.45
N ALA B 136 45.83 20.46 26.86
CA ALA B 136 45.53 19.85 28.13
C ALA B 136 46.07 18.42 28.20
N VAL B 137 45.86 17.66 27.12
CA VAL B 137 46.28 16.27 27.08
C VAL B 137 47.80 16.20 27.16
N GLY B 138 48.48 17.11 26.46
CA GLY B 138 49.93 17.15 26.48
C GLY B 138 50.44 17.36 27.91
N ARG B 139 49.81 18.30 28.62
CA ARG B 139 50.20 18.59 29.99
C ARG B 139 49.95 17.37 30.88
N VAL B 140 48.81 16.70 30.67
CA VAL B 140 48.48 15.53 31.47
C VAL B 140 49.48 14.41 31.20
N ALA B 141 49.86 14.25 29.94
CA ALA B 141 50.81 13.21 29.56
C ALA B 141 52.16 13.47 30.23
N ASP B 142 52.58 14.74 30.24
CA ASP B 142 53.85 15.12 30.83
C ASP B 142 53.85 14.77 32.31
N ARG B 143 52.75 15.12 32.97
CA ARG B 143 52.59 14.84 34.39
C ARG B 143 52.63 13.33 34.63
N ALA B 144 51.91 12.57 33.80
CA ALA B 144 51.84 11.12 33.93
C ALA B 144 53.19 10.46 33.66
N SER B 145 53.92 11.01 32.68
CA SER B 145 55.22 10.48 32.28
C SER B 145 56.19 10.46 33.45
N ASP B 146 56.13 11.52 34.28
CA ASP B 146 57.02 11.62 35.42
C ASP B 146 56.68 10.56 36.46
N LEU B 147 55.43 10.09 36.45
CA LEU B 147 55.01 9.06 37.39
C LEU B 147 55.09 7.69 36.71
N GLY B 148 55.77 7.63 35.56
CA GLY B 148 55.90 6.37 34.82
C GLY B 148 54.56 5.77 34.41
N ILE B 149 53.63 6.62 33.94
CA ILE B 149 52.30 6.19 33.52
C ILE B 149 52.07 6.51 32.05
N ASN B 150 51.71 5.49 31.28
CA ASN B 150 51.39 5.66 29.87
C ASN B 150 49.95 6.13 29.70
N VAL B 151 49.74 7.02 28.73
CA VAL B 151 48.41 7.57 28.46
C VAL B 151 47.99 7.22 27.04
N SER B 152 46.84 6.57 26.91
CA SER B 152 46.36 6.16 25.60
C SER B 152 44.98 6.75 25.33
N LEU B 153 44.85 7.41 24.17
CA LEU B 153 43.59 8.02 23.80
C LEU B 153 42.74 6.95 23.11
N GLU B 154 41.52 6.76 23.58
CA GLU B 154 40.66 5.75 22.98
C GLU B 154 39.83 6.33 21.83
N VAL B 155 40.06 5.79 20.64
CA VAL B 155 39.30 6.18 19.46
C VAL B 155 37.89 5.63 19.62
N VAL B 156 36.89 6.51 19.47
CA VAL B 156 35.50 6.08 19.65
C VAL B 156 34.65 6.60 18.49
N ASN B 157 33.44 6.07 18.35
CA ASN B 157 32.59 6.42 17.21
C ASN B 157 32.03 7.85 17.28
N ARG B 158 31.41 8.26 16.17
CA ARG B 158 30.88 9.58 15.96
C ARG B 158 29.87 10.00 17.04
N TYR B 159 29.20 9.03 17.66
CA TYR B 159 28.19 9.34 18.66
C TYR B 159 28.80 9.51 20.04
N GLU B 160 30.10 9.23 20.20
CA GLU B 160 30.72 9.35 21.52
C GLU B 160 31.75 10.48 21.54
N THR B 161 32.17 10.94 20.35
CA THR B 161 33.09 12.07 20.23
C THR B 161 33.05 12.63 18.81
N ASN B 162 33.44 13.90 18.68
CA ASN B 162 33.63 14.53 17.38
C ASN B 162 35.10 14.81 17.14
N VAL B 163 35.97 14.34 18.02
CA VAL B 163 37.40 14.57 17.88
C VAL B 163 38.09 13.37 17.20
N LEU B 164 38.31 12.27 17.92
CA LEU B 164 39.05 11.14 17.38
C LEU B 164 38.14 9.96 17.05
N ASN B 165 37.72 9.86 15.80
CA ASN B 165 36.81 8.83 15.34
C ASN B 165 37.55 7.69 14.64
N THR B 166 38.77 7.95 14.14
CA THR B 166 39.53 6.90 13.46
C THR B 166 40.94 6.80 14.03
N GLY B 167 41.60 5.67 13.75
CA GLY B 167 42.98 5.47 14.13
C GLY B 167 43.89 6.52 13.53
N ARG B 168 43.66 6.86 12.26
CA ARG B 168 44.49 7.86 11.58
C ARG B 168 44.36 9.25 12.22
N GLN B 169 43.15 9.63 12.61
CA GLN B 169 42.92 10.90 13.27
C GLN B 169 43.70 10.96 14.57
N ALA B 170 43.73 9.84 15.30
CA ALA B 170 44.47 9.76 16.54
C ALA B 170 45.97 9.93 16.27
N LEU B 171 46.42 9.37 15.16
CA LEU B 171 47.82 9.49 14.76
C LEU B 171 48.20 10.94 14.50
N ALA B 172 47.37 11.66 13.74
CA ALA B 172 47.62 13.05 13.43
C ALA B 172 47.64 13.88 14.72
N TYR B 173 46.71 13.55 15.62
CA TYR B 173 46.61 14.20 16.91
C TYR B 173 47.89 13.99 17.71
N LEU B 174 48.38 12.75 17.74
CA LEU B 174 49.58 12.40 18.49
C LEU B 174 50.83 13.00 17.85
N GLU B 175 50.86 13.09 16.52
CA GLU B 175 52.03 13.59 15.82
C GLU B 175 52.37 15.00 16.31
N GLU B 176 51.34 15.85 16.43
CA GLU B 176 51.52 17.21 16.90
C GLU B 176 52.13 17.24 18.30
N LEU B 177 51.56 16.47 19.24
CA LEU B 177 51.99 16.47 20.63
C LEU B 177 53.39 15.88 20.83
N ASN B 178 53.76 14.89 20.01
CA ASN B 178 55.07 14.26 20.06
C ASN B 178 55.48 13.89 21.49
N ARG B 179 54.66 13.07 22.15
CA ARG B 179 54.93 12.63 23.51
C ARG B 179 55.29 11.15 23.50
N PRO B 180 56.34 10.77 24.23
CA PRO B 180 56.82 9.38 24.24
C PRO B 180 55.84 8.42 24.91
N ASN B 181 55.12 8.89 25.94
CA ASN B 181 54.21 8.05 26.69
C ASN B 181 52.75 8.22 26.23
N LEU B 182 52.55 8.86 25.07
CA LEU B 182 51.21 9.08 24.56
C LEU B 182 50.95 7.99 23.53
N GLY B 183 49.90 7.21 23.74
CA GLY B 183 49.60 6.11 22.84
C GLY B 183 48.18 6.16 22.27
N ILE B 184 47.86 5.15 21.46
CA ILE B 184 46.54 5.03 20.87
C ILE B 184 45.84 3.80 21.46
N HIS B 185 44.57 3.97 21.82
CA HIS B 185 43.75 2.89 22.34
C HIS B 185 42.63 2.58 21.34
N LEU B 186 42.65 1.37 20.78
CA LEU B 186 41.62 0.97 19.82
C LEU B 186 40.61 0.00 20.45
N ASP B 187 39.37 0.12 20.00
CA ASP B 187 38.25 -0.65 20.51
C ASP B 187 37.52 -1.21 19.30
N THR B 188 37.35 -2.54 19.29
CA THR B 188 36.78 -3.24 18.15
C THR B 188 35.37 -2.76 17.86
N TYR B 189 34.61 -2.49 18.93
CA TYR B 189 33.25 -2.00 18.83
C TYR B 189 33.22 -0.70 18.01
N HIS B 190 34.10 0.24 18.38
CA HIS B 190 34.15 1.53 17.70
C HIS B 190 34.77 1.39 16.31
N MET B 191 35.77 0.52 16.18
CA MET B 191 36.45 0.27 14.91
C MET B 191 35.45 -0.28 13.88
N ASN B 192 34.52 -1.12 14.38
CA ASN B 192 33.53 -1.78 13.56
C ASN B 192 32.64 -0.79 12.82
N ILE B 193 32.51 0.44 13.34
CA ILE B 193 31.76 1.49 12.65
C ILE B 193 32.64 2.33 11.73
N GLU B 194 33.58 3.07 12.31
CA GLU B 194 34.33 4.12 11.62
C GLU B 194 35.42 3.63 10.65
N GLU B 195 36.11 2.51 10.94
CA GLU B 195 37.27 2.09 10.16
C GLU B 195 36.91 1.41 8.83
N SER B 196 37.88 1.41 7.91
CA SER B 196 37.71 0.76 6.61
C SER B 196 37.71 -0.76 6.75
N ASP B 197 38.50 -1.27 7.72
CA ASP B 197 38.61 -2.71 7.96
C ASP B 197 39.28 -2.95 9.32
N MET B 198 39.54 -4.20 9.68
CA MET B 198 40.13 -4.47 10.97
C MET B 198 41.65 -4.61 10.92
N PHE B 199 42.28 -4.64 9.73
CA PHE B 199 43.75 -4.76 9.71
C PHE B 199 44.48 -3.44 9.41
N SER B 200 43.95 -2.58 8.54
CA SER B 200 44.57 -1.30 8.21
C SER B 200 44.87 -0.46 9.45
N PRO B 201 43.88 -0.25 10.35
CA PRO B 201 44.08 0.57 11.54
C PRO B 201 45.19 0.04 12.42
N ILE B 202 45.27 -1.29 12.56
CA ILE B 202 46.31 -1.93 13.36
C ILE B 202 47.69 -1.66 12.74
N LEU B 203 47.82 -1.95 11.44
CA LEU B 203 49.07 -1.73 10.73
C LEU B 203 49.49 -0.25 10.77
N ASP B 204 48.53 0.66 10.55
CA ASP B 204 48.83 2.09 10.50
C ASP B 204 49.27 2.64 11.86
N THR B 205 48.69 2.16 12.97
CA THR B 205 48.98 2.71 14.28
C THR B 205 49.86 1.79 15.11
N ALA B 206 50.57 0.87 14.44
CA ALA B 206 51.39 -0.14 15.12
C ALA B 206 52.38 0.48 16.11
N GLU B 207 53.07 1.53 15.69
CA GLU B 207 54.05 2.18 16.54
C GLU B 207 53.40 2.77 17.80
N ALA B 208 52.19 3.31 17.67
CA ALA B 208 51.51 4.00 18.77
C ALA B 208 50.47 3.14 19.50
N LEU B 209 50.10 1.96 18.97
CA LEU B 209 49.03 1.18 19.60
C LEU B 209 49.46 0.63 20.97
N ARG B 210 48.86 1.16 22.04
CA ARG B 210 49.24 0.73 23.40
C ARG B 210 48.12 0.05 24.18
N TYR B 211 46.85 0.20 23.75
CA TYR B 211 45.75 -0.37 24.52
C TYR B 211 44.64 -0.84 23.57
N VAL B 212 44.02 -1.96 23.92
CA VAL B 212 43.01 -2.57 23.07
C VAL B 212 41.79 -2.98 23.89
N HIS B 213 40.62 -2.59 23.39
CA HIS B 213 39.36 -3.01 23.98
C HIS B 213 38.73 -4.03 23.04
N ILE B 214 38.27 -5.14 23.61
CA ILE B 214 37.60 -6.17 22.84
C ILE B 214 36.12 -6.14 23.09
N GLY B 215 35.35 -5.76 22.06
CA GLY B 215 33.90 -5.69 22.17
C GLY B 215 33.16 -6.06 20.89
N GLU B 216 32.06 -6.80 21.02
CA GLU B 216 31.20 -7.14 19.90
C GLU B 216 30.48 -5.88 19.39
N SER B 217 29.96 -5.96 18.15
CA SER B 217 29.31 -4.84 17.50
C SER B 217 28.19 -4.26 18.36
N HIS B 218 27.49 -5.11 19.14
CA HIS B 218 26.43 -4.65 20.00
C HIS B 218 26.79 -4.75 21.48
N ARG B 219 28.06 -5.00 21.79
CA ARG B 219 28.63 -5.08 23.13
C ARG B 219 28.05 -6.25 23.94
N GLY B 220 27.58 -7.30 23.27
CA GLY B 220 27.13 -8.50 23.93
C GLY B 220 28.21 -9.57 23.94
N TYR B 221 27.79 -10.85 23.93
CA TYR B 221 28.72 -11.96 23.95
C TYR B 221 29.62 -11.91 22.71
N LEU B 222 30.90 -12.21 22.90
CA LEU B 222 31.84 -12.20 21.78
C LEU B 222 31.46 -13.27 20.78
N GLY B 223 31.43 -12.91 19.49
CA GLY B 223 31.12 -13.86 18.44
C GLY B 223 29.63 -13.93 18.10
N THR B 224 28.82 -13.03 18.66
CA THR B 224 27.38 -13.04 18.40
C THR B 224 26.96 -11.78 17.66
N GLY B 225 27.93 -11.09 17.07
CA GLY B 225 27.67 -9.84 16.35
C GLY B 225 28.42 -9.81 15.01
N SER B 226 28.73 -8.61 14.52
CA SER B 226 29.31 -8.46 13.20
C SER B 226 30.79 -8.05 13.24
N VAL B 227 31.44 -8.04 14.41
CA VAL B 227 32.83 -7.66 14.47
C VAL B 227 33.69 -8.75 13.84
N ASP B 228 34.59 -8.34 12.95
CA ASP B 228 35.54 -9.24 12.31
C ASP B 228 36.72 -9.44 13.22
N PHE B 229 36.53 -10.25 14.26
CA PHE B 229 37.57 -10.49 15.24
C PHE B 229 38.74 -11.27 14.64
N ASP B 230 38.47 -12.15 13.68
CA ASP B 230 39.50 -12.94 13.03
C ASP B 230 40.55 -12.03 12.38
N THR B 231 40.13 -11.09 11.53
CA THR B 231 41.07 -10.20 10.87
C THR B 231 41.81 -9.35 11.90
N PHE B 232 41.09 -8.88 12.92
CA PHE B 232 41.67 -8.04 13.95
C PHE B 232 42.82 -8.72 14.69
N PHE B 233 42.55 -9.92 15.21
CA PHE B 233 43.58 -10.67 15.93
C PHE B 233 44.73 -11.07 15.01
N LYS B 234 44.43 -11.37 13.74
CA LYS B 234 45.50 -11.71 12.82
C LYS B 234 46.42 -10.49 12.65
N ALA B 235 45.82 -9.30 12.57
CA ALA B 235 46.58 -8.08 12.41
C ALA B 235 47.41 -7.81 13.66
N LEU B 236 46.80 -8.02 14.84
CA LEU B 236 47.51 -7.83 16.09
C LEU B 236 48.76 -8.71 16.11
N GLY B 237 48.59 -9.96 15.73
CA GLY B 237 49.69 -10.92 15.71
C GLY B 237 50.80 -10.50 14.73
N ARG B 238 50.40 -9.99 13.58
CA ARG B 238 51.35 -9.56 12.57
C ARG B 238 52.24 -8.42 13.06
N ILE B 239 51.71 -7.45 13.81
CA ILE B 239 52.52 -6.35 14.30
C ILE B 239 53.14 -6.65 15.67
N GLY B 240 52.89 -7.85 16.20
CA GLY B 240 53.47 -8.27 17.47
C GLY B 240 53.07 -7.36 18.63
N TYR B 241 51.79 -6.99 18.69
CA TYR B 241 51.25 -6.20 19.78
C TYR B 241 51.36 -6.94 21.11
N ASP B 242 51.94 -6.30 22.12
CA ASP B 242 52.12 -6.98 23.40
C ASP B 242 51.46 -6.24 24.55
N GLY B 243 50.61 -5.26 24.23
CA GLY B 243 49.92 -4.48 25.24
C GLY B 243 48.67 -5.20 25.76
N PRO B 244 47.95 -4.55 26.68
CA PRO B 244 46.72 -5.09 27.26
C PRO B 244 45.57 -5.29 26.27
N VAL B 245 44.88 -6.43 26.40
CA VAL B 245 43.73 -6.76 25.60
C VAL B 245 42.60 -6.96 26.61
N VAL B 246 41.64 -6.02 26.63
CA VAL B 246 40.62 -5.99 27.67
C VAL B 246 39.21 -6.11 27.10
N PHE B 247 38.44 -7.03 27.69
CA PHE B 247 37.07 -7.31 27.31
C PHE B 247 36.10 -6.27 27.89
N GLU B 248 35.13 -5.84 27.09
CA GLU B 248 34.14 -4.85 27.50
C GLU B 248 32.74 -5.27 27.05
N SER B 249 31.80 -5.28 28.00
CA SER B 249 30.41 -5.62 27.74
C SER B 249 29.57 -4.96 28.84
N PHE B 250 28.38 -4.45 28.50
CA PHE B 250 27.60 -3.71 29.48
C PHE B 250 26.14 -4.17 29.66
N SER B 251 25.67 -4.10 30.93
CA SER B 251 24.30 -4.40 31.27
C SER B 251 23.69 -3.28 32.12
N SER B 252 22.47 -2.87 31.78
CA SER B 252 21.78 -1.81 32.51
C SER B 252 21.46 -2.24 33.95
N SER B 253 21.31 -3.55 34.15
CA SER B 253 21.07 -4.12 35.47
C SER B 253 22.28 -3.87 36.35
N VAL B 254 23.47 -4.11 35.79
CA VAL B 254 24.72 -4.01 36.54
C VAL B 254 25.18 -2.55 36.72
N VAL B 255 25.40 -1.81 35.63
CA VAL B 255 25.98 -0.48 35.73
C VAL B 255 24.97 0.52 36.29
N ALA B 256 25.50 1.67 36.71
CA ALA B 256 24.67 2.73 37.28
C ALA B 256 23.79 3.33 36.19
N PRO B 257 22.64 3.92 36.59
CA PRO B 257 21.75 4.59 35.64
C PRO B 257 22.47 5.65 34.82
N ASP B 258 23.44 6.33 35.44
CA ASP B 258 24.23 7.34 34.76
C ASP B 258 24.94 6.79 33.51
N LEU B 259 25.88 5.87 33.73
CA LEU B 259 26.71 5.33 32.66
C LEU B 259 25.90 4.49 31.69
N SER B 260 24.86 3.80 32.17
CA SER B 260 24.04 2.99 31.27
C SER B 260 23.36 3.90 30.26
N ARG B 261 22.89 5.06 30.73
CA ARG B 261 22.24 6.03 29.85
C ARG B 261 23.26 6.63 28.91
N MET B 262 24.47 6.92 29.40
CA MET B 262 25.52 7.53 28.60
C MET B 262 25.88 6.63 27.43
N LEU B 263 26.02 5.32 27.69
CA LEU B 263 26.41 4.37 26.66
C LEU B 263 25.23 3.92 25.81
N GLY B 264 24.03 4.38 26.16
CA GLY B 264 22.84 4.00 25.43
C GLY B 264 22.56 2.50 25.50
N ILE B 265 22.64 1.93 26.72
CA ILE B 265 22.31 0.55 26.95
C ILE B 265 20.81 0.41 27.19
N TRP B 266 20.05 0.22 26.10
CA TRP B 266 18.62 0.08 26.19
C TRP B 266 18.21 -1.39 26.29
N ARG B 267 19.11 -2.29 25.91
CA ARG B 267 18.81 -3.70 25.83
C ARG B 267 19.89 -4.41 26.63
N ASN B 268 19.55 -5.56 27.19
CA ASN B 268 20.55 -6.35 27.89
C ASN B 268 20.81 -7.61 27.09
N LEU B 269 22.08 -7.82 26.73
CA LEU B 269 22.46 -8.92 25.86
C LEU B 269 22.86 -10.15 26.66
N TRP B 270 22.86 -10.07 28.01
CA TRP B 270 23.22 -11.20 28.86
C TRP B 270 22.67 -11.02 30.27
N ALA B 271 22.42 -12.13 30.95
CA ALA B 271 21.91 -12.14 32.31
C ALA B 271 22.95 -12.63 33.31
N ASP B 272 23.90 -13.48 32.88
CA ASP B 272 24.89 -14.04 33.78
C ASP B 272 26.30 -13.58 33.41
N ASN B 273 26.84 -12.62 34.17
CA ASN B 273 28.14 -12.07 33.87
C ASN B 273 29.28 -13.04 34.16
N GLU B 274 29.05 -14.03 35.03
CA GLU B 274 30.04 -15.04 35.31
C GLU B 274 30.30 -15.84 34.04
N GLU B 275 29.23 -16.30 33.41
CA GLU B 275 29.34 -17.08 32.19
C GLU B 275 29.94 -16.21 31.09
N LEU B 276 29.51 -14.96 31.00
CA LEU B 276 29.98 -14.05 29.97
C LEU B 276 31.48 -13.85 30.08
N GLY B 277 31.92 -13.47 31.28
CA GLY B 277 33.33 -13.20 31.55
C GLY B 277 34.23 -14.39 31.22
N ALA B 278 33.83 -15.59 31.66
CA ALA B 278 34.60 -16.79 31.42
C ALA B 278 34.64 -17.07 29.92
N HIS B 279 33.52 -16.86 29.25
CA HIS B 279 33.48 -17.03 27.81
C HIS B 279 34.39 -16.06 27.09
N ALA B 280 34.39 -14.79 27.51
CA ALA B 280 35.21 -13.76 26.90
C ALA B 280 36.69 -14.04 27.13
N ASN B 281 37.04 -14.49 28.33
CA ASN B 281 38.42 -14.79 28.66
C ASN B 281 38.97 -15.89 27.73
N ALA B 282 38.16 -16.94 27.53
CA ALA B 282 38.55 -18.06 26.70
C ALA B 282 38.63 -17.62 25.24
N PHE B 283 37.67 -16.79 24.83
CA PHE B 283 37.61 -16.31 23.46
C PHE B 283 38.90 -15.60 23.10
N ILE B 284 39.31 -14.65 23.95
CA ILE B 284 40.50 -13.87 23.71
C ILE B 284 41.76 -14.74 23.73
N ARG B 285 41.95 -15.51 24.81
CA ARG B 285 43.13 -16.34 24.94
C ARG B 285 43.21 -17.37 23.83
N ASP B 286 42.09 -18.04 23.54
CA ASP B 286 42.07 -19.07 22.51
C ASP B 286 42.35 -18.47 21.12
N LYS B 287 41.85 -17.27 20.88
CA LYS B 287 42.08 -16.59 19.63
C LYS B 287 43.58 -16.28 19.51
N LEU B 288 44.18 -15.83 20.61
CA LEU B 288 45.60 -15.50 20.61
C LEU B 288 46.45 -16.76 20.39
N THR B 289 46.05 -17.88 21.00
CA THR B 289 46.78 -19.13 20.85
C THR B 289 46.77 -19.55 19.38
N ALA B 290 45.60 -19.46 18.75
CA ALA B 290 45.44 -19.83 17.35
C ALA B 290 46.28 -18.93 16.43
N ILE B 291 46.24 -17.62 16.64
CA ILE B 291 46.95 -16.70 15.76
C ILE B 291 48.47 -16.93 15.81
N LYS B 292 48.98 -17.35 16.96
CA LYS B 292 50.41 -17.66 17.08
C LYS B 292 50.87 -18.79 16.15
N THR B 293 49.98 -19.73 15.81
CA THR B 293 50.32 -20.83 14.92
C THR B 293 50.47 -20.40 13.47
N ILE B 294 49.94 -19.23 13.09
CA ILE B 294 49.86 -18.85 11.68
C ILE B 294 51.26 -18.72 11.08
N GLU B 295 52.19 -18.10 11.83
CA GLU B 295 53.53 -17.86 11.34
C GLU B 295 54.28 -19.17 11.12
N LEU B 296 53.88 -20.23 11.82
CA LEU B 296 54.53 -21.52 11.69
C LEU B 296 54.16 -22.27 10.42
N HIS B 297 53.04 -21.92 9.78
CA HIS B 297 52.58 -22.67 8.62
C HIS B 297 52.46 -21.80 7.35
N MET C 9 -21.24 -13.70 47.78
CA MET C 9 -20.04 -12.98 48.26
C MET C 9 -19.56 -13.61 49.57
N LYS C 10 -18.25 -13.79 49.69
CA LYS C 10 -17.67 -14.32 50.91
C LYS C 10 -16.83 -13.26 51.60
N ILE C 11 -17.03 -13.12 52.90
CA ILE C 11 -16.22 -12.22 53.71
C ILE C 11 -15.09 -13.06 54.28
N GLY C 12 -13.86 -12.66 53.97
CA GLY C 12 -12.69 -13.44 54.40
C GLY C 12 -11.69 -12.66 55.23
N CYS C 13 -10.75 -13.40 55.83
CA CYS C 13 -9.72 -12.80 56.67
C CYS C 13 -8.36 -13.33 56.25
N HIS C 14 -7.40 -12.41 56.11
CA HIS C 14 -6.04 -12.79 55.73
C HIS C 14 -5.38 -13.51 56.90
N GLY C 15 -4.54 -14.48 56.58
CA GLY C 15 -3.92 -15.36 57.58
C GLY C 15 -2.97 -14.65 58.54
N LEU C 16 -2.38 -13.52 58.13
CA LEU C 16 -1.40 -12.83 58.96
C LEU C 16 -2.04 -12.12 60.16
N VAL C 17 -3.36 -12.13 60.24
CA VAL C 17 -4.04 -11.62 61.42
C VAL C 17 -3.80 -12.58 62.59
N TRP C 18 -3.67 -13.86 62.27
CA TRP C 18 -3.59 -14.91 63.28
C TRP C 18 -2.18 -15.44 63.52
N THR C 19 -1.45 -15.78 62.45
CA THR C 19 -0.10 -16.30 62.62
C THR C 19 0.79 -15.94 61.43
N GLY C 20 2.09 -15.95 61.66
CA GLY C 20 3.06 -15.71 60.61
C GLY C 20 3.73 -17.00 60.14
N HIS C 21 3.40 -18.12 60.79
CA HIS C 21 4.03 -19.39 60.44
C HIS C 21 2.94 -20.38 60.10
N PHE C 22 2.83 -20.73 58.82
CA PHE C 22 1.73 -21.60 58.41
C PHE C 22 2.11 -23.09 58.37
N ASP C 23 2.50 -23.61 59.55
CA ASP C 23 2.66 -25.05 59.76
C ASP C 23 1.31 -25.66 60.14
N ALA C 24 1.31 -26.92 60.55
CA ALA C 24 0.07 -27.61 60.89
C ALA C 24 -0.68 -26.83 61.97
N GLU C 25 0.01 -26.44 63.04
CA GLU C 25 -0.64 -25.73 64.13
C GLU C 25 -1.13 -24.38 63.62
N GLY C 26 -0.29 -23.70 62.84
CA GLY C 26 -0.62 -22.40 62.30
C GLY C 26 -1.86 -22.43 61.41
N ILE C 27 -1.94 -23.47 60.58
CA ILE C 27 -3.08 -23.66 59.70
C ILE C 27 -4.36 -23.82 60.50
N ARG C 28 -4.37 -24.75 61.47
CA ARG C 28 -5.57 -25.02 62.26
C ARG C 28 -5.94 -23.80 63.10
N TYR C 29 -4.94 -23.14 63.68
CA TYR C 29 -5.15 -21.97 64.52
C TYR C 29 -5.80 -20.83 63.73
N SER C 30 -5.26 -20.53 62.55
CA SER C 30 -5.78 -19.44 61.73
C SER C 30 -7.19 -19.72 61.23
N VAL C 31 -7.46 -20.97 60.85
CA VAL C 31 -8.79 -21.35 60.36
C VAL C 31 -9.80 -21.22 61.49
N GLN C 32 -9.43 -21.71 62.67
CA GLN C 32 -10.32 -21.68 63.81
C GLN C 32 -10.63 -20.25 64.23
N LYS C 33 -9.59 -19.42 64.37
CA LYS C 33 -9.76 -18.05 64.80
C LYS C 33 -10.60 -17.27 63.78
N THR C 34 -10.35 -17.52 62.50
CA THR C 34 -11.09 -16.86 61.44
C THR C 34 -12.58 -17.15 61.61
N ARG C 35 -12.88 -18.44 61.82
CA ARG C 35 -14.24 -18.90 62.00
C ARG C 35 -14.89 -18.21 63.20
N GLU C 36 -14.17 -18.18 64.31
CA GLU C 36 -14.69 -17.61 65.56
C GLU C 36 -14.88 -16.10 65.42
N ALA C 37 -14.16 -15.46 64.50
CA ALA C 37 -14.32 -14.02 64.27
C ALA C 37 -15.54 -13.71 63.41
N GLY C 38 -16.17 -14.74 62.82
CA GLY C 38 -17.40 -14.54 62.06
C GLY C 38 -17.22 -14.57 60.54
N PHE C 39 -15.99 -14.79 60.06
CA PHE C 39 -15.68 -14.80 58.65
C PHE C 39 -16.12 -16.09 57.92
N ASP C 40 -16.34 -15.97 56.61
CA ASP C 40 -16.70 -17.09 55.77
C ASP C 40 -15.45 -17.80 55.25
N LEU C 41 -14.36 -17.05 55.07
CA LEU C 41 -13.22 -17.61 54.34
C LEU C 41 -11.90 -17.14 54.95
N VAL C 42 -10.87 -17.97 54.77
CA VAL C 42 -9.53 -17.63 55.22
C VAL C 42 -8.66 -17.55 53.99
N GLU C 43 -7.79 -16.53 53.94
CA GLU C 43 -6.87 -16.40 52.84
C GLU C 43 -5.51 -16.85 53.33
N PHE C 44 -5.02 -17.93 52.75
CA PHE C 44 -3.73 -18.45 53.12
C PHE C 44 -2.65 -17.71 52.34
N PRO C 45 -1.71 -17.04 53.04
CA PRO C 45 -0.54 -16.51 52.37
C PRO C 45 0.44 -17.65 52.12
N LEU C 46 0.50 -18.12 50.87
CA LEU C 46 1.39 -19.22 50.51
C LEU C 46 2.73 -18.70 50.02
N MET C 47 3.56 -18.21 50.95
CA MET C 47 4.88 -17.74 50.54
C MET C 47 5.72 -18.94 50.07
N ASP C 48 5.46 -20.13 50.66
CA ASP C 48 6.12 -21.35 50.27
C ASP C 48 5.11 -22.48 50.06
N PRO C 49 4.52 -22.56 48.86
CA PRO C 49 3.48 -23.54 48.57
C PRO C 49 3.97 -24.99 48.52
N PHE C 50 5.26 -25.19 48.30
CA PHE C 50 5.81 -26.54 48.25
C PHE C 50 5.69 -27.26 49.59
N SER C 51 5.96 -26.57 50.70
CA SER C 51 5.93 -27.21 52.02
C SER C 51 4.59 -27.03 52.75
N PHE C 52 3.59 -26.41 52.12
CA PHE C 52 2.31 -26.14 52.76
C PHE C 52 1.58 -27.46 53.02
N ASP C 53 1.13 -27.66 54.26
CA ASP C 53 0.47 -28.90 54.64
C ASP C 53 -0.98 -28.85 54.19
N VAL C 54 -1.23 -29.31 52.96
CA VAL C 54 -2.54 -29.32 52.35
C VAL C 54 -3.58 -30.12 53.14
N GLN C 55 -3.19 -31.33 53.58
CA GLN C 55 -4.10 -32.24 54.26
C GLN C 55 -4.64 -31.61 55.53
N THR C 56 -3.78 -30.97 56.30
CA THR C 56 -4.22 -30.35 57.54
C THR C 56 -5.21 -29.22 57.23
N ALA C 57 -4.91 -28.47 56.17
CA ALA C 57 -5.76 -27.36 55.75
C ALA C 57 -7.16 -27.87 55.41
N LYS C 58 -7.23 -28.94 54.60
CA LYS C 58 -8.50 -29.51 54.20
C LYS C 58 -9.28 -29.97 55.42
N SER C 59 -8.56 -30.63 56.31
CA SER C 59 -9.13 -31.14 57.56
C SER C 59 -9.75 -30.00 58.38
N ALA C 60 -8.96 -28.94 58.65
CA ALA C 60 -9.40 -27.82 59.46
C ALA C 60 -10.53 -27.04 58.79
N LEU C 61 -10.44 -26.87 57.47
CA LEU C 61 -11.48 -26.14 56.75
C LEU C 61 -12.82 -26.87 56.89
N ALA C 62 -12.77 -28.20 56.76
CA ALA C 62 -13.98 -29.02 56.85
C ALA C 62 -14.58 -28.94 58.25
N GLU C 63 -13.74 -29.01 59.27
CA GLU C 63 -14.19 -28.96 60.66
C GLU C 63 -14.94 -27.67 60.94
N HIS C 64 -14.40 -26.53 60.48
CA HIS C 64 -15.01 -25.24 60.75
C HIS C 64 -15.96 -24.74 59.65
N GLY C 65 -16.18 -25.56 58.62
CA GLY C 65 -17.10 -25.20 57.55
C GLY C 65 -16.69 -23.90 56.87
N LEU C 66 -15.39 -23.73 56.65
CA LEU C 66 -14.86 -22.49 56.13
C LEU C 66 -14.31 -22.65 54.72
N ALA C 67 -14.51 -21.61 53.90
CA ALA C 67 -13.96 -21.57 52.55
C ALA C 67 -12.51 -21.11 52.61
N ALA C 68 -11.77 -21.29 51.52
CA ALA C 68 -10.38 -20.89 51.48
C ALA C 68 -9.96 -20.25 50.15
N SER C 69 -8.93 -19.41 50.24
CA SER C 69 -8.27 -18.80 49.10
C SER C 69 -6.79 -18.69 49.39
N ALA C 70 -5.99 -18.33 48.40
CA ALA C 70 -4.57 -18.19 48.62
C ALA C 70 -3.97 -17.03 47.82
N SER C 71 -2.94 -16.44 48.43
CA SER C 71 -2.21 -15.33 47.84
C SER C 71 -0.75 -15.54 48.17
N LEU C 72 0.12 -14.92 47.39
CA LEU C 72 1.53 -14.92 47.71
C LEU C 72 2.19 -13.71 47.06
N GLY C 73 3.40 -13.44 47.48
CA GLY C 73 4.21 -12.44 46.84
C GLY C 73 5.55 -13.04 46.43
N LEU C 74 5.92 -12.80 45.17
CA LEU C 74 7.20 -13.30 44.67
C LEU C 74 8.37 -12.49 45.23
N SER C 75 9.56 -13.08 45.09
CA SER C 75 10.79 -12.49 45.58
C SER C 75 11.77 -12.41 44.41
N ASP C 76 13.02 -12.02 44.69
CA ASP C 76 14.02 -11.92 43.63
C ASP C 76 14.24 -13.25 42.92
N ALA C 77 14.27 -14.35 43.67
CA ALA C 77 14.52 -15.67 43.10
C ALA C 77 13.38 -16.12 42.19
N THR C 78 12.17 -15.62 42.44
CA THR C 78 11.03 -16.06 41.66
C THR C 78 10.35 -14.92 40.90
N ASP C 79 11.12 -13.89 40.57
CA ASP C 79 10.57 -12.71 39.92
C ASP C 79 10.28 -12.99 38.45
N VAL C 80 9.00 -13.12 38.10
CA VAL C 80 8.63 -13.44 36.72
C VAL C 80 8.80 -12.24 35.79
N SER C 81 9.13 -11.06 36.34
CA SER C 81 9.35 -9.88 35.52
C SER C 81 10.84 -9.69 35.25
N SER C 82 11.63 -10.67 35.67
CA SER C 82 13.07 -10.65 35.47
C SER C 82 13.41 -10.91 34.01
N GLU C 83 14.60 -10.49 33.59
CA GLU C 83 15.05 -10.76 32.23
C GLU C 83 15.80 -12.10 32.18
N ASP C 84 16.01 -12.71 33.36
CA ASP C 84 16.68 -13.98 33.48
C ASP C 84 15.63 -15.09 33.39
N PRO C 85 15.65 -15.91 32.32
CA PRO C 85 14.66 -16.97 32.12
C PRO C 85 14.68 -17.99 33.25
N ALA C 86 15.86 -18.19 33.87
CA ALA C 86 15.97 -19.12 34.99
C ALA C 86 15.13 -18.64 36.18
N VAL C 87 15.24 -17.34 36.49
CA VAL C 87 14.50 -16.73 37.58
C VAL C 87 13.02 -16.79 37.26
N VAL C 88 12.66 -16.46 36.02
CA VAL C 88 11.29 -16.48 35.59
C VAL C 88 10.72 -17.89 35.76
N LYS C 89 11.51 -18.88 35.32
CA LYS C 89 11.09 -20.27 35.38
C LYS C 89 10.80 -20.70 36.82
N ALA C 90 11.67 -20.31 37.75
CA ALA C 90 11.50 -20.63 39.16
C ALA C 90 10.21 -20.02 39.70
N GLY C 91 9.93 -18.77 39.30
CA GLY C 91 8.74 -18.08 39.72
C GLY C 91 7.49 -18.76 39.18
N GLU C 92 7.57 -19.17 37.92
CA GLU C 92 6.44 -19.83 37.29
C GLU C 92 6.16 -21.16 37.99
N GLU C 93 7.22 -21.83 38.45
CA GLU C 93 7.06 -23.11 39.13
C GLU C 93 6.36 -22.90 40.47
N LEU C 94 6.75 -21.82 41.17
CA LEU C 94 6.14 -21.49 42.45
C LEU C 94 4.65 -21.19 42.27
N LEU C 95 4.32 -20.41 41.24
CA LEU C 95 2.94 -20.04 40.95
C LEU C 95 2.11 -21.28 40.64
N ASN C 96 2.63 -22.16 39.77
CA ASN C 96 1.92 -23.38 39.39
C ASN C 96 1.61 -24.25 40.61
N ARG C 97 2.57 -24.37 41.52
CA ARG C 97 2.41 -25.17 42.72
C ARG C 97 1.33 -24.57 43.62
N ALA C 98 1.30 -23.24 43.73
CA ALA C 98 0.29 -22.58 44.54
C ALA C 98 -1.09 -22.84 43.94
N VAL C 99 -1.15 -22.84 42.60
CA VAL C 99 -2.40 -23.16 41.93
C VAL C 99 -2.81 -24.60 42.25
N ASP C 100 -1.83 -25.50 42.27
CA ASP C 100 -2.08 -26.91 42.57
C ASP C 100 -2.62 -27.07 43.98
N VAL C 101 -2.06 -26.30 44.93
CA VAL C 101 -2.49 -26.39 46.31
C VAL C 101 -3.96 -26.02 46.41
N LEU C 102 -4.34 -24.94 45.73
CA LEU C 102 -5.72 -24.48 45.76
C LEU C 102 -6.63 -25.54 45.14
N ALA C 103 -6.14 -26.18 44.07
CA ALA C 103 -6.90 -27.22 43.39
C ALA C 103 -7.23 -28.37 44.35
N GLU C 104 -6.22 -28.79 45.11
CA GLU C 104 -6.41 -29.86 46.10
C GLU C 104 -7.37 -29.44 47.20
N LEU C 105 -7.40 -28.14 47.52
CA LEU C 105 -8.28 -27.65 48.57
C LEU C 105 -9.71 -27.46 48.08
N GLY C 106 -9.92 -27.52 46.76
CA GLY C 106 -11.23 -27.26 46.18
C GLY C 106 -11.55 -25.77 46.16
N ALA C 107 -10.51 -24.94 46.29
CA ALA C 107 -10.68 -23.49 46.28
C ALA C 107 -10.73 -22.97 44.83
N THR C 108 -11.22 -21.75 44.66
CA THR C 108 -11.40 -21.19 43.32
C THR C 108 -10.57 -19.94 43.06
N ASP C 109 -9.98 -19.32 44.10
CA ASP C 109 -9.29 -18.06 43.91
C ASP C 109 -7.83 -18.05 44.35
N PHE C 110 -6.98 -17.66 43.40
CA PHE C 110 -5.58 -17.42 43.62
C PHE C 110 -5.33 -15.94 43.28
N CYS C 111 -4.61 -15.22 44.16
CA CYS C 111 -4.35 -13.81 43.94
C CYS C 111 -3.01 -13.34 44.53
N GLY C 112 -2.73 -12.04 44.38
CA GLY C 112 -1.53 -11.48 44.97
C GLY C 112 -0.57 -10.91 43.92
N VAL C 113 0.67 -10.68 44.35
CA VAL C 113 1.68 -10.06 43.51
C VAL C 113 2.43 -11.17 42.78
N ILE C 114 1.82 -11.62 41.69
CA ILE C 114 2.34 -12.75 40.94
C ILE C 114 2.91 -12.33 39.58
N TYR C 115 2.90 -11.04 39.29
CA TYR C 115 3.35 -10.52 38.00
C TYR C 115 4.78 -9.99 38.13
N SER C 116 5.25 -9.92 39.37
CA SER C 116 6.57 -9.39 39.67
C SER C 116 6.94 -9.78 41.09
N ALA C 117 8.14 -9.39 41.52
CA ALA C 117 8.53 -9.56 42.91
C ALA C 117 7.80 -8.51 43.74
N MET C 118 7.53 -8.85 44.99
CA MET C 118 6.88 -7.94 45.92
C MET C 118 7.97 -7.25 46.73
N LYS C 119 8.42 -6.11 46.23
CA LYS C 119 9.51 -5.42 46.88
C LYS C 119 9.61 -4.00 46.37
N LYS C 120 10.59 -3.27 46.88
CA LYS C 120 10.91 -1.93 46.42
C LYS C 120 11.99 -2.02 45.35
N TYR C 121 11.58 -1.89 44.09
CA TYR C 121 12.50 -1.94 42.97
C TYR C 121 13.35 -0.69 42.98
N MET C 122 14.61 -0.84 42.54
CA MET C 122 15.57 0.25 42.46
C MET C 122 15.82 0.61 41.01
N GLU C 123 14.86 0.25 40.16
CA GLU C 123 14.96 0.28 38.70
C GLU C 123 13.53 0.16 38.17
N PRO C 124 13.17 0.89 37.12
CA PRO C 124 11.84 0.74 36.52
C PRO C 124 11.70 -0.57 35.76
N ALA C 125 10.46 -0.98 35.53
CA ALA C 125 10.21 -2.22 34.79
C ALA C 125 10.83 -2.12 33.40
N THR C 126 11.40 -3.24 32.97
CA THR C 126 12.08 -3.34 31.67
C THR C 126 11.09 -3.90 30.65
N ALA C 127 11.21 -3.45 29.39
CA ALA C 127 10.35 -3.94 28.32
C ALA C 127 10.43 -5.47 28.21
N ALA C 128 11.66 -6.00 28.26
CA ALA C 128 11.86 -7.44 28.16
C ALA C 128 11.28 -8.13 29.40
N GLY C 129 11.43 -7.48 30.55
CA GLY C 129 10.91 -8.02 31.81
C GLY C 129 9.39 -8.14 31.79
N LEU C 130 8.73 -7.08 31.29
CA LEU C 130 7.28 -7.04 31.23
C LEU C 130 6.77 -8.14 30.31
N ALA C 131 7.46 -8.35 29.19
CA ALA C 131 7.06 -9.37 28.25
C ALA C 131 7.11 -10.74 28.91
N ASN C 132 8.19 -11.00 29.66
CA ASN C 132 8.35 -12.26 30.36
C ASN C 132 7.26 -12.45 31.41
N SER C 133 6.92 -11.36 32.12
CA SER C 133 5.92 -11.40 33.17
C SER C 133 4.56 -11.80 32.61
N LYS C 134 4.13 -11.10 31.56
CA LYS C 134 2.82 -11.36 30.97
C LYS C 134 2.74 -12.79 30.43
N ALA C 135 3.80 -13.24 29.75
CA ALA C 135 3.80 -14.58 29.17
C ALA C 135 3.67 -15.62 30.28
N ALA C 136 4.48 -15.44 31.34
CA ALA C 136 4.44 -16.38 32.46
C ALA C 136 3.06 -16.41 33.12
N VAL C 137 2.48 -15.22 33.38
CA VAL C 137 1.18 -15.14 34.01
C VAL C 137 0.13 -15.80 33.13
N GLY C 138 0.22 -15.56 31.81
CA GLY C 138 -0.72 -16.16 30.88
C GLY C 138 -0.72 -17.68 30.96
N ARG C 139 0.47 -18.27 30.98
CA ARG C 139 0.58 -19.71 31.06
C ARG C 139 -0.01 -20.22 32.36
N VAL C 140 0.26 -19.51 33.46
CA VAL C 140 -0.27 -19.89 34.76
C VAL C 140 -1.78 -19.83 34.77
N ALA C 141 -2.33 -18.77 34.15
CA ALA C 141 -3.77 -18.62 34.09
C ALA C 141 -4.39 -19.79 33.32
N ASP C 142 -3.77 -20.19 32.21
CA ASP C 142 -4.28 -21.27 31.38
C ASP C 142 -4.33 -22.57 32.17
N ARG C 143 -3.23 -22.82 32.90
CA ARG C 143 -3.12 -24.01 33.73
C ARG C 143 -4.21 -23.99 34.79
N ALA C 144 -4.40 -22.85 35.44
CA ALA C 144 -5.37 -22.70 36.51
C ALA C 144 -6.79 -22.85 35.98
N SER C 145 -7.02 -22.36 34.76
CA SER C 145 -8.34 -22.39 34.14
C SER C 145 -8.84 -23.84 34.00
N ASP C 146 -7.91 -24.75 33.67
CA ASP C 146 -8.23 -26.16 33.52
C ASP C 146 -8.64 -26.75 34.86
N LEU C 147 -8.14 -26.16 35.94
CA LEU C 147 -8.45 -26.63 37.29
C LEU C 147 -9.62 -25.86 37.86
N GLY C 148 -10.28 -25.04 37.04
CA GLY C 148 -11.40 -24.24 37.52
C GLY C 148 -10.99 -23.21 38.58
N ILE C 149 -9.79 -22.62 38.42
CA ILE C 149 -9.28 -21.65 39.38
C ILE C 149 -9.06 -20.28 38.74
N ASN C 150 -9.66 -19.24 39.35
CA ASN C 150 -9.46 -17.87 38.90
C ASN C 150 -8.13 -17.31 39.43
N VAL C 151 -7.44 -16.55 38.58
CA VAL C 151 -6.20 -15.90 38.96
C VAL C 151 -6.35 -14.38 38.85
N SER C 152 -6.13 -13.66 39.96
CA SER C 152 -6.30 -12.22 39.99
C SER C 152 -5.00 -11.51 40.40
N LEU C 153 -4.58 -10.53 39.59
CA LEU C 153 -3.36 -9.79 39.87
C LEU C 153 -3.69 -8.68 40.84
N GLU C 154 -2.93 -8.63 41.94
CA GLU C 154 -3.18 -7.64 42.97
C GLU C 154 -2.38 -6.38 42.68
N VAL C 155 -3.10 -5.26 42.51
CA VAL C 155 -2.47 -3.99 42.25
C VAL C 155 -1.93 -3.47 43.58
N VAL C 156 -0.63 -3.17 43.62
CA VAL C 156 -0.01 -2.69 44.85
C VAL C 156 0.75 -1.39 44.58
N ASN C 157 1.14 -0.70 45.66
CA ASN C 157 1.79 0.60 45.54
C ASN C 157 3.23 0.52 44.99
N ARG C 158 3.77 1.72 44.71
CA ARG C 158 5.08 1.89 44.08
C ARG C 158 6.21 1.25 44.89
N TYR C 159 6.02 1.10 46.19
CA TYR C 159 7.06 0.52 47.03
C TYR C 159 7.04 -1.02 47.01
N GLU C 160 5.99 -1.61 46.45
CA GLU C 160 5.86 -3.07 46.49
C GLU C 160 5.94 -3.67 45.08
N THR C 161 5.81 -2.82 44.04
CA THR C 161 5.98 -3.24 42.65
C THR C 161 6.21 -2.04 41.73
N ASN C 162 6.90 -2.30 40.62
CA ASN C 162 7.12 -1.30 39.60
C ASN C 162 6.30 -1.59 38.35
N VAL C 163 5.46 -2.63 38.42
CA VAL C 163 4.69 -3.06 37.27
C VAL C 163 3.26 -2.53 37.34
N LEU C 164 2.43 -3.10 38.23
CA LEU C 164 1.02 -2.75 38.30
C LEU C 164 0.66 -1.93 39.54
N ASN C 165 0.80 -0.60 39.44
CA ASN C 165 0.48 0.29 40.53
C ASN C 165 -0.98 0.77 40.56
N THR C 166 -1.70 0.73 39.43
CA THR C 166 -3.06 1.22 39.41
C THR C 166 -3.97 0.23 38.70
N GLY C 167 -5.28 0.36 38.93
CA GLY C 167 -6.26 -0.48 38.25
C GLY C 167 -6.18 -0.33 36.74
N ARG C 168 -5.92 0.90 36.28
CA ARG C 168 -5.86 1.19 34.85
C ARG C 168 -4.68 0.43 34.23
N GLN C 169 -3.55 0.41 34.92
CA GLN C 169 -2.37 -0.29 34.44
C GLN C 169 -2.68 -1.79 34.33
N ALA C 170 -3.40 -2.33 35.31
CA ALA C 170 -3.73 -3.74 35.33
C ALA C 170 -4.61 -4.10 34.14
N LEU C 171 -5.58 -3.22 33.82
CA LEU C 171 -6.48 -3.47 32.69
C LEU C 171 -5.69 -3.60 31.40
N ALA C 172 -4.76 -2.67 31.18
CA ALA C 172 -3.94 -2.68 29.98
C ALA C 172 -3.06 -3.94 29.95
N TYR C 173 -2.60 -4.35 31.13
CA TYR C 173 -1.79 -5.56 31.25
C TYR C 173 -2.62 -6.78 30.85
N LEU C 174 -3.85 -6.85 31.36
CA LEU C 174 -4.73 -7.98 31.07
C LEU C 174 -5.30 -7.94 29.65
N GLU C 175 -5.38 -6.75 29.06
CA GLU C 175 -5.95 -6.57 27.73
C GLU C 175 -5.21 -7.46 26.74
N GLU C 176 -3.88 -7.39 26.77
CA GLU C 176 -3.03 -8.13 25.86
C GLU C 176 -3.27 -9.64 26.01
N LEU C 177 -3.22 -10.14 27.26
CA LEU C 177 -3.34 -11.57 27.53
C LEU C 177 -4.71 -12.12 27.17
N ASN C 178 -5.78 -11.36 27.42
CA ASN C 178 -7.12 -11.74 27.03
C ASN C 178 -7.46 -13.15 27.51
N ARG C 179 -7.30 -13.36 28.82
CA ARG C 179 -7.58 -14.64 29.44
C ARG C 179 -8.87 -14.52 30.23
N PRO C 180 -9.84 -15.42 30.00
CA PRO C 180 -11.15 -15.34 30.66
C PRO C 180 -11.11 -15.53 32.17
N ASN C 181 -10.12 -16.24 32.71
CA ASN C 181 -10.03 -16.43 34.15
C ASN C 181 -8.96 -15.53 34.80
N LEU C 182 -8.49 -14.52 34.08
CA LEU C 182 -7.52 -13.59 34.61
C LEU C 182 -8.27 -12.34 35.08
N GLY C 183 -8.09 -11.96 36.35
CA GLY C 183 -8.85 -10.86 36.91
C GLY C 183 -7.99 -9.81 37.60
N ILE C 184 -8.67 -8.82 38.19
CA ILE C 184 -7.98 -7.74 38.89
C ILE C 184 -8.33 -7.83 40.37
N HIS C 185 -7.28 -7.71 41.21
CA HIS C 185 -7.41 -7.72 42.66
C HIS C 185 -7.07 -6.32 43.18
N LEU C 186 -8.06 -5.66 43.78
CA LEU C 186 -7.88 -4.33 44.34
C LEU C 186 -7.80 -4.36 45.88
N ASP C 187 -6.90 -3.53 46.41
CA ASP C 187 -6.65 -3.42 47.83
C ASP C 187 -6.80 -1.95 48.24
N THR C 188 -7.67 -1.70 49.22
CA THR C 188 -7.97 -0.32 49.60
C THR C 188 -6.72 0.37 50.13
N TYR C 189 -5.86 -0.37 50.80
CA TYR C 189 -4.62 0.19 51.33
C TYR C 189 -3.76 0.73 50.19
N HIS C 190 -3.59 -0.07 49.13
CA HIS C 190 -2.78 0.33 47.99
C HIS C 190 -3.48 1.39 47.16
N MET C 191 -4.80 1.28 47.04
CA MET C 191 -5.62 2.25 46.31
C MET C 191 -5.51 3.65 46.93
N ASN C 192 -5.44 3.66 48.27
CA ASN C 192 -5.36 4.87 49.05
C ASN C 192 -4.14 5.68 48.59
N ILE C 193 -3.07 4.99 48.22
CA ILE C 193 -1.87 5.67 47.76
C ILE C 193 -1.98 6.09 46.27
N GLU C 194 -2.03 5.11 45.38
CA GLU C 194 -1.86 5.32 43.94
C GLU C 194 -3.06 5.89 43.18
N GLU C 195 -4.29 5.55 43.53
CA GLU C 195 -5.47 5.89 42.76
C GLU C 195 -5.94 7.33 43.02
N SER C 196 -6.67 7.87 42.05
CA SER C 196 -7.19 9.23 42.13
C SER C 196 -8.33 9.32 43.14
N ASP C 197 -9.06 8.21 43.30
CA ASP C 197 -10.20 8.14 44.19
C ASP C 197 -10.59 6.69 44.37
N MET C 198 -11.59 6.41 45.22
CA MET C 198 -11.99 5.05 45.46
C MET C 198 -13.08 4.54 44.52
N PHE C 199 -13.86 5.41 43.87
CA PHE C 199 -14.92 4.90 43.00
C PHE C 199 -14.46 4.63 41.55
N SER C 200 -13.57 5.45 41.00
CA SER C 200 -13.16 5.34 39.60
C SER C 200 -12.51 3.99 39.28
N PRO C 201 -11.55 3.52 40.09
CA PRO C 201 -10.92 2.23 39.83
C PRO C 201 -11.90 1.07 39.78
N ILE C 202 -12.90 1.06 40.68
CA ILE C 202 -13.94 0.03 40.66
C ILE C 202 -14.76 0.08 39.37
N LEU C 203 -15.24 1.27 39.00
CA LEU C 203 -16.05 1.43 37.80
C LEU C 203 -15.26 1.08 36.55
N ASP C 204 -14.01 1.50 36.48
CA ASP C 204 -13.17 1.24 35.33
C ASP C 204 -12.89 -0.25 35.20
N THR C 205 -12.72 -0.90 36.35
CA THR C 205 -12.27 -2.27 36.41
C THR C 205 -13.44 -3.23 36.66
N ALA C 206 -14.67 -2.75 36.44
CA ALA C 206 -15.89 -3.49 36.74
C ALA C 206 -15.89 -4.93 36.20
N GLU C 207 -15.68 -5.11 34.91
CA GLU C 207 -15.75 -6.42 34.28
C GLU C 207 -14.72 -7.36 34.87
N ALA C 208 -13.50 -6.87 35.06
CA ALA C 208 -12.36 -7.69 35.47
C ALA C 208 -12.17 -7.79 36.99
N LEU C 209 -12.88 -7.00 37.81
CA LEU C 209 -12.65 -7.03 39.25
C LEU C 209 -13.13 -8.35 39.84
N ARG C 210 -12.18 -9.16 40.35
CA ARG C 210 -12.50 -10.47 40.90
C ARG C 210 -12.16 -10.63 42.39
N TYR C 211 -11.24 -9.85 42.94
CA TYR C 211 -10.85 -10.02 44.34
C TYR C 211 -10.65 -8.64 45.02
N VAL C 212 -11.01 -8.58 46.32
CA VAL C 212 -10.92 -7.33 47.08
C VAL C 212 -10.27 -7.53 48.45
N HIS C 213 -9.28 -6.69 48.75
CA HIS C 213 -8.66 -6.63 50.06
C HIS C 213 -9.11 -5.38 50.78
N ILE C 214 -9.57 -5.55 52.02
CA ILE C 214 -9.99 -4.43 52.84
C ILE C 214 -8.94 -4.13 53.90
N GLY C 215 -8.21 -3.02 53.67
CA GLY C 215 -7.14 -2.61 54.57
C GLY C 215 -7.16 -1.11 54.87
N GLU C 216 -6.88 -0.74 56.12
CA GLU C 216 -6.78 0.64 56.55
C GLU C 216 -5.47 1.23 56.04
N SER C 217 -5.38 2.57 56.01
CA SER C 217 -4.21 3.26 55.47
C SER C 217 -2.91 2.76 56.09
N HIS C 218 -2.92 2.47 57.38
CA HIS C 218 -1.72 2.02 58.07
C HIS C 218 -1.76 0.51 58.32
N ARG C 219 -2.76 -0.15 57.73
CA ARG C 219 -2.99 -1.60 57.80
C ARG C 219 -3.35 -2.10 59.21
N GLY C 220 -3.91 -1.22 60.05
CA GLY C 220 -4.41 -1.58 61.37
C GLY C 220 -5.94 -1.70 61.39
N TYR C 221 -6.54 -1.23 62.50
CA TYR C 221 -7.98 -1.29 62.70
C TYR C 221 -8.72 -0.50 61.63
N LEU C 222 -9.82 -1.07 61.13
CA LEU C 222 -10.61 -0.43 60.11
C LEU C 222 -11.33 0.77 60.71
N GLY C 223 -11.16 1.92 60.07
CA GLY C 223 -11.79 3.13 60.55
C GLY C 223 -10.89 3.98 61.43
N THR C 224 -9.63 3.58 61.64
CA THR C 224 -8.70 4.35 62.44
C THR C 224 -7.60 4.95 61.56
N GLY C 225 -7.89 5.05 60.28
CA GLY C 225 -6.93 5.57 59.31
C GLY C 225 -7.61 6.50 58.31
N SER C 226 -6.96 6.78 57.17
CA SER C 226 -7.47 7.76 56.23
C SER C 226 -8.19 7.16 55.01
N VAL C 227 -8.40 5.83 54.98
CA VAL C 227 -9.01 5.20 53.82
C VAL C 227 -10.50 5.56 53.69
N ASP C 228 -10.92 5.95 52.49
CA ASP C 228 -12.29 6.32 52.22
C ASP C 228 -13.09 5.07 51.89
N PHE C 229 -13.45 4.32 52.93
CA PHE C 229 -14.18 3.07 52.76
C PHE C 229 -15.60 3.29 52.23
N ASP C 230 -16.25 4.38 52.64
CA ASP C 230 -17.62 4.63 52.24
C ASP C 230 -17.75 4.75 50.72
N THR C 231 -16.88 5.54 50.09
CA THR C 231 -16.91 5.67 48.65
C THR C 231 -16.61 4.32 47.99
N PHE C 232 -15.65 3.59 48.56
CA PHE C 232 -15.26 2.29 48.02
C PHE C 232 -16.43 1.33 47.98
N PHE C 233 -17.11 1.14 49.13
CA PHE C 233 -18.22 0.21 49.22
C PHE C 233 -19.43 0.65 48.39
N LYS C 234 -19.66 1.96 48.28
CA LYS C 234 -20.77 2.44 47.47
C LYS C 234 -20.52 2.10 46.00
N ALA C 235 -19.25 2.20 45.58
CA ALA C 235 -18.86 1.90 44.22
C ALA C 235 -18.99 0.41 43.93
N LEU C 236 -18.61 -0.43 44.90
CA LEU C 236 -18.70 -1.88 44.77
C LEU C 236 -20.15 -2.27 44.60
N GLY C 237 -21.02 -1.65 45.40
CA GLY C 237 -22.44 -1.90 45.34
C GLY C 237 -23.02 -1.53 43.99
N ARG C 238 -22.53 -0.41 43.43
CA ARG C 238 -23.04 0.10 42.17
C ARG C 238 -22.78 -0.87 41.01
N ILE C 239 -21.60 -1.48 40.95
CA ILE C 239 -21.28 -2.43 39.87
C ILE C 239 -21.73 -3.86 40.19
N GLY C 240 -22.39 -4.04 41.33
CA GLY C 240 -22.86 -5.36 41.74
C GLY C 240 -21.73 -6.39 41.90
N TYR C 241 -20.63 -6.00 42.54
CA TYR C 241 -19.51 -6.90 42.78
C TYR C 241 -19.92 -8.00 43.76
N ASP C 242 -19.68 -9.26 43.39
CA ASP C 242 -20.08 -10.37 44.22
C ASP C 242 -18.92 -11.31 44.56
N GLY C 243 -17.68 -10.85 44.37
CA GLY C 243 -16.51 -11.63 44.69
C GLY C 243 -16.13 -11.52 46.17
N PRO C 244 -14.99 -12.14 46.55
CA PRO C 244 -14.49 -12.09 47.92
C PRO C 244 -14.05 -10.72 48.42
N VAL C 245 -14.43 -10.40 49.66
CA VAL C 245 -14.05 -9.17 50.32
C VAL C 245 -13.30 -9.61 51.56
N VAL C 246 -11.98 -9.43 51.54
CA VAL C 246 -11.13 -9.98 52.60
C VAL C 246 -10.38 -8.91 53.39
N PHE C 247 -10.47 -9.01 54.71
CA PHE C 247 -9.81 -8.11 55.63
C PHE C 247 -8.33 -8.45 55.74
N GLU C 248 -7.48 -7.42 55.63
CA GLU C 248 -6.05 -7.62 55.69
C GLU C 248 -5.43 -6.61 56.64
N SER C 249 -4.65 -7.10 57.62
CA SER C 249 -4.10 -6.25 58.67
C SER C 249 -2.77 -6.81 59.15
N PHE C 250 -1.80 -5.92 59.39
CA PHE C 250 -0.49 -6.35 59.85
C PHE C 250 -0.05 -5.55 61.05
N SER C 251 0.51 -6.25 62.03
CA SER C 251 1.04 -5.63 63.22
C SER C 251 2.31 -6.37 63.64
N SER C 252 3.15 -5.70 64.41
CA SER C 252 4.36 -6.36 64.92
C SER C 252 3.99 -7.43 65.95
N SER C 253 2.72 -7.49 66.33
CA SER C 253 2.27 -8.51 67.28
C SER C 253 2.25 -9.90 66.64
N VAL C 254 2.12 -9.98 65.30
CA VAL C 254 2.10 -11.25 64.60
C VAL C 254 3.08 -11.17 63.43
N VAL C 255 4.19 -11.91 63.55
CA VAL C 255 5.31 -11.76 62.65
C VAL C 255 5.55 -12.99 61.77
N ALA C 256 5.64 -12.74 60.47
CA ALA C 256 6.04 -13.70 59.48
C ALA C 256 7.49 -13.35 59.25
N PRO C 257 8.41 -14.31 59.41
CA PRO C 257 9.85 -14.03 59.31
C PRO C 257 10.28 -13.25 58.06
N ASP C 258 9.75 -13.59 56.89
CA ASP C 258 10.11 -12.89 55.66
C ASP C 258 9.06 -11.85 55.23
N LEU C 259 7.77 -12.24 55.26
CA LEU C 259 6.70 -11.37 54.78
C LEU C 259 6.59 -10.06 55.57
N SER C 260 6.75 -10.12 56.89
CA SER C 260 6.67 -8.94 57.72
C SER C 260 7.74 -7.92 57.33
N ARG C 261 8.94 -8.43 57.05
CA ARG C 261 10.08 -7.60 56.66
C ARG C 261 9.84 -6.99 55.28
N MET C 262 9.28 -7.79 54.36
CA MET C 262 9.00 -7.35 53.01
C MET C 262 7.97 -6.21 53.02
N LEU C 263 6.95 -6.31 53.87
CA LEU C 263 5.90 -5.30 53.95
C LEU C 263 6.23 -4.13 54.89
N GLY C 264 7.39 -4.17 55.53
CA GLY C 264 7.80 -3.08 56.41
C GLY C 264 6.87 -2.85 57.62
N ILE C 265 6.48 -3.94 58.29
CA ILE C 265 5.63 -3.90 59.47
C ILE C 265 6.48 -3.62 60.70
N TRP C 266 6.89 -2.35 60.85
CA TRP C 266 7.78 -1.96 61.93
C TRP C 266 7.03 -1.67 63.24
N ARG C 267 5.74 -1.38 63.16
CA ARG C 267 5.00 -0.82 64.29
C ARG C 267 3.93 -1.80 64.77
N ASN C 268 3.51 -1.56 66.02
CA ASN C 268 2.41 -2.27 66.63
C ASN C 268 1.10 -1.53 66.34
N LEU C 269 0.22 -2.11 65.54
CA LEU C 269 -1.06 -1.49 65.26
C LEU C 269 -2.18 -2.15 66.08
N TRP C 270 -1.94 -3.32 66.67
CA TRP C 270 -2.91 -4.06 67.48
C TRP C 270 -2.23 -5.20 68.25
N ALA C 271 -2.64 -5.42 69.51
CA ALA C 271 -2.10 -6.50 70.33
C ALA C 271 -3.06 -7.69 70.39
N ASP C 272 -4.35 -7.44 70.17
CA ASP C 272 -5.39 -8.44 70.37
C ASP C 272 -6.11 -8.71 69.06
N ASN C 273 -5.68 -9.75 68.36
CA ASN C 273 -6.23 -10.08 67.06
C ASN C 273 -7.69 -10.56 67.14
N GLU C 274 -8.10 -11.11 68.29
CA GLU C 274 -9.48 -11.56 68.44
C GLU C 274 -10.44 -10.38 68.34
N GLU C 275 -10.17 -9.31 69.09
CA GLU C 275 -11.01 -8.12 69.03
C GLU C 275 -10.93 -7.52 67.62
N LEU C 276 -9.71 -7.48 67.06
CA LEU C 276 -9.51 -6.90 65.74
C LEU C 276 -10.32 -7.62 64.67
N GLY C 277 -10.19 -8.96 64.64
CA GLY C 277 -10.89 -9.81 63.69
C GLY C 277 -12.41 -9.64 63.77
N ALA C 278 -12.97 -9.67 64.98
CA ALA C 278 -14.41 -9.55 65.16
C ALA C 278 -14.88 -8.17 64.73
N HIS C 279 -14.09 -7.14 65.03
CA HIS C 279 -14.42 -5.79 64.65
C HIS C 279 -14.41 -5.66 63.13
N ALA C 280 -13.37 -6.22 62.49
CA ALA C 280 -13.23 -6.16 61.05
C ALA C 280 -14.38 -6.88 60.36
N ASN C 281 -14.74 -8.05 60.86
CA ASN C 281 -15.85 -8.81 60.28
C ASN C 281 -17.13 -7.99 60.30
N ALA C 282 -17.42 -7.37 61.45
CA ALA C 282 -18.62 -6.55 61.59
C ALA C 282 -18.55 -5.29 60.70
N PHE C 283 -17.37 -4.66 60.63
CA PHE C 283 -17.18 -3.47 59.80
C PHE C 283 -17.61 -3.75 58.36
N ILE C 284 -17.02 -4.78 57.76
CA ILE C 284 -17.30 -5.16 56.38
C ILE C 284 -18.75 -5.58 56.18
N ARG C 285 -19.26 -6.49 57.01
CA ARG C 285 -20.62 -6.98 56.85
C ARG C 285 -21.65 -5.85 57.02
N ASP C 286 -21.48 -5.01 58.04
CA ASP C 286 -22.47 -3.98 58.27
C ASP C 286 -22.37 -2.88 57.22
N LYS C 287 -21.18 -2.69 56.64
CA LYS C 287 -21.00 -1.70 55.60
C LYS C 287 -21.79 -2.16 54.39
N LEU C 288 -21.70 -3.47 54.10
CA LEU C 288 -22.42 -4.06 52.97
C LEU C 288 -23.92 -4.01 53.18
N THR C 289 -24.34 -4.22 54.42
CA THR C 289 -25.74 -4.16 54.76
C THR C 289 -26.31 -2.76 54.47
N ALA C 290 -25.62 -1.73 54.95
CA ALA C 290 -26.08 -0.36 54.81
C ALA C 290 -26.12 0.07 53.35
N ILE C 291 -25.09 -0.28 52.58
CA ILE C 291 -24.99 0.12 51.17
C ILE C 291 -26.10 -0.51 50.34
N LYS C 292 -26.57 -1.68 50.76
CA LYS C 292 -27.63 -2.40 50.05
C LYS C 292 -28.92 -1.56 50.02
N THR C 293 -29.19 -0.80 51.08
CA THR C 293 -30.40 -0.01 51.17
C THR C 293 -30.41 1.25 50.29
N ILE C 294 -29.25 1.71 49.81
CA ILE C 294 -29.16 2.91 49.00
C ILE C 294 -29.91 2.74 47.68
N GLU C 295 -29.84 1.53 47.12
CA GLU C 295 -30.47 1.24 45.84
C GLU C 295 -32.00 1.29 45.94
N LEU C 296 -32.54 0.79 47.05
CA LEU C 296 -33.98 0.71 47.25
C LEU C 296 -34.61 2.09 47.40
N HIS C 297 -33.93 2.99 48.12
CA HIS C 297 -34.49 4.30 48.41
C HIS C 297 -33.65 5.44 47.81
N MET D 9 4.82 33.10 57.40
CA MET D 9 4.76 31.80 56.69
C MET D 9 5.24 32.00 55.26
N LYS D 10 6.08 31.06 54.81
CA LYS D 10 6.58 31.07 53.46
C LYS D 10 5.98 29.91 52.68
N ILE D 11 5.40 30.22 51.53
CA ILE D 11 4.87 29.20 50.65
C ILE D 11 6.02 28.82 49.73
N GLY D 12 6.37 27.53 49.72
CA GLY D 12 7.52 27.11 48.94
C GLY D 12 7.26 25.96 47.98
N CYS D 13 8.27 25.69 47.16
CA CYS D 13 8.23 24.65 46.16
C CYS D 13 9.55 23.90 46.22
N HIS D 14 9.47 22.58 46.16
CA HIS D 14 10.67 21.77 46.17
C HIS D 14 11.38 21.96 44.83
N GLY D 15 12.71 22.05 44.91
CA GLY D 15 13.54 22.29 43.75
C GLY D 15 13.48 21.16 42.71
N LEU D 16 13.23 19.93 43.17
CA LEU D 16 13.16 18.76 42.31
C LEU D 16 11.99 18.84 41.35
N VAL D 17 11.06 19.77 41.57
CA VAL D 17 9.96 19.96 40.64
C VAL D 17 10.54 20.42 39.31
N TRP D 18 11.47 21.37 39.37
CA TRP D 18 12.04 22.00 38.20
C TRP D 18 13.26 21.27 37.59
N THR D 19 14.25 20.89 38.42
CA THR D 19 15.45 20.26 37.87
C THR D 19 15.99 19.15 38.77
N GLY D 20 16.69 18.20 38.15
CA GLY D 20 17.23 17.06 38.88
C GLY D 20 18.70 17.22 39.27
N HIS D 21 19.38 18.21 38.68
CA HIS D 21 20.79 18.44 38.98
C HIS D 21 21.01 19.88 39.39
N PHE D 22 21.46 20.10 40.63
CA PHE D 22 21.59 21.45 41.14
C PHE D 22 22.98 22.05 40.97
N ASP D 23 23.37 22.28 39.71
CA ASP D 23 24.61 22.96 39.38
C ASP D 23 24.33 24.46 39.24
N ALA D 24 25.23 25.17 38.56
CA ALA D 24 25.03 26.59 38.32
C ALA D 24 23.73 26.82 37.57
N GLU D 25 23.54 26.06 36.50
CA GLU D 25 22.36 26.20 35.64
C GLU D 25 21.13 25.72 36.39
N GLY D 26 21.25 24.60 37.10
CA GLY D 26 20.13 24.00 37.82
C GLY D 26 19.60 24.95 38.89
N ILE D 27 20.52 25.56 39.65
CA ILE D 27 20.16 26.45 40.72
C ILE D 27 19.40 27.66 40.19
N ARG D 28 19.95 28.32 39.17
CA ARG D 28 19.32 29.50 38.62
C ARG D 28 17.96 29.17 38.01
N TYR D 29 17.86 28.02 37.34
CA TYR D 29 16.62 27.64 36.69
C TYR D 29 15.53 27.35 37.74
N SER D 30 15.86 26.60 38.78
CA SER D 30 14.89 26.24 39.82
C SER D 30 14.40 27.49 40.53
N VAL D 31 15.31 28.41 40.84
CA VAL D 31 14.94 29.63 41.54
C VAL D 31 13.98 30.45 40.68
N GLN D 32 14.30 30.58 39.40
CA GLN D 32 13.49 31.37 38.46
C GLN D 32 12.09 30.78 38.32
N LYS D 33 12.00 29.47 38.11
CA LYS D 33 10.71 28.83 37.93
C LYS D 33 9.84 28.92 39.19
N THR D 34 10.48 28.84 40.36
CA THR D 34 9.77 28.93 41.62
C THR D 34 9.12 30.30 41.76
N ARG D 35 9.89 31.36 41.52
CA ARG D 35 9.36 32.71 41.64
C ARG D 35 8.24 32.93 40.63
N GLU D 36 8.44 32.43 39.41
CA GLU D 36 7.48 32.61 38.34
C GLU D 36 6.16 31.91 38.68
N ALA D 37 6.25 30.79 39.41
CA ALA D 37 5.08 30.03 39.81
C ALA D 37 4.35 30.73 40.96
N GLY D 38 4.98 31.74 41.55
CA GLY D 38 4.30 32.55 42.57
C GLY D 38 4.76 32.24 44.00
N PHE D 39 5.73 31.33 44.17
CA PHE D 39 6.18 30.93 45.49
C PHE D 39 7.10 31.97 46.14
N ASP D 40 7.19 31.91 47.48
CA ASP D 40 8.08 32.77 48.25
C ASP D 40 9.44 32.10 48.42
N LEU D 41 9.47 30.76 48.36
CA LEU D 41 10.65 30.02 48.76
C LEU D 41 10.86 28.76 47.91
N VAL D 42 12.13 28.36 47.79
CA VAL D 42 12.50 27.16 47.07
C VAL D 42 13.22 26.25 48.05
N GLU D 43 12.93 24.96 48.00
CA GLU D 43 13.64 24.02 48.86
C GLU D 43 14.72 23.33 48.02
N PHE D 44 15.98 23.50 48.41
CA PHE D 44 17.08 22.88 47.68
C PHE D 44 17.36 21.51 48.24
N PRO D 45 17.29 20.46 47.41
CA PRO D 45 17.76 19.14 47.84
C PRO D 45 19.28 19.05 47.80
N LEU D 46 19.90 19.00 48.97
CA LEU D 46 21.36 18.88 49.09
C LEU D 46 21.81 17.42 49.19
N MET D 47 21.53 16.61 48.17
CA MET D 47 22.01 15.23 48.19
C MET D 47 23.54 15.23 48.05
N ASP D 48 24.07 16.22 47.32
CA ASP D 48 25.50 16.35 47.14
C ASP D 48 25.92 17.78 47.51
N PRO D 49 26.05 18.06 48.82
CA PRO D 49 26.35 19.40 49.34
C PRO D 49 27.77 19.89 49.04
N PHE D 50 28.68 18.95 48.77
CA PHE D 50 30.05 19.33 48.46
C PHE D 50 30.11 20.03 47.10
N SER D 51 29.26 19.61 46.17
CA SER D 51 29.26 20.16 44.82
C SER D 51 28.24 21.28 44.61
N PHE D 52 27.43 21.59 45.64
CA PHE D 52 26.39 22.60 45.52
C PHE D 52 27.03 23.98 45.39
N ASP D 53 26.60 24.74 44.37
CA ASP D 53 27.17 26.06 44.11
C ASP D 53 26.47 27.12 44.95
N VAL D 54 27.01 27.37 46.14
CA VAL D 54 26.43 28.31 47.09
C VAL D 54 26.34 29.73 46.53
N GLN D 55 27.43 30.19 45.92
CA GLN D 55 27.51 31.55 45.39
C GLN D 55 26.47 31.81 44.30
N THR D 56 26.24 30.84 43.42
CA THR D 56 25.25 31.02 42.37
C THR D 56 23.86 31.14 43.00
N ALA D 57 23.62 30.35 44.04
CA ALA D 57 22.33 30.33 44.72
C ALA D 57 22.06 31.68 45.38
N LYS D 58 23.08 32.22 46.07
CA LYS D 58 22.93 33.52 46.71
C LYS D 58 22.53 34.57 45.67
N SER D 59 23.19 34.50 44.51
CA SER D 59 22.93 35.42 43.42
C SER D 59 21.49 35.30 42.91
N ALA D 60 21.06 34.07 42.61
CA ALA D 60 19.72 33.85 42.07
C ALA D 60 18.64 34.24 43.09
N LEU D 61 18.84 33.94 44.36
CA LEU D 61 17.85 34.24 45.39
C LEU D 61 17.65 35.74 45.50
N ALA D 62 18.75 36.50 45.56
CA ALA D 62 18.69 37.95 45.65
C ALA D 62 17.99 38.53 44.43
N GLU D 63 18.35 38.01 43.25
CA GLU D 63 17.75 38.47 42.00
C GLU D 63 16.23 38.35 42.06
N HIS D 64 15.73 37.17 42.45
CA HIS D 64 14.30 36.91 42.45
C HIS D 64 13.64 37.17 43.81
N GLY D 65 14.40 37.68 44.77
CA GLY D 65 13.82 38.01 46.07
C GLY D 65 13.18 36.79 46.71
N LEU D 66 13.89 35.66 46.62
CA LEU D 66 13.35 34.39 47.04
C LEU D 66 14.11 33.86 48.24
N ALA D 67 13.37 33.34 49.21
CA ALA D 67 13.96 32.71 50.39
C ALA D 67 14.31 31.27 50.02
N ALA D 68 15.13 30.62 50.85
CA ALA D 68 15.47 29.23 50.60
C ALA D 68 15.57 28.39 51.87
N SER D 69 15.33 27.09 51.69
CA SER D 69 15.50 26.08 52.71
C SER D 69 16.27 24.91 52.09
N ALA D 70 16.81 24.03 52.93
CA ALA D 70 17.52 22.87 52.41
C ALA D 70 17.07 21.58 53.11
N SER D 71 16.97 20.53 52.29
CA SER D 71 16.61 19.20 52.77
C SER D 71 17.49 18.18 52.08
N LEU D 72 17.80 17.09 52.80
CA LEU D 72 18.52 16.00 52.18
C LEU D 72 18.04 14.67 52.76
N GLY D 73 18.20 13.61 51.97
CA GLY D 73 17.94 12.26 52.42
C GLY D 73 19.23 11.45 52.45
N LEU D 74 19.46 10.76 53.57
CA LEU D 74 20.63 9.92 53.72
C LEU D 74 20.48 8.63 52.92
N SER D 75 21.61 7.91 52.78
CA SER D 75 21.67 6.66 52.05
C SER D 75 22.40 5.62 52.91
N ASP D 76 22.62 4.43 52.34
CA ASP D 76 23.31 3.35 53.06
C ASP D 76 24.70 3.78 53.51
N ALA D 77 25.42 4.51 52.66
CA ALA D 77 26.78 4.92 52.99
C ALA D 77 26.78 5.97 54.10
N THR D 78 25.70 6.73 54.22
CA THR D 78 25.62 7.79 55.20
C THR D 78 24.49 7.58 56.20
N ASP D 79 24.17 6.31 56.47
CA ASP D 79 23.09 5.96 57.38
C ASP D 79 23.52 6.14 58.84
N VAL D 80 23.02 7.19 59.50
CA VAL D 80 23.38 7.46 60.89
C VAL D 80 22.68 6.50 61.85
N SER D 81 21.73 5.69 61.37
CA SER D 81 21.07 4.71 62.21
C SER D 81 21.76 3.36 62.14
N SER D 82 22.90 3.31 61.44
CA SER D 82 23.68 2.09 61.32
C SER D 82 24.46 1.82 62.61
N GLU D 83 24.75 0.54 62.86
CA GLU D 83 25.53 0.15 64.02
C GLU D 83 27.03 0.21 63.70
N ASP D 84 27.35 0.57 62.45
CA ASP D 84 28.71 0.72 62.00
C ASP D 84 29.12 2.16 62.22
N PRO D 85 30.07 2.40 63.15
CA PRO D 85 30.57 3.74 63.49
C PRO D 85 31.09 4.50 62.29
N ALA D 86 31.74 3.79 61.35
CA ALA D 86 32.27 4.41 60.16
C ALA D 86 31.14 4.96 59.31
N VAL D 87 30.06 4.18 59.19
CA VAL D 87 28.92 4.55 58.38
C VAL D 87 28.27 5.79 59.00
N VAL D 88 28.11 5.75 60.32
CA VAL D 88 27.53 6.87 61.05
C VAL D 88 28.37 8.11 60.84
N LYS D 89 29.69 7.92 60.91
CA LYS D 89 30.65 9.01 60.78
C LYS D 89 30.57 9.67 59.43
N ALA D 90 30.48 8.87 58.36
CA ALA D 90 30.42 9.42 57.01
C ALA D 90 29.16 10.27 56.89
N GLY D 91 28.05 9.75 57.42
CA GLY D 91 26.78 10.43 57.34
C GLY D 91 26.77 11.75 58.10
N GLU D 92 27.33 11.74 59.31
CA GLU D 92 27.40 12.93 60.14
C GLU D 92 28.22 13.98 59.41
N GLU D 93 29.23 13.50 58.67
CA GLU D 93 30.09 14.36 57.88
C GLU D 93 29.25 15.01 56.79
N LEU D 94 28.40 14.22 56.14
CA LEU D 94 27.58 14.72 55.06
C LEU D 94 26.57 15.75 55.59
N LEU D 95 26.02 15.47 56.77
CA LEU D 95 25.05 16.38 57.39
C LEU D 95 25.69 17.74 57.67
N ASN D 96 26.93 17.71 58.20
CA ASN D 96 27.64 18.93 58.55
C ASN D 96 27.87 19.84 57.36
N ARG D 97 28.27 19.25 56.23
CA ARG D 97 28.53 20.04 55.04
C ARG D 97 27.23 20.67 54.55
N ALA D 98 26.13 19.93 54.73
CA ALA D 98 24.83 20.45 54.35
C ALA D 98 24.52 21.67 55.20
N VAL D 99 24.87 21.60 56.48
CA VAL D 99 24.61 22.68 57.42
C VAL D 99 25.44 23.90 57.05
N ASP D 100 26.70 23.68 56.66
CA ASP D 100 27.59 24.77 56.26
C ASP D 100 27.01 25.49 55.05
N VAL D 101 26.45 24.73 54.10
CA VAL D 101 25.87 25.30 52.91
C VAL D 101 24.76 26.26 53.26
N LEU D 102 23.85 25.83 54.14
CA LEU D 102 22.71 26.65 54.52
C LEU D 102 23.19 27.93 55.20
N ALA D 103 24.25 27.81 56.02
CA ALA D 103 24.80 28.96 56.72
C ALA D 103 25.25 30.03 55.71
N GLU D 104 25.96 29.59 54.66
CA GLU D 104 26.44 30.49 53.63
C GLU D 104 25.27 31.16 52.93
N LEU D 105 24.21 30.38 52.68
CA LEU D 105 23.04 30.89 51.97
C LEU D 105 22.28 31.89 52.82
N GLY D 106 22.48 31.85 54.14
CA GLY D 106 21.70 32.67 55.06
C GLY D 106 20.34 32.04 55.36
N ALA D 107 20.20 30.76 54.98
CA ALA D 107 18.96 30.02 55.21
C ALA D 107 18.91 29.52 56.65
N THR D 108 17.70 29.50 57.22
CA THR D 108 17.53 29.12 58.62
C THR D 108 16.86 27.75 58.79
N ASP D 109 16.48 27.08 57.70
CA ASP D 109 15.74 25.83 57.84
C ASP D 109 16.43 24.67 57.14
N PHE D 110 16.71 23.63 57.93
CA PHE D 110 17.24 22.37 57.44
C PHE D 110 16.25 21.25 57.78
N CYS D 111 15.97 20.36 56.81
CA CYS D 111 14.99 19.31 57.03
C CYS D 111 15.25 18.07 56.18
N GLY D 112 14.40 17.04 56.35
CA GLY D 112 14.47 15.83 55.55
C GLY D 112 14.76 14.60 56.41
N VAL D 113 15.11 13.51 55.72
CA VAL D 113 15.41 12.25 56.36
C VAL D 113 16.89 12.23 56.75
N ILE D 114 17.20 12.83 57.88
CA ILE D 114 18.56 12.96 58.33
C ILE D 114 18.81 12.10 59.56
N TYR D 115 17.84 11.29 59.95
CA TYR D 115 17.99 10.44 61.12
C TYR D 115 18.28 9.00 60.69
N SER D 116 18.13 8.72 59.39
CA SER D 116 18.36 7.38 58.86
C SER D 116 18.49 7.47 57.35
N ALA D 117 18.75 6.33 56.73
CA ALA D 117 18.79 6.30 55.27
C ALA D 117 17.37 6.36 54.78
N MET D 118 17.15 7.05 53.66
CA MET D 118 15.84 7.10 53.06
C MET D 118 15.76 5.95 52.08
N LYS D 119 15.21 4.84 52.58
CA LYS D 119 15.10 3.64 51.79
C LYS D 119 14.13 2.68 52.45
N LYS D 120 13.89 1.54 51.78
CA LYS D 120 13.07 0.48 52.32
C LYS D 120 13.97 -0.48 53.07
N TYR D 121 13.89 -0.45 54.40
CA TYR D 121 14.68 -1.35 55.22
C TYR D 121 14.07 -2.74 55.15
N MET D 122 14.91 -3.77 55.34
CA MET D 122 14.44 -5.15 55.33
C MET D 122 14.47 -5.72 56.74
N GLU D 123 14.76 -4.86 57.72
CA GLU D 123 14.79 -5.23 59.12
C GLU D 123 14.25 -4.07 59.95
N PRO D 124 13.75 -4.32 61.17
CA PRO D 124 13.34 -3.24 62.07
C PRO D 124 14.53 -2.49 62.64
N ALA D 125 14.29 -1.29 63.16
CA ALA D 125 15.36 -0.51 63.75
C ALA D 125 15.92 -1.25 64.98
N THR D 126 17.21 -1.08 65.22
CA THR D 126 17.80 -1.68 66.41
C THR D 126 17.94 -0.60 67.47
N ALA D 127 17.95 -1.02 68.74
CA ALA D 127 18.11 -0.11 69.86
C ALA D 127 19.44 0.63 69.75
N ALA D 128 20.49 -0.11 69.37
CA ALA D 128 21.81 0.46 69.22
C ALA D 128 21.85 1.42 68.04
N GLY D 129 21.14 1.04 66.97
CA GLY D 129 21.09 1.87 65.77
C GLY D 129 20.46 3.22 66.09
N LEU D 130 19.38 3.18 66.87
CA LEU D 130 18.66 4.37 67.28
C LEU D 130 19.56 5.28 68.12
N ALA D 131 20.38 4.67 68.98
CA ALA D 131 21.29 5.41 69.84
C ALA D 131 22.24 6.25 69.01
N ASN D 132 22.79 5.64 67.96
CA ASN D 132 23.72 6.34 67.09
C ASN D 132 23.01 7.44 66.32
N SER D 133 21.76 7.17 65.91
CA SER D 133 20.97 8.14 65.17
C SER D 133 20.76 9.38 66.02
N LYS D 134 20.28 9.18 67.25
CA LYS D 134 19.97 10.28 68.13
C LYS D 134 21.21 11.09 68.48
N ALA D 135 22.33 10.42 68.76
CA ALA D 135 23.57 11.09 69.10
C ALA D 135 24.03 11.96 67.94
N ALA D 136 23.96 11.41 66.72
CA ALA D 136 24.35 12.14 65.53
C ALA D 136 23.45 13.36 65.30
N VAL D 137 22.15 13.20 65.49
CA VAL D 137 21.22 14.30 65.27
C VAL D 137 21.44 15.38 66.34
N GLY D 138 21.76 14.94 67.55
CA GLY D 138 22.04 15.87 68.64
C GLY D 138 23.20 16.80 68.27
N ARG D 139 24.29 16.22 67.78
CA ARG D 139 25.46 17.00 67.39
C ARG D 139 25.12 17.96 66.26
N VAL D 140 24.34 17.47 65.28
CA VAL D 140 23.96 18.30 64.16
C VAL D 140 23.08 19.45 64.64
N ALA D 141 22.17 19.15 65.58
CA ALA D 141 21.28 20.17 66.11
C ALA D 141 22.09 21.22 66.88
N ASP D 142 23.06 20.74 67.67
CA ASP D 142 23.91 21.64 68.44
C ASP D 142 24.66 22.57 67.50
N ARG D 143 25.21 22.02 66.41
CA ARG D 143 25.94 22.85 65.44
C ARG D 143 25.03 23.87 64.78
N ALA D 144 23.85 23.41 64.34
CA ALA D 144 22.90 24.28 63.68
C ALA D 144 22.47 25.42 64.61
N SER D 145 22.33 25.09 65.91
CA SER D 145 21.92 26.06 66.91
C SER D 145 22.90 27.24 66.96
N ASP D 146 24.19 26.91 66.85
CA ASP D 146 25.24 27.91 66.87
C ASP D 146 25.18 28.78 65.63
N LEU D 147 24.63 28.24 64.53
CA LEU D 147 24.49 29.00 63.30
C LEU D 147 23.10 29.62 63.20
N GLY D 148 22.32 29.50 64.28
CA GLY D 148 20.95 30.00 64.27
C GLY D 148 20.09 29.31 63.21
N ILE D 149 20.26 27.99 63.07
CA ILE D 149 19.56 27.20 62.06
C ILE D 149 18.65 26.16 62.71
N ASN D 150 17.41 26.10 62.25
CA ASN D 150 16.44 25.13 62.74
C ASN D 150 16.58 23.81 62.00
N VAL D 151 16.50 22.71 62.75
CA VAL D 151 16.59 21.39 62.17
C VAL D 151 15.30 20.63 62.45
N SER D 152 14.65 20.14 61.39
CA SER D 152 13.38 19.45 61.53
C SER D 152 13.46 18.05 60.89
N LEU D 153 13.10 17.03 61.68
CA LEU D 153 13.11 15.66 61.21
C LEU D 153 11.83 15.39 60.45
N GLU D 154 11.97 14.92 59.21
CA GLU D 154 10.79 14.63 58.40
C GLU D 154 10.30 13.21 58.68
N VAL D 155 9.04 13.12 59.10
CA VAL D 155 8.39 11.85 59.33
C VAL D 155 8.02 11.29 57.96
N VAL D 156 8.47 10.07 57.66
CA VAL D 156 8.18 9.46 56.37
C VAL D 156 7.62 8.07 56.58
N ASN D 157 7.05 7.49 55.54
CA ASN D 157 6.36 6.21 55.65
C ASN D 157 7.32 5.02 55.83
N ARG D 158 6.70 3.86 56.12
CA ARG D 158 7.38 2.60 56.44
C ARG D 158 8.36 2.19 55.34
N TYR D 159 8.08 2.58 54.09
CA TYR D 159 8.92 2.16 52.97
C TYR D 159 10.13 3.06 52.79
N GLU D 160 10.19 4.18 53.52
CA GLU D 160 11.31 5.10 53.39
C GLU D 160 12.16 5.19 54.65
N THR D 161 11.64 4.66 55.77
CA THR D 161 12.37 4.61 57.03
C THR D 161 11.69 3.65 57.99
N ASN D 162 12.49 3.11 58.91
CA ASN D 162 11.96 2.26 59.97
C ASN D 162 12.14 2.95 61.33
N VAL D 163 12.59 4.20 61.32
CA VAL D 163 12.79 4.96 62.54
C VAL D 163 11.56 5.80 62.87
N LEU D 164 11.28 6.85 62.09
CA LEU D 164 10.18 7.75 62.42
C LEU D 164 9.07 7.69 61.37
N ASN D 165 8.03 6.90 61.64
CA ASN D 165 6.91 6.77 60.71
C ASN D 165 5.70 7.61 61.12
N THR D 166 5.63 8.04 62.39
CA THR D 166 4.48 8.83 62.84
C THR D 166 4.94 10.06 63.61
N GLY D 167 4.05 11.06 63.68
CA GLY D 167 4.30 12.25 64.44
C GLY D 167 4.66 11.95 65.91
N ARG D 168 3.95 11.00 66.51
CA ARG D 168 4.17 10.65 67.90
C ARG D 168 5.57 10.07 68.14
N GLN D 169 6.03 9.23 67.21
CA GLN D 169 7.38 8.68 67.34
C GLN D 169 8.42 9.80 67.28
N ALA D 170 8.17 10.79 66.42
CA ALA D 170 9.06 11.93 66.28
C ALA D 170 9.11 12.72 67.59
N LEU D 171 7.95 12.93 68.22
CA LEU D 171 7.89 13.65 69.49
C LEU D 171 8.72 12.93 70.55
N ALA D 172 8.58 11.61 70.63
CA ALA D 172 9.32 10.83 71.60
C ALA D 172 10.81 10.94 71.35
N TYR D 173 11.16 10.90 70.06
CA TYR D 173 12.54 11.00 69.63
C TYR D 173 13.11 12.34 70.09
N LEU D 174 12.37 13.42 69.83
CA LEU D 174 12.81 14.76 70.20
C LEU D 174 12.88 14.92 71.72
N GLU D 175 12.00 14.26 72.46
CA GLU D 175 11.94 14.42 73.90
C GLU D 175 13.28 14.03 74.54
N GLU D 176 13.84 12.89 74.11
CA GLU D 176 15.12 12.44 74.63
C GLU D 176 16.20 13.49 74.37
N LEU D 177 16.25 13.98 73.13
CA LEU D 177 17.29 14.91 72.73
C LEU D 177 17.20 16.26 73.43
N ASN D 178 15.98 16.74 73.69
CA ASN D 178 15.74 18.00 74.38
C ASN D 178 16.55 19.14 73.76
N ARG D 179 16.40 19.30 72.44
CA ARG D 179 17.08 20.33 71.70
C ARG D 179 16.09 21.42 71.33
N PRO D 180 16.38 22.69 71.68
CA PRO D 180 15.48 23.81 71.40
C PRO D 180 15.25 24.13 69.93
N ASN D 181 16.25 23.86 69.09
CA ASN D 181 16.12 24.15 67.67
C ASN D 181 15.74 22.90 66.85
N LEU D 182 15.40 21.81 67.52
CA LEU D 182 15.03 20.57 66.85
C LEU D 182 13.50 20.50 66.72
N GLY D 183 13.00 20.42 65.48
CA GLY D 183 11.57 20.39 65.25
C GLY D 183 11.11 19.15 64.49
N ILE D 184 9.83 19.17 64.09
CA ILE D 184 9.24 18.05 63.38
C ILE D 184 8.76 18.55 62.03
N HIS D 185 9.02 17.73 61.00
CA HIS D 185 8.62 18.03 59.64
C HIS D 185 7.58 16.99 59.23
N LEU D 186 6.36 17.43 58.95
CA LEU D 186 5.30 16.54 58.49
C LEU D 186 5.05 16.72 57.00
N ASP D 187 4.66 15.62 56.36
CA ASP D 187 4.42 15.56 54.93
C ASP D 187 3.08 14.87 54.74
N THR D 188 2.16 15.53 54.01
CA THR D 188 0.82 15.00 53.87
C THR D 188 0.82 13.67 53.12
N TYR D 189 1.78 13.49 52.19
CA TYR D 189 1.91 12.25 51.45
C TYR D 189 2.16 11.08 52.41
N HIS D 190 3.11 11.26 53.31
CA HIS D 190 3.47 10.24 54.27
C HIS D 190 2.42 10.11 55.38
N MET D 191 1.79 11.22 55.76
CA MET D 191 0.77 11.23 56.79
C MET D 191 -0.44 10.42 56.33
N ASN D 192 -0.70 10.48 55.03
CA ASN D 192 -1.82 9.84 54.38
C ASN D 192 -1.78 8.33 54.56
N ILE D 193 -0.59 7.78 54.83
CA ILE D 193 -0.45 6.36 55.05
C ILE D 193 -0.46 6.01 56.55
N GLU D 194 0.56 6.48 57.28
CA GLU D 194 0.80 6.07 58.65
C GLU D 194 -0.14 6.67 59.70
N GLU D 195 -0.56 7.93 59.55
CA GLU D 195 -1.34 8.62 60.59
C GLU D 195 -2.81 8.16 60.67
N SER D 196 -3.40 8.36 61.85
CA SER D 196 -4.81 8.03 62.10
C SER D 196 -5.76 8.97 61.38
N ASP D 197 -5.33 10.22 61.22
CA ASP D 197 -6.11 11.24 60.54
C ASP D 197 -5.21 12.46 60.28
N MET D 198 -5.75 13.50 59.65
CA MET D 198 -4.89 14.64 59.32
C MET D 198 -4.88 15.73 60.40
N PHE D 199 -5.73 15.64 61.43
CA PHE D 199 -5.74 16.70 62.43
C PHE D 199 -5.03 16.30 63.71
N SER D 200 -5.12 15.04 64.13
CA SER D 200 -4.53 14.57 65.38
C SER D 200 -3.02 14.83 65.42
N PRO D 201 -2.28 14.46 64.36
CA PRO D 201 -0.84 14.66 64.35
C PRO D 201 -0.43 16.13 64.45
N ILE D 202 -1.23 17.01 63.86
CA ILE D 202 -0.96 18.45 63.92
C ILE D 202 -1.15 18.96 65.35
N LEU D 203 -2.26 18.56 65.98
CA LEU D 203 -2.53 18.97 67.35
C LEU D 203 -1.48 18.40 68.30
N ASP D 204 -1.10 17.13 68.10
CA ASP D 204 -0.14 16.50 68.99
C ASP D 204 1.25 17.11 68.84
N THR D 205 1.67 17.46 67.62
CA THR D 205 3.02 17.98 67.41
C THR D 205 3.03 19.51 67.30
N ALA D 206 1.96 20.17 67.78
CA ALA D 206 1.77 21.61 67.65
C ALA D 206 3.01 22.42 68.06
N GLU D 207 3.54 22.16 69.25
CA GLU D 207 4.71 22.88 69.74
C GLU D 207 5.94 22.67 68.86
N ALA D 208 6.20 21.42 68.42
CA ALA D 208 7.42 21.11 67.71
C ALA D 208 7.27 21.14 66.18
N LEU D 209 6.06 21.35 65.65
CA LEU D 209 5.91 21.34 64.19
C LEU D 209 6.58 22.58 63.60
N ARG D 210 7.66 22.37 62.82
CA ARG D 210 8.42 23.47 62.25
C ARG D 210 8.45 23.47 60.72
N TYR D 211 8.06 22.37 60.06
CA TYR D 211 8.16 22.28 58.61
C TYR D 211 7.05 21.37 58.08
N VAL D 212 6.51 21.75 56.92
CA VAL D 212 5.42 21.02 56.30
C VAL D 212 5.63 20.81 54.80
N HIS D 213 5.41 19.57 54.34
CA HIS D 213 5.44 19.26 52.94
C HIS D 213 4.02 19.02 52.45
N ILE D 214 3.65 19.68 51.34
CA ILE D 214 2.36 19.49 50.73
C ILE D 214 2.48 18.57 49.51
N GLY D 215 1.91 17.39 49.61
CA GLY D 215 1.92 16.41 48.52
C GLY D 215 0.68 15.54 48.49
N GLU D 216 0.22 15.24 47.27
CA GLU D 216 -0.93 14.36 47.06
C GLU D 216 -0.56 12.90 47.37
N SER D 217 -1.58 12.06 47.49
CA SER D 217 -1.39 10.65 47.84
C SER D 217 -0.41 9.97 46.89
N HIS D 218 -0.52 10.30 45.60
CA HIS D 218 0.33 9.72 44.57
C HIS D 218 1.40 10.70 44.11
N ARG D 219 1.53 11.82 44.80
CA ARG D 219 2.49 12.90 44.53
C ARG D 219 2.28 13.58 43.17
N GLY D 220 1.06 13.58 42.65
CA GLY D 220 0.71 14.29 41.43
C GLY D 220 0.12 15.67 41.73
N TYR D 221 -0.81 16.10 40.88
CA TYR D 221 -1.51 17.36 41.06
C TYR D 221 -2.27 17.38 42.37
N LEU D 222 -2.20 18.50 43.08
CA LEU D 222 -2.91 18.62 44.34
C LEU D 222 -4.41 18.54 44.09
N GLY D 223 -5.10 17.69 44.85
CA GLY D 223 -6.54 17.58 44.72
C GLY D 223 -6.98 16.47 43.77
N THR D 224 -6.03 15.68 43.25
CA THR D 224 -6.39 14.59 42.35
C THR D 224 -6.13 13.24 43.01
N GLY D 225 -6.14 13.21 44.34
CA GLY D 225 -5.84 11.99 45.09
C GLY D 225 -6.71 11.85 46.34
N SER D 226 -6.25 11.05 47.29
CA SER D 226 -7.01 10.73 48.50
C SER D 226 -6.59 11.53 49.74
N VAL D 227 -5.64 12.46 49.63
CA VAL D 227 -5.19 13.22 50.79
C VAL D 227 -6.28 14.18 51.27
N ASP D 228 -6.57 14.14 52.57
CA ASP D 228 -7.56 15.04 53.15
C ASP D 228 -6.92 16.38 53.47
N PHE D 229 -6.72 17.20 52.43
CA PHE D 229 -6.08 18.51 52.61
C PHE D 229 -6.95 19.45 53.45
N ASP D 230 -8.26 19.34 53.32
CA ASP D 230 -9.16 20.21 54.06
C ASP D 230 -8.94 20.08 55.56
N THR D 231 -8.96 18.83 56.08
CA THR D 231 -8.77 18.61 57.50
C THR D 231 -7.39 19.09 57.92
N PHE D 232 -6.37 18.80 57.10
CA PHE D 232 -5.00 19.17 57.40
C PHE D 232 -4.85 20.68 57.60
N PHE D 233 -5.28 21.46 56.61
CA PHE D 233 -5.14 22.90 56.66
C PHE D 233 -5.99 23.51 57.79
N LYS D 234 -7.15 22.93 58.05
CA LYS D 234 -7.99 23.43 59.14
C LYS D 234 -7.26 23.24 60.47
N ALA D 235 -6.61 22.08 60.63
CA ALA D 235 -5.84 21.80 61.83
C ALA D 235 -4.64 22.73 61.95
N LEU D 236 -3.97 23.01 60.81
CA LEU D 236 -2.83 23.91 60.81
C LEU D 236 -3.26 25.31 61.28
N GLY D 237 -4.41 25.76 60.77
CA GLY D 237 -4.93 27.06 61.16
C GLY D 237 -5.28 27.12 62.64
N ARG D 238 -5.85 26.03 63.15
CA ARG D 238 -6.24 25.97 64.55
C ARG D 238 -5.04 26.14 65.50
N ILE D 239 -3.89 25.54 65.16
CA ILE D 239 -2.71 25.66 66.02
C ILE D 239 -1.87 26.89 65.67
N GLY D 240 -2.30 27.68 64.68
CA GLY D 240 -1.62 28.89 64.28
C GLY D 240 -0.20 28.62 63.78
N TYR D 241 -0.03 27.57 62.96
CA TYR D 241 1.27 27.22 62.39
C TYR D 241 1.75 28.35 61.47
N ASP D 242 3.01 28.76 61.64
CA ASP D 242 3.54 29.88 60.86
C ASP D 242 4.85 29.52 60.14
N GLY D 243 5.17 28.23 60.07
CA GLY D 243 6.36 27.76 59.38
C GLY D 243 6.15 27.63 57.88
N PRO D 244 7.18 27.13 57.17
CA PRO D 244 7.11 26.92 55.73
C PRO D 244 6.16 25.79 55.30
N VAL D 245 5.45 26.04 54.21
CA VAL D 245 4.54 25.09 53.61
C VAL D 245 5.00 24.90 52.19
N VAL D 246 5.67 23.77 51.92
CA VAL D 246 6.35 23.56 50.65
C VAL D 246 5.74 22.42 49.83
N PHE D 247 5.43 22.74 48.58
CA PHE D 247 4.83 21.79 47.64
C PHE D 247 5.87 20.80 47.13
N GLU D 248 5.49 19.53 46.98
CA GLU D 248 6.39 18.50 46.52
C GLU D 248 5.69 17.57 45.52
N SER D 249 6.29 17.40 44.35
CA SER D 249 5.80 16.54 43.28
C SER D 249 7.01 16.17 42.43
N PHE D 250 7.06 14.95 41.90
CA PHE D 250 8.28 14.52 41.20
C PHE D 250 8.01 13.94 39.82
N SER D 251 8.97 14.20 38.90
CA SER D 251 8.92 13.63 37.57
C SER D 251 10.23 12.94 37.25
N SER D 252 10.14 11.72 36.69
CA SER D 252 11.31 11.00 36.22
C SER D 252 11.91 11.72 35.00
N SER D 253 11.13 12.59 34.36
CA SER D 253 11.69 13.33 33.23
C SER D 253 12.58 14.46 33.74
N VAL D 254 12.44 14.83 35.03
CA VAL D 254 13.16 15.98 35.59
C VAL D 254 14.29 15.56 36.53
N VAL D 255 13.96 14.81 37.59
CA VAL D 255 14.94 14.43 38.60
C VAL D 255 15.91 13.40 38.03
N ALA D 256 17.07 13.29 38.66
CA ALA D 256 18.08 12.33 38.24
C ALA D 256 17.54 10.91 38.40
N PRO D 257 17.97 9.99 37.50
CA PRO D 257 17.56 8.59 37.55
C PRO D 257 17.77 7.97 38.93
N ASP D 258 18.82 8.42 39.62
CA ASP D 258 19.13 7.93 40.94
C ASP D 258 18.00 8.22 41.92
N LEU D 259 17.65 9.51 42.08
CA LEU D 259 16.63 9.93 43.03
C LEU D 259 15.23 9.44 42.66
N SER D 260 14.91 9.40 41.36
CA SER D 260 13.60 8.93 40.94
C SER D 260 13.43 7.46 41.28
N ARG D 261 14.54 6.72 41.22
CA ARG D 261 14.54 5.31 41.56
C ARG D 261 14.28 5.15 43.06
N MET D 262 14.91 5.99 43.87
CA MET D 262 14.79 5.91 45.32
C MET D 262 13.35 6.16 45.76
N LEU D 263 12.70 7.17 45.17
CA LEU D 263 11.33 7.50 45.55
C LEU D 263 10.33 6.62 44.80
N GLY D 264 10.81 5.72 43.95
CA GLY D 264 9.92 4.83 43.21
C GLY D 264 9.00 5.54 42.22
N ILE D 265 9.53 6.47 41.43
CA ILE D 265 8.73 7.17 40.43
C ILE D 265 8.67 6.34 39.15
N TRP D 266 7.72 5.42 39.08
CA TRP D 266 7.56 4.57 37.91
C TRP D 266 6.60 5.21 36.91
N ARG D 267 5.84 6.22 37.35
CA ARG D 267 4.85 6.86 36.51
C ARG D 267 5.03 8.36 36.67
N ASN D 268 4.66 9.12 35.64
CA ASN D 268 4.71 10.56 35.72
C ASN D 268 3.27 11.07 35.71
N LEU D 269 2.93 11.84 36.73
CA LEU D 269 1.55 12.31 36.94
C LEU D 269 1.29 13.65 36.25
N TRP D 270 2.29 14.22 35.58
CA TRP D 270 2.17 15.51 34.90
C TRP D 270 3.30 15.69 33.89
N ALA D 271 3.06 16.53 32.87
CA ALA D 271 4.07 16.81 31.85
C ALA D 271 4.56 18.26 31.91
N ASP D 272 3.74 19.18 32.39
CA ASP D 272 4.08 20.59 32.39
C ASP D 272 4.26 21.10 33.82
N ASN D 273 5.51 21.23 34.27
CA ASN D 273 5.77 21.63 35.65
C ASN D 273 5.40 23.09 35.89
N GLU D 274 5.34 23.91 34.83
CA GLU D 274 4.94 25.30 34.99
C GLU D 274 3.49 25.37 35.45
N GLU D 275 2.62 24.64 34.78
CA GLU D 275 1.22 24.65 35.14
C GLU D 275 1.03 23.98 36.51
N LEU D 276 1.80 22.92 36.76
CA LEU D 276 1.71 22.21 38.03
C LEU D 276 2.06 23.14 39.18
N GLY D 277 3.20 23.82 39.05
CA GLY D 277 3.69 24.71 40.10
C GLY D 277 2.72 25.85 40.40
N ALA D 278 2.22 26.50 39.35
CA ALA D 278 1.27 27.58 39.51
C ALA D 278 0.01 27.10 40.20
N HIS D 279 -0.48 25.94 39.80
CA HIS D 279 -1.68 25.36 40.39
C HIS D 279 -1.46 25.05 41.87
N ALA D 280 -0.30 24.46 42.19
CA ALA D 280 0.02 24.12 43.57
C ALA D 280 0.13 25.40 44.41
N ASN D 281 0.76 26.42 43.86
CA ASN D 281 0.94 27.67 44.58
C ASN D 281 -0.44 28.24 44.95
N ALA D 282 -1.35 28.26 43.98
CA ALA D 282 -2.68 28.79 44.19
C ALA D 282 -3.45 27.90 45.15
N PHE D 283 -3.31 26.58 45.01
CA PHE D 283 -4.00 25.62 45.85
C PHE D 283 -3.68 25.88 47.32
N ILE D 284 -2.38 25.98 47.63
CA ILE D 284 -1.93 26.21 48.99
C ILE D 284 -2.37 27.57 49.53
N ARG D 285 -2.08 28.65 48.80
CA ARG D 285 -2.44 29.99 49.27
C ARG D 285 -3.96 30.14 49.42
N ASP D 286 -4.72 29.66 48.44
CA ASP D 286 -6.17 29.80 48.45
C ASP D 286 -6.77 29.01 49.61
N LYS D 287 -6.18 27.85 49.92
CA LYS D 287 -6.67 27.04 51.02
C LYS D 287 -6.43 27.81 52.32
N LEU D 288 -5.26 28.43 52.44
CA LEU D 288 -4.91 29.19 53.62
C LEU D 288 -5.86 30.38 53.79
N THR D 289 -6.19 31.04 52.68
CA THR D 289 -7.08 32.19 52.71
C THR D 289 -8.44 31.77 53.25
N ALA D 290 -8.94 30.65 52.73
CA ALA D 290 -10.23 30.14 53.14
C ALA D 290 -10.22 29.75 54.63
N ILE D 291 -9.18 29.04 55.07
CA ILE D 291 -9.11 28.60 56.47
C ILE D 291 -9.08 29.77 57.44
N LYS D 292 -8.48 30.90 57.06
CA LYS D 292 -8.44 32.09 57.91
C LYS D 292 -9.83 32.66 58.20
N THR D 293 -10.79 32.48 57.30
CA THR D 293 -12.15 32.94 57.53
C THR D 293 -12.95 32.12 58.55
N ILE D 294 -12.52 30.90 58.87
CA ILE D 294 -13.31 30.02 59.72
C ILE D 294 -13.52 30.61 61.12
N GLU D 295 -12.51 31.23 61.71
CA GLU D 295 -12.64 31.76 63.06
C GLU D 295 -13.63 32.93 63.12
N LEU D 296 -13.85 33.58 61.99
CA LEU D 296 -14.78 34.71 61.91
C LEU D 296 -16.24 34.26 61.91
N HIS D 297 -16.51 33.01 61.58
CA HIS D 297 -17.89 32.57 61.40
C HIS D 297 -18.29 31.44 62.37
N MET E 9 49.25 38.91 -14.66
CA MET E 9 48.00 38.82 -13.86
C MET E 9 47.45 37.40 -13.90
N LYS E 10 47.12 36.87 -12.70
CA LYS E 10 46.57 35.54 -12.61
C LYS E 10 45.12 35.62 -12.16
N ILE E 11 44.25 34.92 -12.91
CA ILE E 11 42.84 34.85 -12.59
C ILE E 11 42.69 33.65 -11.68
N GLY E 12 42.17 33.87 -10.47
CA GLY E 12 42.09 32.78 -9.51
C GLY E 12 40.68 32.52 -8.96
N CYS E 13 40.59 31.41 -8.22
CA CYS E 13 39.36 30.98 -7.60
C CYS E 13 39.62 30.59 -6.16
N HIS E 14 38.78 31.09 -5.26
CA HIS E 14 38.88 30.75 -3.85
C HIS E 14 38.49 29.28 -3.70
N GLY E 15 39.19 28.58 -2.81
CA GLY E 15 38.97 27.16 -2.58
C GLY E 15 37.60 26.79 -2.01
N LEU E 16 36.91 27.69 -1.30
CA LEU E 16 35.62 27.40 -0.72
C LEU E 16 34.49 27.30 -1.76
N VAL E 17 34.81 27.56 -3.01
CA VAL E 17 33.87 27.29 -4.08
C VAL E 17 33.69 25.77 -4.22
N TRP E 18 34.77 25.03 -4.00
CA TRP E 18 34.81 23.60 -4.24
C TRP E 18 34.70 22.75 -2.98
N THR E 19 35.41 23.11 -1.91
CA THR E 19 35.37 22.29 -0.70
C THR E 19 35.59 23.13 0.56
N GLY E 20 35.08 22.61 1.68
CA GLY E 20 35.28 23.25 2.97
C GLY E 20 36.33 22.56 3.83
N HIS E 21 36.86 21.43 3.36
CA HIS E 21 37.83 20.66 4.13
C HIS E 21 39.05 20.39 3.25
N PHE E 22 40.18 20.99 3.61
CA PHE E 22 41.35 20.91 2.74
C PHE E 22 42.30 19.79 3.18
N ASP E 23 41.84 18.55 3.09
CA ASP E 23 42.69 17.39 3.27
C ASP E 23 43.27 16.98 1.92
N ALA E 24 43.86 15.77 1.85
CA ALA E 24 44.45 15.33 0.59
C ALA E 24 43.39 15.37 -0.51
N GLU E 25 42.22 14.79 -0.25
CA GLU E 25 41.16 14.71 -1.23
C GLU E 25 40.66 16.11 -1.58
N GLY E 26 40.44 16.94 -0.56
CA GLY E 26 39.96 18.29 -0.75
C GLY E 26 40.89 19.11 -1.62
N ILE E 27 42.20 19.03 -1.34
CA ILE E 27 43.19 19.75 -2.11
C ILE E 27 43.16 19.33 -3.57
N ARG E 28 43.17 18.01 -3.82
CA ARG E 28 43.18 17.52 -5.19
C ARG E 28 41.89 17.91 -5.90
N TYR E 29 40.77 17.82 -5.18
CA TYR E 29 39.47 18.14 -5.76
C TYR E 29 39.39 19.62 -6.15
N SER E 30 39.74 20.51 -5.21
CA SER E 30 39.67 21.95 -5.46
C SER E 30 40.59 22.39 -6.59
N VAL E 31 41.81 21.83 -6.61
CA VAL E 31 42.79 22.17 -7.63
C VAL E 31 42.27 21.75 -9.01
N GLN E 32 41.76 20.53 -9.10
CA GLN E 32 41.27 20.00 -10.36
C GLN E 32 40.07 20.81 -10.87
N LYS E 33 39.12 21.10 -9.98
CA LYS E 33 37.93 21.82 -10.37
C LYS E 33 38.28 23.24 -10.82
N THR E 34 39.24 23.85 -10.13
CA THR E 34 39.69 25.19 -10.48
C THR E 34 40.24 25.22 -11.90
N ARG E 35 41.06 24.22 -12.25
CA ARG E 35 41.65 24.14 -13.57
C ARG E 35 40.55 23.94 -14.62
N GLU E 36 39.61 23.04 -14.31
CA GLU E 36 38.56 22.70 -15.24
C GLU E 36 37.65 23.92 -15.47
N ALA E 37 37.50 24.79 -14.47
CA ALA E 37 36.68 25.98 -14.58
C ALA E 37 37.37 27.06 -15.41
N GLY E 38 38.66 26.86 -15.73
CA GLY E 38 39.37 27.76 -16.62
C GLY E 38 40.31 28.73 -15.90
N PHE E 39 40.41 28.62 -14.56
CA PHE E 39 41.24 29.53 -13.78
C PHE E 39 42.75 29.25 -13.94
N ASP E 40 43.56 30.26 -13.55
CA ASP E 40 45.01 30.18 -13.57
C ASP E 40 45.53 29.74 -12.21
N LEU E 41 44.80 30.13 -11.15
CA LEU E 41 45.29 29.94 -9.80
C LEU E 41 44.18 29.60 -8.82
N VAL E 42 44.57 28.86 -7.76
CA VAL E 42 43.65 28.51 -6.69
C VAL E 42 44.17 29.18 -5.43
N GLU E 43 43.27 29.75 -4.62
CA GLU E 43 43.66 30.36 -3.38
C GLU E 43 43.26 29.40 -2.26
N PHE E 44 44.26 28.85 -1.58
CA PHE E 44 44.00 27.92 -0.50
C PHE E 44 43.68 28.68 0.78
N PRO E 45 42.50 28.46 1.38
CA PRO E 45 42.25 29.01 2.71
C PRO E 45 42.97 28.15 3.74
N LEU E 46 44.01 28.71 4.35
CA LEU E 46 44.78 27.97 5.35
C LEU E 46 44.34 28.33 6.77
N MET E 47 43.20 27.82 7.21
CA MET E 47 42.79 28.14 8.58
C MET E 47 43.71 27.40 9.58
N ASP E 48 44.27 26.26 9.17
CA ASP E 48 45.22 25.53 10.01
C ASP E 48 46.47 25.20 9.20
N PRO E 49 47.41 26.16 9.09
CA PRO E 49 48.62 25.99 8.29
C PRO E 49 49.55 24.89 8.77
N PHE E 50 49.50 24.55 10.06
CA PHE E 50 50.37 23.51 10.60
C PHE E 50 50.05 22.13 10.04
N SER E 51 48.79 21.86 9.69
CA SER E 51 48.41 20.55 9.19
C SER E 51 48.25 20.49 7.67
N PHE E 52 48.38 21.62 6.96
CA PHE E 52 48.14 21.64 5.54
C PHE E 52 49.09 20.68 4.82
N ASP E 53 48.51 19.81 3.99
CA ASP E 53 49.28 18.80 3.28
C ASP E 53 49.96 19.42 2.07
N VAL E 54 51.14 19.99 2.31
CA VAL E 54 51.88 20.71 1.28
C VAL E 54 52.27 19.80 0.12
N GLN E 55 52.71 18.57 0.42
CA GLN E 55 53.19 17.68 -0.61
C GLN E 55 52.10 17.33 -1.60
N THR E 56 50.89 17.08 -1.10
CA THR E 56 49.77 16.79 -1.97
C THR E 56 49.44 18.00 -2.84
N ALA E 57 49.50 19.18 -2.22
CA ALA E 57 49.20 20.44 -2.91
C ALA E 57 50.17 20.64 -4.06
N LYS E 58 51.46 20.43 -3.80
CA LYS E 58 52.47 20.59 -4.84
C LYS E 58 52.20 19.62 -5.99
N SER E 59 51.87 18.38 -5.64
CA SER E 59 51.59 17.34 -6.62
C SER E 59 50.41 17.75 -7.51
N ALA E 60 49.32 18.15 -6.87
CA ALA E 60 48.12 18.54 -7.59
C ALA E 60 48.38 19.75 -8.49
N LEU E 61 49.04 20.78 -7.97
CA LEU E 61 49.32 22.00 -8.73
C LEU E 61 50.15 21.66 -9.97
N ALA E 62 51.19 20.83 -9.80
CA ALA E 62 52.06 20.43 -10.90
C ALA E 62 51.28 19.67 -11.96
N GLU E 63 50.45 18.72 -11.53
CA GLU E 63 49.68 17.90 -12.44
C GLU E 63 48.75 18.75 -13.29
N HIS E 64 48.16 19.80 -12.68
CA HIS E 64 47.22 20.64 -13.41
C HIS E 64 47.84 21.94 -13.91
N GLY E 65 49.16 22.11 -13.73
CA GLY E 65 49.86 23.30 -14.18
C GLY E 65 49.19 24.57 -13.65
N LEU E 66 48.90 24.56 -12.34
CA LEU E 66 48.17 25.65 -11.72
C LEU E 66 49.04 26.38 -10.70
N ALA E 67 48.87 27.70 -10.61
CA ALA E 67 49.53 28.51 -9.59
C ALA E 67 48.68 28.46 -8.32
N ALA E 68 49.29 28.87 -7.21
CA ALA E 68 48.60 28.89 -5.94
C ALA E 68 49.00 30.09 -5.06
N SER E 69 48.03 30.44 -4.20
CA SER E 69 48.19 31.46 -3.16
C SER E 69 47.47 30.98 -1.91
N ALA E 70 47.63 31.69 -0.81
CA ALA E 70 46.95 31.32 0.42
C ALA E 70 46.43 32.54 1.19
N SER E 71 45.32 32.32 1.89
CA SER E 71 44.62 33.35 2.62
C SER E 71 44.21 32.71 3.93
N LEU E 72 44.02 33.56 4.95
CA LEU E 72 43.69 33.06 6.27
C LEU E 72 43.08 34.20 7.07
N GLY E 73 42.21 33.84 7.99
CA GLY E 73 41.64 34.77 8.94
C GLY E 73 41.97 34.33 10.36
N LEU E 74 42.45 35.29 11.16
CA LEU E 74 42.76 35.01 12.56
C LEU E 74 41.50 34.91 13.41
N SER E 75 41.67 34.37 14.61
CA SER E 75 40.58 34.21 15.56
C SER E 75 40.96 34.86 16.88
N ASP E 76 40.13 34.66 17.91
CA ASP E 76 40.37 35.21 19.23
C ASP E 76 41.70 34.72 19.83
N ALA E 77 42.03 33.45 19.63
CA ALA E 77 43.26 32.91 20.20
C ALA E 77 44.48 33.47 19.48
N THR E 78 44.31 33.93 18.24
CA THR E 78 45.43 34.41 17.46
C THR E 78 45.24 35.85 17.01
N ASP E 79 44.53 36.64 17.82
CA ASP E 79 44.24 38.01 17.46
C ASP E 79 45.46 38.90 17.73
N VAL E 80 46.15 39.30 16.66
CA VAL E 80 47.36 40.09 16.78
C VAL E 80 47.06 41.54 17.18
N SER E 81 45.78 41.93 17.20
CA SER E 81 45.40 43.27 17.60
C SER E 81 45.06 43.29 19.09
N SER E 82 45.29 42.16 19.77
CA SER E 82 45.01 42.02 21.19
C SER E 82 46.08 42.75 22.03
N GLU E 83 45.72 43.08 23.27
CA GLU E 83 46.69 43.71 24.18
C GLU E 83 47.52 42.66 24.93
N ASP E 84 47.10 41.40 24.83
CA ASP E 84 47.75 40.28 25.45
C ASP E 84 48.87 39.83 24.53
N PRO E 85 50.14 39.94 24.96
CA PRO E 85 51.28 39.59 24.12
C PRO E 85 51.28 38.12 23.75
N ALA E 86 50.75 37.28 24.64
CA ALA E 86 50.67 35.84 24.41
C ALA E 86 49.79 35.57 23.19
N VAL E 87 48.63 36.22 23.15
CA VAL E 87 47.69 36.05 22.05
C VAL E 87 48.32 36.56 20.76
N VAL E 88 49.00 37.70 20.84
CA VAL E 88 49.64 38.27 19.66
C VAL E 88 50.72 37.33 19.16
N LYS E 89 51.50 36.78 20.10
CA LYS E 89 52.59 35.88 19.74
C LYS E 89 52.04 34.66 19.04
N ALA E 90 50.92 34.13 19.53
CA ALA E 90 50.29 32.98 18.91
C ALA E 90 49.89 33.30 17.47
N GLY E 91 49.29 34.47 17.27
CA GLY E 91 48.87 34.88 15.95
C GLY E 91 50.07 35.01 15.02
N GLU E 92 51.16 35.59 15.55
CA GLU E 92 52.36 35.79 14.76
C GLU E 92 52.90 34.43 14.32
N GLU E 93 52.90 33.46 15.25
CA GLU E 93 53.40 32.11 14.95
C GLU E 93 52.57 31.45 13.86
N LEU E 94 51.24 31.57 13.97
CA LEU E 94 50.33 31.02 12.98
C LEU E 94 50.62 31.64 11.61
N LEU E 95 50.78 32.96 11.58
CA LEU E 95 51.04 33.69 10.34
C LEU E 95 52.37 33.25 9.74
N ASN E 96 53.37 33.07 10.61
CA ASN E 96 54.69 32.65 10.17
C ASN E 96 54.61 31.29 9.49
N ARG E 97 53.84 30.37 10.10
CA ARG E 97 53.68 29.03 9.56
C ARG E 97 53.01 29.10 8.20
N ALA E 98 52.04 30.01 8.06
CA ALA E 98 51.33 30.19 6.81
C ALA E 98 52.32 30.60 5.74
N VAL E 99 53.22 31.52 6.08
CA VAL E 99 54.23 32.00 5.15
C VAL E 99 55.16 30.85 4.77
N ASP E 100 55.48 29.99 5.74
CA ASP E 100 56.34 28.84 5.48
C ASP E 100 55.67 27.87 4.51
N VAL E 101 54.35 27.72 4.62
CA VAL E 101 53.60 26.84 3.74
C VAL E 101 53.68 27.35 2.31
N LEU E 102 53.53 28.65 2.13
CA LEU E 102 53.60 29.21 0.80
C LEU E 102 55.00 29.02 0.23
N ALA E 103 56.00 29.18 1.09
CA ALA E 103 57.40 29.04 0.71
C ALA E 103 57.65 27.62 0.22
N GLU E 104 57.12 26.63 0.94
CA GLU E 104 57.29 25.24 0.57
C GLU E 104 56.60 24.98 -0.76
N LEU E 105 55.46 25.63 -0.98
CA LEU E 105 54.71 25.46 -2.22
C LEU E 105 55.36 26.23 -3.36
N GLY E 106 56.22 27.20 -3.04
CA GLY E 106 56.81 28.04 -4.07
C GLY E 106 55.86 29.16 -4.48
N ALA E 107 54.85 29.40 -3.64
CA ALA E 107 53.85 30.42 -3.91
C ALA E 107 54.36 31.75 -3.38
N THR E 108 53.97 32.85 -4.03
CA THR E 108 54.46 34.18 -3.64
C THR E 108 53.42 35.08 -2.98
N ASP E 109 52.17 34.64 -2.78
CA ASP E 109 51.17 35.56 -2.24
C ASP E 109 50.43 35.04 -1.01
N PHE E 110 50.57 35.79 0.09
CA PHE E 110 49.84 35.57 1.32
C PHE E 110 48.91 36.76 1.53
N CYS E 111 47.68 36.52 2.01
CA CYS E 111 46.72 37.61 2.20
C CYS E 111 45.61 37.18 3.15
N GLY E 112 44.72 38.12 3.44
CA GLY E 112 43.54 37.87 4.25
C GLY E 112 43.55 38.75 5.48
N VAL E 113 42.76 38.33 6.47
CA VAL E 113 42.53 39.13 7.65
C VAL E 113 43.56 38.71 8.69
N ILE E 114 44.75 39.31 8.58
CA ILE E 114 45.93 38.87 9.30
C ILE E 114 46.38 39.93 10.31
N TYR E 115 45.62 41.02 10.43
CA TYR E 115 45.93 42.17 11.26
C TYR E 115 44.99 42.24 12.47
N SER E 116 43.99 41.34 12.51
CA SER E 116 43.03 41.26 13.60
C SER E 116 42.35 39.90 13.54
N ALA E 117 41.44 39.62 14.47
CA ALA E 117 40.57 38.47 14.33
C ALA E 117 39.55 38.78 13.26
N MET E 118 39.04 37.72 12.61
CA MET E 118 38.04 37.88 11.59
C MET E 118 36.71 37.50 12.21
N LYS E 119 35.98 38.52 12.67
CA LYS E 119 34.83 38.32 13.52
C LYS E 119 34.08 39.64 13.75
N LYS E 120 32.91 39.50 14.37
CA LYS E 120 32.16 40.66 14.81
C LYS E 120 32.64 41.05 16.22
N TYR E 121 33.55 42.02 16.29
CA TYR E 121 33.96 42.58 17.56
C TYR E 121 32.78 43.24 18.26
N MET E 122 32.86 43.28 19.60
CA MET E 122 31.88 43.89 20.46
C MET E 122 32.52 45.05 21.24
N GLU E 123 33.74 45.44 20.84
CA GLU E 123 34.52 46.47 21.51
C GLU E 123 35.37 47.13 20.45
N PRO E 124 35.62 48.46 20.48
CA PRO E 124 36.40 49.11 19.44
C PRO E 124 37.86 48.67 19.52
N ALA E 125 38.62 48.93 18.47
CA ALA E 125 40.05 48.64 18.54
C ALA E 125 40.66 49.62 19.52
N THR E 126 41.87 49.28 19.98
CA THR E 126 42.55 50.04 20.99
C THR E 126 43.91 50.42 20.43
N ALA E 127 44.46 51.55 20.89
CA ALA E 127 45.67 52.09 20.28
C ALA E 127 46.83 51.12 20.53
N ALA E 128 46.89 50.57 21.74
CA ALA E 128 47.87 49.55 22.14
C ALA E 128 47.73 48.29 21.26
N GLY E 129 46.50 47.84 21.07
CA GLY E 129 46.22 46.68 20.23
C GLY E 129 46.70 46.90 18.80
N LEU E 130 46.45 48.09 18.29
CA LEU E 130 46.79 48.38 16.91
C LEU E 130 48.31 48.36 16.75
N ALA E 131 49.02 48.91 17.75
CA ALA E 131 50.48 48.96 17.74
C ALA E 131 51.06 47.55 17.77
N ASN E 132 50.44 46.66 18.55
CA ASN E 132 50.80 45.25 18.53
C ASN E 132 50.56 44.63 17.15
N SER E 133 49.43 44.93 16.51
CA SER E 133 49.12 44.36 15.21
C SER E 133 50.21 44.74 14.20
N LYS E 134 50.51 46.04 14.11
CA LYS E 134 51.47 46.53 13.12
C LYS E 134 52.86 45.92 13.32
N ALA E 135 53.31 45.82 14.57
CA ALA E 135 54.64 45.29 14.85
C ALA E 135 54.71 43.83 14.40
N ALA E 136 53.69 43.05 14.76
CA ALA E 136 53.64 41.66 14.37
C ALA E 136 53.64 41.53 12.84
N VAL E 137 52.80 42.32 12.18
CA VAL E 137 52.63 42.20 10.75
C VAL E 137 53.93 42.61 10.09
N GLY E 138 54.59 43.62 10.69
CA GLY E 138 55.88 44.08 10.18
C GLY E 138 56.93 42.97 10.19
N ARG E 139 56.99 42.23 11.31
CA ARG E 139 57.96 41.15 11.46
C ARG E 139 57.62 40.01 10.50
N VAL E 140 56.33 39.69 10.36
CA VAL E 140 55.85 38.66 9.46
C VAL E 140 56.19 39.03 8.01
N ALA E 141 56.08 40.32 7.68
CA ALA E 141 56.40 40.78 6.33
C ALA E 141 57.89 40.64 6.05
N ASP E 142 58.72 40.99 7.04
CA ASP E 142 60.17 40.93 6.87
C ASP E 142 60.58 39.47 6.64
N ARG E 143 59.99 38.57 7.42
CA ARG E 143 60.27 37.14 7.27
C ARG E 143 59.85 36.67 5.89
N ALA E 144 58.65 37.07 5.46
CA ALA E 144 58.16 36.75 4.14
C ALA E 144 59.02 37.34 3.01
N SER E 145 59.50 38.58 3.21
CA SER E 145 60.37 39.25 2.25
C SER E 145 61.60 38.40 1.91
N ASP E 146 62.23 37.80 2.93
CA ASP E 146 63.43 37.01 2.75
C ASP E 146 63.12 35.78 1.89
N LEU E 147 61.86 35.31 1.96
CA LEU E 147 61.43 34.12 1.24
C LEU E 147 60.81 34.50 -0.11
N GLY E 148 60.84 35.80 -0.45
CA GLY E 148 60.26 36.30 -1.68
C GLY E 148 58.74 36.23 -1.71
N ILE E 149 58.10 36.37 -0.53
CA ILE E 149 56.64 36.28 -0.38
C ILE E 149 56.06 37.69 -0.14
N ASN E 150 55.01 38.03 -0.89
CA ASN E 150 54.25 39.25 -0.67
C ASN E 150 53.14 38.99 0.35
N VAL E 151 52.89 39.97 1.23
CA VAL E 151 51.88 39.90 2.28
C VAL E 151 50.90 41.05 2.05
N SER E 152 49.61 40.74 1.94
CA SER E 152 48.59 41.73 1.62
C SER E 152 47.46 41.67 2.63
N LEU E 153 47.08 42.81 3.19
CA LEU E 153 46.04 42.88 4.22
C LEU E 153 44.69 43.04 3.54
N GLU E 154 43.76 42.09 3.79
CA GLU E 154 42.44 42.17 3.20
C GLU E 154 41.59 43.12 4.05
N VAL E 155 41.16 44.20 3.41
CA VAL E 155 40.22 45.14 4.01
C VAL E 155 38.84 44.51 4.03
N VAL E 156 38.21 44.38 5.20
CA VAL E 156 36.90 43.73 5.28
C VAL E 156 35.95 44.60 6.09
N ASN E 157 34.66 44.25 6.02
CA ASN E 157 33.60 45.09 6.53
C ASN E 157 33.56 45.05 8.05
N ARG E 158 32.72 45.94 8.60
CA ARG E 158 32.68 46.25 10.02
C ARG E 158 32.32 45.04 10.87
N TYR E 159 31.68 44.05 10.25
CA TYR E 159 31.19 42.88 10.96
C TYR E 159 32.29 41.83 11.03
N GLU E 160 33.40 42.03 10.32
CA GLU E 160 34.48 41.05 10.27
C GLU E 160 35.82 41.60 10.77
N THR E 161 35.95 42.91 10.94
CA THR E 161 37.04 43.49 11.70
C THR E 161 36.62 44.85 12.22
N ASN E 162 37.29 45.31 13.28
CA ASN E 162 37.10 46.66 13.77
C ASN E 162 38.36 47.48 13.51
N VAL E 163 39.24 46.99 12.62
CA VAL E 163 40.48 47.67 12.33
C VAL E 163 40.42 48.27 10.93
N LEU E 164 40.55 47.44 9.88
CA LEU E 164 40.73 47.98 8.55
C LEU E 164 39.45 47.74 7.74
N ASN E 165 38.57 48.77 7.68
CA ASN E 165 37.30 48.64 6.98
C ASN E 165 37.33 49.34 5.61
N THR E 166 38.32 50.18 5.35
CA THR E 166 38.43 50.90 4.08
C THR E 166 39.89 50.87 3.58
N GLY E 167 40.07 51.02 2.26
CA GLY E 167 41.40 51.14 1.66
C GLY E 167 42.20 52.26 2.30
N ARG E 168 41.51 53.38 2.63
CA ARG E 168 42.14 54.54 3.27
C ARG E 168 42.78 54.13 4.58
N GLN E 169 42.01 53.40 5.41
CA GLN E 169 42.51 52.98 6.71
C GLN E 169 43.73 52.08 6.52
N ALA E 170 43.69 51.23 5.47
CA ALA E 170 44.78 50.30 5.25
C ALA E 170 46.05 51.06 4.86
N LEU E 171 45.91 52.11 4.06
CA LEU E 171 47.04 52.94 3.69
C LEU E 171 47.69 53.55 4.92
N ALA E 172 46.90 54.09 5.83
CA ALA E 172 47.46 54.69 7.03
C ALA E 172 48.17 53.63 7.90
N TYR E 173 47.62 52.40 7.95
CA TYR E 173 48.23 51.33 8.71
C TYR E 173 49.61 50.97 8.13
N LEU E 174 49.69 50.86 6.80
CA LEU E 174 50.94 50.56 6.10
C LEU E 174 51.94 51.71 6.15
N GLU E 175 51.49 52.97 6.27
CA GLU E 175 52.35 54.12 6.13
C GLU E 175 53.52 54.01 7.11
N GLU E 176 53.17 53.66 8.35
CA GLU E 176 54.11 53.55 9.44
C GLU E 176 55.16 52.49 9.11
N LEU E 177 54.68 51.31 8.74
CA LEU E 177 55.54 50.15 8.55
C LEU E 177 56.43 50.31 7.33
N ASN E 178 55.92 50.97 6.29
CA ASN E 178 56.66 51.20 5.06
C ASN E 178 57.49 49.97 4.67
N ARG E 179 56.81 48.84 4.41
CA ARG E 179 57.46 47.63 3.93
C ARG E 179 57.23 47.45 2.43
N PRO E 180 58.25 47.11 1.61
CA PRO E 180 58.07 47.03 0.16
C PRO E 180 57.30 45.80 -0.34
N ASN E 181 57.16 44.75 0.48
CA ASN E 181 56.42 43.55 0.11
C ASN E 181 55.06 43.52 0.82
N LEU E 182 54.74 44.57 1.59
CA LEU E 182 53.48 44.65 2.31
C LEU E 182 52.49 45.47 1.46
N GLY E 183 51.30 44.92 1.24
CA GLY E 183 50.35 45.56 0.36
C GLY E 183 48.92 45.52 0.90
N ILE E 184 47.98 45.95 0.04
CA ILE E 184 46.57 46.03 0.38
C ILE E 184 45.82 45.09 -0.55
N HIS E 185 44.84 44.41 0.04
CA HIS E 185 44.00 43.45 -0.65
C HIS E 185 42.56 43.94 -0.53
N LEU E 186 41.96 44.30 -1.67
CA LEU E 186 40.58 44.80 -1.72
C LEU E 186 39.68 43.68 -2.24
N ASP E 187 38.45 43.65 -1.70
CA ASP E 187 37.43 42.68 -2.00
C ASP E 187 36.13 43.43 -2.33
N THR E 188 35.58 43.21 -3.53
CA THR E 188 34.44 44.01 -3.96
C THR E 188 33.25 43.86 -3.02
N TYR E 189 33.12 42.69 -2.38
CA TYR E 189 32.03 42.41 -1.47
C TYR E 189 32.10 43.36 -0.28
N HIS E 190 33.30 43.46 0.30
CA HIS E 190 33.56 44.30 1.45
C HIS E 190 33.45 45.78 1.08
N MET E 191 34.00 46.13 -0.10
CA MET E 191 34.01 47.49 -0.64
C MET E 191 32.57 47.99 -0.80
N ASN E 192 31.71 47.07 -1.20
CA ASN E 192 30.32 47.37 -1.49
C ASN E 192 29.63 47.95 -0.27
N ILE E 193 30.11 47.55 0.92
CA ILE E 193 29.52 48.00 2.16
C ILE E 193 30.18 49.31 2.60
N GLU E 194 31.51 49.34 2.62
CA GLU E 194 32.21 50.34 3.41
C GLU E 194 32.68 51.55 2.60
N GLU E 195 32.94 51.37 1.30
CA GLU E 195 33.62 52.40 0.53
C GLU E 195 32.60 53.40 -0.05
N SER E 196 33.11 54.59 -0.43
CA SER E 196 32.29 55.66 -0.95
C SER E 196 31.82 55.29 -2.35
N ASP E 197 32.62 54.45 -3.03
CA ASP E 197 32.41 54.04 -4.40
C ASP E 197 33.51 53.04 -4.79
N MET E 198 33.47 52.52 -6.02
CA MET E 198 34.37 51.45 -6.40
C MET E 198 35.61 51.95 -7.15
N PHE E 199 35.77 53.28 -7.40
CA PHE E 199 36.97 53.76 -8.07
C PHE E 199 37.99 54.41 -7.12
N SER E 200 37.51 55.22 -6.16
CA SER E 200 38.35 56.00 -5.26
C SER E 200 39.34 55.08 -4.56
N PRO E 201 38.89 53.93 -4.01
CA PRO E 201 39.79 53.04 -3.27
C PRO E 201 40.91 52.51 -4.15
N ILE E 202 40.59 52.19 -5.41
CA ILE E 202 41.61 51.69 -6.32
C ILE E 202 42.62 52.83 -6.56
N LEU E 203 42.10 54.00 -6.92
CA LEU E 203 42.93 55.15 -7.23
C LEU E 203 43.84 55.51 -6.06
N ASP E 204 43.31 55.52 -4.83
CA ASP E 204 44.05 55.97 -3.66
C ASP E 204 45.16 54.99 -3.31
N THR E 205 44.89 53.69 -3.47
CA THR E 205 45.79 52.66 -3.02
C THR E 205 46.53 52.05 -4.18
N ALA E 206 46.65 52.77 -5.30
CA ALA E 206 47.20 52.18 -6.51
C ALA E 206 48.59 51.58 -6.29
N GLU E 207 49.50 52.29 -5.62
CA GLU E 207 50.86 51.78 -5.45
C GLU E 207 50.88 50.52 -4.57
N ALA E 208 50.04 50.48 -3.55
CA ALA E 208 50.04 49.42 -2.56
C ALA E 208 49.00 48.31 -2.84
N LEU E 209 48.21 48.41 -3.91
CA LEU E 209 47.20 47.42 -4.17
C LEU E 209 47.85 46.19 -4.80
N ARG E 210 47.80 45.04 -4.10
CA ARG E 210 48.53 43.86 -4.53
C ARG E 210 47.65 42.62 -4.73
N TYR E 211 46.40 42.63 -4.27
CA TYR E 211 45.56 41.44 -4.33
C TYR E 211 44.11 41.89 -4.41
N VAL E 212 43.30 41.17 -5.21
CA VAL E 212 41.89 41.51 -5.41
C VAL E 212 40.99 40.26 -5.27
N HIS E 213 39.88 40.44 -4.54
CA HIS E 213 38.80 39.47 -4.48
C HIS E 213 37.60 40.02 -5.25
N ILE E 214 37.03 39.17 -6.09
CA ILE E 214 35.85 39.47 -6.88
C ILE E 214 34.68 38.69 -6.27
N GLY E 215 33.84 39.43 -5.56
CA GLY E 215 32.68 38.87 -4.89
C GLY E 215 31.45 39.76 -5.05
N GLU E 216 30.31 39.12 -5.34
CA GLU E 216 29.02 39.77 -5.47
C GLU E 216 28.52 40.21 -4.10
N SER E 217 27.47 41.03 -4.09
CA SER E 217 27.07 41.71 -2.86
C SER E 217 26.70 40.69 -1.78
N HIS E 218 26.07 39.59 -2.24
CA HIS E 218 25.64 38.50 -1.40
C HIS E 218 26.57 37.28 -1.51
N ARG E 219 27.72 37.42 -2.18
CA ARG E 219 28.76 36.39 -2.31
C ARG E 219 28.27 35.18 -3.13
N GLY E 220 27.29 35.39 -4.02
CA GLY E 220 26.94 34.34 -4.97
C GLY E 220 27.43 34.64 -6.38
N TYR E 221 26.57 34.31 -7.37
CA TYR E 221 26.88 34.44 -8.78
C TYR E 221 27.27 35.87 -9.11
N LEU E 222 28.31 36.05 -9.92
CA LEU E 222 28.70 37.38 -10.36
C LEU E 222 27.63 37.94 -11.28
N GLY E 223 27.18 39.14 -10.91
CA GLY E 223 26.19 39.87 -11.69
C GLY E 223 24.75 39.65 -11.23
N THR E 224 24.55 39.01 -10.05
CA THR E 224 23.20 38.70 -9.56
C THR E 224 22.89 39.45 -8.26
N GLY E 225 23.74 40.42 -7.94
CA GLY E 225 23.60 41.31 -6.79
C GLY E 225 23.87 42.73 -7.24
N SER E 226 24.36 43.58 -6.34
CA SER E 226 24.36 45.02 -6.53
C SER E 226 25.77 45.60 -6.60
N VAL E 227 26.80 44.75 -6.72
CA VAL E 227 28.17 45.26 -6.79
C VAL E 227 28.38 45.92 -8.14
N ASP E 228 28.92 47.14 -8.12
CA ASP E 228 29.32 47.87 -9.33
C ASP E 228 30.70 47.37 -9.82
N PHE E 229 30.69 46.21 -10.47
CA PHE E 229 31.88 45.64 -11.10
C PHE E 229 32.41 46.53 -12.22
N ASP E 230 31.53 47.20 -12.94
CA ASP E 230 31.98 47.98 -14.08
C ASP E 230 32.92 49.09 -13.63
N THR E 231 32.52 49.89 -12.64
CA THR E 231 33.39 50.93 -12.12
C THR E 231 34.67 50.31 -11.59
N PHE E 232 34.55 49.23 -10.80
CA PHE E 232 35.71 48.58 -10.21
C PHE E 232 36.73 48.21 -11.29
N PHE E 233 36.32 47.47 -12.35
CA PHE E 233 37.24 47.00 -13.38
C PHE E 233 37.82 48.16 -14.19
N LYS E 234 37.01 49.20 -14.44
CA LYS E 234 37.49 50.36 -15.19
C LYS E 234 38.63 51.03 -14.43
N ALA E 235 38.49 51.10 -13.10
CA ALA E 235 39.50 51.72 -12.26
C ALA E 235 40.78 50.86 -12.13
N LEU E 236 40.63 49.54 -11.90
CA LEU E 236 41.78 48.62 -12.03
C LEU E 236 42.56 48.91 -13.32
N GLY E 237 41.87 48.97 -14.47
CA GLY E 237 42.51 49.26 -15.76
C GLY E 237 43.25 50.61 -15.79
N ARG E 238 42.67 51.63 -15.16
CA ARG E 238 43.24 52.96 -15.17
C ARG E 238 44.62 52.95 -14.53
N ILE E 239 44.76 52.26 -13.39
CA ILE E 239 46.00 52.22 -12.64
C ILE E 239 46.93 51.10 -13.12
N GLY E 240 46.60 50.38 -14.20
CA GLY E 240 47.45 49.30 -14.70
C GLY E 240 47.65 48.16 -13.69
N TYR E 241 46.65 47.82 -12.87
CA TYR E 241 46.79 46.72 -11.93
C TYR E 241 47.19 45.43 -12.63
N ASP E 242 48.16 44.70 -12.06
CA ASP E 242 48.62 43.42 -12.61
C ASP E 242 48.79 42.29 -11.59
N GLY E 243 48.25 42.41 -10.37
CA GLY E 243 48.29 41.32 -9.39
C GLY E 243 47.15 40.31 -9.56
N PRO E 244 47.01 39.36 -8.61
CA PRO E 244 45.93 38.38 -8.68
C PRO E 244 44.53 38.97 -8.61
N VAL E 245 43.64 38.35 -9.36
CA VAL E 245 42.22 38.70 -9.38
C VAL E 245 41.50 37.38 -9.18
N VAL E 246 40.88 37.24 -8.01
CA VAL E 246 40.44 35.94 -7.52
C VAL E 246 38.95 36.00 -7.20
N PHE E 247 38.20 35.11 -7.86
CA PHE E 247 36.79 34.87 -7.53
C PHE E 247 36.64 34.29 -6.14
N GLU E 248 35.66 34.82 -5.39
CA GLU E 248 35.37 34.35 -4.05
C GLU E 248 33.84 34.29 -3.96
N SER E 249 33.34 33.12 -3.52
CA SER E 249 31.92 32.88 -3.42
C SER E 249 31.65 31.86 -2.32
N PHE E 250 30.54 32.04 -1.59
CA PHE E 250 30.20 31.18 -0.48
C PHE E 250 28.71 30.83 -0.54
N SER E 251 28.42 29.56 -0.31
CA SER E 251 27.07 29.00 -0.29
C SER E 251 26.99 27.87 0.74
N SER E 252 25.77 27.67 1.29
CA SER E 252 25.48 26.59 2.22
C SER E 252 25.73 25.23 1.56
N SER E 253 25.83 25.18 0.24
CA SER E 253 26.09 23.90 -0.38
C SER E 253 27.55 23.47 -0.18
N VAL E 254 28.45 24.39 0.17
CA VAL E 254 29.81 23.97 0.46
C VAL E 254 30.25 24.60 1.77
N VAL E 255 30.42 23.75 2.79
CA VAL E 255 30.56 24.22 4.17
C VAL E 255 31.97 23.89 4.68
N ALA E 256 32.60 24.93 5.26
CA ALA E 256 33.79 24.77 6.07
C ALA E 256 33.36 25.00 7.51
N PRO E 257 33.62 24.01 8.41
CA PRO E 257 32.96 23.98 9.71
C PRO E 257 33.17 25.24 10.55
N ASP E 258 34.34 25.90 10.42
CA ASP E 258 34.59 27.13 11.15
C ASP E 258 34.29 28.34 10.27
N LEU E 259 34.91 28.38 9.08
CA LEU E 259 34.89 29.56 8.21
C LEU E 259 33.48 29.98 7.82
N SER E 260 32.66 29.01 7.40
CA SER E 260 31.31 29.30 6.95
C SER E 260 30.48 29.95 8.06
N ARG E 261 30.72 29.55 9.31
CA ARG E 261 29.98 30.10 10.46
C ARG E 261 30.45 31.52 10.70
N MET E 262 31.76 31.68 10.67
CA MET E 262 32.38 32.96 10.94
C MET E 262 31.91 33.98 9.92
N LEU E 263 31.61 33.56 8.67
CA LEU E 263 31.29 34.51 7.61
C LEU E 263 29.78 34.66 7.47
N GLY E 264 29.02 33.89 8.25
CA GLY E 264 27.58 34.03 8.28
C GLY E 264 26.92 33.56 6.98
N ILE E 265 27.39 32.41 6.48
CA ILE E 265 26.86 31.85 5.25
C ILE E 265 25.66 31.00 5.61
N TRP E 266 24.51 31.65 5.72
CA TRP E 266 23.31 30.97 6.16
C TRP E 266 22.55 30.35 5.00
N ARG E 267 22.75 30.91 3.80
CA ARG E 267 21.82 30.77 2.68
C ARG E 267 22.46 29.96 1.58
N ASN E 268 21.60 29.33 0.78
CA ASN E 268 21.93 28.77 -0.53
C ASN E 268 22.02 29.88 -1.59
N LEU E 269 23.21 30.15 -2.14
CA LEU E 269 23.36 31.05 -3.30
C LEU E 269 23.67 30.28 -4.60
N TRP E 270 23.82 28.96 -4.50
CA TRP E 270 24.16 28.09 -5.62
C TRP E 270 24.34 26.66 -5.09
N ALA E 271 23.86 25.68 -5.87
CA ALA E 271 24.10 24.26 -5.62
C ALA E 271 25.16 23.69 -6.58
N ASP E 272 25.38 24.31 -7.75
CA ASP E 272 26.20 23.73 -8.78
C ASP E 272 27.47 24.56 -8.93
N ASN E 273 28.55 24.10 -8.30
CA ASN E 273 29.75 24.92 -8.25
C ASN E 273 30.53 24.90 -9.56
N GLU E 274 30.26 23.91 -10.43
CA GLU E 274 30.91 23.81 -11.72
C GLU E 274 30.42 24.91 -12.65
N GLU E 275 29.10 25.14 -12.63
CA GLU E 275 28.49 26.18 -13.44
C GLU E 275 28.94 27.54 -12.86
N LEU E 276 28.91 27.67 -11.52
CA LEU E 276 29.29 28.92 -10.91
C LEU E 276 30.71 29.27 -11.32
N GLY E 277 31.63 28.29 -11.20
CA GLY E 277 33.04 28.52 -11.43
C GLY E 277 33.35 28.94 -12.87
N ALA E 278 32.72 28.26 -13.83
CA ALA E 278 32.99 28.52 -15.24
C ALA E 278 32.39 29.88 -15.61
N HIS E 279 31.22 30.19 -15.02
CA HIS E 279 30.57 31.48 -15.25
C HIS E 279 31.46 32.61 -14.73
N ALA E 280 32.03 32.42 -13.54
CA ALA E 280 32.84 33.46 -12.89
C ALA E 280 34.18 33.66 -13.60
N ASN E 281 34.81 32.58 -14.04
CA ASN E 281 36.06 32.71 -14.76
C ASN E 281 35.82 33.53 -16.04
N ALA E 282 34.73 33.23 -16.78
CA ALA E 282 34.44 33.98 -17.99
C ALA E 282 34.12 35.43 -17.66
N PHE E 283 33.40 35.66 -16.55
CA PHE E 283 32.96 37.00 -16.21
C PHE E 283 34.17 37.92 -16.02
N ILE E 284 35.10 37.45 -15.20
CA ILE E 284 36.34 38.16 -14.89
C ILE E 284 37.18 38.34 -16.15
N ARG E 285 37.45 37.27 -16.89
CA ARG E 285 38.33 37.40 -18.04
C ARG E 285 37.69 38.33 -19.07
N ASP E 286 36.39 38.14 -19.33
CA ASP E 286 35.70 38.91 -20.36
C ASP E 286 35.63 40.39 -19.96
N LYS E 287 35.51 40.66 -18.64
CA LYS E 287 35.53 42.03 -18.13
C LYS E 287 36.89 42.70 -18.39
N LEU E 288 37.97 42.02 -18.08
CA LEU E 288 39.29 42.55 -18.36
C LEU E 288 39.50 42.75 -19.86
N THR E 289 39.07 41.82 -20.69
CA THR E 289 39.25 41.98 -22.13
C THR E 289 38.54 43.24 -22.65
N ALA E 290 37.28 43.44 -22.23
CA ALA E 290 36.50 44.61 -22.65
C ALA E 290 37.17 45.89 -22.16
N ILE E 291 37.64 45.92 -20.91
CA ILE E 291 38.23 47.12 -20.33
C ILE E 291 39.50 47.51 -21.12
N LYS E 292 40.28 46.53 -21.57
CA LYS E 292 41.51 46.80 -22.30
C LYS E 292 41.22 47.65 -23.53
N THR E 293 40.06 47.47 -24.16
CA THR E 293 39.71 48.19 -25.38
C THR E 293 39.41 49.67 -25.13
N ILE E 294 39.12 50.07 -23.88
CA ILE E 294 38.73 51.44 -23.60
C ILE E 294 39.84 52.38 -24.04
N GLU E 295 41.05 52.13 -23.49
CA GLU E 295 42.21 53.00 -23.56
C GLU E 295 42.58 53.30 -25.01
N LEU E 296 42.22 52.37 -25.92
CA LEU E 296 42.61 52.42 -27.32
C LEU E 296 41.70 53.33 -28.15
N HIS E 297 40.47 53.66 -27.68
CA HIS E 297 39.45 54.28 -28.54
C HIS E 297 38.85 55.55 -27.90
N MET F 9 1.98 59.20 2.90
CA MET F 9 3.33 58.72 3.28
C MET F 9 3.95 59.65 4.32
N LYS F 10 4.53 59.06 5.37
CA LYS F 10 5.22 59.81 6.40
C LYS F 10 6.73 59.66 6.20
N ILE F 11 7.43 60.79 6.13
CA ILE F 11 8.89 60.79 6.02
C ILE F 11 9.45 60.95 7.43
N GLY F 12 10.24 59.97 7.88
CA GLY F 12 10.69 59.91 9.25
C GLY F 12 12.21 59.88 9.42
N CYS F 13 12.62 60.01 10.68
CA CYS F 13 14.01 60.00 11.12
C CYS F 13 14.09 59.11 12.35
N HIS F 14 15.09 58.23 12.39
CA HIS F 14 15.32 57.41 13.56
C HIS F 14 15.85 58.28 14.72
N GLY F 15 15.47 57.96 15.95
CA GLY F 15 15.91 58.71 17.12
C GLY F 15 17.43 58.77 17.30
N LEU F 16 18.16 57.70 16.93
CA LEU F 16 19.59 57.58 17.17
C LEU F 16 20.40 58.53 16.28
N VAL F 17 19.76 59.27 15.38
CA VAL F 17 20.44 60.32 14.67
C VAL F 17 20.86 61.39 15.68
N TRP F 18 20.04 61.52 16.74
CA TRP F 18 19.96 62.69 17.60
C TRP F 18 20.54 62.41 18.99
N THR F 19 20.12 61.29 19.59
CA THR F 19 20.55 60.94 20.94
C THR F 19 20.56 59.43 21.13
N GLY F 20 21.40 58.98 22.07
CA GLY F 20 21.58 57.58 22.41
C GLY F 20 20.81 57.17 23.65
N HIS F 21 20.18 58.14 24.33
CA HIS F 21 19.57 57.91 25.62
C HIS F 21 18.18 58.55 25.59
N PHE F 22 17.14 57.72 25.75
CA PHE F 22 15.76 58.18 25.63
C PHE F 22 15.14 58.36 27.02
N ASP F 23 15.88 59.07 27.89
CA ASP F 23 15.28 59.68 29.06
C ASP F 23 14.41 60.84 28.58
N ALA F 24 13.77 61.52 29.53
CA ALA F 24 12.89 62.65 29.24
C ALA F 24 13.58 63.67 28.34
N GLU F 25 14.84 64.02 28.64
CA GLU F 25 15.57 65.04 27.90
C GLU F 25 15.89 64.56 26.48
N GLY F 26 16.32 63.30 26.34
CA GLY F 26 16.59 62.71 25.05
C GLY F 26 15.35 62.64 24.16
N ILE F 27 14.20 62.28 24.76
CA ILE F 27 12.96 62.17 24.01
C ILE F 27 12.62 63.54 23.44
N ARG F 28 12.69 64.54 24.31
CA ARG F 28 12.37 65.92 23.98
C ARG F 28 13.25 66.35 22.80
N TYR F 29 14.57 66.18 22.96
CA TYR F 29 15.59 66.60 22.01
C TYR F 29 15.43 65.90 20.66
N SER F 30 15.21 64.59 20.66
CA SER F 30 15.06 63.84 19.42
C SER F 30 13.80 64.29 18.66
N VAL F 31 12.69 64.51 19.37
CA VAL F 31 11.46 64.89 18.69
C VAL F 31 11.64 66.28 18.11
N GLN F 32 12.27 67.16 18.88
CA GLN F 32 12.48 68.53 18.43
C GLN F 32 13.32 68.54 17.16
N LYS F 33 14.47 67.85 17.20
CA LYS F 33 15.46 67.93 16.14
C LYS F 33 14.91 67.33 14.84
N THR F 34 14.07 66.30 14.99
CA THR F 34 13.37 65.66 13.89
C THR F 34 12.45 66.66 13.20
N ARG F 35 11.69 67.44 13.98
CA ARG F 35 10.77 68.44 13.43
C ARG F 35 11.57 69.54 12.74
N GLU F 36 12.69 69.96 13.34
CA GLU F 36 13.51 71.06 12.83
C GLU F 36 14.16 70.67 11.50
N ALA F 37 14.45 69.37 11.35
CA ALA F 37 15.11 68.88 10.15
C ALA F 37 14.11 68.74 9.01
N GLY F 38 12.79 68.72 9.33
CA GLY F 38 11.74 68.82 8.31
C GLY F 38 10.95 67.52 8.13
N PHE F 39 11.16 66.55 9.02
CA PHE F 39 10.50 65.26 8.98
C PHE F 39 9.07 65.35 9.53
N ASP F 40 8.25 64.34 9.19
CA ASP F 40 6.89 64.20 9.68
C ASP F 40 6.82 63.26 10.89
N LEU F 41 7.87 62.44 11.11
CA LEU F 41 7.77 61.30 12.01
C LEU F 41 9.14 61.00 12.64
N VAL F 42 9.12 60.49 13.87
CA VAL F 42 10.33 60.06 14.55
C VAL F 42 10.15 58.59 14.86
N GLU F 43 11.25 57.83 14.78
CA GLU F 43 11.18 56.43 15.17
C GLU F 43 11.94 56.27 16.48
N PHE F 44 11.24 55.80 17.52
CA PHE F 44 11.83 55.60 18.84
C PHE F 44 12.39 54.21 18.96
N PRO F 45 13.69 54.06 19.29
CA PRO F 45 14.25 52.76 19.66
C PRO F 45 13.88 52.40 21.09
N LEU F 46 13.07 51.37 21.24
CA LEU F 46 12.69 50.84 22.53
C LEU F 46 13.52 49.60 22.85
N MET F 47 14.84 49.77 23.06
CA MET F 47 15.66 48.62 23.43
C MET F 47 15.24 48.18 24.83
N ASP F 48 14.89 49.15 25.70
CA ASP F 48 14.24 48.92 26.98
C ASP F 48 12.92 49.68 27.06
N PRO F 49 11.77 49.09 26.64
CA PRO F 49 10.46 49.74 26.71
C PRO F 49 9.80 49.79 28.08
N PHE F 50 10.36 49.02 29.04
CA PHE F 50 9.84 48.99 30.39
C PHE F 50 10.07 50.35 31.05
N SER F 51 11.21 50.99 30.75
CA SER F 51 11.60 52.24 31.39
C SER F 51 11.45 53.45 30.46
N PHE F 52 10.78 53.28 29.32
CA PHE F 52 10.58 54.39 28.38
C PHE F 52 9.48 55.30 28.91
N ASP F 53 9.80 56.61 28.96
CA ASP F 53 8.94 57.63 29.52
C ASP F 53 7.86 57.99 28.50
N VAL F 54 6.79 57.18 28.48
CA VAL F 54 5.69 57.34 27.54
C VAL F 54 5.12 58.76 27.60
N GLN F 55 5.02 59.32 28.80
CA GLN F 55 4.29 60.56 29.01
C GLN F 55 5.03 61.71 28.34
N THR F 56 6.34 61.79 28.55
CA THR F 56 7.16 62.82 27.93
C THR F 56 7.09 62.68 26.40
N ALA F 57 7.05 61.44 25.90
CA ALA F 57 6.98 61.20 24.46
C ALA F 57 5.70 61.78 23.87
N LYS F 58 4.54 61.41 24.45
CA LYS F 58 3.24 61.93 24.02
C LYS F 58 3.28 63.44 23.96
N SER F 59 3.89 64.01 25.01
CA SER F 59 3.97 65.45 25.23
C SER F 59 4.77 66.09 24.09
N ALA F 60 5.95 65.54 23.78
CA ALA F 60 6.84 66.16 22.80
C ALA F 60 6.26 66.02 21.39
N LEU F 61 5.62 64.87 21.11
CA LEU F 61 4.99 64.64 19.82
C LEU F 61 3.87 65.65 19.60
N ALA F 62 3.05 65.84 20.65
CA ALA F 62 1.96 66.80 20.65
C ALA F 62 2.51 68.20 20.34
N GLU F 63 3.52 68.61 21.11
CA GLU F 63 4.12 69.93 20.98
C GLU F 63 4.51 70.19 19.53
N HIS F 64 5.19 69.20 18.91
CA HIS F 64 5.87 69.40 17.63
C HIS F 64 5.02 68.93 16.44
N GLY F 65 3.85 68.33 16.70
CA GLY F 65 2.89 67.97 15.66
C GLY F 65 3.41 66.82 14.77
N LEU F 66 4.04 65.85 15.44
CA LEU F 66 4.89 64.87 14.80
C LEU F 66 4.31 63.47 15.05
N ALA F 67 4.34 62.60 14.03
CA ALA F 67 3.93 61.22 14.20
C ALA F 67 5.11 60.42 14.74
N ALA F 68 4.83 59.21 15.21
CA ALA F 68 5.85 58.38 15.81
C ALA F 68 5.62 56.92 15.45
N SER F 69 6.72 56.19 15.50
CA SER F 69 6.69 54.74 15.43
C SER F 69 7.78 54.27 16.39
N ALA F 70 7.84 52.95 16.64
CA ALA F 70 8.93 52.42 17.46
C ALA F 70 9.50 51.14 16.85
N SER F 71 10.77 50.90 17.19
CA SER F 71 11.51 49.77 16.68
C SER F 71 12.38 49.22 17.80
N LEU F 72 12.80 47.95 17.66
CA LEU F 72 13.79 47.42 18.57
C LEU F 72 14.43 46.19 17.93
N GLY F 73 15.62 45.87 18.41
CA GLY F 73 16.23 44.56 18.20
C GLY F 73 16.34 43.78 19.51
N LEU F 74 15.94 42.50 19.46
CA LEU F 74 16.09 41.62 20.60
C LEU F 74 17.58 41.33 20.80
N SER F 75 17.87 40.72 21.95
CA SER F 75 19.23 40.28 22.26
C SER F 75 19.21 38.81 22.67
N ASP F 76 20.37 38.31 23.14
CA ASP F 76 20.52 36.91 23.53
C ASP F 76 19.50 36.52 24.58
N ALA F 77 19.27 37.43 25.55
CA ALA F 77 18.37 37.17 26.67
C ALA F 77 16.91 37.10 26.22
N THR F 78 16.59 37.65 25.03
CA THR F 78 15.21 37.82 24.59
C THR F 78 14.99 37.23 23.20
N ASP F 79 15.82 36.24 22.82
CA ASP F 79 15.86 35.72 21.47
C ASP F 79 14.68 34.79 21.25
N VAL F 80 13.62 35.27 20.57
CA VAL F 80 12.42 34.48 20.35
C VAL F 80 12.71 33.36 19.35
N SER F 81 13.91 33.31 18.73
CA SER F 81 14.29 32.21 17.89
C SER F 81 15.09 31.15 18.64
N SER F 82 15.30 31.32 19.96
CA SER F 82 16.02 30.34 20.75
C SER F 82 15.19 29.06 20.89
N GLU F 83 15.87 27.93 21.14
CA GLU F 83 15.20 26.68 21.51
C GLU F 83 14.83 26.66 23.00
N ASP F 84 15.42 27.55 23.81
CA ASP F 84 15.09 27.67 25.23
C ASP F 84 13.79 28.47 25.40
N PRO F 85 12.66 27.84 25.87
CA PRO F 85 11.37 28.52 26.03
C PRO F 85 11.33 29.68 27.02
N ALA F 86 12.28 29.72 27.96
CA ALA F 86 12.39 30.82 28.91
C ALA F 86 12.90 32.07 28.20
N VAL F 87 13.86 31.88 27.30
CA VAL F 87 14.42 32.96 26.50
C VAL F 87 13.34 33.45 25.54
N VAL F 88 12.58 32.54 24.93
CA VAL F 88 11.49 32.94 24.03
C VAL F 88 10.50 33.77 24.83
N LYS F 89 10.13 33.29 26.03
CA LYS F 89 9.10 33.94 26.82
C LYS F 89 9.56 35.36 27.19
N ALA F 90 10.84 35.51 27.53
CA ALA F 90 11.41 36.80 27.89
C ALA F 90 11.30 37.78 26.73
N GLY F 91 11.52 37.27 25.51
CA GLY F 91 11.47 38.09 24.32
C GLY F 91 10.03 38.50 24.01
N GLU F 92 9.10 37.53 24.05
CA GLU F 92 7.69 37.80 23.81
C GLU F 92 7.20 38.86 24.79
N GLU F 93 7.76 38.86 26.00
CA GLU F 93 7.36 39.76 27.08
C GLU F 93 7.80 41.19 26.73
N LEU F 94 9.06 41.31 26.27
CA LEU F 94 9.66 42.59 25.89
C LEU F 94 8.94 43.17 24.67
N LEU F 95 8.53 42.31 23.72
CA LEU F 95 7.78 42.70 22.53
C LEU F 95 6.40 43.22 22.93
N ASN F 96 5.73 42.49 23.83
CA ASN F 96 4.40 42.87 24.28
C ASN F 96 4.43 44.25 24.92
N ARG F 97 5.49 44.53 25.69
CA ARG F 97 5.59 45.81 26.34
C ARG F 97 5.79 46.90 25.29
N ALA F 98 6.59 46.62 24.25
CA ALA F 98 6.85 47.58 23.18
C ALA F 98 5.56 47.94 22.45
N VAL F 99 4.70 46.94 22.18
CA VAL F 99 3.39 47.13 21.57
C VAL F 99 2.53 48.05 22.45
N ASP F 100 2.55 47.79 23.77
CA ASP F 100 1.75 48.54 24.73
C ASP F 100 2.19 50.01 24.70
N VAL F 101 3.51 50.24 24.65
CA VAL F 101 4.02 51.59 24.60
C VAL F 101 3.42 52.31 23.38
N LEU F 102 3.35 51.61 22.26
CA LEU F 102 2.88 52.24 21.03
C LEU F 102 1.38 52.55 21.14
N ALA F 103 0.64 51.66 21.79
CA ALA F 103 -0.78 51.86 22.04
C ALA F 103 -0.97 53.15 22.84
N GLU F 104 -0.17 53.35 23.90
CA GLU F 104 -0.25 54.53 24.74
C GLU F 104 0.12 55.79 23.96
N LEU F 105 0.94 55.66 22.92
CA LEU F 105 1.35 56.82 22.14
C LEU F 105 0.31 57.17 21.08
N GLY F 106 -0.59 56.23 20.77
CA GLY F 106 -1.49 56.39 19.64
C GLY F 106 -0.78 56.22 18.29
N ALA F 107 0.31 55.46 18.25
CA ALA F 107 1.03 55.20 17.01
C ALA F 107 0.48 53.93 16.38
N THR F 108 0.87 53.63 15.14
CA THR F 108 0.32 52.49 14.43
C THR F 108 1.38 51.47 14.00
N ASP F 109 2.68 51.78 14.13
CA ASP F 109 3.72 50.95 13.51
C ASP F 109 4.78 50.54 14.53
N PHE F 110 4.87 49.23 14.75
CA PHE F 110 5.98 48.62 15.43
C PHE F 110 6.80 47.85 14.40
N CYS F 111 8.13 47.88 14.52
CA CYS F 111 8.97 47.20 13.54
C CYS F 111 10.36 46.91 14.11
N GLY F 112 11.19 46.23 13.29
CA GLY F 112 12.59 45.99 13.60
C GLY F 112 12.89 44.49 13.65
N VAL F 113 13.99 44.14 14.30
CA VAL F 113 14.43 42.78 14.36
C VAL F 113 13.79 42.13 15.59
N ILE F 114 12.54 41.67 15.39
CA ILE F 114 11.70 41.16 16.46
C ILE F 114 11.43 39.66 16.32
N TYR F 115 12.15 38.99 15.42
CA TYR F 115 11.93 37.58 15.12
C TYR F 115 13.15 36.77 15.53
N SER F 116 14.17 37.46 16.05
CA SER F 116 15.41 36.82 16.47
C SER F 116 16.18 37.87 17.25
N ALA F 117 17.31 37.48 17.84
CA ALA F 117 18.27 38.46 18.34
C ALA F 117 18.90 39.21 17.17
N MET F 118 19.37 40.42 17.46
CA MET F 118 20.02 41.26 16.48
C MET F 118 21.52 41.16 16.76
N LYS F 119 22.18 40.22 16.07
CA LYS F 119 23.59 39.97 16.31
C LYS F 119 24.19 39.08 15.23
N LYS F 120 25.50 38.90 15.33
CA LYS F 120 26.19 37.93 14.50
C LYS F 120 26.10 36.54 15.14
N TYR F 121 25.14 35.73 14.66
CA TYR F 121 25.06 34.34 15.08
C TYR F 121 26.28 33.56 14.59
N MET F 122 26.58 32.47 15.31
CA MET F 122 27.75 31.67 15.04
C MET F 122 27.34 30.27 14.56
N GLU F 123 26.03 30.10 14.28
CA GLU F 123 25.46 28.82 13.83
C GLU F 123 24.26 29.14 12.94
N PRO F 124 23.85 28.25 12.01
CA PRO F 124 22.59 28.45 11.29
C PRO F 124 21.40 28.37 12.24
N ALA F 125 20.29 28.98 11.80
CA ALA F 125 19.04 28.85 12.51
C ALA F 125 18.61 27.39 12.50
N THR F 126 17.70 27.09 13.40
CA THR F 126 17.27 25.72 13.60
C THR F 126 15.75 25.67 13.43
N ALA F 127 15.25 24.51 12.99
CA ALA F 127 13.83 24.31 12.79
C ALA F 127 13.02 24.63 14.05
N ALA F 128 13.48 24.16 15.22
CA ALA F 128 12.77 24.33 16.48
C ALA F 128 12.71 25.82 16.85
N GLY F 129 13.86 26.50 16.67
CA GLY F 129 13.99 27.93 16.91
C GLY F 129 13.10 28.76 15.98
N LEU F 130 13.10 28.41 14.69
CA LEU F 130 12.27 29.10 13.72
C LEU F 130 10.80 29.02 14.12
N ALA F 131 10.35 27.83 14.51
CA ALA F 131 8.94 27.62 14.86
C ALA F 131 8.59 28.38 16.14
N ASN F 132 9.51 28.46 17.11
CA ASN F 132 9.35 29.32 18.28
C ASN F 132 9.26 30.78 17.86
N SER F 133 10.11 31.22 16.90
CA SER F 133 10.07 32.61 16.47
C SER F 133 8.69 32.96 15.92
N LYS F 134 8.20 32.13 15.00
CA LYS F 134 6.95 32.41 14.30
C LYS F 134 5.77 32.46 15.26
N ALA F 135 5.72 31.48 16.19
CA ALA F 135 4.62 31.35 17.13
C ALA F 135 4.57 32.60 18.01
N ALA F 136 5.73 32.97 18.55
CA ALA F 136 5.82 34.16 19.38
C ALA F 136 5.39 35.38 18.57
N VAL F 137 5.91 35.53 17.36
CA VAL F 137 5.63 36.74 16.57
C VAL F 137 4.14 36.82 16.27
N GLY F 138 3.52 35.67 15.95
CA GLY F 138 2.09 35.55 15.69
C GLY F 138 1.23 36.00 16.87
N ARG F 139 1.60 35.60 18.09
CA ARG F 139 0.86 35.98 19.28
C ARG F 139 1.01 37.49 19.51
N VAL F 140 2.24 38.02 19.37
CA VAL F 140 2.50 39.44 19.54
C VAL F 140 1.70 40.23 18.49
N ALA F 141 1.60 39.68 17.28
CA ALA F 141 0.90 40.36 16.20
C ALA F 141 -0.59 40.45 16.54
N ASP F 142 -1.15 39.35 17.04
CA ASP F 142 -2.55 39.26 17.39
C ASP F 142 -2.91 40.29 18.46
N ARG F 143 -2.06 40.32 19.48
CA ARG F 143 -2.20 41.29 20.55
C ARG F 143 -2.18 42.70 19.98
N ALA F 144 -1.19 42.98 19.13
CA ALA F 144 -1.02 44.28 18.50
C ALA F 144 -2.23 44.63 17.63
N SER F 145 -2.80 43.63 16.95
CA SER F 145 -3.94 43.83 16.07
C SER F 145 -5.09 44.46 16.84
N ASP F 146 -5.35 43.90 18.02
CA ASP F 146 -6.46 44.32 18.87
C ASP F 146 -6.30 45.79 19.23
N LEU F 147 -5.04 46.22 19.32
CA LEU F 147 -4.67 47.59 19.70
C LEU F 147 -4.52 48.49 18.48
N GLY F 148 -4.84 48.01 17.26
CA GLY F 148 -4.75 48.82 16.05
C GLY F 148 -3.31 49.10 15.62
N ILE F 149 -2.39 48.18 15.94
CA ILE F 149 -0.97 48.33 15.70
C ILE F 149 -0.55 47.34 14.62
N ASN F 150 0.20 47.85 13.63
CA ASN F 150 0.81 47.04 12.60
C ASN F 150 2.20 46.62 13.06
N VAL F 151 2.52 45.35 12.83
CA VAL F 151 3.84 44.83 13.13
C VAL F 151 4.58 44.48 11.83
N SER F 152 5.79 45.05 11.64
CA SER F 152 6.59 44.81 10.45
C SER F 152 7.96 44.23 10.81
N LEU F 153 8.32 43.11 10.20
CA LEU F 153 9.61 42.48 10.44
C LEU F 153 10.70 43.10 9.55
N GLU F 154 11.80 43.59 10.17
CA GLU F 154 12.86 44.22 9.41
C GLU F 154 13.79 43.12 8.91
N VAL F 155 13.89 42.99 7.58
CA VAL F 155 14.85 42.09 6.95
C VAL F 155 16.25 42.69 7.10
N VAL F 156 17.20 41.92 7.67
CA VAL F 156 18.52 42.51 7.90
C VAL F 156 19.58 41.54 7.40
N ASN F 157 20.83 41.99 7.35
CA ASN F 157 21.89 41.25 6.70
C ASN F 157 22.35 40.11 7.60
N ARG F 158 23.19 39.27 7.00
CA ARG F 158 23.57 37.97 7.55
C ARG F 158 24.31 38.18 8.86
N TYR F 159 24.81 39.37 9.09
CA TYR F 159 25.62 39.58 10.28
C TYR F 159 24.76 40.06 11.44
N GLU F 160 23.45 40.24 11.19
CA GLU F 160 22.53 40.79 12.19
C GLU F 160 21.39 39.82 12.49
N THR F 161 21.21 38.83 11.61
CA THR F 161 20.28 37.74 11.89
C THR F 161 20.66 36.55 11.03
N ASN F 162 20.21 35.37 11.48
CA ASN F 162 20.32 34.18 10.66
C ASN F 162 18.96 33.68 10.23
N VAL F 163 17.90 34.48 10.42
CA VAL F 163 16.54 34.10 10.07
C VAL F 163 16.07 34.77 8.76
N LEU F 164 15.78 36.09 8.80
CA LEU F 164 15.25 36.78 7.61
C LEU F 164 16.31 37.71 7.00
N ASN F 165 17.03 37.22 5.97
CA ASN F 165 18.06 37.98 5.30
C ASN F 165 17.55 38.59 3.98
N THR F 166 16.39 38.13 3.46
CA THR F 166 15.85 38.65 2.21
C THR F 166 14.34 38.88 2.33
N GLY F 167 13.85 39.78 1.48
CA GLY F 167 12.42 40.03 1.37
C GLY F 167 11.63 38.74 1.09
N ARG F 168 12.16 37.89 0.21
CA ARG F 168 11.52 36.61 -0.06
C ARG F 168 11.46 35.72 1.18
N GLN F 169 12.52 35.66 2.00
CA GLN F 169 12.48 34.84 3.22
C GLN F 169 11.39 35.37 4.17
N ALA F 170 11.27 36.69 4.29
CA ALA F 170 10.22 37.31 5.07
C ALA F 170 8.84 36.94 4.52
N LEU F 171 8.66 36.94 3.19
CA LEU F 171 7.37 36.61 2.61
C LEU F 171 6.96 35.18 3.00
N ALA F 172 7.92 34.25 2.95
CA ALA F 172 7.59 32.87 3.27
C ALA F 172 7.20 32.74 4.76
N TYR F 173 7.89 33.49 5.64
CA TYR F 173 7.61 33.53 7.07
C TYR F 173 6.22 34.08 7.32
N LEU F 174 5.82 35.18 6.64
CA LEU F 174 4.51 35.78 6.79
C LEU F 174 3.41 34.85 6.28
N GLU F 175 3.68 34.10 5.21
CA GLU F 175 2.65 33.29 4.58
C GLU F 175 2.10 32.27 5.57
N GLU F 176 3.01 31.59 6.28
CA GLU F 176 2.63 30.64 7.31
C GLU F 176 1.71 31.27 8.36
N LEU F 177 2.01 32.48 8.85
CA LEU F 177 1.27 33.12 9.94
C LEU F 177 -0.06 33.69 9.46
N ASN F 178 -0.10 34.17 8.21
CA ASN F 178 -1.33 34.66 7.62
C ASN F 178 -2.05 35.63 8.56
N ARG F 179 -1.35 36.67 8.99
CA ARG F 179 -1.89 37.70 9.87
C ARG F 179 -2.01 39.01 9.09
N PRO F 180 -3.18 39.70 9.11
CA PRO F 180 -3.39 40.86 8.25
C PRO F 180 -2.62 42.10 8.67
N ASN F 181 -2.19 42.16 9.93
CA ASN F 181 -1.39 43.27 10.41
C ASN F 181 0.11 42.91 10.45
N LEU F 182 0.51 41.75 9.91
CA LEU F 182 1.93 41.43 9.86
C LEU F 182 2.49 41.85 8.50
N GLY F 183 3.55 42.68 8.52
CA GLY F 183 4.11 43.29 7.32
C GLY F 183 5.63 43.09 7.21
N ILE F 184 6.19 43.63 6.11
CA ILE F 184 7.61 43.47 5.83
C ILE F 184 8.23 44.85 5.85
N HIS F 185 9.40 44.93 6.47
CA HIS F 185 10.14 46.18 6.61
C HIS F 185 11.48 45.97 5.90
N LEU F 186 11.73 46.73 4.82
CA LEU F 186 12.99 46.66 4.09
C LEU F 186 13.84 47.89 4.44
N ASP F 187 15.15 47.66 4.44
CA ASP F 187 16.14 48.68 4.77
C ASP F 187 17.20 48.69 3.67
N THR F 188 17.38 49.82 2.98
CA THR F 188 18.24 49.85 1.81
C THR F 188 19.64 49.34 2.15
N TYR F 189 20.10 49.62 3.37
CA TYR F 189 21.44 49.28 3.82
C TYR F 189 21.61 47.77 3.77
N HIS F 190 20.57 47.06 4.24
CA HIS F 190 20.58 45.61 4.30
C HIS F 190 20.34 45.00 2.92
N MET F 191 19.44 45.59 2.15
CA MET F 191 19.12 45.13 0.80
C MET F 191 20.38 45.15 -0.05
N ASN F 192 21.18 46.19 0.17
CA ASN F 192 22.37 46.45 -0.60
C ASN F 192 23.34 45.26 -0.49
N ILE F 193 23.24 44.48 0.61
CA ILE F 193 24.08 43.31 0.74
C ILE F 193 23.40 42.09 0.09
N GLU F 194 22.21 41.74 0.62
CA GLU F 194 21.61 40.43 0.43
C GLU F 194 20.76 40.31 -0.84
N GLU F 195 20.22 41.42 -1.38
CA GLU F 195 19.19 41.28 -2.41
C GLU F 195 19.84 41.24 -3.77
N SER F 196 19.10 40.72 -4.75
CA SER F 196 19.55 40.63 -6.12
C SER F 196 19.68 42.00 -6.77
N ASP F 197 18.78 42.92 -6.39
CA ASP F 197 18.74 44.27 -6.92
C ASP F 197 17.75 45.08 -6.08
N MET F 198 17.62 46.37 -6.39
CA MET F 198 16.77 47.24 -5.59
C MET F 198 15.33 47.30 -6.09
N PHE F 199 14.93 46.58 -7.17
CA PHE F 199 13.54 46.66 -7.60
C PHE F 199 12.74 45.37 -7.34
N SER F 200 13.34 44.20 -7.57
CA SER F 200 12.70 42.90 -7.40
C SER F 200 12.13 42.73 -5.99
N PRO F 201 12.86 43.07 -4.91
CA PRO F 201 12.29 42.87 -3.57
C PRO F 201 11.05 43.73 -3.34
N ILE F 202 11.00 44.91 -3.98
CA ILE F 202 9.85 45.80 -3.80
C ILE F 202 8.67 45.21 -4.55
N LEU F 203 8.86 44.79 -5.80
CA LEU F 203 7.80 44.17 -6.58
C LEU F 203 7.30 42.88 -5.91
N ASP F 204 8.22 42.07 -5.41
CA ASP F 204 7.84 40.77 -4.88
C ASP F 204 7.06 40.94 -3.58
N THR F 205 7.42 41.96 -2.78
CA THR F 205 6.86 42.10 -1.45
C THR F 205 5.73 43.12 -1.44
N ALA F 206 5.36 43.65 -2.60
CA ALA F 206 4.51 44.81 -2.74
C ALA F 206 3.38 44.87 -1.72
N GLU F 207 2.52 43.85 -1.65
CA GLU F 207 1.34 43.94 -0.81
C GLU F 207 1.72 43.93 0.68
N ALA F 208 2.83 43.26 1.04
CA ALA F 208 3.20 43.10 2.44
C ALA F 208 4.17 44.18 2.92
N LEU F 209 4.69 45.02 2.01
CA LEU F 209 5.67 46.01 2.40
C LEU F 209 4.97 47.14 3.13
N ARG F 210 5.39 47.37 4.37
CA ARG F 210 4.66 48.31 5.22
C ARG F 210 5.58 49.34 5.90
N TYR F 211 6.90 49.17 5.80
CA TYR F 211 7.83 50.08 6.43
C TYR F 211 9.15 50.05 5.66
N VAL F 212 9.80 51.21 5.56
CA VAL F 212 11.07 51.37 4.86
C VAL F 212 12.08 52.14 5.71
N HIS F 213 13.31 51.63 5.75
CA HIS F 213 14.46 52.37 6.23
C HIS F 213 15.32 52.79 5.04
N ILE F 214 15.75 54.06 5.08
CA ILE F 214 16.66 54.65 4.09
C ILE F 214 18.03 54.82 4.74
N GLY F 215 18.98 53.95 4.38
CA GLY F 215 20.36 54.05 4.83
C GLY F 215 21.36 53.81 3.71
N GLU F 216 22.45 54.58 3.74
CA GLU F 216 23.50 54.43 2.74
C GLU F 216 24.28 53.16 3.06
N SER F 217 25.12 52.73 2.13
CA SER F 217 25.74 51.42 2.24
C SER F 217 26.63 51.31 3.47
N HIS F 218 27.24 52.43 3.87
CA HIS F 218 28.13 52.50 5.03
C HIS F 218 27.46 53.26 6.17
N ARG F 219 26.16 53.57 5.98
CA ARG F 219 25.27 54.19 6.95
C ARG F 219 25.59 55.67 7.20
N GLY F 220 26.33 56.34 6.31
CA GLY F 220 26.59 57.78 6.41
C GLY F 220 25.58 58.64 5.63
N TYR F 221 26.04 59.80 5.16
CA TYR F 221 25.24 60.67 4.32
C TYR F 221 24.67 59.89 3.14
N LEU F 222 23.43 60.24 2.77
CA LEU F 222 22.72 59.66 1.64
C LEU F 222 23.37 60.09 0.32
N GLY F 223 23.75 59.11 -0.50
CA GLY F 223 24.39 59.40 -1.78
C GLY F 223 25.92 59.54 -1.70
N THR F 224 26.55 58.98 -0.64
CA THR F 224 28.01 58.95 -0.54
C THR F 224 28.56 57.52 -0.55
N GLY F 225 27.74 56.56 -0.99
CA GLY F 225 28.08 55.15 -0.92
C GLY F 225 27.56 54.41 -2.15
N SER F 226 27.28 53.11 -2.02
CA SER F 226 27.01 52.30 -3.21
C SER F 226 25.53 51.88 -3.32
N VAL F 227 24.63 52.43 -2.48
CA VAL F 227 23.23 52.03 -2.52
C VAL F 227 22.58 52.64 -3.75
N ASP F 228 21.82 51.82 -4.48
CA ASP F 228 21.16 52.25 -5.69
C ASP F 228 19.81 52.83 -5.30
N PHE F 229 19.80 54.06 -4.77
CA PHE F 229 18.58 54.69 -4.34
C PHE F 229 17.64 54.97 -5.51
N ASP F 230 18.20 55.20 -6.69
CA ASP F 230 17.36 55.56 -7.82
C ASP F 230 16.42 54.41 -8.19
N THR F 231 16.97 53.20 -8.36
CA THR F 231 16.19 52.02 -8.69
C THR F 231 15.15 51.78 -7.59
N PHE F 232 15.59 51.89 -6.33
CA PHE F 232 14.72 51.66 -5.17
C PHE F 232 13.48 52.56 -5.21
N PHE F 233 13.68 53.88 -5.34
CA PHE F 233 12.56 54.82 -5.30
C PHE F 233 11.69 54.66 -6.55
N LYS F 234 12.28 54.30 -7.70
CA LYS F 234 11.46 54.13 -8.90
C LYS F 234 10.53 52.95 -8.70
N ALA F 235 11.02 51.90 -8.02
CA ALA F 235 10.22 50.71 -7.73
C ALA F 235 9.13 51.01 -6.69
N LEU F 236 9.48 51.69 -5.60
CA LEU F 236 8.49 52.16 -4.60
C LEU F 236 7.37 52.92 -5.31
N GLY F 237 7.73 53.80 -6.25
CA GLY F 237 6.75 54.55 -7.03
C GLY F 237 5.83 53.66 -7.87
N ARG F 238 6.41 52.62 -8.48
CA ARG F 238 5.64 51.74 -9.34
C ARG F 238 4.56 50.99 -8.56
N ILE F 239 4.86 50.54 -7.34
CA ILE F 239 3.87 49.77 -6.57
C ILE F 239 2.93 50.68 -5.75
N GLY F 240 3.01 52.02 -5.88
CA GLY F 240 2.21 52.94 -5.07
C GLY F 240 2.45 52.82 -3.56
N TYR F 241 3.70 52.58 -3.12
CA TYR F 241 3.94 52.42 -1.69
C TYR F 241 3.58 53.70 -0.95
N ASP F 242 2.96 53.57 0.24
CA ASP F 242 2.47 54.74 0.96
C ASP F 242 2.76 54.66 2.46
N GLY F 243 3.54 53.67 2.88
CA GLY F 243 3.93 53.57 4.28
C GLY F 243 5.07 54.53 4.64
N PRO F 244 5.58 54.45 5.88
CA PRO F 244 6.72 55.26 6.31
C PRO F 244 8.00 55.03 5.52
N VAL F 245 8.71 56.13 5.30
CA VAL F 245 10.03 56.12 4.69
C VAL F 245 10.94 56.86 5.65
N VAL F 246 11.81 56.12 6.33
CA VAL F 246 12.51 56.65 7.49
C VAL F 246 14.02 56.57 7.30
N PHE F 247 14.68 57.72 7.47
CA PHE F 247 16.13 57.85 7.45
C PHE F 247 16.76 57.26 8.71
N GLU F 248 17.89 56.58 8.52
CA GLU F 248 18.58 55.91 9.61
C GLU F 248 20.08 56.00 9.35
N SER F 249 20.79 56.57 10.32
CA SER F 249 22.23 56.70 10.26
C SER F 249 22.74 56.84 11.70
N PHE F 250 23.89 56.25 12.04
CA PHE F 250 24.28 56.23 13.44
C PHE F 250 25.67 56.80 13.69
N SER F 251 25.83 57.42 14.86
CA SER F 251 27.10 57.98 15.32
C SER F 251 27.44 57.44 16.71
N SER F 252 28.72 57.05 16.89
CA SER F 252 29.26 56.61 18.18
C SER F 252 29.25 57.74 19.21
N SER F 253 29.37 59.00 18.71
CA SER F 253 29.19 60.21 19.51
C SER F 253 27.83 60.21 20.19
N VAL F 254 26.82 59.76 19.45
CA VAL F 254 25.44 60.01 19.79
C VAL F 254 24.84 58.83 20.55
N VAL F 255 24.95 57.61 19.98
CA VAL F 255 24.21 56.47 20.49
C VAL F 255 24.95 55.89 21.69
N ALA F 256 24.22 55.07 22.47
CA ALA F 256 24.77 54.41 23.65
C ALA F 256 26.02 53.61 23.27
N PRO F 257 27.03 53.56 24.16
CA PRO F 257 28.18 52.68 23.97
C PRO F 257 27.81 51.24 23.60
N ASP F 258 26.69 50.72 24.13
CA ASP F 258 26.33 49.31 23.97
C ASP F 258 25.79 49.08 22.55
N LEU F 259 24.84 49.93 22.14
CA LEU F 259 24.25 49.82 20.81
C LEU F 259 25.27 50.11 19.70
N SER F 260 26.19 51.06 19.92
CA SER F 260 27.16 51.42 18.88
C SER F 260 28.09 50.23 18.60
N ARG F 261 28.34 49.43 19.66
CA ARG F 261 29.14 48.23 19.55
C ARG F 261 28.36 47.13 18.83
N MET F 262 27.08 46.99 19.15
CA MET F 262 26.21 46.00 18.50
C MET F 262 26.15 46.22 16.99
N LEU F 263 26.20 47.49 16.56
CA LEU F 263 26.00 47.85 15.16
C LEU F 263 27.32 47.93 14.42
N GLY F 264 28.43 47.81 15.13
CA GLY F 264 29.74 47.85 14.52
C GLY F 264 30.10 49.23 13.98
N ILE F 265 29.78 50.28 14.74
CA ILE F 265 30.16 51.63 14.35
C ILE F 265 31.58 51.89 14.89
N TRP F 266 32.60 51.64 14.05
CA TRP F 266 34.00 51.85 14.39
C TRP F 266 34.55 53.18 13.85
N ARG F 267 33.81 53.85 12.94
CA ARG F 267 34.29 55.01 12.21
C ARG F 267 33.26 56.12 12.33
N ASN F 268 33.72 57.37 12.21
CA ASN F 268 32.88 58.55 12.20
C ASN F 268 32.54 58.92 10.76
N LEU F 269 31.26 58.94 10.37
CA LEU F 269 30.87 59.25 8.99
C LEU F 269 30.25 60.64 8.89
N TRP F 270 30.01 61.30 10.02
CA TRP F 270 29.49 62.67 10.04
C TRP F 270 29.62 63.21 11.44
N ALA F 271 29.79 64.54 11.55
CA ALA F 271 29.94 65.16 12.86
C ALA F 271 28.70 65.96 13.21
N ASP F 272 28.00 66.47 12.20
CA ASP F 272 26.93 67.45 12.39
C ASP F 272 25.58 66.81 12.05
N ASN F 273 24.84 66.34 13.06
CA ASN F 273 23.60 65.61 12.80
C ASN F 273 22.51 66.52 12.25
N GLU F 274 22.61 67.83 12.49
CA GLU F 274 21.62 68.78 12.03
C GLU F 274 21.72 68.92 10.51
N GLU F 275 22.95 69.03 10.00
CA GLU F 275 23.19 69.08 8.57
C GLU F 275 22.78 67.74 7.95
N LEU F 276 23.15 66.62 8.61
CA LEU F 276 22.83 65.30 8.10
C LEU F 276 21.32 65.14 7.96
N GLY F 277 20.59 65.46 9.03
CA GLY F 277 19.15 65.27 9.09
C GLY F 277 18.41 66.09 8.05
N ALA F 278 18.84 67.34 7.89
CA ALA F 278 18.22 68.24 6.94
C ALA F 278 18.54 67.76 5.54
N HIS F 279 19.77 67.26 5.33
CA HIS F 279 20.16 66.78 4.01
C HIS F 279 19.33 65.54 3.68
N ALA F 280 19.14 64.67 4.68
CA ALA F 280 18.48 63.40 4.47
C ALA F 280 17.01 63.62 4.14
N ASN F 281 16.38 64.55 4.90
CA ASN F 281 14.99 64.89 4.66
C ASN F 281 14.81 65.40 3.23
N ALA F 282 15.69 66.32 2.81
CA ALA F 282 15.66 66.81 1.44
C ALA F 282 15.90 65.66 0.45
N PHE F 283 16.82 64.75 0.76
CA PHE F 283 17.20 63.72 -0.20
C PHE F 283 15.98 62.87 -0.53
N ILE F 284 15.29 62.45 0.54
CA ILE F 284 14.17 61.55 0.41
C ILE F 284 13.03 62.27 -0.31
N ARG F 285 12.67 63.46 0.17
CA ARG F 285 11.50 64.16 -0.35
C ARG F 285 11.72 64.54 -1.81
N ASP F 286 12.92 65.03 -2.12
CA ASP F 286 13.20 65.46 -3.47
C ASP F 286 13.19 64.24 -4.40
N LYS F 287 13.66 63.08 -3.91
CA LYS F 287 13.63 61.84 -4.70
C LYS F 287 12.18 61.43 -4.98
N LEU F 288 11.30 61.48 -3.98
CA LEU F 288 9.90 61.18 -4.18
C LEU F 288 9.28 62.17 -5.18
N THR F 289 9.65 63.45 -5.11
CA THR F 289 9.08 64.46 -6.00
C THR F 289 9.45 64.12 -7.44
N ALA F 290 10.72 63.79 -7.66
CA ALA F 290 11.19 63.39 -8.99
C ALA F 290 10.43 62.14 -9.48
N ILE F 291 10.32 61.13 -8.63
CA ILE F 291 9.81 59.84 -9.07
C ILE F 291 8.35 59.98 -9.46
N LYS F 292 7.59 60.86 -8.80
CA LYS F 292 6.20 61.14 -9.16
C LYS F 292 6.07 61.61 -10.61
N THR F 293 7.11 62.30 -11.13
CA THR F 293 7.01 62.84 -12.47
C THR F 293 7.12 61.72 -13.50
N ILE F 294 7.64 60.56 -13.11
CA ILE F 294 8.04 59.58 -14.11
C ILE F 294 6.82 59.09 -14.88
N GLU F 295 5.71 58.80 -14.18
CA GLU F 295 4.48 58.31 -14.79
C GLU F 295 3.89 59.32 -15.79
N LEU F 296 4.26 60.61 -15.69
CA LEU F 296 3.68 61.62 -16.56
C LEU F 296 4.38 61.72 -17.92
N HIS F 297 5.51 61.03 -18.09
CA HIS F 297 6.39 61.25 -19.24
C HIS F 297 6.82 59.91 -19.86
N MET G 9 23.25 -33.02 21.56
CA MET G 9 24.36 -32.84 20.59
C MET G 9 25.66 -33.36 21.21
N LYS G 10 26.35 -34.21 20.44
CA LYS G 10 27.65 -34.73 20.81
C LYS G 10 28.75 -33.97 20.06
N ILE G 11 29.78 -33.57 20.81
CA ILE G 11 30.93 -32.89 20.28
C ILE G 11 32.03 -33.92 20.06
N GLY G 12 32.53 -34.01 18.82
CA GLY G 12 33.42 -35.12 18.46
C GLY G 12 34.71 -34.64 17.80
N CYS G 13 35.62 -35.62 17.67
CA CYS G 13 36.93 -35.48 17.06
C CYS G 13 37.17 -36.67 16.14
N HIS G 14 37.54 -36.35 14.91
CA HIS G 14 37.95 -37.31 13.91
C HIS G 14 39.29 -37.91 14.30
N GLY G 15 39.44 -39.20 14.08
CA GLY G 15 40.59 -39.95 14.62
C GLY G 15 41.93 -39.55 13.99
N LEU G 16 41.94 -39.00 12.77
CA LEU G 16 43.21 -38.61 12.14
C LEU G 16 43.87 -37.41 12.82
N VAL G 17 43.23 -36.78 13.81
CA VAL G 17 43.95 -35.86 14.70
C VAL G 17 45.04 -36.60 15.49
N TRP G 18 44.84 -37.90 15.74
CA TRP G 18 45.63 -38.66 16.72
C TRP G 18 46.50 -39.72 16.05
N THR G 19 45.96 -40.50 15.11
CA THR G 19 46.71 -41.57 14.48
C THR G 19 46.20 -41.81 13.07
N GLY G 20 47.08 -42.32 12.21
CA GLY G 20 46.66 -42.78 10.89
C GLY G 20 46.48 -44.29 10.77
N HIS G 21 46.77 -45.06 11.83
CA HIS G 21 46.63 -46.51 11.80
C HIS G 21 45.74 -46.95 12.95
N PHE G 22 44.55 -47.48 12.64
CA PHE G 22 43.59 -47.93 13.63
C PHE G 22 43.79 -49.44 13.86
N ASP G 23 45.02 -49.89 14.11
CA ASP G 23 45.26 -51.17 14.78
C ASP G 23 44.78 -51.00 16.22
N ALA G 24 44.86 -52.07 17.01
CA ALA G 24 44.45 -52.00 18.41
C ALA G 24 45.08 -50.79 19.13
N GLU G 25 46.39 -50.53 18.90
CA GLU G 25 47.09 -49.43 19.57
C GLU G 25 46.47 -48.08 19.19
N GLY G 26 46.22 -47.89 17.89
CA GLY G 26 45.72 -46.65 17.39
C GLY G 26 44.31 -46.38 17.90
N ILE G 27 43.51 -47.46 17.97
CA ILE G 27 42.16 -47.39 18.48
C ILE G 27 42.17 -46.87 19.91
N ARG G 28 42.94 -47.52 20.82
CA ARG G 28 42.98 -47.08 22.21
C ARG G 28 43.61 -45.69 22.33
N TYR G 29 44.62 -45.40 21.51
CA TYR G 29 45.28 -44.11 21.59
C TYR G 29 44.30 -42.99 21.22
N SER G 30 43.60 -43.20 20.11
CA SER G 30 42.73 -42.16 19.59
C SER G 30 41.57 -41.89 20.55
N VAL G 31 41.07 -42.96 21.19
CA VAL G 31 39.95 -42.85 22.11
C VAL G 31 40.40 -42.07 23.32
N GLN G 32 41.53 -42.47 23.90
CA GLN G 32 42.03 -41.83 25.10
C GLN G 32 42.28 -40.35 24.86
N LYS G 33 42.95 -40.01 23.75
CA LYS G 33 43.35 -38.64 23.47
C LYS G 33 42.12 -37.75 23.25
N THR G 34 41.08 -38.33 22.62
CA THR G 34 39.82 -37.67 22.38
C THR G 34 39.20 -37.30 23.71
N ARG G 35 39.18 -38.26 24.65
CA ARG G 35 38.58 -38.02 25.96
C ARG G 35 39.36 -36.92 26.65
N GLU G 36 40.68 -36.98 26.57
CA GLU G 36 41.53 -36.07 27.31
C GLU G 36 41.36 -34.67 26.74
N ALA G 37 41.11 -34.55 25.43
CA ALA G 37 40.99 -33.24 24.81
C ALA G 37 39.66 -32.59 25.18
N GLY G 38 38.70 -33.37 25.69
CA GLY G 38 37.46 -32.83 26.24
C GLY G 38 36.22 -33.21 25.41
N PHE G 39 36.41 -34.03 24.38
CA PHE G 39 35.30 -34.37 23.50
C PHE G 39 34.41 -35.45 24.09
N ASP G 40 33.23 -35.59 23.49
CA ASP G 40 32.25 -36.60 23.84
C ASP G 40 32.34 -37.82 22.92
N LEU G 41 32.85 -37.62 21.70
CA LEU G 41 32.74 -38.67 20.70
C LEU G 41 33.99 -38.72 19.83
N VAL G 42 34.35 -39.94 19.41
CA VAL G 42 35.39 -40.17 18.42
C VAL G 42 34.73 -40.69 17.16
N GLU G 43 35.22 -40.19 16.01
CA GLU G 43 34.79 -40.63 14.69
C GLU G 43 35.93 -41.45 14.10
N PHE G 44 35.68 -42.76 13.96
CA PHE G 44 36.68 -43.69 13.47
C PHE G 44 36.60 -43.70 11.96
N PRO G 45 37.70 -43.45 11.25
CA PRO G 45 37.70 -43.64 9.80
C PRO G 45 37.88 -45.12 9.56
N LEU G 46 36.83 -45.78 9.09
CA LEU G 46 36.86 -47.21 8.83
C LEU G 46 37.20 -47.43 7.36
N MET G 47 38.43 -47.14 6.96
CA MET G 47 38.76 -47.25 5.55
C MET G 47 38.71 -48.73 5.16
N ASP G 48 39.09 -49.62 6.11
CA ASP G 48 38.96 -51.06 5.99
C ASP G 48 38.20 -51.62 7.20
N PRO G 49 36.86 -51.70 7.17
CA PRO G 49 36.10 -52.24 8.30
C PRO G 49 36.15 -53.76 8.50
N PHE G 50 36.64 -54.50 7.51
CA PHE G 50 36.80 -55.94 7.64
C PHE G 50 37.81 -56.29 8.74
N SER G 51 38.86 -55.48 8.92
CA SER G 51 39.93 -55.77 9.86
C SER G 51 39.89 -54.86 11.09
N PHE G 52 38.92 -53.95 11.18
CA PHE G 52 38.81 -53.10 12.34
C PHE G 52 38.52 -53.92 13.60
N ASP G 53 39.33 -53.67 14.62
CA ASP G 53 39.26 -54.41 15.86
C ASP G 53 38.12 -53.87 16.73
N VAL G 54 36.91 -54.36 16.45
CA VAL G 54 35.70 -53.97 17.18
C VAL G 54 35.89 -54.16 18.68
N GLN G 55 36.47 -55.29 19.09
CA GLN G 55 36.61 -55.66 20.48
C GLN G 55 37.40 -54.60 21.23
N THR G 56 38.57 -54.21 20.70
CA THR G 56 39.39 -53.19 21.34
C THR G 56 38.64 -51.85 21.41
N ALA G 57 37.86 -51.54 20.37
CA ALA G 57 37.13 -50.28 20.35
C ALA G 57 36.10 -50.26 21.47
N LYS G 58 35.26 -51.30 21.57
CA LYS G 58 34.25 -51.38 22.62
C LYS G 58 34.88 -51.21 24.00
N SER G 59 36.00 -51.88 24.20
CA SER G 59 36.72 -51.84 25.46
C SER G 59 37.22 -50.42 25.75
N ALA G 60 37.87 -49.78 24.76
CA ALA G 60 38.40 -48.42 24.99
C ALA G 60 37.28 -47.41 25.23
N LEU G 61 36.23 -47.48 24.41
CA LEU G 61 35.08 -46.59 24.53
C LEU G 61 34.51 -46.69 25.94
N ALA G 62 34.33 -47.91 26.47
CA ALA G 62 33.82 -48.12 27.82
C ALA G 62 34.77 -47.56 28.86
N GLU G 63 36.04 -47.86 28.72
CA GLU G 63 36.98 -47.33 29.68
C GLU G 63 36.89 -45.80 29.75
N HIS G 64 36.72 -45.11 28.61
CA HIS G 64 36.80 -43.65 28.59
C HIS G 64 35.43 -42.98 28.55
N GLY G 65 34.34 -43.76 28.50
CA GLY G 65 33.00 -43.19 28.57
C GLY G 65 32.64 -42.39 27.33
N LEU G 66 33.17 -42.79 26.18
CA LEU G 66 33.06 -42.01 24.95
C LEU G 66 32.06 -42.68 24.00
N ALA G 67 31.24 -41.89 23.31
CA ALA G 67 30.50 -42.34 22.14
C ALA G 67 31.41 -42.46 20.91
N ALA G 68 30.89 -43.14 19.89
CA ALA G 68 31.63 -43.40 18.67
C ALA G 68 30.71 -43.33 17.47
N SER G 69 31.30 -42.87 16.37
CA SER G 69 30.67 -42.90 15.07
C SER G 69 31.74 -43.36 14.09
N ALA G 70 31.42 -43.49 12.81
CA ALA G 70 32.44 -43.86 11.85
C ALA G 70 32.10 -43.23 10.52
N SER G 71 33.17 -43.01 9.75
CA SER G 71 33.05 -42.51 8.40
C SER G 71 33.97 -43.31 7.51
N LEU G 72 33.86 -43.10 6.21
CA LEU G 72 34.80 -43.72 5.30
C LEU G 72 34.62 -43.07 3.94
N GLY G 73 35.61 -43.20 3.09
CA GLY G 73 35.44 -42.89 1.68
C GLY G 73 35.74 -44.13 0.85
N LEU G 74 34.94 -44.37 -0.18
CA LEU G 74 35.18 -45.50 -1.06
C LEU G 74 36.39 -45.21 -1.95
N SER G 75 36.87 -46.23 -2.67
CA SER G 75 37.94 -46.06 -3.65
C SER G 75 37.49 -46.66 -4.99
N ASP G 76 38.37 -46.70 -6.00
CA ASP G 76 38.04 -47.25 -7.31
C ASP G 76 37.51 -48.70 -7.25
N ALA G 77 38.08 -49.49 -6.35
CA ALA G 77 37.70 -50.90 -6.20
C ALA G 77 36.30 -51.04 -5.59
N THR G 78 35.82 -49.98 -4.92
CA THR G 78 34.57 -50.03 -4.16
C THR G 78 33.60 -48.93 -4.59
N ASP G 79 33.76 -48.42 -5.82
CA ASP G 79 33.00 -47.27 -6.27
C ASP G 79 31.57 -47.66 -6.65
N VAL G 80 30.61 -47.36 -5.76
CA VAL G 80 29.21 -47.67 -6.03
C VAL G 80 28.63 -46.77 -7.11
N SER G 81 29.38 -45.78 -7.62
CA SER G 81 28.92 -44.99 -8.76
C SER G 81 29.55 -45.47 -10.07
N SER G 82 30.27 -46.59 -10.04
CA SER G 82 30.73 -47.29 -11.22
C SER G 82 29.55 -47.85 -12.03
N GLU G 83 29.74 -48.01 -13.35
CA GLU G 83 28.77 -48.73 -14.18
C GLU G 83 29.00 -50.24 -14.10
N ASP G 84 30.15 -50.66 -13.55
CA ASP G 84 30.51 -52.06 -13.42
C ASP G 84 29.87 -52.65 -12.19
N PRO G 85 28.91 -53.62 -12.34
CA PRO G 85 28.16 -54.18 -11.22
C PRO G 85 29.02 -54.88 -10.16
N ALA G 86 30.20 -55.37 -10.57
CA ALA G 86 31.07 -56.08 -9.63
C ALA G 86 31.77 -55.07 -8.71
N VAL G 87 32.15 -53.92 -9.27
CA VAL G 87 32.72 -52.83 -8.49
C VAL G 87 31.66 -52.31 -7.50
N VAL G 88 30.42 -52.12 -7.98
CA VAL G 88 29.33 -51.64 -7.12
C VAL G 88 29.16 -52.59 -5.95
N LYS G 89 29.14 -53.89 -6.24
CA LYS G 89 28.84 -54.90 -5.24
C LYS G 89 29.95 -54.96 -4.20
N ALA G 90 31.21 -54.86 -4.61
CA ALA G 90 32.30 -54.79 -3.65
C ALA G 90 32.15 -53.56 -2.74
N GLY G 91 31.75 -52.42 -3.31
CA GLY G 91 31.49 -51.24 -2.51
C GLY G 91 30.40 -51.46 -1.45
N GLU G 92 29.27 -52.00 -1.92
CA GLU G 92 28.10 -52.26 -1.10
C GLU G 92 28.47 -53.19 0.05
N GLU G 93 29.37 -54.13 -0.24
CA GLU G 93 29.80 -55.11 0.72
C GLU G 93 30.59 -54.42 1.82
N LEU G 94 31.52 -53.54 1.42
CA LEU G 94 32.30 -52.72 2.35
C LEU G 94 31.39 -51.84 3.23
N LEU G 95 30.47 -51.10 2.62
CA LEU G 95 29.51 -50.28 3.35
C LEU G 95 28.73 -51.14 4.36
N ASN G 96 28.22 -52.30 3.92
CA ASN G 96 27.44 -53.17 4.79
C ASN G 96 28.25 -53.55 6.02
N ARG G 97 29.52 -53.91 5.84
CA ARG G 97 30.37 -54.28 6.97
C ARG G 97 30.59 -53.10 7.91
N ALA G 98 30.73 -51.89 7.34
CA ALA G 98 30.93 -50.72 8.18
C ALA G 98 29.72 -50.51 9.08
N VAL G 99 28.52 -50.66 8.49
CA VAL G 99 27.27 -50.57 9.24
C VAL G 99 27.23 -51.63 10.36
N ASP G 100 27.65 -52.85 10.04
CA ASP G 100 27.70 -53.93 11.03
C ASP G 100 28.66 -53.58 12.19
N VAL G 101 29.85 -53.07 11.88
CA VAL G 101 30.80 -52.65 12.91
C VAL G 101 30.10 -51.69 13.86
N LEU G 102 29.44 -50.69 13.27
CA LEU G 102 28.83 -49.65 14.07
C LEU G 102 27.78 -50.29 14.98
N ALA G 103 27.02 -51.27 14.43
CA ALA G 103 26.00 -51.97 15.20
C ALA G 103 26.63 -52.62 16.42
N GLU G 104 27.75 -53.32 16.24
CA GLU G 104 28.44 -53.97 17.35
C GLU G 104 28.99 -52.99 18.38
N LEU G 105 29.27 -51.75 17.98
CA LEU G 105 29.77 -50.77 18.92
C LEU G 105 28.61 -50.13 19.70
N GLY G 106 27.36 -50.34 19.26
CA GLY G 106 26.21 -49.62 19.81
C GLY G 106 26.10 -48.17 19.32
N ALA G 107 26.67 -47.88 18.14
CA ALA G 107 26.70 -46.53 17.59
C ALA G 107 25.42 -46.25 16.79
N THR G 108 25.22 -44.96 16.43
CA THR G 108 24.01 -44.54 15.75
C THR G 108 24.33 -43.86 14.41
N ASP G 109 25.60 -43.58 14.11
CA ASP G 109 25.87 -42.73 12.97
C ASP G 109 27.00 -43.29 12.09
N PHE G 110 26.65 -43.46 10.82
CA PHE G 110 27.60 -43.74 9.77
C PHE G 110 27.51 -42.58 8.78
N CYS G 111 28.67 -42.17 8.26
CA CYS G 111 28.71 -41.04 7.36
C CYS G 111 29.96 -41.11 6.47
N GLY G 112 30.05 -40.16 5.52
CA GLY G 112 31.23 -39.99 4.69
C GLY G 112 30.91 -40.07 3.20
N VAL G 113 31.92 -40.40 2.42
CA VAL G 113 31.78 -40.39 0.98
C VAL G 113 31.46 -41.83 0.57
N ILE G 114 30.17 -42.17 0.62
CA ILE G 114 29.72 -43.55 0.51
C ILE G 114 28.87 -43.75 -0.74
N TYR G 115 28.83 -42.73 -1.59
CA TYR G 115 27.96 -42.65 -2.76
C TYR G 115 28.84 -42.64 -4.00
N SER G 116 30.14 -42.51 -3.80
CA SER G 116 31.11 -42.57 -4.88
C SER G 116 32.48 -42.89 -4.28
N ALA G 117 33.46 -43.02 -5.14
CA ALA G 117 34.85 -43.02 -4.71
C ALA G 117 35.21 -41.62 -4.21
N MET G 118 36.22 -41.57 -3.34
CA MET G 118 36.69 -40.33 -2.75
C MET G 118 38.01 -40.01 -3.44
N LYS G 119 37.90 -39.25 -4.52
CA LYS G 119 39.04 -39.01 -5.37
C LYS G 119 38.74 -37.91 -6.35
N LYS G 120 39.76 -37.50 -7.10
CA LYS G 120 39.62 -36.61 -8.24
C LYS G 120 39.28 -37.44 -9.48
N TYR G 121 37.98 -37.55 -9.77
CA TYR G 121 37.48 -38.06 -11.03
C TYR G 121 38.03 -37.25 -12.20
N MET G 122 38.18 -37.91 -13.36
CA MET G 122 38.64 -37.25 -14.56
C MET G 122 37.49 -37.19 -15.56
N GLU G 123 36.30 -37.60 -15.14
CA GLU G 123 35.14 -37.64 -16.02
C GLU G 123 33.91 -37.27 -15.18
N PRO G 124 32.88 -36.62 -15.76
CA PRO G 124 31.63 -36.43 -15.04
C PRO G 124 30.98 -37.76 -14.68
N ALA G 125 30.12 -37.74 -13.65
CA ALA G 125 29.32 -38.89 -13.30
C ALA G 125 28.41 -39.23 -14.48
N THR G 126 27.84 -40.43 -14.41
CA THR G 126 27.10 -40.96 -15.53
C THR G 126 25.73 -41.40 -15.01
N ALA G 127 24.71 -41.38 -15.89
CA ALA G 127 23.33 -41.69 -15.52
C ALA G 127 23.24 -43.08 -14.90
N ALA G 128 23.93 -44.04 -15.54
CA ALA G 128 23.92 -45.43 -15.09
C ALA G 128 24.64 -45.57 -13.75
N GLY G 129 25.78 -44.88 -13.63
CA GLY G 129 26.55 -44.85 -12.39
C GLY G 129 25.75 -44.25 -11.23
N LEU G 130 25.04 -43.14 -11.50
CA LEU G 130 24.26 -42.49 -10.46
C LEU G 130 23.19 -43.43 -9.92
N ALA G 131 22.55 -44.17 -10.84
CA ALA G 131 21.45 -45.04 -10.48
C ALA G 131 21.95 -46.20 -9.61
N ASN G 132 23.13 -46.71 -9.97
CA ASN G 132 23.84 -47.71 -9.16
C ASN G 132 24.13 -47.15 -7.77
N SER G 133 24.62 -45.90 -7.70
CA SER G 133 24.99 -45.29 -6.43
C SER G 133 23.77 -45.25 -5.50
N LYS G 134 22.67 -44.68 -6.00
CA LYS G 134 21.46 -44.49 -5.21
C LYS G 134 20.91 -45.81 -4.73
N ALA G 135 20.84 -46.79 -5.64
CA ALA G 135 20.23 -48.06 -5.29
C ALA G 135 21.06 -48.72 -4.19
N ALA G 136 22.39 -48.72 -4.34
CA ALA G 136 23.25 -49.33 -3.33
C ALA G 136 23.08 -48.63 -1.99
N VAL G 137 23.11 -47.29 -2.00
CA VAL G 137 23.01 -46.49 -0.79
C VAL G 137 21.64 -46.70 -0.14
N GLY G 138 20.60 -46.82 -0.97
CA GLY G 138 19.27 -47.14 -0.46
C GLY G 138 19.22 -48.47 0.30
N ARG G 139 19.89 -49.49 -0.26
CA ARG G 139 19.90 -50.81 0.39
C ARG G 139 20.74 -50.74 1.66
N VAL G 140 21.88 -50.03 1.61
CA VAL G 140 22.75 -49.85 2.77
C VAL G 140 21.97 -49.13 3.88
N ALA G 141 21.19 -48.12 3.50
CA ALA G 141 20.40 -47.35 4.44
C ALA G 141 19.33 -48.21 5.12
N ASP G 142 18.57 -48.96 4.32
CA ASP G 142 17.56 -49.88 4.85
C ASP G 142 18.17 -50.87 5.86
N ARG G 143 19.32 -51.44 5.49
CA ARG G 143 20.01 -52.37 6.35
C ARG G 143 20.36 -51.68 7.66
N ALA G 144 20.96 -50.50 7.53
CA ALA G 144 21.32 -49.70 8.68
C ALA G 144 20.09 -49.37 9.55
N SER G 145 18.97 -49.04 8.91
CA SER G 145 17.75 -48.66 9.60
C SER G 145 17.35 -49.72 10.63
N ASP G 146 17.29 -50.99 10.20
CA ASP G 146 16.97 -52.12 11.07
C ASP G 146 17.88 -52.15 12.30
N LEU G 147 19.13 -51.69 12.15
CA LEU G 147 20.14 -51.76 13.20
C LEU G 147 20.12 -50.50 14.07
N GLY G 148 19.17 -49.59 13.82
CA GLY G 148 19.14 -48.31 14.51
C GLY G 148 20.32 -47.40 14.13
N ILE G 149 20.79 -47.47 12.87
CA ILE G 149 21.90 -46.64 12.41
C ILE G 149 21.40 -45.63 11.39
N ASN G 150 21.82 -44.37 11.57
CA ASN G 150 21.58 -43.31 10.61
C ASN G 150 22.74 -43.25 9.63
N VAL G 151 22.41 -43.00 8.36
CA VAL G 151 23.40 -42.91 7.30
C VAL G 151 23.32 -41.52 6.66
N SER G 152 24.45 -40.79 6.75
CA SER G 152 24.54 -39.44 6.23
C SER G 152 25.58 -39.34 5.12
N LEU G 153 25.19 -38.79 3.97
CA LEU G 153 26.11 -38.61 2.85
C LEU G 153 26.90 -37.31 3.04
N GLU G 154 28.24 -37.40 3.11
CA GLU G 154 29.08 -36.22 3.24
C GLU G 154 29.20 -35.55 1.87
N VAL G 155 28.69 -34.31 1.79
CA VAL G 155 28.89 -33.48 0.60
C VAL G 155 30.33 -33.00 0.60
N VAL G 156 31.07 -33.22 -0.50
CA VAL G 156 32.50 -32.92 -0.55
C VAL G 156 32.81 -32.20 -1.87
N ASN G 157 33.95 -31.53 -1.89
CA ASN G 157 34.28 -30.69 -3.02
C ASN G 157 34.58 -31.50 -4.29
N ARG G 158 34.65 -30.76 -5.40
CA ARG G 158 34.81 -31.29 -6.76
C ARG G 158 36.06 -32.16 -6.97
N TYR G 159 37.07 -32.08 -6.10
CA TYR G 159 38.29 -32.84 -6.26
C TYR G 159 38.24 -34.15 -5.46
N GLU G 160 37.12 -34.39 -4.78
CA GLU G 160 36.95 -35.58 -3.96
C GLU G 160 35.70 -36.37 -4.36
N THR G 161 34.78 -35.76 -5.16
CA THR G 161 33.71 -36.50 -5.82
C THR G 161 33.20 -35.71 -7.02
N ASN G 162 32.50 -36.42 -7.91
CA ASN G 162 31.78 -35.78 -9.01
C ASN G 162 30.26 -35.93 -8.87
N VAL G 163 29.81 -36.40 -7.72
CA VAL G 163 28.39 -36.65 -7.52
C VAL G 163 27.76 -35.57 -6.63
N LEU G 164 28.09 -35.55 -5.32
CA LEU G 164 27.43 -34.64 -4.40
C LEU G 164 28.38 -33.54 -3.96
N ASN G 165 28.36 -32.39 -4.64
CA ASN G 165 29.27 -31.29 -4.33
C ASN G 165 28.58 -30.15 -3.57
N THR G 166 27.25 -30.13 -3.56
CA THR G 166 26.50 -29.14 -2.80
C THR G 166 25.37 -29.78 -2.02
N GLY G 167 24.97 -29.10 -0.95
CA GLY G 167 23.81 -29.51 -0.16
C GLY G 167 22.56 -29.75 -1.01
N ARG G 168 22.33 -28.88 -1.98
CA ARG G 168 21.16 -28.97 -2.86
C ARG G 168 21.17 -30.30 -3.65
N GLN G 169 22.33 -30.68 -4.21
CA GLN G 169 22.47 -31.93 -4.95
C GLN G 169 22.22 -33.13 -4.02
N ALA G 170 22.73 -33.08 -2.79
CA ALA G 170 22.41 -34.12 -1.80
C ALA G 170 20.90 -34.20 -1.55
N LEU G 171 20.19 -33.06 -1.38
CA LEU G 171 18.74 -33.11 -1.20
C LEU G 171 18.04 -33.82 -2.36
N ALA G 172 18.39 -33.49 -3.59
CA ALA G 172 17.76 -34.11 -4.76
C ALA G 172 18.02 -35.62 -4.78
N TYR G 173 19.27 -36.02 -4.46
CA TYR G 173 19.65 -37.43 -4.35
C TYR G 173 18.79 -38.14 -3.29
N LEU G 174 18.57 -37.51 -2.13
CA LEU G 174 17.77 -38.15 -1.08
C LEU G 174 16.31 -38.22 -1.50
N GLU G 175 15.83 -37.21 -2.24
CA GLU G 175 14.41 -37.06 -2.52
C GLU G 175 13.93 -38.31 -3.25
N GLU G 176 14.75 -38.77 -4.21
CA GLU G 176 14.54 -40.00 -4.94
C GLU G 176 14.38 -41.21 -4.01
N LEU G 177 15.28 -41.35 -3.00
CA LEU G 177 15.30 -42.54 -2.18
C LEU G 177 14.23 -42.51 -1.09
N ASN G 178 13.88 -41.32 -0.60
CA ASN G 178 12.84 -41.18 0.38
C ASN G 178 13.04 -42.17 1.53
N ARG G 179 14.22 -42.12 2.17
CA ARG G 179 14.52 -42.98 3.29
C ARG G 179 14.58 -42.16 4.56
N PRO G 180 13.88 -42.55 5.65
CA PRO G 180 13.83 -41.73 6.86
C PRO G 180 15.10 -41.73 7.72
N ASN G 181 16.00 -42.69 7.53
CA ASN G 181 17.27 -42.69 8.27
C ASN G 181 18.43 -42.21 7.39
N LEU G 182 18.14 -41.74 6.16
CA LEU G 182 19.16 -41.28 5.22
C LEU G 182 19.24 -39.75 5.35
N GLY G 183 20.42 -39.23 5.70
CA GLY G 183 20.57 -37.79 5.90
C GLY G 183 21.74 -37.18 5.14
N ILE G 184 21.97 -35.91 5.45
CA ILE G 184 23.01 -35.13 4.84
C ILE G 184 24.04 -34.77 5.91
N HIS G 185 25.30 -34.91 5.52
CA HIS G 185 26.46 -34.53 6.31
C HIS G 185 27.14 -33.36 5.60
N LEU G 186 27.24 -32.20 6.26
CA LEU G 186 27.92 -31.03 5.71
C LEU G 186 29.22 -30.82 6.46
N ASP G 187 30.21 -30.33 5.72
CA ASP G 187 31.55 -30.13 6.22
C ASP G 187 31.93 -28.70 5.87
N THR G 188 32.28 -27.88 6.88
CA THR G 188 32.59 -26.48 6.63
C THR G 188 33.71 -26.31 5.61
N TYR G 189 34.66 -27.25 5.61
CA TYR G 189 35.80 -27.21 4.71
C TYR G 189 35.33 -27.32 3.27
N HIS G 190 34.42 -28.26 3.03
CA HIS G 190 33.89 -28.49 1.68
C HIS G 190 32.91 -27.38 1.29
N MET G 191 32.10 -26.91 2.24
CA MET G 191 31.15 -25.84 1.99
C MET G 191 31.88 -24.59 1.53
N ASN G 192 33.05 -24.36 2.13
CA ASN G 192 33.84 -23.18 1.89
C ASN G 192 34.21 -23.03 0.40
N ILE G 193 34.23 -24.15 -0.33
CA ILE G 193 34.55 -24.17 -1.75
C ILE G 193 33.27 -24.06 -2.57
N GLU G 194 32.31 -24.96 -2.36
CA GLU G 194 31.27 -25.21 -3.33
C GLU G 194 30.02 -24.35 -3.11
N GLU G 195 29.71 -23.98 -1.86
CA GLU G 195 28.43 -23.36 -1.56
C GLU G 195 28.45 -21.85 -1.77
N SER G 196 27.26 -21.27 -1.88
CA SER G 196 27.09 -19.84 -2.09
C SER G 196 27.43 -19.05 -0.84
N ASP G 197 27.27 -19.68 0.33
CA ASP G 197 27.48 -19.06 1.63
C ASP G 197 27.31 -20.14 2.71
N MET G 198 27.44 -19.79 3.99
CA MET G 198 27.44 -20.80 5.04
C MET G 198 26.09 -20.92 5.75
N PHE G 199 25.06 -20.18 5.33
CA PHE G 199 23.75 -20.32 5.97
C PHE G 199 22.72 -21.04 5.08
N SER G 200 22.66 -20.69 3.78
CA SER G 200 21.69 -21.25 2.85
C SER G 200 21.67 -22.77 2.91
N PRO G 201 22.85 -23.42 2.80
CA PRO G 201 22.87 -24.89 2.78
C PRO G 201 22.26 -25.49 4.05
N ILE G 202 22.45 -24.82 5.20
CA ILE G 202 21.88 -25.32 6.46
C ILE G 202 20.37 -25.15 6.40
N LEU G 203 19.91 -23.98 5.99
CA LEU G 203 18.48 -23.71 5.96
C LEU G 203 17.77 -24.64 4.96
N ASP G 204 18.39 -24.87 3.80
CA ASP G 204 17.79 -25.71 2.76
C ASP G 204 17.74 -27.16 3.19
N THR G 205 18.74 -27.60 3.98
CA THR G 205 18.95 -28.99 4.28
C THR G 205 18.39 -29.33 5.67
N ALA G 206 17.83 -28.34 6.36
CA ALA G 206 17.35 -28.43 7.73
C ALA G 206 16.78 -29.80 8.10
N GLU G 207 15.84 -30.31 7.31
CA GLU G 207 15.11 -31.52 7.67
C GLU G 207 16.09 -32.69 7.69
N ALA G 208 17.01 -32.67 6.73
CA ALA G 208 17.81 -33.83 6.42
C ALA G 208 19.20 -33.71 7.04
N LEU G 209 19.56 -32.58 7.64
CA LEU G 209 20.91 -32.43 8.16
C LEU G 209 21.06 -33.26 9.44
N ARG G 210 22.02 -34.20 9.41
CA ARG G 210 22.21 -35.06 10.56
C ARG G 210 23.66 -35.21 11.02
N TYR G 211 24.63 -34.61 10.32
CA TYR G 211 26.00 -34.71 10.79
C TYR G 211 26.80 -33.51 10.26
N VAL G 212 27.76 -33.06 11.06
CA VAL G 212 28.50 -31.86 10.75
C VAL G 212 29.97 -32.12 11.02
N HIS G 213 30.80 -31.70 10.05
CA HIS G 213 32.23 -31.61 10.27
C HIS G 213 32.62 -30.14 10.36
N ILE G 214 33.51 -29.87 11.31
CA ILE G 214 34.07 -28.57 11.56
C ILE G 214 35.53 -28.63 11.16
N GLY G 215 35.83 -28.07 9.98
CA GLY G 215 37.18 -27.98 9.44
C GLY G 215 37.45 -26.58 8.91
N GLU G 216 38.63 -26.07 9.22
CA GLU G 216 39.11 -24.80 8.69
C GLU G 216 39.39 -24.96 7.19
N SER G 217 39.57 -23.83 6.50
CA SER G 217 39.72 -23.84 5.05
C SER G 217 40.90 -24.70 4.58
N HIS G 218 41.99 -24.73 5.36
CA HIS G 218 43.18 -25.49 5.03
C HIS G 218 43.30 -26.73 5.93
N ARG G 219 42.24 -27.00 6.70
CA ARG G 219 42.07 -28.19 7.53
C ARG G 219 43.00 -28.18 8.73
N GLY G 220 43.55 -27.02 9.10
CA GLY G 220 44.34 -26.89 10.32
C GLY G 220 43.54 -26.34 11.50
N TYR G 221 44.23 -25.51 12.30
CA TYR G 221 43.68 -24.88 13.49
C TYR G 221 42.43 -24.05 13.16
N LEU G 222 41.38 -24.17 13.99
CA LEU G 222 40.14 -23.44 13.77
C LEU G 222 40.39 -21.97 14.05
N GLY G 223 39.99 -21.15 13.08
CA GLY G 223 40.13 -19.71 13.17
C GLY G 223 41.46 -19.21 12.59
N THR G 224 42.20 -20.08 11.84
CA THR G 224 43.47 -19.68 11.23
C THR G 224 43.40 -19.77 9.71
N GLY G 225 42.18 -19.86 9.18
CA GLY G 225 41.92 -19.86 7.76
C GLY G 225 40.72 -18.99 7.49
N SER G 226 40.02 -19.28 6.41
CA SER G 226 39.10 -18.30 5.89
C SER G 226 37.65 -18.77 6.08
N VAL G 227 37.38 -19.84 6.87
CA VAL G 227 36.02 -20.37 6.93
C VAL G 227 35.18 -19.43 7.81
N ASP G 228 33.94 -19.17 7.38
CA ASP G 228 33.03 -18.29 8.09
C ASP G 228 32.23 -19.16 9.08
N PHE G 229 32.87 -19.48 10.21
CA PHE G 229 32.24 -20.30 11.24
C PHE G 229 31.06 -19.56 11.88
N ASP G 230 31.14 -18.24 11.95
CA ASP G 230 30.14 -17.47 12.66
C ASP G 230 28.80 -17.64 11.96
N THR G 231 28.74 -17.44 10.64
CA THR G 231 27.51 -17.59 9.88
C THR G 231 27.00 -19.03 10.02
N PHE G 232 27.92 -19.99 9.92
CA PHE G 232 27.59 -21.39 9.99
C PHE G 232 26.95 -21.75 11.32
N PHE G 233 27.56 -21.39 12.47
CA PHE G 233 26.99 -21.74 13.77
C PHE G 233 25.69 -20.98 14.00
N LYS G 234 25.54 -19.76 13.45
CA LYS G 234 24.32 -18.98 13.65
C LYS G 234 23.17 -19.71 12.96
N ALA G 235 23.44 -20.25 11.78
CA ALA G 235 22.43 -20.96 10.99
C ALA G 235 22.07 -22.30 11.63
N LEU G 236 23.09 -23.02 12.15
CA LEU G 236 22.86 -24.24 12.90
C LEU G 236 21.92 -23.97 14.06
N GLY G 237 22.20 -22.91 14.81
CA GLY G 237 21.34 -22.45 15.90
C GLY G 237 19.90 -22.18 15.44
N ARG G 238 19.75 -21.47 14.32
CA ARG G 238 18.43 -21.11 13.86
C ARG G 238 17.54 -22.32 13.59
N ILE G 239 18.08 -23.42 13.04
CA ILE G 239 17.26 -24.58 12.71
C ILE G 239 17.22 -25.59 13.87
N GLY G 240 17.90 -25.28 14.97
CA GLY G 240 17.80 -26.15 16.14
C GLY G 240 18.52 -27.48 15.93
N TYR G 241 19.61 -27.45 15.17
CA TYR G 241 20.39 -28.65 14.89
C TYR G 241 20.91 -29.26 16.19
N ASP G 242 20.73 -30.56 16.33
CA ASP G 242 21.16 -31.23 17.56
C ASP G 242 21.92 -32.53 17.26
N GLY G 243 22.40 -32.69 16.02
CA GLY G 243 23.18 -33.86 15.63
C GLY G 243 24.63 -33.72 16.06
N PRO G 244 25.53 -34.68 15.76
CA PRO G 244 26.95 -34.52 16.03
C PRO G 244 27.62 -33.34 15.32
N VAL G 245 28.55 -32.71 16.04
CA VAL G 245 29.45 -31.69 15.54
C VAL G 245 30.86 -32.15 15.83
N VAL G 246 31.58 -32.47 14.75
CA VAL G 246 32.85 -33.17 14.85
C VAL G 246 33.98 -32.38 14.21
N PHE G 247 35.02 -32.13 15.01
CA PHE G 247 36.25 -31.53 14.55
C PHE G 247 37.01 -32.47 13.65
N GLU G 248 37.55 -31.94 12.55
CA GLU G 248 38.23 -32.71 11.53
C GLU G 248 39.42 -31.86 11.12
N SER G 249 40.63 -32.45 11.22
CA SER G 249 41.85 -31.75 10.95
C SER G 249 42.93 -32.72 10.47
N PHE G 250 43.73 -32.28 9.52
CA PHE G 250 44.78 -33.10 8.92
C PHE G 250 46.08 -32.33 8.77
N SER G 251 47.17 -33.01 9.15
CA SER G 251 48.53 -32.48 9.07
C SER G 251 49.51 -33.59 8.73
N SER G 252 50.63 -33.19 8.12
CA SER G 252 51.70 -34.10 7.77
C SER G 252 52.30 -34.72 9.02
N SER G 253 51.98 -34.20 10.21
CA SER G 253 52.53 -34.81 11.41
C SER G 253 51.77 -36.07 11.80
N VAL G 254 50.61 -36.31 11.20
CA VAL G 254 49.89 -37.57 11.42
C VAL G 254 49.42 -38.11 10.07
N VAL G 255 49.99 -39.25 9.67
CA VAL G 255 49.85 -39.76 8.32
C VAL G 255 49.08 -41.08 8.35
N ALA G 256 48.00 -41.15 7.57
CA ALA G 256 47.36 -42.41 7.25
C ALA G 256 47.85 -42.82 5.86
N PRO G 257 48.28 -44.09 5.67
CA PRO G 257 48.98 -44.49 4.45
C PRO G 257 48.20 -44.16 3.17
N ASP G 258 46.88 -44.38 3.20
CA ASP G 258 46.05 -44.15 2.02
C ASP G 258 45.33 -42.80 2.16
N LEU G 259 44.73 -42.52 3.32
CA LEU G 259 43.84 -41.38 3.47
C LEU G 259 44.55 -40.03 3.30
N SER G 260 45.78 -39.93 3.81
CA SER G 260 46.53 -38.70 3.76
C SER G 260 46.89 -38.37 2.30
N ARG G 261 47.11 -39.41 1.49
CA ARG G 261 47.38 -39.28 0.06
C ARG G 261 46.10 -38.86 -0.68
N MET G 262 45.00 -39.54 -0.37
CA MET G 262 43.73 -39.32 -1.05
C MET G 262 43.24 -37.88 -0.83
N LEU G 263 43.52 -37.31 0.35
CA LEU G 263 43.06 -35.97 0.71
C LEU G 263 44.11 -34.90 0.39
N GLY G 264 45.31 -35.31 -0.05
CA GLY G 264 46.31 -34.36 -0.50
C GLY G 264 46.90 -33.57 0.65
N ILE G 265 47.26 -34.28 1.74
CA ILE G 265 47.78 -33.63 2.93
C ILE G 265 49.30 -33.54 2.82
N TRP G 266 49.77 -32.51 2.10
CA TRP G 266 51.18 -32.33 1.77
C TRP G 266 51.92 -31.56 2.87
N ARG G 267 51.21 -30.71 3.63
CA ARG G 267 51.82 -29.68 4.47
C ARG G 267 51.63 -30.00 5.94
N ASN G 268 52.53 -29.44 6.73
CA ASN G 268 52.41 -29.30 8.17
C ASN G 268 51.45 -28.16 8.52
N LEU G 269 50.31 -28.46 9.15
CA LEU G 269 49.41 -27.45 9.68
C LEU G 269 49.45 -27.43 11.21
N TRP G 270 50.14 -28.41 11.81
CA TRP G 270 50.30 -28.52 13.25
C TRP G 270 51.23 -29.68 13.57
N ALA G 271 51.97 -29.55 14.69
CA ALA G 271 52.79 -30.63 15.21
C ALA G 271 52.21 -31.23 16.48
N ASP G 272 51.52 -30.44 17.29
CA ASP G 272 51.11 -30.84 18.62
C ASP G 272 49.60 -31.06 18.64
N ASN G 273 49.17 -32.32 18.57
CA ASN G 273 47.77 -32.59 18.35
C ASN G 273 46.99 -32.42 19.66
N GLU G 274 47.66 -32.46 20.81
CA GLU G 274 46.97 -32.29 22.08
C GLU G 274 46.55 -30.84 22.24
N GLU G 275 47.43 -29.92 21.83
CA GLU G 275 47.05 -28.52 21.87
C GLU G 275 45.93 -28.30 20.86
N LEU G 276 46.12 -28.85 19.65
CA LEU G 276 45.15 -28.67 18.60
C LEU G 276 43.76 -29.09 19.11
N GLY G 277 43.72 -30.29 19.70
CA GLY G 277 42.47 -30.92 20.08
C GLY G 277 41.73 -30.15 21.16
N ALA G 278 42.44 -29.73 22.21
CA ALA G 278 41.85 -28.95 23.30
C ALA G 278 41.33 -27.62 22.76
N HIS G 279 42.08 -27.04 21.81
CA HIS G 279 41.72 -25.76 21.23
C HIS G 279 40.43 -25.90 20.42
N ALA G 280 40.34 -26.99 19.65
CA ALA G 280 39.17 -27.23 18.80
C ALA G 280 37.93 -27.53 19.63
N ASN G 281 38.09 -28.33 20.69
CA ASN G 281 37.01 -28.66 21.61
C ASN G 281 36.47 -27.38 22.25
N ALA G 282 37.35 -26.51 22.71
CA ALA G 282 36.92 -25.22 23.26
C ALA G 282 36.25 -24.36 22.19
N PHE G 283 36.81 -24.34 20.97
CA PHE G 283 36.29 -23.49 19.91
C PHE G 283 34.81 -23.83 19.62
N ILE G 284 34.54 -25.11 19.42
CA ILE G 284 33.20 -25.54 19.09
C ILE G 284 32.25 -25.31 20.26
N ARG G 285 32.66 -25.72 21.48
CA ARG G 285 31.72 -25.62 22.59
C ARG G 285 31.42 -24.16 22.90
N ASP G 286 32.44 -23.28 22.84
CA ASP G 286 32.27 -21.89 23.21
C ASP G 286 31.40 -21.18 22.20
N LYS G 287 31.58 -21.54 20.92
CA LYS G 287 30.76 -21.02 19.83
C LYS G 287 29.29 -21.36 20.08
N LEU G 288 28.99 -22.64 20.38
CA LEU G 288 27.60 -23.04 20.65
C LEU G 288 27.02 -22.32 21.85
N THR G 289 27.79 -22.17 22.92
CA THR G 289 27.33 -21.42 24.09
C THR G 289 26.92 -20.00 23.68
N ALA G 290 27.77 -19.30 22.92
CA ALA G 290 27.51 -17.92 22.58
C ALA G 290 26.27 -17.79 21.71
N ILE G 291 26.11 -18.69 20.71
CA ILE G 291 24.99 -18.64 19.78
C ILE G 291 23.68 -18.82 20.55
N LYS G 292 23.65 -19.68 21.57
CA LYS G 292 22.44 -19.91 22.35
C LYS G 292 21.94 -18.59 22.94
N THR G 293 22.84 -17.65 23.24
CA THR G 293 22.44 -16.40 23.87
C THR G 293 21.74 -15.42 22.91
N ILE G 294 21.86 -15.61 21.59
CA ILE G 294 21.22 -14.74 20.61
C ILE G 294 19.69 -14.77 20.77
N GLU G 295 19.18 -15.97 21.03
CA GLU G 295 17.79 -16.27 21.36
C GLU G 295 17.08 -15.13 22.08
N LEU G 296 17.52 -14.82 23.29
CA LEU G 296 16.64 -14.10 24.18
C LEU G 296 16.94 -12.59 24.20
N HIS G 297 18.08 -12.14 23.67
CA HIS G 297 18.34 -10.71 23.65
C HIS G 297 18.36 -10.10 22.22
N MET H 9 47.89 -1.18 -14.80
CA MET H 9 47.14 -2.40 -14.43
C MET H 9 46.20 -2.75 -15.56
N LYS H 10 46.29 -3.99 -16.05
CA LYS H 10 45.37 -4.48 -17.08
C LYS H 10 44.36 -5.40 -16.41
N ILE H 11 43.07 -5.16 -16.68
CA ILE H 11 41.98 -5.98 -16.21
C ILE H 11 41.63 -6.95 -17.33
N GLY H 12 41.72 -8.24 -17.02
CA GLY H 12 41.66 -9.27 -18.04
C GLY H 12 40.59 -10.32 -17.79
N CYS H 13 40.43 -11.20 -18.78
CA CYS H 13 39.48 -12.28 -18.77
C CYS H 13 40.15 -13.52 -19.36
N HIS H 14 40.05 -14.63 -18.63
CA HIS H 14 40.55 -15.92 -19.06
C HIS H 14 39.66 -16.43 -20.19
N GLY H 15 40.27 -17.08 -21.20
CA GLY H 15 39.61 -17.43 -22.44
C GLY H 15 38.50 -18.47 -22.27
N LEU H 16 38.59 -19.28 -21.22
CA LEU H 16 37.62 -20.35 -20.98
C LEU H 16 36.27 -19.80 -20.57
N VAL H 17 36.18 -18.49 -20.32
CA VAL H 17 34.85 -17.91 -20.16
C VAL H 17 34.06 -18.04 -21.46
N TRP H 18 34.76 -18.06 -22.60
CA TRP H 18 34.15 -17.89 -23.91
C TRP H 18 34.16 -19.19 -24.69
N THR H 19 35.31 -19.89 -24.70
CA THR H 19 35.41 -21.12 -25.48
C THR H 19 36.39 -22.10 -24.84
N GLY H 20 36.14 -23.39 -25.09
CA GLY H 20 37.07 -24.46 -24.76
C GLY H 20 37.92 -24.95 -25.94
N HIS H 21 37.73 -24.37 -27.14
CA HIS H 21 38.49 -24.76 -28.33
C HIS H 21 39.14 -23.54 -28.98
N PHE H 22 40.48 -23.42 -28.89
CA PHE H 22 41.18 -22.28 -29.44
C PHE H 22 41.77 -22.60 -30.82
N ASP H 23 40.90 -23.09 -31.73
CA ASP H 23 41.11 -23.08 -33.17
C ASP H 23 40.94 -21.64 -33.65
N ALA H 24 41.08 -21.40 -34.97
CA ALA H 24 41.03 -20.03 -35.48
C ALA H 24 39.76 -19.33 -35.00
N GLU H 25 38.63 -20.02 -35.14
CA GLU H 25 37.30 -19.48 -34.86
C GLU H 25 37.13 -19.20 -33.36
N GLY H 26 37.54 -20.17 -32.51
CA GLY H 26 37.57 -19.99 -31.07
C GLY H 26 38.41 -18.78 -30.62
N ILE H 27 39.60 -18.62 -31.21
CA ILE H 27 40.48 -17.50 -30.89
C ILE H 27 39.74 -16.20 -31.16
N ARG H 28 39.11 -16.09 -32.33
CA ARG H 28 38.46 -14.85 -32.73
C ARG H 28 37.28 -14.56 -31.82
N TYR H 29 36.51 -15.62 -31.53
CA TYR H 29 35.34 -15.52 -30.67
C TYR H 29 35.73 -15.04 -29.27
N SER H 30 36.78 -15.64 -28.70
CA SER H 30 37.19 -15.30 -27.34
C SER H 30 37.65 -13.83 -27.27
N VAL H 31 38.45 -13.40 -28.24
CA VAL H 31 38.99 -12.05 -28.20
C VAL H 31 37.85 -11.04 -28.34
N GLN H 32 36.88 -11.35 -29.20
CA GLN H 32 35.77 -10.45 -29.46
C GLN H 32 34.92 -10.28 -28.18
N LYS H 33 34.54 -11.40 -27.57
CA LYS H 33 33.68 -11.34 -26.42
C LYS H 33 34.37 -10.65 -25.26
N THR H 34 35.69 -10.83 -25.12
CA THR H 34 36.48 -10.20 -24.08
C THR H 34 36.43 -8.69 -24.22
N ARG H 35 36.56 -8.19 -25.46
CA ARG H 35 36.47 -6.76 -25.76
C ARG H 35 35.08 -6.24 -25.44
N GLU H 36 34.04 -6.98 -25.87
CA GLU H 36 32.65 -6.54 -25.73
C GLU H 36 32.25 -6.52 -24.24
N ALA H 37 32.88 -7.35 -23.41
CA ALA H 37 32.58 -7.37 -21.99
C ALA H 37 33.27 -6.22 -21.25
N GLY H 38 34.23 -5.53 -21.89
CA GLY H 38 34.80 -4.31 -21.33
C GLY H 38 36.22 -4.49 -20.78
N PHE H 39 36.81 -5.67 -20.98
CA PHE H 39 38.15 -5.97 -20.46
C PHE H 39 39.25 -5.36 -21.34
N ASP H 40 40.48 -5.30 -20.80
CA ASP H 40 41.67 -4.80 -21.48
C ASP H 40 42.52 -5.91 -22.12
N LEU H 41 42.31 -7.14 -21.64
CA LEU H 41 43.25 -8.22 -21.86
C LEU H 41 42.53 -9.56 -21.85
N VAL H 42 43.01 -10.47 -22.71
CA VAL H 42 42.54 -11.84 -22.72
C VAL H 42 43.73 -12.72 -22.33
N GLU H 43 43.44 -13.73 -21.49
CA GLU H 43 44.45 -14.70 -21.07
C GLU H 43 44.17 -15.99 -21.83
N PHE H 44 45.10 -16.33 -22.73
CA PHE H 44 45.01 -17.54 -23.54
C PHE H 44 45.46 -18.74 -22.71
N PRO H 45 44.63 -19.79 -22.53
CA PRO H 45 45.12 -21.07 -22.00
C PRO H 45 45.86 -21.80 -23.12
N LEU H 46 47.21 -21.91 -23.03
CA LEU H 46 48.01 -22.56 -24.05
C LEU H 46 48.35 -24.00 -23.66
N MET H 47 47.33 -24.86 -23.59
CA MET H 47 47.54 -26.22 -23.13
C MET H 47 48.37 -26.98 -24.17
N ASP H 48 48.11 -26.70 -25.47
CA ASP H 48 48.98 -27.12 -26.58
C ASP H 48 49.44 -25.91 -27.40
N PRO H 49 50.61 -25.31 -27.08
CA PRO H 49 51.15 -24.15 -27.81
C PRO H 49 51.81 -24.45 -29.16
N PHE H 50 52.04 -25.73 -29.43
CA PHE H 50 52.60 -26.14 -30.71
C PHE H 50 51.55 -25.97 -31.81
N SER H 51 50.26 -26.10 -31.48
CA SER H 51 49.19 -26.00 -32.46
C SER H 51 48.38 -24.71 -32.34
N PHE H 52 48.83 -23.73 -31.54
CA PHE H 52 48.09 -22.50 -31.34
C PHE H 52 48.29 -21.57 -32.54
N ASP H 53 47.21 -21.13 -33.18
CA ASP H 53 47.27 -20.31 -34.38
C ASP H 53 47.63 -18.87 -34.04
N VAL H 54 48.94 -18.61 -33.92
CA VAL H 54 49.46 -17.31 -33.50
C VAL H 54 48.97 -16.19 -34.41
N GLN H 55 48.86 -16.48 -35.71
CA GLN H 55 48.62 -15.43 -36.68
C GLN H 55 47.19 -14.94 -36.53
N THR H 56 46.24 -15.88 -36.42
CA THR H 56 44.86 -15.50 -36.18
C THR H 56 44.74 -14.66 -34.90
N ALA H 57 45.48 -15.04 -33.84
CA ALA H 57 45.47 -14.31 -32.58
C ALA H 57 45.99 -12.86 -32.74
N LYS H 58 47.16 -12.66 -33.35
CA LYS H 58 47.67 -11.32 -33.63
C LYS H 58 46.59 -10.48 -34.32
N SER H 59 45.89 -11.12 -35.25
CA SER H 59 44.93 -10.43 -36.10
C SER H 59 43.71 -10.01 -35.26
N ALA H 60 43.21 -10.94 -34.43
CA ALA H 60 42.02 -10.71 -33.63
C ALA H 60 42.31 -9.67 -32.54
N LEU H 61 43.49 -9.79 -31.92
CA LEU H 61 43.91 -8.86 -30.89
C LEU H 61 43.95 -7.44 -31.45
N ALA H 62 44.57 -7.31 -32.62
CA ALA H 62 44.71 -6.02 -33.28
C ALA H 62 43.33 -5.43 -33.59
N GLU H 63 42.47 -6.25 -34.19
CA GLU H 63 41.14 -5.84 -34.61
C GLU H 63 40.38 -5.21 -33.43
N HIS H 64 40.54 -5.78 -32.22
CA HIS H 64 39.71 -5.41 -31.06
C HIS H 64 40.49 -4.55 -30.06
N GLY H 65 41.80 -4.33 -30.26
CA GLY H 65 42.56 -3.40 -29.42
C GLY H 65 42.94 -4.00 -28.07
N LEU H 66 43.16 -5.32 -28.06
CA LEU H 66 43.29 -6.06 -26.82
C LEU H 66 44.72 -6.55 -26.60
N ALA H 67 45.20 -6.39 -25.35
CA ALA H 67 46.42 -7.04 -24.86
C ALA H 67 46.18 -8.52 -24.56
N ALA H 68 47.27 -9.26 -24.33
CA ALA H 68 47.16 -10.71 -24.19
C ALA H 68 48.24 -11.23 -23.25
N SER H 69 47.87 -12.29 -22.51
CA SER H 69 48.79 -13.06 -21.70
C SER H 69 48.49 -14.51 -21.96
N ALA H 70 49.33 -15.40 -21.44
CA ALA H 70 49.06 -16.82 -21.58
C ALA H 70 49.40 -17.56 -20.31
N SER H 71 48.69 -18.67 -20.12
CA SER H 71 48.87 -19.51 -18.97
C SER H 71 48.72 -20.94 -19.46
N LEU H 72 49.25 -21.87 -18.69
CA LEU H 72 48.96 -23.27 -18.89
C LEU H 72 49.23 -24.00 -17.58
N GLY H 73 48.67 -25.21 -17.49
CA GLY H 73 49.10 -26.21 -16.54
C GLY H 73 49.81 -27.35 -17.26
N LEU H 74 50.88 -27.89 -16.66
CA LEU H 74 51.53 -29.08 -17.18
C LEU H 74 50.68 -30.32 -16.88
N SER H 75 51.11 -31.44 -17.47
CA SER H 75 50.50 -32.74 -17.31
C SER H 75 51.59 -33.73 -16.94
N ASP H 76 51.19 -34.99 -16.77
CA ASP H 76 52.10 -36.08 -16.42
C ASP H 76 53.26 -36.18 -17.42
N ALA H 77 52.94 -36.03 -18.70
CA ALA H 77 53.93 -36.20 -19.75
C ALA H 77 54.92 -35.02 -19.74
N THR H 78 54.57 -33.91 -19.07
CA THR H 78 55.37 -32.68 -19.13
C THR H 78 55.74 -32.18 -17.73
N ASP H 79 55.75 -33.10 -16.76
CA ASP H 79 55.91 -32.71 -15.36
C ASP H 79 57.36 -32.40 -15.04
N VAL H 80 57.70 -31.11 -14.95
CA VAL H 80 59.06 -30.70 -14.63
C VAL H 80 59.44 -30.98 -13.17
N SER H 81 58.50 -31.48 -12.34
CA SER H 81 58.82 -31.92 -10.98
C SER H 81 59.06 -33.44 -10.92
N SER H 82 58.94 -34.13 -12.07
CA SER H 82 59.29 -35.55 -12.20
C SER H 82 60.77 -35.77 -11.94
N GLU H 83 61.12 -36.98 -11.48
CA GLU H 83 62.49 -37.41 -11.28
C GLU H 83 63.06 -37.98 -12.58
N ASP H 84 62.19 -38.19 -13.59
CA ASP H 84 62.57 -38.68 -14.89
C ASP H 84 62.99 -37.50 -15.77
N PRO H 85 64.28 -37.38 -16.18
CA PRO H 85 64.75 -36.22 -16.92
C PRO H 85 64.12 -36.04 -18.31
N ALA H 86 63.64 -37.13 -18.90
CA ALA H 86 62.97 -37.00 -20.18
C ALA H 86 61.62 -36.33 -20.00
N VAL H 87 60.94 -36.59 -18.87
CA VAL H 87 59.65 -35.99 -18.61
C VAL H 87 59.90 -34.50 -18.33
N VAL H 88 60.93 -34.19 -17.53
CA VAL H 88 61.29 -32.82 -17.25
C VAL H 88 61.54 -32.08 -18.56
N LYS H 89 62.32 -32.72 -19.44
CA LYS H 89 62.78 -32.09 -20.67
C LYS H 89 61.57 -31.78 -21.56
N ALA H 90 60.65 -32.73 -21.71
CA ALA H 90 59.43 -32.54 -22.49
C ALA H 90 58.62 -31.35 -21.98
N GLY H 91 58.57 -31.19 -20.66
CA GLY H 91 57.87 -30.09 -20.00
C GLY H 91 58.53 -28.76 -20.32
N GLU H 92 59.84 -28.69 -20.07
CA GLU H 92 60.63 -27.52 -20.37
C GLU H 92 60.49 -27.11 -21.85
N GLU H 93 60.31 -28.09 -22.72
CA GLU H 93 60.16 -27.85 -24.15
C GLU H 93 58.82 -27.18 -24.43
N LEU H 94 57.77 -27.70 -23.78
CA LEU H 94 56.41 -27.15 -23.91
C LEU H 94 56.40 -25.72 -23.35
N LEU H 95 57.06 -25.51 -22.21
CA LEU H 95 57.20 -24.18 -21.62
C LEU H 95 57.85 -23.18 -22.59
N ASN H 96 58.96 -23.60 -23.20
CA ASN H 96 59.73 -22.75 -24.10
C ASN H 96 58.88 -22.35 -25.30
N ARG H 97 58.10 -23.28 -25.85
CA ARG H 97 57.21 -22.94 -26.96
C ARG H 97 56.14 -21.92 -26.52
N ALA H 98 55.63 -22.05 -25.28
CA ALA H 98 54.62 -21.11 -24.80
C ALA H 98 55.21 -19.71 -24.68
N VAL H 99 56.45 -19.62 -24.20
CA VAL H 99 57.12 -18.33 -24.14
C VAL H 99 57.23 -17.74 -25.56
N ASP H 100 57.55 -18.58 -26.55
CA ASP H 100 57.76 -18.10 -27.92
C ASP H 100 56.45 -17.57 -28.49
N VAL H 101 55.36 -18.30 -28.25
CA VAL H 101 54.07 -17.83 -28.70
C VAL H 101 53.81 -16.42 -28.14
N LEU H 102 54.12 -16.20 -26.86
CA LEU H 102 53.94 -14.89 -26.25
C LEU H 102 54.83 -13.85 -26.94
N ALA H 103 56.10 -14.19 -27.21
CA ALA H 103 57.04 -13.28 -27.87
C ALA H 103 56.50 -12.83 -29.24
N GLU H 104 56.00 -13.78 -30.03
CA GLU H 104 55.37 -13.51 -31.33
C GLU H 104 54.12 -12.63 -31.19
N LEU H 105 53.39 -12.73 -30.06
CA LEU H 105 52.20 -11.92 -29.84
C LEU H 105 52.56 -10.54 -29.30
N GLY H 106 53.81 -10.32 -28.87
CA GLY H 106 54.21 -9.05 -28.28
C GLY H 106 53.73 -8.89 -26.84
N ALA H 107 53.55 -10.02 -26.14
CA ALA H 107 53.03 -10.04 -24.78
C ALA H 107 54.18 -10.03 -23.79
N THR H 108 53.86 -9.81 -22.50
CA THR H 108 54.89 -9.70 -21.48
C THR H 108 54.73 -10.72 -20.35
N ASP H 109 53.63 -11.48 -20.31
CA ASP H 109 53.34 -12.24 -19.09
C ASP H 109 52.97 -13.68 -19.41
N PHE H 110 53.81 -14.57 -18.84
CA PHE H 110 53.55 -16.00 -18.81
C PHE H 110 53.25 -16.40 -17.37
N CYS H 111 52.27 -17.28 -17.18
CA CYS H 111 51.92 -17.66 -15.81
C CYS H 111 51.17 -19.00 -15.80
N GLY H 112 50.91 -19.51 -14.58
CA GLY H 112 50.16 -20.74 -14.42
C GLY H 112 50.96 -21.79 -13.66
N VAL H 113 50.50 -23.04 -13.78
CA VAL H 113 51.10 -24.13 -13.05
C VAL H 113 52.17 -24.75 -13.94
N ILE H 114 53.37 -24.16 -13.85
CA ILE H 114 54.46 -24.44 -14.78
C ILE H 114 55.65 -25.04 -14.02
N TYR H 115 55.43 -25.41 -12.75
CA TYR H 115 56.48 -25.88 -11.84
C TYR H 115 56.20 -27.32 -11.42
N SER H 116 55.11 -27.86 -11.94
CA SER H 116 54.67 -29.21 -11.68
C SER H 116 53.55 -29.49 -12.66
N ALA H 117 53.05 -30.73 -12.69
CA ALA H 117 51.79 -31.04 -13.36
C ALA H 117 50.64 -30.41 -12.57
N MET H 118 49.55 -30.12 -13.28
CA MET H 118 48.36 -29.53 -12.71
C MET H 118 47.36 -30.66 -12.52
N LYS H 119 47.46 -31.32 -11.36
CA LYS H 119 46.68 -32.52 -11.13
C LYS H 119 46.65 -32.83 -9.65
N LYS H 120 45.84 -33.83 -9.33
CA LYS H 120 45.81 -34.40 -7.99
C LYS H 120 46.92 -35.44 -7.88
N TYR H 121 48.06 -35.04 -7.31
CA TYR H 121 49.12 -35.97 -6.97
C TYR H 121 48.63 -36.93 -5.91
N MET H 122 49.29 -38.09 -5.84
CA MET H 122 48.89 -39.13 -4.90
C MET H 122 50.03 -39.37 -3.92
N GLU H 123 51.04 -38.50 -3.93
CA GLU H 123 52.05 -38.51 -2.90
C GLU H 123 52.77 -37.17 -2.86
N PRO H 124 53.43 -36.85 -1.72
CA PRO H 124 54.11 -35.58 -1.56
C PRO H 124 55.28 -35.47 -2.54
N ALA H 125 55.69 -34.22 -2.80
CA ALA H 125 56.79 -33.94 -3.69
C ALA H 125 58.06 -34.55 -3.10
N THR H 126 59.05 -34.72 -3.94
CA THR H 126 60.31 -35.27 -3.46
C THR H 126 61.38 -34.19 -3.57
N ALA H 127 62.36 -34.21 -2.68
CA ALA H 127 63.50 -33.30 -2.76
C ALA H 127 64.10 -33.24 -4.17
N ALA H 128 64.34 -34.41 -4.80
CA ALA H 128 64.91 -34.50 -6.14
C ALA H 128 64.01 -33.86 -7.20
N GLY H 129 62.70 -34.15 -7.14
CA GLY H 129 61.72 -33.57 -8.05
C GLY H 129 61.68 -32.03 -7.96
N LEU H 130 61.68 -31.53 -6.73
CA LEU H 130 61.70 -30.10 -6.48
C LEU H 130 62.92 -29.49 -7.16
N ALA H 131 64.10 -30.14 -7.02
CA ALA H 131 65.33 -29.58 -7.54
C ALA H 131 65.28 -29.52 -9.08
N ASN H 132 64.70 -30.55 -9.70
CA ASN H 132 64.45 -30.56 -11.12
C ASN H 132 63.51 -29.41 -11.52
N SER H 133 62.40 -29.25 -10.77
CA SER H 133 61.42 -28.21 -11.05
C SER H 133 62.11 -26.85 -11.08
N LYS H 134 62.84 -26.54 -10.02
CA LYS H 134 63.50 -25.24 -9.88
C LYS H 134 64.46 -24.94 -11.05
N ALA H 135 65.35 -25.89 -11.33
CA ALA H 135 66.31 -25.76 -12.43
C ALA H 135 65.58 -25.51 -13.74
N ALA H 136 64.58 -26.35 -14.06
CA ALA H 136 63.84 -26.19 -15.31
C ALA H 136 63.19 -24.81 -15.40
N VAL H 137 62.53 -24.39 -14.29
CA VAL H 137 61.80 -23.13 -14.26
C VAL H 137 62.79 -21.98 -14.45
N GLY H 138 63.94 -22.07 -13.76
CA GLY H 138 64.99 -21.08 -13.86
C GLY H 138 65.45 -20.89 -15.31
N ARG H 139 65.63 -22.01 -16.04
CA ARG H 139 66.09 -21.95 -17.42
C ARG H 139 65.01 -21.30 -18.28
N VAL H 140 63.75 -21.69 -18.04
CA VAL H 140 62.62 -21.13 -18.77
C VAL H 140 62.55 -19.63 -18.50
N ALA H 141 62.86 -19.21 -17.27
CA ALA H 141 62.80 -17.80 -16.92
C ALA H 141 63.92 -17.02 -17.62
N ASP H 142 65.12 -17.60 -17.69
CA ASP H 142 66.27 -16.95 -18.33
C ASP H 142 65.99 -16.75 -19.82
N ARG H 143 65.49 -17.79 -20.47
CA ARG H 143 65.10 -17.69 -21.86
C ARG H 143 64.03 -16.61 -22.04
N ALA H 144 63.02 -16.63 -21.17
CA ALA H 144 61.96 -15.64 -21.18
C ALA H 144 62.48 -14.22 -20.98
N SER H 145 63.47 -14.06 -20.08
CA SER H 145 64.06 -12.77 -19.75
C SER H 145 64.69 -12.13 -21.00
N ASP H 146 65.40 -12.94 -21.79
CA ASP H 146 66.04 -12.47 -23.00
C ASP H 146 64.99 -11.95 -23.99
N LEU H 147 63.76 -12.49 -23.92
CA LEU H 147 62.68 -12.07 -24.81
C LEU H 147 61.81 -10.98 -24.18
N GLY H 148 62.19 -10.51 -22.98
CA GLY H 148 61.42 -9.49 -22.26
C GLY H 148 60.10 -10.01 -21.69
N ILE H 149 60.02 -11.30 -21.35
CA ILE H 149 58.80 -11.92 -20.84
C ILE H 149 58.97 -12.19 -19.33
N ASN H 150 57.98 -11.80 -18.53
CA ASN H 150 57.91 -12.16 -17.12
C ASN H 150 57.25 -13.51 -16.94
N VAL H 151 57.79 -14.29 -15.99
CA VAL H 151 57.22 -15.59 -15.68
C VAL H 151 56.72 -15.60 -14.23
N SER H 152 55.43 -15.90 -14.06
CA SER H 152 54.79 -15.95 -12.74
C SER H 152 54.23 -17.34 -12.43
N LEU H 153 54.62 -17.90 -11.29
CA LEU H 153 54.18 -19.22 -10.83
C LEU H 153 52.83 -19.10 -10.10
N GLU H 154 51.76 -19.75 -10.60
CA GLU H 154 50.45 -19.71 -9.97
C GLU H 154 50.46 -20.64 -8.76
N VAL H 155 50.24 -20.07 -7.57
CA VAL H 155 50.05 -20.87 -6.36
C VAL H 155 48.68 -21.51 -6.43
N VAL H 156 48.59 -22.85 -6.41
CA VAL H 156 47.29 -23.50 -6.49
C VAL H 156 47.08 -24.47 -5.33
N ASN H 157 45.83 -24.93 -5.19
CA ASN H 157 45.46 -25.73 -4.03
C ASN H 157 46.06 -27.14 -4.14
N ARG H 158 45.91 -27.86 -3.03
CA ARG H 158 46.49 -29.17 -2.75
C ARG H 158 46.07 -30.21 -3.80
N TYR H 159 44.89 -30.02 -4.39
CA TYR H 159 44.37 -30.97 -5.34
C TYR H 159 44.86 -30.70 -6.76
N GLU H 160 45.62 -29.60 -6.99
CA GLU H 160 46.14 -29.29 -8.32
C GLU H 160 47.68 -29.25 -8.37
N THR H 161 48.34 -29.22 -7.21
CA THR H 161 49.79 -29.39 -7.13
C THR H 161 50.15 -29.88 -5.74
N ASN H 162 51.35 -30.46 -5.63
CA ASN H 162 51.92 -30.79 -4.34
C ASN H 162 53.14 -29.93 -4.07
N VAL H 163 53.43 -28.96 -4.94
CA VAL H 163 54.62 -28.14 -4.79
C VAL H 163 54.34 -26.78 -4.15
N LEU H 164 53.64 -25.88 -4.86
CA LEU H 164 53.41 -24.53 -4.35
C LEU H 164 51.94 -24.34 -4.00
N ASN H 165 51.60 -24.49 -2.71
CA ASN H 165 50.22 -24.41 -2.24
C ASN H 165 49.97 -23.08 -1.51
N THR H 166 51.02 -22.41 -1.02
CA THR H 166 50.87 -21.11 -0.38
C THR H 166 51.84 -20.09 -0.96
N GLY H 167 51.47 -18.81 -0.83
CA GLY H 167 52.34 -17.70 -1.17
C GLY H 167 53.75 -17.86 -0.60
N ARG H 168 53.84 -18.22 0.69
CA ARG H 168 55.13 -18.37 1.37
C ARG H 168 55.99 -19.50 0.78
N GLN H 169 55.38 -20.64 0.42
CA GLN H 169 56.12 -21.65 -0.30
C GLN H 169 56.67 -21.07 -1.60
N ALA H 170 55.86 -20.29 -2.33
CA ALA H 170 56.32 -19.75 -3.58
C ALA H 170 57.49 -18.78 -3.35
N LEU H 171 57.38 -17.96 -2.29
CA LEU H 171 58.47 -17.07 -1.92
C LEU H 171 59.79 -17.85 -1.75
N ALA H 172 59.76 -18.91 -0.96
CA ALA H 172 60.94 -19.72 -0.68
C ALA H 172 61.49 -20.36 -1.96
N TYR H 173 60.61 -20.75 -2.89
CA TYR H 173 61.01 -21.34 -4.15
C TYR H 173 61.68 -20.29 -5.03
N LEU H 174 61.10 -19.08 -5.11
CA LEU H 174 61.73 -18.01 -5.88
C LEU H 174 63.08 -17.61 -5.28
N GLU H 175 63.18 -17.59 -3.93
CA GLU H 175 64.35 -17.05 -3.26
C GLU H 175 65.58 -17.81 -3.75
N GLU H 176 65.46 -19.13 -3.85
CA GLU H 176 66.56 -19.98 -4.27
C GLU H 176 67.06 -19.57 -5.67
N LEU H 177 66.12 -19.34 -6.59
CA LEU H 177 66.45 -19.08 -7.99
C LEU H 177 66.93 -17.65 -8.20
N ASN H 178 66.42 -16.70 -7.41
CA ASN H 178 66.81 -15.30 -7.46
C ASN H 178 66.89 -14.81 -8.91
N ARG H 179 65.77 -14.90 -9.62
CA ARG H 179 65.67 -14.44 -10.99
C ARG H 179 64.82 -13.18 -11.03
N PRO H 180 65.27 -12.10 -11.70
CA PRO H 180 64.56 -10.82 -11.63
C PRO H 180 63.22 -10.77 -12.37
N ASN H 181 63.00 -11.67 -13.34
CA ASN H 181 61.72 -11.67 -14.04
C ASN H 181 60.78 -12.78 -13.54
N LEU H 182 61.12 -13.42 -12.41
CA LEU H 182 60.35 -14.56 -11.90
C LEU H 182 59.49 -14.07 -10.75
N GLY H 183 58.17 -14.18 -10.90
CA GLY H 183 57.25 -13.67 -9.89
C GLY H 183 56.23 -14.71 -9.38
N ILE H 184 55.35 -14.25 -8.47
CA ILE H 184 54.31 -15.09 -7.87
C ILE H 184 52.96 -14.64 -8.40
N HIS H 185 52.16 -15.62 -8.81
CA HIS H 185 50.80 -15.43 -9.26
C HIS H 185 49.84 -16.03 -8.21
N LEU H 186 49.01 -15.17 -7.60
CA LEU H 186 48.04 -15.62 -6.62
C LEU H 186 46.65 -15.60 -7.26
N ASP H 187 45.81 -16.53 -6.79
CA ASP H 187 44.49 -16.75 -7.35
C ASP H 187 43.52 -16.83 -6.16
N THR H 188 42.52 -15.96 -6.12
CA THR H 188 41.69 -15.86 -4.92
C THR H 188 41.00 -17.19 -4.63
N TYR H 189 40.62 -17.95 -5.67
CA TYR H 189 40.02 -19.27 -5.54
C TYR H 189 40.90 -20.24 -4.73
N HIS H 190 42.21 -20.24 -5.02
CA HIS H 190 43.19 -21.12 -4.39
C HIS H 190 43.55 -20.59 -2.99
N MET H 191 43.60 -19.27 -2.84
CA MET H 191 43.94 -18.65 -1.58
C MET H 191 42.88 -18.96 -0.56
N ASN H 192 41.63 -18.96 -1.04
CA ASN H 192 40.44 -19.22 -0.25
C ASN H 192 40.52 -20.56 0.47
N ILE H 193 41.31 -21.51 -0.05
CA ILE H 193 41.46 -22.83 0.56
C ILE H 193 42.65 -22.80 1.50
N GLU H 194 43.83 -22.45 0.96
CA GLU H 194 45.10 -22.81 1.59
C GLU H 194 45.65 -21.71 2.50
N GLU H 195 45.26 -20.43 2.33
CA GLU H 195 45.95 -19.36 3.06
C GLU H 195 45.24 -19.08 4.38
N SER H 196 45.94 -18.36 5.27
CA SER H 196 45.44 -18.02 6.59
C SER H 196 44.36 -16.94 6.50
N ASP H 197 44.44 -16.10 5.47
CA ASP H 197 43.54 -14.97 5.27
C ASP H 197 43.87 -14.36 3.91
N MET H 198 43.13 -13.32 3.50
CA MET H 198 43.33 -12.73 2.19
C MET H 198 44.25 -11.50 2.21
N PHE H 199 44.80 -11.08 3.36
CA PHE H 199 45.73 -9.97 3.35
C PHE H 199 47.19 -10.39 3.59
N SER H 200 47.46 -11.29 4.54
CA SER H 200 48.82 -11.73 4.87
C SER H 200 49.59 -12.15 3.63
N PRO H 201 49.05 -13.01 2.76
CA PRO H 201 49.78 -13.45 1.58
C PRO H 201 50.11 -12.29 0.64
N ILE H 202 49.23 -11.30 0.53
CA ILE H 202 49.50 -10.13 -0.31
C ILE H 202 50.65 -9.33 0.29
N LEU H 203 50.56 -9.02 1.59
CA LEU H 203 51.64 -8.31 2.27
C LEU H 203 52.93 -9.13 2.20
N ASP H 204 52.89 -10.47 2.32
CA ASP H 204 54.14 -11.22 2.42
C ASP H 204 54.82 -11.32 1.05
N THR H 205 54.02 -11.40 -0.02
CA THR H 205 54.55 -11.57 -1.36
C THR H 205 54.71 -10.24 -2.08
N ALA H 206 54.51 -9.11 -1.39
CA ALA H 206 54.42 -7.78 -1.99
C ALA H 206 55.39 -7.56 -3.16
N GLU H 207 56.69 -7.66 -2.95
CA GLU H 207 57.57 -7.31 -4.07
C GLU H 207 57.49 -8.32 -5.21
N ALA H 208 57.12 -9.58 -4.91
CA ALA H 208 57.21 -10.66 -5.87
C ALA H 208 55.87 -10.89 -6.58
N LEU H 209 54.81 -10.23 -6.11
CA LEU H 209 53.50 -10.49 -6.70
C LEU H 209 53.39 -9.81 -8.05
N ARG H 210 53.18 -10.60 -9.11
CA ARG H 210 53.22 -10.08 -10.48
C ARG H 210 51.95 -10.34 -11.26
N TYR H 211 51.10 -11.28 -10.79
CA TYR H 211 49.90 -11.65 -11.53
C TYR H 211 48.81 -12.10 -10.54
N VAL H 212 47.54 -11.83 -10.88
CA VAL H 212 46.42 -12.09 -10.01
C VAL H 212 45.29 -12.69 -10.82
N HIS H 213 44.70 -13.76 -10.28
CA HIS H 213 43.45 -14.32 -10.73
C HIS H 213 42.32 -13.99 -9.74
N ILE H 214 41.16 -13.60 -10.28
CA ILE H 214 39.99 -13.25 -9.52
C ILE H 214 38.96 -14.33 -9.82
N GLY H 215 38.74 -15.15 -8.79
CA GLY H 215 37.90 -16.32 -8.89
C GLY H 215 37.12 -16.52 -7.59
N GLU H 216 35.81 -16.71 -7.75
CA GLU H 216 34.94 -17.04 -6.64
C GLU H 216 35.24 -18.44 -6.12
N SER H 217 34.76 -18.71 -4.91
CA SER H 217 35.13 -19.92 -4.20
C SER H 217 34.78 -21.16 -5.01
N HIS H 218 33.68 -21.11 -5.76
CA HIS H 218 33.23 -22.19 -6.59
C HIS H 218 33.44 -21.91 -8.08
N ARG H 219 34.13 -20.80 -8.42
CA ARG H 219 34.59 -20.44 -9.76
C ARG H 219 33.41 -19.97 -10.64
N GLY H 220 32.31 -19.53 -10.02
CA GLY H 220 31.20 -18.95 -10.76
C GLY H 220 31.17 -17.42 -10.71
N TYR H 221 29.97 -16.85 -10.62
CA TYR H 221 29.79 -15.41 -10.55
C TYR H 221 30.51 -14.83 -9.35
N LEU H 222 31.17 -13.68 -9.52
CA LEU H 222 31.85 -13.01 -8.43
C LEU H 222 30.84 -12.48 -7.42
N GLY H 223 31.06 -12.78 -6.13
CA GLY H 223 30.19 -12.30 -5.06
C GLY H 223 29.05 -13.26 -4.74
N THR H 224 29.17 -14.52 -5.22
CA THR H 224 28.13 -15.52 -4.99
C THR H 224 28.68 -16.73 -4.24
N GLY H 225 29.81 -16.55 -3.56
CA GLY H 225 30.49 -17.63 -2.86
C GLY H 225 31.15 -17.05 -1.62
N SER H 226 32.18 -17.71 -1.12
CA SER H 226 32.71 -17.39 0.19
C SER H 226 34.05 -16.64 0.12
N VAL H 227 34.52 -16.27 -1.09
CA VAL H 227 35.79 -15.56 -1.17
C VAL H 227 35.67 -14.16 -0.56
N ASP H 228 36.64 -13.79 0.29
CA ASP H 228 36.69 -12.50 0.94
C ASP H 228 37.42 -11.54 -0.02
N PHE H 229 36.70 -11.09 -1.05
CA PHE H 229 37.25 -10.15 -2.00
C PHE H 229 37.60 -8.82 -1.37
N ASP H 230 36.84 -8.34 -0.36
CA ASP H 230 37.08 -7.01 0.20
C ASP H 230 38.45 -6.96 0.87
N THR H 231 38.77 -7.93 1.73
CA THR H 231 40.07 -7.95 2.37
C THR H 231 41.15 -8.03 1.28
N PHE H 232 40.91 -8.80 0.22
CA PHE H 232 41.92 -9.04 -0.80
C PHE H 232 42.24 -7.75 -1.55
N PHE H 233 41.21 -7.07 -2.05
CA PHE H 233 41.40 -5.81 -2.75
C PHE H 233 41.89 -4.72 -1.80
N LYS H 234 41.53 -4.72 -0.51
CA LYS H 234 42.10 -3.72 0.38
C LYS H 234 43.61 -3.96 0.58
N ALA H 235 44.04 -5.24 0.66
CA ALA H 235 45.47 -5.52 0.77
C ALA H 235 46.21 -5.17 -0.53
N LEU H 236 45.60 -5.46 -1.69
CA LEU H 236 46.17 -5.08 -2.99
C LEU H 236 46.45 -3.59 -3.04
N GLY H 237 45.45 -2.80 -2.63
CA GLY H 237 45.54 -1.34 -2.59
C GLY H 237 46.68 -0.90 -1.67
N ARG H 238 46.85 -1.61 -0.55
CA ARG H 238 47.85 -1.24 0.44
C ARG H 238 49.27 -1.42 -0.10
N ILE H 239 49.52 -2.45 -0.91
CA ILE H 239 50.90 -2.64 -1.39
C ILE H 239 51.10 -1.97 -2.74
N GLY H 240 50.05 -1.30 -3.26
CA GLY H 240 50.07 -0.59 -4.52
C GLY H 240 50.37 -1.49 -5.72
N TYR H 241 49.83 -2.72 -5.72
CA TYR H 241 49.97 -3.65 -6.82
C TYR H 241 49.51 -3.01 -8.13
N ASP H 242 50.27 -3.21 -9.22
CA ASP H 242 49.90 -2.68 -10.52
C ASP H 242 50.00 -3.71 -11.65
N GLY H 243 50.19 -4.99 -11.33
CA GLY H 243 50.18 -6.03 -12.35
C GLY H 243 48.79 -6.35 -12.90
N PRO H 244 48.68 -7.36 -13.80
CA PRO H 244 47.39 -7.84 -14.27
C PRO H 244 46.44 -8.37 -13.19
N VAL H 245 45.14 -8.11 -13.38
CA VAL H 245 44.10 -8.63 -12.53
C VAL H 245 43.06 -9.25 -13.46
N VAL H 246 42.96 -10.59 -13.44
CA VAL H 246 42.27 -11.33 -14.49
C VAL H 246 41.15 -12.17 -13.89
N PHE H 247 39.97 -12.08 -14.50
CA PHE H 247 38.81 -12.89 -14.13
C PHE H 247 38.96 -14.29 -14.68
N GLU H 248 38.61 -15.29 -13.86
CA GLU H 248 38.70 -16.68 -14.23
C GLU H 248 37.44 -17.37 -13.74
N SER H 249 36.75 -18.05 -14.67
CA SER H 249 35.52 -18.72 -14.33
C SER H 249 35.26 -19.90 -15.27
N PHE H 250 34.64 -20.95 -14.70
CA PHE H 250 34.42 -22.21 -15.37
C PHE H 250 33.01 -22.70 -15.09
N SER H 251 32.38 -23.20 -16.14
CA SER H 251 31.05 -23.80 -16.07
C SER H 251 30.96 -24.93 -17.08
N SER H 252 30.17 -25.96 -16.75
CA SER H 252 29.95 -27.09 -17.64
C SER H 252 29.31 -26.64 -18.96
N SER H 253 28.73 -25.43 -18.99
CA SER H 253 28.18 -24.81 -20.19
C SER H 253 29.22 -24.65 -21.32
N VAL H 254 30.47 -24.33 -20.98
CA VAL H 254 31.53 -24.12 -21.96
C VAL H 254 32.68 -25.03 -21.57
N VAL H 255 32.98 -26.03 -22.38
CA VAL H 255 33.88 -27.07 -21.90
C VAL H 255 35.09 -27.19 -22.83
N ALA H 256 36.28 -27.17 -22.21
CA ALA H 256 37.47 -27.61 -22.89
C ALA H 256 37.65 -29.12 -22.68
N PRO H 257 37.89 -29.92 -23.74
CA PRO H 257 37.96 -31.38 -23.64
C PRO H 257 38.86 -31.90 -22.52
N ASP H 258 40.04 -31.28 -22.39
CA ASP H 258 41.02 -31.69 -21.39
C ASP H 258 40.84 -30.90 -20.10
N LEU H 259 40.86 -29.56 -20.21
CA LEU H 259 41.08 -28.69 -19.09
C LEU H 259 39.89 -28.74 -18.12
N SER H 260 38.68 -28.89 -18.66
CA SER H 260 37.51 -28.86 -17.82
C SER H 260 37.45 -30.10 -16.94
N ARG H 261 38.01 -31.21 -17.42
CA ARG H 261 38.07 -32.45 -16.66
C ARG H 261 39.15 -32.33 -15.57
N MET H 262 40.29 -31.73 -15.93
CA MET H 262 41.40 -31.58 -15.00
C MET H 262 40.99 -30.68 -13.83
N LEU H 263 40.12 -29.68 -14.10
CA LEU H 263 39.75 -28.69 -13.10
C LEU H 263 38.51 -29.14 -12.32
N GLY H 264 37.86 -30.22 -12.75
CA GLY H 264 36.77 -30.79 -11.98
C GLY H 264 35.49 -29.97 -12.12
N ILE H 265 35.22 -29.52 -13.35
CA ILE H 265 34.08 -28.67 -13.63
C ILE H 265 32.87 -29.57 -13.92
N TRP H 266 32.24 -30.05 -12.86
CA TRP H 266 31.10 -30.96 -12.92
C TRP H 266 29.78 -30.22 -13.04
N ARG H 267 29.73 -28.95 -12.57
CA ARG H 267 28.45 -28.27 -12.38
C ARG H 267 28.35 -27.06 -13.29
N ASN H 268 27.11 -26.70 -13.64
CA ASN H 268 26.76 -25.48 -14.36
C ASN H 268 26.67 -24.33 -13.37
N LEU H 269 27.58 -23.35 -13.46
CA LEU H 269 27.53 -22.18 -12.59
C LEU H 269 27.01 -20.94 -13.34
N TRP H 270 26.75 -21.07 -14.65
CA TRP H 270 26.26 -19.99 -15.51
C TRP H 270 26.05 -20.52 -16.92
N ALA H 271 25.06 -19.95 -17.61
CA ALA H 271 24.77 -20.25 -19.00
C ALA H 271 25.17 -19.08 -19.91
N ASP H 272 25.08 -17.86 -19.39
CA ASP H 272 25.22 -16.64 -20.19
C ASP H 272 26.52 -15.95 -19.84
N ASN H 273 27.57 -16.21 -20.65
CA ASN H 273 28.91 -15.74 -20.38
C ASN H 273 29.05 -14.25 -20.69
N GLU H 274 28.16 -13.70 -21.53
CA GLU H 274 28.17 -12.27 -21.80
C GLU H 274 27.77 -11.50 -20.55
N GLU H 275 26.67 -11.91 -19.90
CA GLU H 275 26.31 -11.32 -18.62
C GLU H 275 27.44 -11.53 -17.59
N LEU H 276 27.96 -12.77 -17.49
CA LEU H 276 28.96 -13.12 -16.49
C LEU H 276 30.18 -12.22 -16.64
N GLY H 277 30.67 -12.16 -17.88
CA GLY H 277 31.85 -11.36 -18.22
C GLY H 277 31.71 -9.87 -17.93
N ALA H 278 30.58 -9.26 -18.32
CA ALA H 278 30.37 -7.85 -18.02
C ALA H 278 30.19 -7.63 -16.52
N HIS H 279 29.59 -8.60 -15.82
CA HIS H 279 29.44 -8.48 -14.37
C HIS H 279 30.80 -8.50 -13.71
N ALA H 280 31.70 -9.36 -14.19
CA ALA H 280 33.01 -9.53 -13.57
C ALA H 280 33.90 -8.33 -13.86
N ASN H 281 33.80 -7.81 -15.08
CA ASN H 281 34.61 -6.65 -15.47
C ASN H 281 34.28 -5.48 -14.53
N ALA H 282 32.97 -5.27 -14.35
CA ALA H 282 32.44 -4.22 -13.48
C ALA H 282 32.83 -4.51 -12.04
N PHE H 283 32.74 -5.79 -11.62
CA PHE H 283 33.05 -6.14 -10.23
C PHE H 283 34.46 -5.68 -9.88
N ILE H 284 35.42 -6.09 -10.72
CA ILE H 284 36.83 -5.82 -10.47
C ILE H 284 37.09 -4.31 -10.56
N ARG H 285 36.61 -3.66 -11.61
CA ARG H 285 36.88 -2.23 -11.80
C ARG H 285 36.31 -1.41 -10.63
N ASP H 286 35.07 -1.71 -10.27
CA ASP H 286 34.37 -0.94 -9.26
C ASP H 286 35.04 -1.14 -7.90
N LYS H 287 35.58 -2.34 -7.67
CA LYS H 287 36.26 -2.64 -6.42
C LYS H 287 37.52 -1.80 -6.33
N LEU H 288 38.30 -1.76 -7.42
CA LEU H 288 39.50 -0.95 -7.47
C LEU H 288 39.16 0.52 -7.24
N THR H 289 38.09 1.01 -7.89
CA THR H 289 37.69 2.40 -7.70
C THR H 289 37.45 2.67 -6.23
N ALA H 290 36.67 1.80 -5.57
CA ALA H 290 36.35 2.01 -4.17
C ALA H 290 37.61 1.94 -3.30
N ILE H 291 38.51 0.99 -3.57
CA ILE H 291 39.67 0.84 -2.69
C ILE H 291 40.58 2.07 -2.77
N LYS H 292 40.66 2.69 -3.95
CA LYS H 292 41.45 3.91 -4.12
C LYS H 292 41.04 4.96 -3.08
N THR H 293 39.74 5.01 -2.74
CA THR H 293 39.21 6.05 -1.86
C THR H 293 39.66 5.88 -0.40
N ILE H 294 40.12 4.70 0.01
CA ILE H 294 40.32 4.41 1.42
C ILE H 294 41.43 5.27 2.03
N GLU H 295 42.56 5.46 1.31
CA GLU H 295 43.68 6.26 1.77
C GLU H 295 43.28 7.73 1.99
N LEU H 296 42.22 8.21 1.34
CA LEU H 296 41.78 9.59 1.50
C LEU H 296 40.97 9.78 2.79
N HIS H 297 40.48 8.71 3.41
CA HIS H 297 39.55 8.88 4.52
C HIS H 297 40.10 8.26 5.82
N MET I 9 -14.21 -19.24 19.13
CA MET I 9 -15.52 -19.56 18.50
C MET I 9 -15.37 -20.88 17.75
N LYS I 10 -16.27 -21.81 18.00
CA LYS I 10 -16.25 -23.07 17.26
C LYS I 10 -17.41 -23.06 16.26
N ILE I 11 -17.08 -23.39 15.00
CA ILE I 11 -18.08 -23.47 13.94
C ILE I 11 -18.52 -24.93 13.84
N GLY I 12 -19.82 -25.15 14.01
CA GLY I 12 -20.34 -26.49 14.18
C GLY I 12 -21.37 -26.89 13.13
N CYS I 13 -21.67 -28.19 13.13
CA CYS I 13 -22.72 -28.77 12.30
C CYS I 13 -23.60 -29.65 13.18
N HIS I 14 -24.92 -29.46 13.06
CA HIS I 14 -25.92 -30.29 13.74
C HIS I 14 -25.95 -31.67 13.06
N GLY I 15 -26.05 -32.72 13.88
CA GLY I 15 -25.93 -34.11 13.43
C GLY I 15 -26.93 -34.54 12.35
N LEU I 16 -28.14 -33.95 12.35
CA LEU I 16 -29.18 -34.33 11.40
C LEU I 16 -28.96 -33.84 9.96
N VAL I 17 -27.87 -33.13 9.71
CA VAL I 17 -27.42 -32.97 8.35
C VAL I 17 -27.00 -34.33 7.79
N TRP I 18 -26.54 -35.24 8.66
CA TRP I 18 -25.81 -36.43 8.22
C TRP I 18 -26.67 -37.69 8.39
N THR I 19 -27.35 -37.82 9.53
CA THR I 19 -28.02 -39.06 9.88
C THR I 19 -29.11 -38.76 10.91
N GLY I 20 -30.10 -39.64 10.95
CA GLY I 20 -31.20 -39.53 11.91
C GLY I 20 -31.06 -40.56 13.03
N HIS I 21 -29.99 -41.38 12.97
CA HIS I 21 -29.79 -42.49 13.90
C HIS I 21 -28.39 -42.42 14.51
N PHE I 22 -28.34 -42.19 15.83
CA PHE I 22 -27.06 -42.06 16.50
C PHE I 22 -26.74 -43.36 17.25
N ASP I 23 -26.83 -44.48 16.53
CA ASP I 23 -26.14 -45.71 16.92
C ASP I 23 -24.65 -45.49 16.68
N ALA I 24 -23.84 -46.52 16.96
CA ALA I 24 -22.40 -46.44 16.82
C ALA I 24 -22.01 -45.96 15.42
N GLU I 25 -22.70 -46.50 14.40
CA GLU I 25 -22.31 -46.23 13.03
C GLU I 25 -22.61 -44.77 12.70
N GLY I 26 -23.79 -44.30 13.12
CA GLY I 26 -24.25 -42.96 12.85
C GLY I 26 -23.36 -41.92 13.54
N ILE I 27 -22.91 -42.26 14.75
CA ILE I 27 -22.02 -41.39 15.51
C ILE I 27 -20.74 -41.22 14.72
N ARG I 28 -20.14 -42.33 14.25
CA ARG I 28 -18.88 -42.25 13.50
C ARG I 28 -19.08 -41.51 12.18
N TYR I 29 -20.22 -41.78 11.51
CA TYR I 29 -20.54 -41.18 10.23
C TYR I 29 -20.72 -39.67 10.37
N SER I 30 -21.53 -39.24 11.35
CA SER I 30 -21.82 -37.83 11.53
C SER I 30 -20.52 -37.07 11.85
N VAL I 31 -19.69 -37.63 12.75
CA VAL I 31 -18.43 -37.02 13.15
C VAL I 31 -17.49 -36.91 11.95
N GLN I 32 -17.38 -38.00 11.17
CA GLN I 32 -16.48 -37.99 10.03
C GLN I 32 -16.91 -36.92 9.02
N LYS I 33 -18.21 -36.86 8.69
CA LYS I 33 -18.66 -35.99 7.61
C LYS I 33 -18.57 -34.53 8.04
N THR I 34 -18.82 -34.27 9.33
CA THR I 34 -18.66 -32.95 9.92
C THR I 34 -17.23 -32.48 9.73
N ARG I 35 -16.27 -33.37 9.99
CA ARG I 35 -14.87 -33.04 9.83
C ARG I 35 -14.54 -32.77 8.37
N GLU I 36 -15.06 -33.61 7.45
CA GLU I 36 -14.74 -33.52 6.04
C GLU I 36 -15.40 -32.27 5.44
N ALA I 37 -16.48 -31.78 6.07
CA ALA I 37 -17.17 -30.59 5.62
C ALA I 37 -16.43 -29.33 6.05
N GLY I 38 -15.52 -29.45 7.03
CA GLY I 38 -14.60 -28.36 7.40
C GLY I 38 -14.96 -27.70 8.73
N PHE I 39 -15.91 -28.29 9.46
CA PHE I 39 -16.37 -27.77 10.74
C PHE I 39 -15.42 -28.15 11.87
N ASP I 40 -15.54 -27.43 12.98
CA ASP I 40 -14.77 -27.64 14.19
C ASP I 40 -15.51 -28.60 15.13
N LEU I 41 -16.85 -28.59 15.07
CA LEU I 41 -17.67 -29.16 16.15
C LEU I 41 -18.89 -29.85 15.57
N VAL I 42 -19.28 -30.97 16.21
CA VAL I 42 -20.53 -31.62 15.89
C VAL I 42 -21.43 -31.44 17.10
N GLU I 43 -22.70 -31.12 16.83
CA GLU I 43 -23.74 -31.08 17.82
C GLU I 43 -24.56 -32.37 17.72
N PHE I 44 -24.49 -33.22 18.76
CA PHE I 44 -25.27 -34.46 18.83
C PHE I 44 -26.69 -34.16 19.32
N PRO I 45 -27.74 -34.53 18.56
CA PRO I 45 -29.11 -34.46 19.11
C PRO I 45 -29.36 -35.67 20.01
N LEU I 46 -29.52 -35.43 21.31
CA LEU I 46 -29.64 -36.50 22.31
C LEU I 46 -31.12 -36.67 22.65
N MET I 47 -31.91 -37.13 21.68
CA MET I 47 -33.33 -37.27 21.95
C MET I 47 -33.50 -38.40 22.98
N ASP I 48 -32.64 -39.43 22.91
CA ASP I 48 -32.54 -40.48 23.91
C ASP I 48 -31.10 -40.60 24.44
N PRO I 49 -30.74 -39.89 25.54
CA PRO I 49 -29.37 -39.92 26.06
C PRO I 49 -29.01 -41.15 26.91
N PHE I 50 -30.02 -41.94 27.30
CA PHE I 50 -29.81 -43.14 28.08
C PHE I 50 -29.10 -44.20 27.22
N SER I 51 -29.38 -44.20 25.91
CA SER I 51 -28.83 -45.17 24.98
C SER I 51 -27.74 -44.59 24.08
N PHE I 52 -27.18 -43.42 24.43
CA PHE I 52 -26.14 -42.80 23.62
C PHE I 52 -24.80 -43.48 23.87
N ASP I 53 -24.18 -43.99 22.80
CA ASP I 53 -22.91 -44.69 22.87
C ASP I 53 -21.77 -43.69 23.09
N VAL I 54 -21.57 -43.30 24.34
CA VAL I 54 -20.59 -42.30 24.72
C VAL I 54 -19.21 -42.71 24.24
N GLN I 55 -18.86 -44.00 24.37
CA GLN I 55 -17.50 -44.45 24.13
C GLN I 55 -17.17 -44.31 22.64
N THR I 56 -18.12 -44.64 21.75
CA THR I 56 -17.91 -44.50 20.30
C THR I 56 -17.72 -43.03 19.94
N ALA I 57 -18.50 -42.16 20.59
CA ALA I 57 -18.38 -40.71 20.40
C ALA I 57 -16.98 -40.23 20.77
N LYS I 58 -16.50 -40.56 22.00
CA LYS I 58 -15.16 -40.21 22.43
C LYS I 58 -14.15 -40.61 21.37
N SER I 59 -14.30 -41.84 20.86
CA SER I 59 -13.35 -42.45 19.96
C SER I 59 -13.37 -41.72 18.60
N ALA I 60 -14.57 -41.45 18.08
CA ALA I 60 -14.72 -40.80 16.78
C ALA I 60 -14.26 -39.35 16.85
N LEU I 61 -14.65 -38.65 17.93
CA LEU I 61 -14.21 -37.29 18.15
C LEU I 61 -12.69 -37.20 18.15
N ALA I 62 -12.05 -38.10 18.91
CA ALA I 62 -10.60 -38.10 19.04
C ALA I 62 -9.96 -38.39 17.68
N GLU I 63 -10.48 -39.40 16.97
CA GLU I 63 -9.97 -39.81 15.67
C GLU I 63 -9.98 -38.62 14.71
N HIS I 64 -11.00 -37.75 14.77
CA HIS I 64 -11.19 -36.71 13.77
C HIS I 64 -10.78 -35.32 14.26
N GLY I 65 -10.36 -35.21 15.52
CA GLY I 65 -9.93 -33.93 16.08
C GLY I 65 -11.08 -32.93 16.14
N LEU I 66 -12.23 -33.38 16.63
CA LEU I 66 -13.45 -32.62 16.53
C LEU I 66 -13.97 -32.36 17.94
N ALA I 67 -14.48 -31.16 18.18
CA ALA I 67 -15.13 -30.86 19.44
C ALA I 67 -16.59 -31.30 19.32
N ALA I 68 -17.34 -31.27 20.43
CA ALA I 68 -18.70 -31.75 20.40
C ALA I 68 -19.54 -31.05 21.45
N SER I 69 -20.84 -30.97 21.15
CA SER I 69 -21.84 -30.39 22.02
C SER I 69 -23.07 -31.27 21.86
N ALA I 70 -24.14 -30.93 22.57
CA ALA I 70 -25.35 -31.72 22.42
C ALA I 70 -26.57 -30.87 22.71
N SER I 71 -27.67 -31.18 22.02
CA SER I 71 -28.95 -30.52 22.22
C SER I 71 -30.05 -31.56 22.36
N LEU I 72 -31.24 -31.11 22.77
CA LEU I 72 -32.37 -32.01 22.89
C LEU I 72 -33.64 -31.18 23.01
N GLY I 73 -34.76 -31.75 22.57
CA GLY I 73 -36.08 -31.21 22.87
C GLY I 73 -36.87 -32.22 23.70
N LEU I 74 -37.51 -31.73 24.77
CA LEU I 74 -38.36 -32.58 25.60
C LEU I 74 -39.65 -32.91 24.85
N SER I 75 -40.42 -33.85 25.40
CA SER I 75 -41.72 -34.26 24.87
C SER I 75 -42.75 -34.26 26.00
N ASP I 76 -43.97 -34.74 25.74
CA ASP I 76 -45.03 -34.73 26.72
C ASP I 76 -44.63 -35.51 27.97
N ALA I 77 -43.91 -36.63 27.80
CA ALA I 77 -43.49 -37.49 28.91
C ALA I 77 -42.48 -36.80 29.83
N THR I 78 -41.81 -35.75 29.31
CA THR I 78 -40.66 -35.15 29.98
C THR I 78 -40.84 -33.63 30.10
N ASP I 79 -42.08 -33.14 30.10
CA ASP I 79 -42.35 -31.72 29.99
C ASP I 79 -42.17 -31.04 31.36
N VAL I 80 -41.04 -30.36 31.56
CA VAL I 80 -40.73 -29.74 32.85
C VAL I 80 -41.61 -28.51 33.08
N SER I 81 -42.46 -28.14 32.11
CA SER I 81 -43.40 -27.05 32.29
C SER I 81 -44.79 -27.57 32.66
N SER I 82 -44.91 -28.90 32.80
CA SER I 82 -46.14 -29.56 33.26
C SER I 82 -46.46 -29.15 34.70
N GLU I 83 -47.75 -29.22 35.05
CA GLU I 83 -48.18 -29.04 36.44
C GLU I 83 -48.05 -30.35 37.21
N ASP I 84 -47.93 -31.49 36.48
CA ASP I 84 -47.84 -32.82 37.06
C ASP I 84 -46.38 -33.08 37.44
N PRO I 85 -46.07 -33.20 38.76
CA PRO I 85 -44.67 -33.31 39.20
C PRO I 85 -43.94 -34.59 38.78
N ALA I 86 -44.70 -35.64 38.43
CA ALA I 86 -44.12 -36.88 37.94
C ALA I 86 -43.51 -36.67 36.56
N VAL I 87 -44.22 -35.88 35.74
CA VAL I 87 -43.78 -35.54 34.40
C VAL I 87 -42.53 -34.66 34.51
N VAL I 88 -42.59 -33.64 35.38
CA VAL I 88 -41.47 -32.73 35.60
C VAL I 88 -40.23 -33.55 35.97
N LYS I 89 -40.42 -34.51 36.88
CA LYS I 89 -39.31 -35.27 37.43
C LYS I 89 -38.65 -36.11 36.33
N ALA I 90 -39.47 -36.73 35.48
CA ALA I 90 -38.95 -37.55 34.40
C ALA I 90 -38.14 -36.69 33.43
N GLY I 91 -38.60 -35.45 33.21
CA GLY I 91 -37.88 -34.50 32.37
C GLY I 91 -36.53 -34.13 32.98
N GLU I 92 -36.54 -33.76 34.27
CA GLU I 92 -35.35 -33.37 35.00
C GLU I 92 -34.33 -34.50 34.95
N GLU I 93 -34.84 -35.74 34.97
CA GLU I 93 -34.01 -36.94 34.94
C GLU I 93 -33.33 -37.07 33.57
N LEU I 94 -34.10 -36.83 32.52
CA LEU I 94 -33.60 -36.90 31.15
C LEU I 94 -32.51 -35.82 30.94
N LEU I 95 -32.79 -34.59 31.41
CA LEU I 95 -31.84 -33.49 31.34
C LEU I 95 -30.53 -33.85 32.04
N ASN I 96 -30.64 -34.36 33.28
CA ASN I 96 -29.48 -34.73 34.09
C ASN I 96 -28.61 -35.75 33.34
N ARG I 97 -29.23 -36.76 32.71
CA ARG I 97 -28.47 -37.77 31.97
C ARG I 97 -27.73 -37.13 30.79
N ALA I 98 -28.41 -36.21 30.07
CA ALA I 98 -27.80 -35.52 28.94
C ALA I 98 -26.54 -34.76 29.39
N VAL I 99 -26.65 -34.08 30.53
CA VAL I 99 -25.52 -33.36 31.12
C VAL I 99 -24.37 -34.32 31.45
N ASP I 100 -24.70 -35.49 32.01
CA ASP I 100 -23.69 -36.49 32.34
C ASP I 100 -22.99 -36.96 31.08
N VAL I 101 -23.76 -37.18 30.00
CA VAL I 101 -23.17 -37.62 28.73
C VAL I 101 -22.11 -36.61 28.29
N LEU I 102 -22.44 -35.33 28.38
CA LEU I 102 -21.52 -34.28 27.97
C LEU I 102 -20.30 -34.27 28.87
N ALA I 103 -20.50 -34.50 30.18
CA ALA I 103 -19.38 -34.59 31.12
C ALA I 103 -18.41 -35.68 30.69
N GLU I 104 -18.95 -36.87 30.34
CA GLU I 104 -18.13 -37.99 29.93
C GLU I 104 -17.37 -37.68 28.64
N LEU I 105 -17.94 -36.81 27.78
CA LEU I 105 -17.31 -36.46 26.52
C LEU I 105 -16.22 -35.41 26.71
N GLY I 106 -16.24 -34.72 27.86
CA GLY I 106 -15.37 -33.60 28.14
C GLY I 106 -15.83 -32.33 27.42
N ALA I 107 -17.12 -32.28 27.04
CA ALA I 107 -17.71 -31.15 26.33
C ALA I 107 -18.19 -30.11 27.33
N THR I 108 -18.55 -28.92 26.83
CA THR I 108 -18.81 -27.78 27.70
C THR I 108 -20.23 -27.24 27.51
N ASP I 109 -20.93 -27.66 26.44
CA ASP I 109 -22.17 -26.99 26.09
C ASP I 109 -23.32 -27.97 25.90
N PHE I 110 -24.38 -27.71 26.65
CA PHE I 110 -25.67 -28.36 26.49
C PHE I 110 -26.64 -27.26 26.13
N CYS I 111 -27.57 -27.57 25.21
CA CYS I 111 -28.59 -26.60 24.83
C CYS I 111 -29.84 -27.27 24.30
N GLY I 112 -30.87 -26.44 24.05
CA GLY I 112 -32.04 -26.90 23.33
C GLY I 112 -33.32 -26.46 24.02
N VAL I 113 -34.43 -27.12 23.67
CA VAL I 113 -35.72 -26.85 24.26
C VAL I 113 -35.83 -27.75 25.49
N ILE I 114 -35.26 -27.26 26.61
CA ILE I 114 -35.11 -28.03 27.83
C ILE I 114 -35.95 -27.42 28.95
N TYR I 115 -36.82 -26.46 28.62
CA TYR I 115 -37.64 -25.74 29.57
C TYR I 115 -39.12 -26.04 29.35
N SER I 116 -39.42 -26.80 28.29
CA SER I 116 -40.78 -27.19 27.98
C SER I 116 -40.71 -28.36 27.00
N ALA I 117 -41.86 -28.93 26.66
CA ALA I 117 -41.93 -29.90 25.57
C ALA I 117 -41.72 -29.12 24.27
N MET I 118 -41.09 -29.78 23.29
CA MET I 118 -40.87 -29.19 21.98
C MET I 118 -42.00 -29.66 21.07
N LYS I 119 -43.03 -28.83 20.98
CA LYS I 119 -44.23 -29.24 20.28
C LYS I 119 -45.17 -28.07 20.11
N LYS I 120 -46.26 -28.31 19.38
CA LYS I 120 -47.34 -27.34 19.26
C LYS I 120 -48.31 -27.52 20.41
N TYR I 121 -48.16 -26.69 21.46
CA TYR I 121 -49.10 -26.69 22.56
C TYR I 121 -50.47 -26.27 22.05
N MET I 122 -51.50 -26.75 22.76
CA MET I 122 -52.87 -26.36 22.49
C MET I 122 -53.41 -25.48 23.63
N GLU I 123 -52.56 -25.17 24.62
CA GLU I 123 -52.95 -24.31 25.74
C GLU I 123 -51.81 -23.35 26.10
N PRO I 124 -52.11 -22.09 26.45
CA PRO I 124 -51.09 -21.18 27.00
C PRO I 124 -50.38 -21.80 28.20
N ALA I 125 -49.16 -21.34 28.45
CA ALA I 125 -48.41 -21.80 29.61
C ALA I 125 -49.15 -21.38 30.88
N THR I 126 -48.83 -22.05 31.98
CA THR I 126 -49.56 -21.87 33.22
C THR I 126 -48.57 -21.42 34.30
N ALA I 127 -49.04 -20.64 35.28
CA ALA I 127 -48.16 -20.01 36.25
C ALA I 127 -47.38 -21.09 37.01
N ALA I 128 -48.10 -22.15 37.40
CA ALA I 128 -47.54 -23.28 38.12
C ALA I 128 -46.53 -24.03 37.25
N GLY I 129 -46.86 -24.20 35.96
CA GLY I 129 -45.98 -24.82 35.00
C GLY I 129 -44.65 -24.08 34.84
N LEU I 130 -44.74 -22.75 34.72
CA LEU I 130 -43.58 -21.90 34.55
C LEU I 130 -42.65 -22.07 35.76
N ALA I 131 -43.24 -22.04 36.96
CA ALA I 131 -42.52 -22.15 38.22
C ALA I 131 -41.77 -23.48 38.29
N ASN I 132 -42.44 -24.56 37.86
CA ASN I 132 -41.82 -25.88 37.83
C ASN I 132 -40.64 -25.88 36.86
N SER I 133 -40.83 -25.27 35.69
CA SER I 133 -39.81 -25.25 34.64
C SER I 133 -38.54 -24.60 35.17
N LYS I 134 -38.69 -23.39 35.71
CA LYS I 134 -37.55 -22.62 36.19
C LYS I 134 -36.80 -23.36 37.29
N ALA I 135 -37.54 -23.89 38.29
CA ALA I 135 -36.94 -24.62 39.39
C ALA I 135 -36.14 -25.82 38.88
N ALA I 136 -36.74 -26.61 37.98
CA ALA I 136 -36.08 -27.79 37.42
C ALA I 136 -34.81 -27.40 36.67
N VAL I 137 -34.93 -26.37 35.81
CA VAL I 137 -33.80 -25.92 35.00
C VAL I 137 -32.72 -25.39 35.92
N GLY I 138 -33.12 -24.67 36.98
CA GLY I 138 -32.21 -24.22 38.02
C GLY I 138 -31.35 -25.33 38.63
N ARG I 139 -32.01 -26.43 39.02
CA ARG I 139 -31.33 -27.57 39.61
C ARG I 139 -30.40 -28.22 38.58
N VAL I 140 -30.89 -28.37 37.33
CA VAL I 140 -30.12 -28.95 36.24
C VAL I 140 -28.87 -28.11 35.98
N ALA I 141 -29.04 -26.79 36.07
CA ALA I 141 -27.95 -25.88 35.80
C ALA I 141 -26.91 -25.98 36.90
N ASP I 142 -27.36 -26.02 38.17
CA ASP I 142 -26.47 -26.17 39.31
C ASP I 142 -25.65 -27.45 39.18
N ARG I 143 -26.35 -28.54 38.85
CA ARG I 143 -25.72 -29.84 38.63
C ARG I 143 -24.65 -29.69 37.56
N ALA I 144 -25.03 -28.98 36.50
CA ALA I 144 -24.16 -28.74 35.35
C ALA I 144 -22.96 -27.88 35.74
N SER I 145 -23.18 -26.88 36.60
CA SER I 145 -22.12 -25.96 37.01
C SER I 145 -20.96 -26.71 37.67
N ASP I 146 -21.28 -27.68 38.52
CA ASP I 146 -20.26 -28.48 39.20
C ASP I 146 -19.46 -29.27 38.17
N LEU I 147 -20.17 -29.80 37.17
CA LEU I 147 -19.56 -30.61 36.13
C LEU I 147 -18.65 -29.79 35.22
N GLY I 148 -19.00 -28.51 35.01
CA GLY I 148 -18.21 -27.65 34.15
C GLY I 148 -18.90 -27.57 32.78
N ILE I 149 -20.23 -27.54 32.84
CA ILE I 149 -21.08 -27.56 31.66
C ILE I 149 -21.97 -26.33 31.69
N ASN I 150 -21.97 -25.58 30.58
CA ASN I 150 -22.92 -24.50 30.37
C ASN I 150 -24.24 -25.04 29.82
N VAL I 151 -25.33 -24.42 30.26
CA VAL I 151 -26.67 -24.81 29.87
C VAL I 151 -27.34 -23.59 29.23
N SER I 152 -27.73 -23.73 27.95
CA SER I 152 -28.31 -22.63 27.20
C SER I 152 -29.71 -23.00 26.69
N LEU I 153 -30.70 -22.13 26.92
CA LEU I 153 -32.06 -22.40 26.50
C LEU I 153 -32.30 -21.89 25.07
N GLU I 154 -32.69 -22.79 24.14
CA GLU I 154 -32.95 -22.40 22.76
C GLU I 154 -34.32 -21.74 22.69
N VAL I 155 -34.33 -20.44 22.38
CA VAL I 155 -35.57 -19.71 22.12
C VAL I 155 -36.11 -20.20 20.78
N VAL I 156 -37.39 -20.64 20.76
CA VAL I 156 -38.00 -21.26 19.58
C VAL I 156 -39.39 -20.66 19.36
N ASN I 157 -39.91 -20.87 18.15
CA ASN I 157 -41.10 -20.18 17.71
C ASN I 157 -42.33 -20.75 18.42
N ARG I 158 -43.49 -20.13 18.12
CA ARG I 158 -44.74 -20.36 18.84
C ARG I 158 -45.28 -21.79 18.65
N TYR I 159 -44.82 -22.48 17.62
CA TYR I 159 -45.32 -23.81 17.29
C TYR I 159 -44.47 -24.90 17.91
N GLU I 160 -43.36 -24.51 18.57
CA GLU I 160 -42.47 -25.48 19.21
C GLU I 160 -42.36 -25.25 20.72
N THR I 161 -42.89 -24.14 21.23
CA THR I 161 -43.03 -23.93 22.67
C THR I 161 -44.04 -22.82 22.92
N ASN I 162 -44.58 -22.83 24.14
CA ASN I 162 -45.47 -21.77 24.57
C ASN I 162 -44.82 -20.94 25.67
N VAL I 163 -43.53 -21.19 25.94
CA VAL I 163 -42.84 -20.56 27.05
C VAL I 163 -41.91 -19.46 26.52
N LEU I 164 -40.82 -19.87 25.83
CA LEU I 164 -39.76 -18.94 25.46
C LEU I 164 -39.73 -18.75 23.93
N ASN I 165 -40.45 -17.73 23.45
CA ASN I 165 -40.53 -17.43 22.03
C ASN I 165 -39.57 -16.31 21.61
N THR I 166 -39.15 -15.44 22.53
CA THR I 166 -38.27 -14.32 22.22
C THR I 166 -37.07 -14.27 23.16
N GLY I 167 -35.99 -13.65 22.70
CA GLY I 167 -34.82 -13.42 23.53
C GLY I 167 -35.17 -12.69 24.82
N ARG I 168 -36.13 -11.76 24.73
CA ARG I 168 -36.58 -10.93 25.84
C ARG I 168 -37.18 -11.81 26.93
N GLN I 169 -38.00 -12.79 26.51
CA GLN I 169 -38.66 -13.70 27.42
C GLN I 169 -37.61 -14.52 28.14
N ALA I 170 -36.59 -14.94 27.39
CA ALA I 170 -35.58 -15.80 27.94
C ALA I 170 -34.80 -15.04 29.01
N LEU I 171 -34.55 -13.73 28.77
CA LEU I 171 -33.86 -12.90 29.74
C LEU I 171 -34.63 -12.79 31.05
N ALA I 172 -35.95 -12.53 30.98
CA ALA I 172 -36.80 -12.46 32.17
C ALA I 172 -36.83 -13.81 32.90
N TYR I 173 -36.84 -14.91 32.16
CA TYR I 173 -36.80 -16.25 32.72
C TYR I 173 -35.47 -16.47 33.45
N LEU I 174 -34.35 -16.06 32.85
CA LEU I 174 -33.03 -16.27 33.44
C LEU I 174 -32.84 -15.36 34.67
N GLU I 175 -33.48 -14.18 34.65
CA GLU I 175 -33.28 -13.14 35.66
C GLU I 175 -33.66 -13.71 37.03
N GLU I 176 -34.79 -14.43 37.07
CA GLU I 176 -35.29 -15.04 38.28
C GLU I 176 -34.24 -16.00 38.86
N LEU I 177 -33.67 -16.86 38.02
CA LEU I 177 -32.81 -17.94 38.47
C LEU I 177 -31.42 -17.44 38.87
N ASN I 178 -30.95 -16.40 38.17
CA ASN I 178 -29.62 -15.86 38.36
C ASN I 178 -28.59 -16.97 38.60
N ARG I 179 -28.44 -17.86 37.61
CA ARG I 179 -27.40 -18.88 37.60
C ARG I 179 -26.30 -18.49 36.63
N PRO I 180 -25.01 -18.56 37.03
CA PRO I 180 -23.92 -18.04 36.21
C PRO I 180 -23.64 -18.84 34.93
N ASN I 181 -24.08 -20.10 34.88
CA ASN I 181 -23.81 -20.97 33.74
C ASN I 181 -25.07 -21.18 32.89
N LEU I 182 -26.12 -20.39 33.16
CA LEU I 182 -27.39 -20.51 32.46
C LEU I 182 -27.47 -19.41 31.40
N GLY I 183 -27.51 -19.82 30.13
CA GLY I 183 -27.40 -18.92 29.01
C GLY I 183 -28.62 -18.95 28.07
N ILE I 184 -28.56 -18.10 27.04
CA ILE I 184 -29.58 -18.06 26.02
C ILE I 184 -28.99 -18.61 24.73
N HIS I 185 -29.79 -19.41 24.01
CA HIS I 185 -29.41 -19.98 22.71
C HIS I 185 -30.37 -19.42 21.66
N LEU I 186 -29.82 -18.66 20.69
CA LEU I 186 -30.66 -18.11 19.64
C LEU I 186 -30.47 -18.89 18.35
N ASP I 187 -31.57 -18.99 17.59
CA ASP I 187 -31.64 -19.73 16.35
C ASP I 187 -32.25 -18.83 15.27
N THR I 188 -31.53 -18.61 14.17
CA THR I 188 -31.99 -17.66 13.17
C THR I 188 -33.32 -18.07 12.54
N TYR I 189 -33.54 -19.38 12.36
CA TYR I 189 -34.83 -19.90 11.90
C TYR I 189 -35.97 -19.42 12.81
N HIS I 190 -35.79 -19.50 14.13
CA HIS I 190 -36.83 -19.13 15.10
C HIS I 190 -36.97 -17.61 15.23
N MET I 191 -35.83 -16.89 15.21
CA MET I 191 -35.82 -15.44 15.28
C MET I 191 -36.58 -14.85 14.09
N ASN I 192 -36.47 -15.51 12.94
CA ASN I 192 -37.05 -15.05 11.71
C ASN I 192 -38.57 -14.95 11.81
N ILE I 193 -39.16 -15.72 12.72
CA ILE I 193 -40.59 -15.69 12.96
C ILE I 193 -40.90 -14.65 14.03
N GLU I 194 -40.30 -14.79 15.22
CA GLU I 194 -40.84 -14.19 16.44
C GLU I 194 -40.25 -12.80 16.70
N GLU I 195 -39.01 -12.54 16.31
CA GLU I 195 -38.32 -11.33 16.76
C GLU I 195 -38.68 -10.11 15.92
N SER I 196 -38.35 -8.90 16.44
CA SER I 196 -38.64 -7.65 15.73
C SER I 196 -37.72 -7.48 14.52
N ASP I 197 -36.52 -8.06 14.61
CA ASP I 197 -35.41 -7.86 13.69
C ASP I 197 -34.28 -8.73 14.22
N MET I 198 -33.15 -8.79 13.50
CA MET I 198 -32.08 -9.73 13.82
C MET I 198 -30.96 -9.11 14.67
N PHE I 199 -31.03 -7.80 14.99
CA PHE I 199 -29.99 -7.21 15.82
C PHE I 199 -30.44 -6.94 17.26
N SER I 200 -31.65 -6.42 17.49
CA SER I 200 -32.17 -6.12 18.81
C SER I 200 -32.04 -7.29 19.76
N PRO I 201 -32.45 -8.53 19.39
CA PRO I 201 -32.26 -9.69 20.25
C PRO I 201 -30.81 -9.99 20.60
N ILE I 202 -29.89 -9.81 19.66
CA ILE I 202 -28.48 -10.01 19.95
C ILE I 202 -28.01 -8.97 20.97
N LEU I 203 -28.38 -7.71 20.77
CA LEU I 203 -27.96 -6.61 21.63
C LEU I 203 -28.59 -6.76 23.02
N ASP I 204 -29.88 -7.10 23.06
CA ASP I 204 -30.63 -7.19 24.30
C ASP I 204 -30.12 -8.39 25.12
N THR I 205 -29.56 -9.40 24.48
CA THR I 205 -29.29 -10.69 25.11
C THR I 205 -27.78 -10.91 25.30
N ALA I 206 -26.99 -9.91 24.90
CA ALA I 206 -25.54 -9.97 24.74
C ALA I 206 -24.83 -10.72 25.85
N GLU I 207 -25.16 -10.32 27.08
CA GLU I 207 -24.48 -10.81 28.27
C GLU I 207 -24.67 -12.33 28.40
N ALA I 208 -25.88 -12.80 28.06
CA ALA I 208 -26.33 -14.16 28.35
C ALA I 208 -26.25 -15.08 27.13
N LEU I 209 -25.88 -14.53 25.95
CA LEU I 209 -25.93 -15.29 24.71
C LEU I 209 -24.76 -16.27 24.66
N ARG I 210 -25.07 -17.57 24.60
CA ARG I 210 -24.02 -18.56 24.76
C ARG I 210 -23.95 -19.52 23.57
N TYR I 211 -24.99 -19.58 22.73
CA TYR I 211 -25.02 -20.59 21.70
C TYR I 211 -25.89 -20.08 20.55
N VAL I 212 -25.50 -20.43 19.33
CA VAL I 212 -26.16 -19.89 18.14
C VAL I 212 -26.40 -21.04 17.16
N HIS I 213 -27.61 -21.08 16.61
CA HIS I 213 -27.98 -21.93 15.50
C HIS I 213 -28.15 -21.05 14.26
N ILE I 214 -27.53 -21.48 13.16
CA ILE I 214 -27.65 -20.84 11.87
C ILE I 214 -28.56 -21.70 11.00
N GLY I 215 -29.78 -21.22 10.78
CA GLY I 215 -30.77 -21.89 9.94
C GLY I 215 -31.50 -20.94 9.00
N GLU I 216 -31.74 -21.40 7.77
CA GLU I 216 -32.49 -20.65 6.78
C GLU I 216 -33.98 -20.73 7.16
N SER I 217 -34.79 -19.85 6.54
CA SER I 217 -36.15 -19.62 6.96
C SER I 217 -36.99 -20.89 6.84
N HIS I 218 -36.62 -21.72 5.84
CA HIS I 218 -37.26 -23.00 5.56
C HIS I 218 -36.38 -24.19 5.96
N ARG I 219 -35.22 -23.92 6.58
CA ARG I 219 -34.34 -24.92 7.16
C ARG I 219 -33.58 -25.67 6.07
N GLY I 220 -33.49 -25.07 4.88
CA GLY I 220 -32.72 -25.63 3.78
C GLY I 220 -31.34 -25.01 3.66
N TYR I 221 -30.87 -24.89 2.40
CA TYR I 221 -29.60 -24.24 2.07
C TYR I 221 -29.58 -22.80 2.54
N LEU I 222 -28.45 -22.39 3.13
CA LEU I 222 -28.28 -21.03 3.62
C LEU I 222 -28.24 -20.07 2.43
N GLY I 223 -29.02 -18.98 2.51
CA GLY I 223 -29.06 -17.97 1.45
C GLY I 223 -30.12 -18.21 0.37
N THR I 224 -31.03 -19.18 0.60
CA THR I 224 -32.09 -19.54 -0.33
C THR I 224 -33.46 -19.27 0.29
N GLY I 225 -33.49 -18.48 1.37
CA GLY I 225 -34.71 -18.15 2.06
C GLY I 225 -34.68 -16.71 2.54
N SER I 226 -35.54 -16.37 3.50
CA SER I 226 -35.80 -14.99 3.84
C SER I 226 -35.06 -14.55 5.11
N VAL I 227 -34.16 -15.38 5.66
CA VAL I 227 -33.46 -14.96 6.86
C VAL I 227 -32.46 -13.85 6.52
N ASP I 228 -32.45 -12.80 7.36
CA ASP I 228 -31.50 -11.69 7.25
C ASP I 228 -30.25 -12.03 8.04
N PHE I 229 -29.38 -12.86 7.45
CA PHE I 229 -28.12 -13.26 8.06
C PHE I 229 -27.16 -12.10 8.22
N ASP I 230 -27.22 -11.15 7.27
CA ASP I 230 -26.28 -10.03 7.27
C ASP I 230 -26.44 -9.23 8.57
N THR I 231 -27.67 -8.84 8.90
CA THR I 231 -27.88 -8.12 10.15
C THR I 231 -27.42 -8.98 11.32
N PHE I 232 -27.71 -10.27 11.29
CA PHE I 232 -27.46 -11.16 12.42
C PHE I 232 -25.98 -11.22 12.73
N PHE I 233 -25.19 -11.55 11.72
CA PHE I 233 -23.76 -11.65 11.91
C PHE I 233 -23.12 -10.30 12.24
N LYS I 234 -23.65 -9.19 11.72
CA LYS I 234 -23.07 -7.89 12.02
C LYS I 234 -23.33 -7.58 13.50
N ALA I 235 -24.50 -7.98 14.00
CA ALA I 235 -24.79 -7.77 15.41
C ALA I 235 -23.93 -8.68 16.31
N LEU I 236 -23.75 -9.98 15.96
CA LEU I 236 -22.80 -10.85 16.65
C LEU I 236 -21.40 -10.23 16.77
N GLY I 237 -20.90 -9.67 15.65
CA GLY I 237 -19.60 -9.02 15.62
C GLY I 237 -19.54 -7.83 16.58
N ARG I 238 -20.64 -7.09 16.67
CA ARG I 238 -20.68 -5.90 17.50
C ARG I 238 -20.54 -6.27 18.99
N ILE I 239 -21.13 -7.38 19.44
CA ILE I 239 -21.11 -7.67 20.87
C ILE I 239 -19.92 -8.54 21.22
N GLY I 240 -19.10 -8.88 20.21
CA GLY I 240 -17.92 -9.69 20.43
C GLY I 240 -18.23 -11.12 20.86
N TYR I 241 -19.33 -11.68 20.34
CA TYR I 241 -19.71 -13.06 20.63
C TYR I 241 -18.63 -14.04 20.22
N ASP I 242 -18.35 -15.01 21.09
CA ASP I 242 -17.30 -16.00 20.83
C ASP I 242 -17.77 -17.42 21.15
N GLY I 243 -19.07 -17.61 21.36
CA GLY I 243 -19.63 -18.94 21.59
C GLY I 243 -19.75 -19.75 20.30
N PRO I 244 -20.27 -20.99 20.38
CA PRO I 244 -20.51 -21.81 19.20
C PRO I 244 -21.54 -21.23 18.23
N VAL I 245 -21.25 -21.45 16.94
CA VAL I 245 -22.08 -21.02 15.84
C VAL I 245 -22.29 -22.24 14.95
N VAL I 246 -23.51 -22.79 14.94
CA VAL I 246 -23.72 -24.15 14.46
C VAL I 246 -24.79 -24.18 13.38
N PHE I 247 -24.46 -24.77 12.23
CA PHE I 247 -25.39 -24.98 11.14
C PHE I 247 -26.43 -26.05 11.49
N GLU I 248 -27.70 -25.76 11.17
CA GLU I 248 -28.83 -26.64 11.47
C GLU I 248 -29.72 -26.62 10.23
N SER I 249 -30.01 -27.81 9.70
CA SER I 249 -30.82 -27.95 8.49
C SER I 249 -31.53 -29.29 8.48
N PHE I 250 -32.75 -29.32 7.96
CA PHE I 250 -33.55 -30.52 7.93
C PHE I 250 -34.22 -30.74 6.59
N SER I 251 -34.13 -32.00 6.15
CA SER I 251 -34.72 -32.44 4.89
C SER I 251 -35.29 -33.83 5.04
N SER I 252 -36.32 -34.11 4.23
CA SER I 252 -36.99 -35.40 4.25
C SER I 252 -36.03 -36.48 3.76
N SER I 253 -34.89 -36.09 3.17
CA SER I 253 -33.94 -37.06 2.65
C SER I 253 -33.10 -37.69 3.76
N VAL I 254 -33.10 -37.09 4.97
CA VAL I 254 -32.47 -37.67 6.14
C VAL I 254 -33.46 -37.59 7.28
N VAL I 255 -34.01 -38.75 7.69
CA VAL I 255 -35.13 -38.79 8.62
C VAL I 255 -34.64 -39.32 9.96
N ALA I 256 -35.01 -38.62 11.03
CA ALA I 256 -34.96 -39.16 12.36
C ALA I 256 -36.39 -39.52 12.75
N PRO I 257 -36.66 -40.76 13.20
CA PRO I 257 -38.04 -41.25 13.34
C PRO I 257 -38.98 -40.28 14.03
N ASP I 258 -38.52 -39.71 15.15
CA ASP I 258 -39.34 -38.88 16.02
C ASP I 258 -39.17 -37.41 15.67
N LEU I 259 -37.90 -36.96 15.59
CA LEU I 259 -37.58 -35.55 15.52
C LEU I 259 -38.09 -34.91 14.23
N SER I 260 -37.98 -35.63 13.10
CA SER I 260 -38.41 -35.14 11.80
C SER I 260 -39.92 -34.84 11.80
N ARG I 261 -40.70 -35.67 12.50
CA ARG I 261 -42.13 -35.50 12.59
C ARG I 261 -42.44 -34.36 13.56
N MET I 262 -41.67 -34.27 14.64
CA MET I 262 -41.88 -33.22 15.63
C MET I 262 -41.69 -31.83 15.00
N LEU I 263 -40.73 -31.69 14.08
CA LEU I 263 -40.37 -30.39 13.51
C LEU I 263 -41.15 -30.10 12.22
N GLY I 264 -41.91 -31.10 11.75
CA GLY I 264 -42.75 -30.94 10.58
C GLY I 264 -41.93 -30.82 9.32
N ILE I 265 -40.96 -31.72 9.20
CA ILE I 265 -40.12 -31.75 8.01
C ILE I 265 -40.84 -32.56 6.93
N TRP I 266 -41.72 -31.90 6.18
CA TRP I 266 -42.51 -32.55 5.14
C TRP I 266 -41.78 -32.57 3.79
N ARG I 267 -40.85 -31.63 3.53
CA ARG I 267 -40.35 -31.40 2.18
C ARG I 267 -38.88 -31.79 2.07
N ASN I 268 -38.46 -32.09 0.85
CA ASN I 268 -37.08 -32.34 0.46
C ASN I 268 -36.44 -31.02 0.03
N LEU I 269 -35.54 -30.47 0.87
CA LEU I 269 -34.86 -29.20 0.62
C LEU I 269 -33.46 -29.46 0.07
N TRP I 270 -33.02 -30.73 0.07
CA TRP I 270 -31.68 -31.08 -0.36
C TRP I 270 -31.51 -32.59 -0.30
N ALA I 271 -30.64 -33.11 -1.16
CA ALA I 271 -30.31 -34.51 -1.28
C ALA I 271 -28.84 -34.76 -0.98
N ASP I 272 -27.98 -33.77 -1.27
CA ASP I 272 -26.53 -33.97 -1.21
C ASP I 272 -25.97 -33.26 0.01
N ASN I 273 -25.84 -33.99 1.13
CA ASN I 273 -25.57 -33.35 2.42
C ASN I 273 -24.10 -32.97 2.49
N GLU I 274 -23.27 -33.57 1.64
CA GLU I 274 -21.86 -33.23 1.60
C GLU I 274 -21.70 -31.82 1.03
N GLU I 275 -22.38 -31.55 -0.09
CA GLU I 275 -22.39 -30.22 -0.69
C GLU I 275 -23.04 -29.25 0.28
N LEU I 276 -24.21 -29.59 0.84
CA LEU I 276 -24.89 -28.74 1.82
C LEU I 276 -23.93 -28.32 2.93
N GLY I 277 -23.24 -29.31 3.53
CA GLY I 277 -22.43 -29.09 4.72
C GLY I 277 -21.25 -28.18 4.44
N ALA I 278 -20.54 -28.46 3.33
CA ALA I 278 -19.38 -27.68 2.95
C ALA I 278 -19.81 -26.26 2.51
N HIS I 279 -20.99 -26.14 1.90
CA HIS I 279 -21.52 -24.83 1.53
C HIS I 279 -21.79 -24.02 2.79
N ALA I 280 -22.44 -24.66 3.78
CA ALA I 280 -22.84 -23.99 5.01
C ALA I 280 -21.62 -23.55 5.81
N ASN I 281 -20.59 -24.41 5.84
CA ASN I 281 -19.38 -24.17 6.61
C ASN I 281 -18.70 -22.94 6.00
N ALA I 282 -18.63 -22.89 4.67
CA ALA I 282 -18.04 -21.73 4.01
C ALA I 282 -18.92 -20.50 4.22
N PHE I 283 -20.25 -20.66 4.20
CA PHE I 283 -21.15 -19.52 4.36
C PHE I 283 -20.87 -18.83 5.68
N ILE I 284 -20.85 -19.63 6.75
CA ILE I 284 -20.65 -19.11 8.09
C ILE I 284 -19.25 -18.50 8.24
N ARG I 285 -18.21 -19.23 7.85
CA ARG I 285 -16.85 -18.80 8.12
C ARG I 285 -16.57 -17.53 7.33
N ASP I 286 -17.01 -17.49 6.07
CA ASP I 286 -16.71 -16.39 5.18
C ASP I 286 -17.48 -15.15 5.63
N LYS I 287 -18.67 -15.35 6.21
CA LYS I 287 -19.44 -14.25 6.75
C LYS I 287 -18.64 -13.66 7.91
N LEU I 288 -18.16 -14.52 8.82
CA LEU I 288 -17.37 -14.06 9.95
C LEU I 288 -16.13 -13.30 9.47
N THR I 289 -15.46 -13.82 8.44
CA THR I 289 -14.26 -13.19 7.92
C THR I 289 -14.55 -11.78 7.43
N ALA I 290 -15.61 -11.65 6.63
CA ALA I 290 -16.00 -10.38 6.04
C ALA I 290 -16.39 -9.41 7.15
N ILE I 291 -17.19 -9.84 8.13
CA ILE I 291 -17.69 -8.95 9.17
C ILE I 291 -16.50 -8.38 9.96
N LYS I 292 -15.44 -9.19 10.14
CA LYS I 292 -14.29 -8.76 10.92
C LYS I 292 -13.60 -7.57 10.25
N THR I 293 -13.69 -7.48 8.92
CA THR I 293 -13.08 -6.35 8.21
C THR I 293 -13.76 -5.02 8.52
N ILE I 294 -15.05 -5.01 8.90
CA ILE I 294 -15.76 -3.77 9.14
C ILE I 294 -15.05 -2.90 10.20
N GLU I 295 -14.15 -3.51 10.98
CA GLU I 295 -13.34 -2.76 11.93
C GLU I 295 -12.47 -1.72 11.21
N LEU I 296 -11.90 -2.11 10.07
CA LEU I 296 -10.97 -1.27 9.32
C LEU I 296 -11.53 0.14 9.04
N MET J 9 -59.35 -3.75 -6.94
CA MET J 9 -58.70 -4.33 -5.75
C MET J 9 -59.41 -3.84 -4.50
N LYS J 10 -59.81 -4.78 -3.64
CA LYS J 10 -60.41 -4.42 -2.38
C LYS J 10 -59.36 -4.63 -1.29
N ILE J 11 -59.21 -3.62 -0.41
CA ILE J 11 -58.32 -3.69 0.73
C ILE J 11 -59.16 -4.03 1.97
N GLY J 12 -58.78 -5.12 2.65
CA GLY J 12 -59.64 -5.73 3.65
C GLY J 12 -58.95 -5.99 4.98
N CYS J 13 -59.77 -6.38 5.95
CA CYS J 13 -59.33 -6.63 7.31
C CYS J 13 -60.00 -7.90 7.82
N HIS J 14 -59.21 -8.74 8.47
CA HIS J 14 -59.72 -9.99 9.02
C HIS J 14 -60.52 -9.67 10.28
N GLY J 15 -61.58 -10.45 10.53
CA GLY J 15 -62.47 -10.21 11.65
C GLY J 15 -61.79 -10.29 13.02
N LEU J 16 -60.78 -11.16 13.18
CA LEU J 16 -60.15 -11.41 14.48
C LEU J 16 -59.26 -10.25 14.92
N VAL J 17 -59.10 -9.23 14.11
CA VAL J 17 -58.55 -7.98 14.61
C VAL J 17 -59.47 -7.41 15.70
N TRP J 18 -60.78 -7.65 15.55
CA TRP J 18 -61.81 -6.90 16.26
C TRP J 18 -62.48 -7.72 17.37
N THR J 19 -62.85 -8.97 17.07
CA THR J 19 -63.61 -9.80 17.99
C THR J 19 -63.32 -11.26 17.71
N GLY J 20 -63.47 -12.09 18.76
CA GLY J 20 -63.33 -13.53 18.65
C GLY J 20 -64.67 -14.25 18.56
N HIS J 21 -65.78 -13.50 18.65
CA HIS J 21 -67.11 -14.09 18.75
C HIS J 21 -68.00 -13.43 17.70
N PHE J 22 -68.43 -14.18 16.68
CA PHE J 22 -69.22 -13.62 15.57
C PHE J 22 -70.70 -13.94 15.75
N ASP J 23 -71.19 -13.63 16.96
CA ASP J 23 -72.61 -13.46 17.24
C ASP J 23 -73.06 -12.14 16.61
N ALA J 24 -74.34 -11.80 16.78
CA ALA J 24 -74.91 -10.60 16.17
C ALA J 24 -74.09 -9.36 16.57
N GLU J 25 -73.68 -9.30 17.84
CA GLU J 25 -72.96 -8.15 18.35
C GLU J 25 -71.58 -8.08 17.69
N GLY J 26 -70.89 -9.22 17.67
CA GLY J 26 -69.55 -9.33 17.11
C GLY J 26 -69.53 -8.92 15.64
N ILE J 27 -70.53 -9.37 14.89
CA ILE J 27 -70.63 -9.07 13.46
C ILE J 27 -70.74 -7.56 13.26
N ARG J 28 -71.66 -6.90 13.98
CA ARG J 28 -71.86 -5.46 13.82
C ARG J 28 -70.61 -4.70 14.24
N TYR J 29 -70.00 -5.13 15.34
CA TYR J 29 -68.81 -4.50 15.87
C TYR J 29 -67.65 -4.59 14.87
N SER J 30 -67.41 -5.79 14.32
CA SER J 30 -66.30 -6.03 13.41
C SER J 30 -66.50 -5.24 12.12
N VAL J 31 -67.72 -5.25 11.59
CA VAL J 31 -67.99 -4.53 10.36
C VAL J 31 -67.78 -3.03 10.57
N GLN J 32 -68.26 -2.51 11.71
CA GLN J 32 -68.15 -1.09 12.02
C GLN J 32 -66.69 -0.68 12.14
N LYS J 33 -65.92 -1.42 12.93
CA LYS J 33 -64.53 -1.07 13.21
C LYS J 33 -63.69 -1.12 11.93
N THR J 34 -63.99 -2.09 11.05
CA THR J 34 -63.31 -2.24 9.77
C THR J 34 -63.54 -1.00 8.90
N ARG J 35 -64.77 -0.49 8.86
CA ARG J 35 -65.10 0.72 8.12
C ARG J 35 -64.35 1.91 8.74
N GLU J 36 -64.32 1.96 10.07
CA GLU J 36 -63.76 3.12 10.76
C GLU J 36 -62.25 3.19 10.53
N ALA J 37 -61.61 2.02 10.42
CA ALA J 37 -60.19 1.93 10.20
C ALA J 37 -59.81 2.29 8.76
N GLY J 38 -60.79 2.29 7.82
CA GLY J 38 -60.59 2.81 6.47
C GLY J 38 -60.61 1.75 5.36
N PHE J 39 -60.91 0.50 5.72
CA PHE J 39 -60.89 -0.62 4.79
C PHE J 39 -62.10 -0.61 3.86
N ASP J 40 -62.00 -1.38 2.77
CA ASP J 40 -63.12 -1.59 1.85
C ASP J 40 -63.94 -2.83 2.23
N LEU J 41 -63.36 -3.75 3.00
CA LEU J 41 -63.85 -5.13 3.02
C LEU J 41 -63.50 -5.77 4.36
N VAL J 42 -64.37 -6.66 4.83
CA VAL J 42 -64.09 -7.47 5.99
C VAL J 42 -64.09 -8.93 5.56
N GLU J 43 -63.18 -9.72 6.15
CA GLU J 43 -63.15 -11.16 5.98
C GLU J 43 -63.69 -11.82 7.25
N PHE J 44 -64.81 -12.53 7.12
CA PHE J 44 -65.44 -13.23 8.24
C PHE J 44 -64.83 -14.61 8.40
N PRO J 45 -64.28 -14.95 9.58
CA PRO J 45 -63.85 -16.32 9.86
C PRO J 45 -65.08 -17.14 10.24
N LEU J 46 -65.47 -18.07 9.35
CA LEU J 46 -66.62 -18.95 9.52
C LEU J 46 -66.14 -20.29 10.08
N MET J 47 -65.62 -20.28 11.31
CA MET J 47 -65.12 -21.51 11.89
C MET J 47 -66.33 -22.39 12.23
N ASP J 48 -67.43 -21.74 12.63
CA ASP J 48 -68.73 -22.39 12.75
C ASP J 48 -69.75 -21.65 11.88
N PRO J 49 -69.92 -22.04 10.60
CA PRO J 49 -70.84 -21.36 9.69
C PRO J 49 -72.31 -21.70 9.88
N PHE J 50 -72.59 -22.76 10.66
CA PHE J 50 -73.94 -23.20 10.93
C PHE J 50 -74.66 -22.15 11.79
N SER J 51 -73.90 -21.46 12.66
CA SER J 51 -74.45 -20.51 13.62
C SER J 51 -74.12 -19.06 13.24
N PHE J 52 -73.68 -18.81 12.00
CA PHE J 52 -73.34 -17.46 11.58
C PHE J 52 -74.61 -16.68 11.24
N ASP J 53 -74.79 -15.51 11.86
CA ASP J 53 -76.00 -14.72 11.70
C ASP J 53 -75.92 -13.92 10.41
N VAL J 54 -76.31 -14.57 9.31
CA VAL J 54 -76.17 -13.99 7.99
C VAL J 54 -76.88 -12.64 7.91
N GLN J 55 -78.07 -12.55 8.54
CA GLN J 55 -78.95 -11.42 8.34
C GLN J 55 -78.36 -10.16 8.96
N THR J 56 -77.82 -10.30 10.18
CA THR J 56 -77.12 -9.21 10.84
C THR J 56 -75.96 -8.70 9.96
N ALA J 57 -75.24 -9.65 9.34
CA ALA J 57 -74.09 -9.32 8.53
C ALA J 57 -74.53 -8.52 7.29
N LYS J 58 -75.55 -9.00 6.56
CA LYS J 58 -76.06 -8.30 5.40
C LYS J 58 -76.44 -6.87 5.77
N SER J 59 -77.08 -6.74 6.94
CA SER J 59 -77.58 -5.46 7.44
C SER J 59 -76.42 -4.51 7.72
N ALA J 60 -75.42 -5.01 8.45
CA ALA J 60 -74.25 -4.23 8.83
C ALA J 60 -73.44 -3.81 7.60
N LEU J 61 -73.25 -4.73 6.63
CA LEU J 61 -72.49 -4.46 5.42
C LEU J 61 -73.15 -3.31 4.64
N ALA J 62 -74.47 -3.40 4.50
CA ALA J 62 -75.24 -2.39 3.78
C ALA J 62 -75.09 -1.02 4.45
N GLU J 63 -75.24 -1.02 5.79
CA GLU J 63 -75.13 0.18 6.61
C GLU J 63 -73.79 0.88 6.36
N HIS J 64 -72.70 0.09 6.33
CA HIS J 64 -71.34 0.61 6.34
C HIS J 64 -70.74 0.66 4.93
N GLY J 65 -71.46 0.18 3.91
CA GLY J 65 -70.98 0.28 2.53
C GLY J 65 -69.73 -0.58 2.28
N LEU J 66 -69.67 -1.72 2.95
CA LEU J 66 -68.49 -2.58 3.04
C LEU J 66 -68.74 -3.88 2.28
N ALA J 67 -67.73 -4.33 1.51
CA ALA J 67 -67.73 -5.65 0.91
C ALA J 67 -67.29 -6.71 1.93
N ALA J 68 -67.52 -7.99 1.60
CA ALA J 68 -67.21 -9.08 2.50
C ALA J 68 -66.69 -10.31 1.75
N SER J 69 -65.91 -11.09 2.48
CA SER J 69 -65.38 -12.37 2.04
C SER J 69 -65.36 -13.27 3.27
N ALA J 70 -65.04 -14.56 3.13
CA ALA J 70 -64.97 -15.41 4.31
C ALA J 70 -63.89 -16.46 4.18
N SER J 71 -63.33 -16.82 5.33
CA SER J 71 -62.30 -17.84 5.42
C SER J 71 -62.63 -18.84 6.52
N LEU J 72 -62.00 -20.01 6.44
CA LEU J 72 -62.07 -20.94 7.54
C LEU J 72 -60.91 -21.92 7.47
N GLY J 73 -60.59 -22.49 8.64
CA GLY J 73 -59.69 -23.62 8.74
C GLY J 73 -60.46 -24.83 9.26
N LEU J 74 -60.25 -25.97 8.60
CA LEU J 74 -60.83 -27.22 9.09
C LEU J 74 -60.07 -27.68 10.34
N SER J 75 -60.65 -28.67 11.00
CA SER J 75 -60.11 -29.23 12.23
C SER J 75 -60.09 -30.75 12.08
N ASP J 76 -59.73 -31.46 13.16
CA ASP J 76 -59.58 -32.90 13.11
C ASP J 76 -60.89 -33.57 12.69
N ALA J 77 -62.00 -33.04 13.18
CA ALA J 77 -63.31 -33.64 12.97
C ALA J 77 -63.82 -33.36 11.55
N THR J 78 -63.21 -32.38 10.85
CA THR J 78 -63.66 -31.97 9.52
C THR J 78 -62.53 -32.09 8.50
N ASP J 79 -61.51 -32.91 8.78
CA ASP J 79 -60.29 -32.96 7.99
C ASP J 79 -60.53 -33.74 6.69
N VAL J 80 -60.69 -33.01 5.58
CA VAL J 80 -60.98 -33.60 4.29
C VAL J 80 -59.74 -34.31 3.74
N SER J 81 -58.61 -34.22 4.45
CA SER J 81 -57.42 -34.98 4.07
C SER J 81 -57.31 -36.27 4.89
N SER J 82 -58.32 -36.55 5.72
CA SER J 82 -58.40 -37.82 6.44
C SER J 82 -58.65 -38.98 5.48
N GLU J 83 -58.24 -40.19 5.86
CA GLU J 83 -58.58 -41.40 5.12
C GLU J 83 -59.95 -41.93 5.56
N ASP J 84 -60.46 -41.42 6.69
CA ASP J 84 -61.75 -41.82 7.23
C ASP J 84 -62.86 -41.04 6.51
N PRO J 85 -63.74 -41.72 5.72
CA PRO J 85 -64.76 -41.04 4.93
C PRO J 85 -65.80 -40.26 5.73
N ALA J 86 -66.00 -40.64 6.99
CA ALA J 86 -66.95 -39.97 7.86
C ALA J 86 -66.40 -38.60 8.28
N VAL J 87 -65.07 -38.52 8.46
CA VAL J 87 -64.41 -37.25 8.76
C VAL J 87 -64.47 -36.36 7.52
N VAL J 88 -64.17 -36.94 6.35
CA VAL J 88 -64.21 -36.22 5.08
C VAL J 88 -65.59 -35.62 4.87
N LYS J 89 -66.61 -36.46 5.11
CA LYS J 89 -68.00 -36.08 4.89
C LYS J 89 -68.40 -34.89 5.77
N ALA J 90 -67.93 -34.91 7.03
CA ALA J 90 -68.25 -33.84 7.97
C ALA J 90 -67.59 -32.53 7.52
N GLY J 91 -66.38 -32.66 6.96
CA GLY J 91 -65.66 -31.51 6.45
C GLY J 91 -66.36 -30.91 5.25
N GLU J 92 -66.79 -31.80 4.35
CA GLU J 92 -67.43 -31.41 3.10
C GLU J 92 -68.76 -30.69 3.39
N GLU J 93 -69.39 -31.11 4.49
CA GLU J 93 -70.64 -30.54 4.95
C GLU J 93 -70.39 -29.11 5.44
N LEU J 94 -69.32 -28.94 6.23
CA LEU J 94 -68.95 -27.64 6.79
C LEU J 94 -68.60 -26.66 5.67
N LEU J 95 -67.82 -27.14 4.69
CA LEU J 95 -67.42 -26.35 3.53
C LEU J 95 -68.65 -25.87 2.77
N ASN J 96 -69.61 -26.77 2.52
CA ASN J 96 -70.76 -26.44 1.71
C ASN J 96 -71.58 -25.35 2.40
N ARG J 97 -71.69 -25.44 3.73
CA ARG J 97 -72.46 -24.46 4.49
C ARG J 97 -71.77 -23.09 4.43
N ALA J 98 -70.44 -23.08 4.50
CA ALA J 98 -69.70 -21.84 4.37
C ALA J 98 -69.99 -21.17 3.02
N VAL J 99 -70.02 -21.98 1.96
CA VAL J 99 -70.28 -21.48 0.61
C VAL J 99 -71.68 -20.88 0.56
N ASP J 100 -72.66 -21.55 1.19
CA ASP J 100 -74.03 -21.07 1.24
C ASP J 100 -74.09 -19.70 1.93
N VAL J 101 -73.43 -19.58 3.09
CA VAL J 101 -73.33 -18.30 3.78
C VAL J 101 -72.86 -17.21 2.82
N LEU J 102 -71.78 -17.47 2.06
CA LEU J 102 -71.23 -16.48 1.14
C LEU J 102 -72.25 -16.12 0.04
N ALA J 103 -72.95 -17.13 -0.48
CA ALA J 103 -74.02 -16.90 -1.46
C ALA J 103 -75.06 -15.92 -0.91
N GLU J 104 -75.52 -16.15 0.33
CA GLU J 104 -76.53 -15.31 0.95
C GLU J 104 -76.03 -13.87 1.11
N LEU J 105 -74.73 -13.71 1.41
CA LEU J 105 -74.12 -12.40 1.63
C LEU J 105 -73.86 -11.66 0.32
N GLY J 106 -73.90 -12.37 -0.81
CA GLY J 106 -73.61 -11.78 -2.10
C GLY J 106 -72.12 -11.55 -2.30
N ALA J 107 -71.31 -12.34 -1.57
CA ALA J 107 -69.85 -12.25 -1.61
C ALA J 107 -69.33 -13.13 -2.73
N THR J 108 -68.07 -12.94 -3.11
CA THR J 108 -67.51 -13.63 -4.27
C THR J 108 -66.27 -14.44 -3.93
N ASP J 109 -65.78 -14.39 -2.68
CA ASP J 109 -64.50 -15.00 -2.36
C ASP J 109 -64.62 -15.85 -1.10
N PHE J 110 -64.36 -17.15 -1.30
CA PHE J 110 -64.12 -18.10 -0.22
C PHE J 110 -62.64 -18.51 -0.23
N CYS J 111 -62.04 -18.60 0.95
CA CYS J 111 -60.63 -18.94 1.05
C CYS J 111 -60.32 -19.56 2.39
N GLY J 112 -59.08 -20.05 2.56
CA GLY J 112 -58.59 -20.51 3.83
C GLY J 112 -57.98 -21.91 3.70
N VAL J 113 -57.75 -22.53 4.86
CA VAL J 113 -57.19 -23.87 4.92
C VAL J 113 -58.34 -24.88 4.83
N ILE J 114 -58.77 -25.16 3.58
CA ILE J 114 -59.98 -25.91 3.33
C ILE J 114 -59.65 -27.23 2.65
N TYR J 115 -58.36 -27.56 2.57
CA TYR J 115 -57.86 -28.75 1.91
C TYR J 115 -57.31 -29.73 2.94
N SER J 116 -57.30 -29.31 4.21
CA SER J 116 -56.78 -30.13 5.29
C SER J 116 -57.22 -29.51 6.59
N ALA J 117 -56.92 -30.17 7.71
CA ALA J 117 -57.07 -29.53 8.99
C ALA J 117 -56.02 -28.42 9.10
N MET J 118 -56.31 -27.39 9.91
CA MET J 118 -55.35 -26.37 10.23
C MET J 118 -54.76 -26.68 11.59
N LYS J 119 -53.59 -27.31 11.58
CA LYS J 119 -52.97 -27.78 12.80
C LYS J 119 -51.57 -28.32 12.48
N LYS J 120 -50.84 -28.65 13.55
CA LYS J 120 -49.54 -29.31 13.44
C LYS J 120 -49.76 -30.82 13.30
N TYR J 121 -49.70 -31.32 12.06
CA TYR J 121 -49.70 -32.75 11.83
C TYR J 121 -48.42 -33.37 12.38
N MET J 122 -48.50 -34.68 12.67
CA MET J 122 -47.43 -35.43 13.29
C MET J 122 -46.95 -36.51 12.33
N GLU J 123 -47.51 -36.50 11.12
CA GLU J 123 -47.19 -37.45 10.06
C GLU J 123 -47.20 -36.72 8.72
N PRO J 124 -46.46 -37.15 7.68
CA PRO J 124 -46.66 -36.60 6.34
C PRO J 124 -48.07 -36.93 5.85
N ALA J 125 -48.54 -36.19 4.84
CA ALA J 125 -49.79 -36.50 4.16
C ALA J 125 -49.69 -37.87 3.50
N THR J 126 -50.86 -38.48 3.26
CA THR J 126 -50.98 -39.81 2.70
C THR J 126 -51.72 -39.74 1.36
N ALA J 127 -51.43 -40.68 0.46
CA ALA J 127 -51.98 -40.66 -0.88
C ALA J 127 -53.50 -40.67 -0.85
N ALA J 128 -54.09 -41.50 0.03
CA ALA J 128 -55.54 -41.60 0.11
C ALA J 128 -56.14 -40.32 0.71
N GLY J 129 -55.45 -39.72 1.69
CA GLY J 129 -55.85 -38.44 2.26
C GLY J 129 -55.87 -37.32 1.21
N LEU J 130 -54.79 -37.25 0.41
CA LEU J 130 -54.68 -36.26 -0.63
C LEU J 130 -55.82 -36.43 -1.63
N ALA J 131 -56.14 -37.68 -2.02
CA ALA J 131 -57.16 -37.93 -3.01
C ALA J 131 -58.50 -37.44 -2.48
N ASN J 132 -58.75 -37.70 -1.20
CA ASN J 132 -59.96 -37.25 -0.55
C ASN J 132 -60.01 -35.71 -0.51
N SER J 133 -58.86 -35.08 -0.18
CA SER J 133 -58.77 -33.63 -0.13
C SER J 133 -59.15 -33.02 -1.49
N LYS J 134 -58.52 -33.50 -2.56
CA LYS J 134 -58.72 -32.95 -3.88
C LYS J 134 -60.17 -33.10 -4.34
N ALA J 135 -60.78 -34.27 -4.08
CA ALA J 135 -62.13 -34.51 -4.59
C ALA J 135 -63.11 -33.62 -3.86
N ALA J 136 -62.93 -33.51 -2.54
CA ALA J 136 -63.79 -32.65 -1.74
C ALA J 136 -63.69 -31.18 -2.19
N VAL J 137 -62.45 -30.71 -2.41
CA VAL J 137 -62.22 -29.33 -2.85
C VAL J 137 -62.82 -29.12 -4.23
N GLY J 138 -62.68 -30.13 -5.11
CA GLY J 138 -63.25 -30.10 -6.45
C GLY J 138 -64.77 -29.93 -6.44
N ARG J 139 -65.45 -30.63 -5.54
CA ARG J 139 -66.90 -30.51 -5.44
C ARG J 139 -67.26 -29.12 -4.91
N VAL J 140 -66.49 -28.64 -3.93
CA VAL J 140 -66.77 -27.35 -3.32
C VAL J 140 -66.52 -26.26 -4.35
N ALA J 141 -65.49 -26.46 -5.18
CA ALA J 141 -65.23 -25.51 -6.24
C ALA J 141 -66.39 -25.45 -7.24
N ASP J 142 -66.85 -26.62 -7.74
CA ASP J 142 -67.94 -26.68 -8.70
C ASP J 142 -69.21 -26.01 -8.17
N ARG J 143 -69.58 -26.30 -6.91
CA ARG J 143 -70.75 -25.73 -6.28
C ARG J 143 -70.60 -24.22 -6.19
N ALA J 144 -69.43 -23.77 -5.76
CA ALA J 144 -69.15 -22.34 -5.68
C ALA J 144 -69.23 -21.70 -7.07
N SER J 145 -68.77 -22.39 -8.09
CA SER J 145 -68.76 -21.86 -9.44
C SER J 145 -70.18 -21.58 -9.93
N ASP J 146 -71.09 -22.51 -9.65
CA ASP J 146 -72.51 -22.36 -9.94
C ASP J 146 -73.09 -21.10 -9.27
N LEU J 147 -72.57 -20.74 -8.09
CA LEU J 147 -72.97 -19.57 -7.31
C LEU J 147 -72.17 -18.31 -7.65
N GLY J 148 -71.23 -18.37 -8.61
CA GLY J 148 -70.38 -17.23 -8.93
C GLY J 148 -69.38 -16.90 -7.82
N ILE J 149 -68.93 -17.92 -7.08
CA ILE J 149 -67.98 -17.75 -6.00
C ILE J 149 -66.62 -18.30 -6.44
N ASN J 150 -65.56 -17.51 -6.20
CA ASN J 150 -64.18 -17.96 -6.33
C ASN J 150 -63.71 -18.61 -5.03
N VAL J 151 -63.01 -19.72 -5.16
CA VAL J 151 -62.44 -20.46 -4.04
C VAL J 151 -60.92 -20.40 -4.19
N SER J 152 -60.24 -20.00 -3.11
CA SER J 152 -58.79 -19.88 -3.06
C SER J 152 -58.24 -20.70 -1.90
N LEU J 153 -57.21 -21.53 -2.16
CA LEU J 153 -56.54 -22.33 -1.14
C LEU J 153 -55.43 -21.50 -0.50
N GLU J 154 -55.49 -21.34 0.83
CA GLU J 154 -54.46 -20.57 1.49
C GLU J 154 -53.27 -21.48 1.84
N VAL J 155 -52.16 -21.20 1.17
CA VAL J 155 -50.90 -21.86 1.46
C VAL J 155 -50.46 -21.45 2.86
N VAL J 156 -50.12 -22.42 3.71
CA VAL J 156 -49.69 -22.10 5.07
C VAL J 156 -48.48 -22.95 5.44
N ASN J 157 -47.86 -22.58 6.57
CA ASN J 157 -46.56 -23.13 6.94
C ASN J 157 -46.72 -24.56 7.48
N ARG J 158 -45.56 -25.22 7.62
CA ARG J 158 -45.47 -26.63 7.95
C ARG J 158 -46.15 -26.97 9.28
N TYR J 159 -46.36 -25.99 10.16
CA TYR J 159 -46.97 -26.21 11.46
C TYR J 159 -48.50 -26.10 11.40
N GLU J 160 -49.07 -25.76 10.24
CA GLU J 160 -50.50 -25.56 10.12
C GLU J 160 -51.11 -26.44 9.02
N THR J 161 -50.28 -27.03 8.16
CA THR J 161 -50.74 -28.07 7.25
C THR J 161 -49.53 -28.88 6.81
N ASN J 162 -49.79 -30.09 6.30
CA ASN J 162 -48.76 -30.92 5.70
C ASN J 162 -49.05 -31.11 4.21
N VAL J 163 -49.96 -30.30 3.66
CA VAL J 163 -50.36 -30.50 2.29
C VAL J 163 -49.73 -29.40 1.44
N LEU J 164 -50.18 -28.15 1.61
CA LEU J 164 -49.77 -27.05 0.74
C LEU J 164 -48.98 -26.01 1.54
N ASN J 165 -47.65 -26.17 1.51
CA ASN J 165 -46.72 -25.31 2.24
C ASN J 165 -46.09 -24.25 1.33
N THR J 166 -46.08 -24.49 0.01
CA THR J 166 -45.54 -23.53 -0.94
C THR J 166 -46.53 -23.27 -2.08
N GLY J 167 -46.37 -22.10 -2.72
CA GLY J 167 -47.18 -21.70 -3.85
C GLY J 167 -47.02 -22.71 -4.98
N ARG J 168 -45.80 -23.27 -5.10
CA ARG J 168 -45.51 -24.29 -6.10
C ARG J 168 -46.34 -25.55 -5.87
N GLN J 169 -46.44 -26.00 -4.62
CA GLN J 169 -47.28 -27.15 -4.29
C GLN J 169 -48.74 -26.85 -4.66
N ALA J 170 -49.17 -25.62 -4.39
CA ALA J 170 -50.54 -25.21 -4.63
C ALA J 170 -50.85 -25.20 -6.13
N LEU J 171 -49.86 -24.84 -6.95
CA LEU J 171 -50.04 -24.83 -8.39
C LEU J 171 -50.24 -26.25 -8.93
N ALA J 172 -49.45 -27.19 -8.41
CA ALA J 172 -49.51 -28.57 -8.81
C ALA J 172 -50.86 -29.17 -8.40
N TYR J 173 -51.36 -28.77 -7.22
CA TYR J 173 -52.67 -29.20 -6.72
C TYR J 173 -53.77 -28.65 -7.63
N LEU J 174 -53.72 -27.37 -8.00
CA LEU J 174 -54.74 -26.80 -8.88
C LEU J 174 -54.70 -27.44 -10.27
N GLU J 175 -53.51 -27.81 -10.75
CA GLU J 175 -53.37 -28.34 -12.10
C GLU J 175 -54.16 -29.65 -12.23
N GLU J 176 -54.10 -30.48 -11.19
CA GLU J 176 -54.83 -31.72 -11.15
C GLU J 176 -56.34 -31.43 -11.25
N LEU J 177 -56.83 -30.42 -10.53
CA LEU J 177 -58.26 -30.17 -10.45
C LEU J 177 -58.79 -29.42 -11.69
N ASN J 178 -57.95 -28.59 -12.32
CA ASN J 178 -58.30 -27.82 -13.52
C ASN J 178 -59.74 -27.31 -13.44
N ARG J 179 -60.00 -26.53 -12.38
CA ARG J 179 -61.24 -25.78 -12.21
C ARG J 179 -60.96 -24.30 -12.42
N PRO J 180 -61.75 -23.58 -13.25
CA PRO J 180 -61.48 -22.17 -13.53
C PRO J 180 -61.80 -21.19 -12.41
N ASN J 181 -62.55 -21.61 -11.39
CA ASN J 181 -62.79 -20.73 -10.25
C ASN J 181 -61.94 -21.09 -9.03
N LEU J 182 -60.98 -22.02 -9.20
CA LEU J 182 -60.08 -22.40 -8.10
C LEU J 182 -58.80 -21.58 -8.21
N GLY J 183 -58.46 -20.85 -7.15
CA GLY J 183 -57.28 -20.01 -7.15
C GLY J 183 -56.37 -20.29 -5.96
N ILE J 184 -55.28 -19.53 -5.88
CA ILE J 184 -54.32 -19.66 -4.81
C ILE J 184 -54.39 -18.43 -3.91
N HIS J 185 -54.23 -18.67 -2.61
CA HIS J 185 -54.23 -17.60 -1.62
C HIS J 185 -52.88 -17.60 -0.93
N LEU J 186 -52.12 -16.49 -1.05
CA LEU J 186 -50.84 -16.36 -0.36
C LEU J 186 -50.99 -15.43 0.86
N ASP J 187 -50.20 -15.73 1.90
CA ASP J 187 -50.14 -14.99 3.15
C ASP J 187 -48.67 -14.70 3.44
N THR J 188 -48.31 -13.42 3.59
CA THR J 188 -46.92 -13.03 3.71
C THR J 188 -46.27 -13.68 4.93
N TYR J 189 -47.05 -13.88 6.01
CA TYR J 189 -46.60 -14.52 7.24
C TYR J 189 -46.15 -15.95 7.00
N HIS J 190 -46.90 -16.67 6.15
CA HIS J 190 -46.56 -18.06 5.83
C HIS J 190 -45.45 -18.11 4.78
N MET J 191 -45.53 -17.21 3.81
CA MET J 191 -44.48 -17.10 2.80
C MET J 191 -43.14 -16.89 3.48
N ASN J 192 -43.10 -16.01 4.50
CA ASN J 192 -41.88 -15.65 5.22
C ASN J 192 -41.16 -16.88 5.74
N ILE J 193 -41.86 -17.99 5.95
CA ILE J 193 -41.20 -19.18 6.50
C ILE J 193 -40.75 -20.08 5.35
N GLU J 194 -41.69 -20.41 4.46
CA GLU J 194 -41.51 -21.57 3.59
C GLU J 194 -40.91 -21.19 2.24
N GLU J 195 -41.08 -19.93 1.81
CA GLU J 195 -40.78 -19.59 0.43
C GLU J 195 -39.33 -19.11 0.33
N SER J 196 -38.76 -19.19 -0.88
CA SER J 196 -37.36 -18.85 -1.15
C SER J 196 -37.16 -17.34 -1.06
N ASP J 197 -38.20 -16.60 -1.40
CA ASP J 197 -38.23 -15.14 -1.41
C ASP J 197 -39.67 -14.68 -1.63
N MET J 198 -39.92 -13.36 -1.69
CA MET J 198 -41.28 -12.84 -1.76
C MET J 198 -41.71 -12.50 -3.19
N PHE J 199 -40.85 -12.68 -4.19
CA PHE J 199 -41.26 -12.32 -5.54
C PHE J 199 -41.54 -13.57 -6.39
N SER J 200 -40.68 -14.59 -6.29
CA SER J 200 -40.81 -15.83 -7.04
C SER J 200 -42.20 -16.45 -6.92
N PRO J 201 -42.77 -16.59 -5.70
CA PRO J 201 -44.08 -17.23 -5.59
C PRO J 201 -45.16 -16.40 -6.27
N ILE J 202 -45.02 -15.06 -6.27
CA ILE J 202 -45.97 -14.18 -6.93
C ILE J 202 -45.89 -14.38 -8.45
N LEU J 203 -44.67 -14.31 -8.99
CA LEU J 203 -44.46 -14.51 -10.41
C LEU J 203 -44.91 -15.91 -10.81
N ASP J 204 -44.64 -16.91 -9.98
CA ASP J 204 -44.98 -18.27 -10.38
C ASP J 204 -46.48 -18.50 -10.41
N THR J 205 -47.21 -17.84 -9.49
CA THR J 205 -48.62 -18.12 -9.27
C THR J 205 -49.49 -17.10 -9.98
N ALA J 206 -48.86 -16.18 -10.73
CA ALA J 206 -49.50 -15.00 -11.27
C ALA J 206 -50.96 -15.24 -11.65
N GLU J 207 -51.13 -16.11 -12.64
CA GLU J 207 -52.42 -16.38 -13.27
C GLU J 207 -53.41 -16.92 -12.23
N ALA J 208 -52.94 -17.63 -11.21
CA ALA J 208 -53.81 -18.36 -10.29
C ALA J 208 -54.01 -17.62 -8.97
N LEU J 209 -53.22 -16.58 -8.72
CA LEU J 209 -53.30 -15.87 -7.45
C LEU J 209 -54.56 -15.03 -7.38
N ARG J 210 -55.41 -15.27 -6.37
CA ARG J 210 -56.73 -14.65 -6.32
C ARG J 210 -57.02 -14.01 -4.96
N TYR J 211 -56.18 -14.24 -3.95
CA TYR J 211 -56.42 -13.68 -2.63
C TYR J 211 -55.08 -13.55 -1.91
N VAL J 212 -54.94 -12.48 -1.12
CA VAL J 212 -53.70 -12.17 -0.41
C VAL J 212 -54.01 -11.79 1.03
N HIS J 213 -53.28 -12.39 1.97
CA HIS J 213 -53.21 -11.95 3.36
C HIS J 213 -51.91 -11.22 3.61
N ILE J 214 -52.02 -10.08 4.32
CA ILE J 214 -50.88 -9.28 4.70
C ILE J 214 -50.66 -9.45 6.20
N GLY J 215 -49.59 -10.16 6.55
CA GLY J 215 -49.25 -10.38 7.94
C GLY J 215 -47.74 -10.29 8.18
N GLU J 216 -47.38 -9.68 9.32
CA GLU J 216 -46.00 -9.54 9.76
C GLU J 216 -45.50 -10.90 10.22
N SER J 217 -44.19 -11.01 10.45
CA SER J 217 -43.56 -12.29 10.73
C SER J 217 -44.10 -12.86 12.03
N HIS J 218 -44.45 -11.97 12.97
CA HIS J 218 -44.96 -12.36 14.26
C HIS J 218 -46.45 -12.01 14.40
N ARG J 219 -47.05 -11.58 13.29
CA ARG J 219 -48.48 -11.32 13.14
C ARG J 219 -48.90 -10.09 13.95
N GLY J 220 -47.94 -9.21 14.30
CA GLY J 220 -48.19 -7.96 15.01
C GLY J 220 -48.33 -6.79 14.04
N TYR J 221 -47.91 -5.60 14.50
CA TYR J 221 -47.94 -4.41 13.68
C TYR J 221 -47.11 -4.57 12.43
N LEU J 222 -47.62 -4.05 11.31
CA LEU J 222 -46.94 -4.15 10.04
C LEU J 222 -45.69 -3.29 10.06
N GLY J 223 -44.55 -3.91 9.68
CA GLY J 223 -43.26 -3.25 9.62
C GLY J 223 -42.50 -3.31 10.94
N THR J 224 -42.90 -4.21 11.85
CA THR J 224 -42.20 -4.38 13.11
C THR J 224 -41.59 -5.76 13.20
N GLY J 225 -41.53 -6.47 12.06
CA GLY J 225 -40.96 -7.80 11.96
C GLY J 225 -40.05 -7.96 10.75
N SER J 226 -39.83 -9.20 10.30
CA SER J 226 -38.86 -9.50 9.28
C SER J 226 -39.48 -9.79 7.89
N VAL J 227 -40.79 -9.58 7.69
CA VAL J 227 -41.37 -9.83 6.38
C VAL J 227 -40.86 -8.77 5.39
N ASP J 228 -40.46 -9.22 4.20
CA ASP J 228 -40.02 -8.33 3.13
C ASP J 228 -41.22 -7.88 2.32
N PHE J 229 -41.97 -6.91 2.87
CA PHE J 229 -43.16 -6.34 2.25
C PHE J 229 -42.81 -5.60 0.96
N ASP J 230 -41.60 -5.02 0.90
CA ASP J 230 -41.28 -4.18 -0.25
C ASP J 230 -41.16 -5.07 -1.48
N THR J 231 -40.45 -6.19 -1.38
CA THR J 231 -40.35 -7.10 -2.50
C THR J 231 -41.75 -7.61 -2.87
N PHE J 232 -42.54 -7.96 -1.86
CA PHE J 232 -43.85 -8.53 -2.07
C PHE J 232 -44.73 -7.59 -2.87
N PHE J 233 -44.84 -6.33 -2.46
CA PHE J 233 -45.73 -5.39 -3.14
C PHE J 233 -45.19 -5.04 -4.54
N LYS J 234 -43.88 -4.96 -4.70
CA LYS J 234 -43.31 -4.70 -6.01
C LYS J 234 -43.67 -5.83 -6.98
N ALA J 235 -43.68 -7.07 -6.47
CA ALA J 235 -43.99 -8.23 -7.30
C ALA J 235 -45.49 -8.27 -7.63
N LEU J 236 -46.38 -7.97 -6.65
CA LEU J 236 -47.81 -7.87 -6.92
C LEU J 236 -48.05 -6.84 -8.03
N GLY J 237 -47.38 -5.69 -7.92
CA GLY J 237 -47.50 -4.63 -8.91
C GLY J 237 -47.14 -5.13 -10.30
N ARG J 238 -46.06 -5.92 -10.37
CA ARG J 238 -45.51 -6.34 -11.65
C ARG J 238 -46.47 -7.26 -12.39
N ILE J 239 -47.21 -8.11 -11.67
CA ILE J 239 -48.10 -9.04 -12.35
C ILE J 239 -49.49 -8.42 -12.55
N GLY J 240 -49.73 -7.22 -12.00
CA GLY J 240 -51.04 -6.58 -12.12
C GLY J 240 -52.14 -7.31 -11.36
N TYR J 241 -51.83 -7.80 -10.15
CA TYR J 241 -52.83 -8.43 -9.31
C TYR J 241 -53.93 -7.45 -8.93
N ASP J 242 -55.19 -7.90 -8.97
CA ASP J 242 -56.32 -7.01 -8.69
C ASP J 242 -57.33 -7.63 -7.72
N GLY J 243 -56.92 -8.70 -7.02
CA GLY J 243 -57.82 -9.33 -6.08
C GLY J 243 -57.71 -8.65 -4.72
N PRO J 244 -58.40 -9.21 -3.70
CA PRO J 244 -58.30 -8.72 -2.34
C PRO J 244 -56.89 -8.76 -1.76
N VAL J 245 -56.62 -7.76 -0.92
CA VAL J 245 -55.43 -7.70 -0.09
C VAL J 245 -55.94 -7.42 1.33
N VAL J 246 -55.72 -8.35 2.25
CA VAL J 246 -56.43 -8.36 3.52
C VAL J 246 -55.45 -8.45 4.67
N PHE J 247 -55.52 -7.46 5.58
CA PHE J 247 -54.72 -7.42 6.79
C PHE J 247 -55.18 -8.49 7.76
N GLU J 248 -54.20 -9.12 8.41
CA GLU J 248 -54.44 -10.23 9.31
C GLU J 248 -53.44 -10.08 10.46
N SER J 249 -53.96 -10.00 11.68
CA SER J 249 -53.12 -9.85 12.87
C SER J 249 -53.82 -10.46 14.06
N PHE J 250 -53.04 -11.08 14.95
CA PHE J 250 -53.63 -11.88 16.01
C PHE J 250 -53.12 -11.46 17.37
N SER J 251 -53.96 -11.90 18.30
CA SER J 251 -54.99 -11.06 18.88
C SER J 251 -55.23 -11.56 20.30
N SER J 252 -54.16 -11.43 21.10
CA SER J 252 -54.06 -11.91 22.47
C SER J 252 -55.35 -11.76 23.26
N SER J 253 -55.91 -10.55 23.16
CA SER J 253 -56.95 -10.06 24.06
C SER J 253 -58.35 -10.51 23.61
N VAL J 254 -58.45 -10.97 22.36
CA VAL J 254 -59.64 -10.70 21.54
C VAL J 254 -60.32 -11.99 21.10
N VAL J 255 -59.51 -12.94 20.63
CA VAL J 255 -60.03 -14.05 19.84
C VAL J 255 -60.53 -15.16 20.73
N ALA J 256 -61.27 -16.08 20.11
CA ALA J 256 -61.91 -17.19 20.79
C ALA J 256 -60.86 -18.08 21.45
N PRO J 257 -61.20 -18.68 22.61
CA PRO J 257 -60.38 -19.74 23.19
C PRO J 257 -59.91 -20.80 22.19
N ASP J 258 -60.68 -21.03 21.12
CA ASP J 258 -60.35 -22.05 20.12
C ASP J 258 -59.30 -21.60 19.11
N LEU J 259 -59.58 -20.52 18.38
CA LEU J 259 -58.75 -20.14 17.26
C LEU J 259 -57.40 -19.61 17.76
N SER J 260 -57.39 -18.91 18.90
CA SER J 260 -56.17 -18.39 19.47
C SER J 260 -55.22 -19.54 19.84
N ARG J 261 -55.78 -20.66 20.30
CA ARG J 261 -54.99 -21.83 20.66
C ARG J 261 -54.44 -22.48 19.40
N MET J 262 -55.26 -22.53 18.34
CA MET J 262 -54.89 -23.23 17.12
C MET J 262 -53.71 -22.51 16.47
N LEU J 263 -53.70 -21.16 16.56
CA LEU J 263 -52.72 -20.34 15.87
C LEU J 263 -51.52 -20.03 16.77
N GLY J 264 -51.57 -20.45 18.04
CA GLY J 264 -50.42 -20.32 18.93
C GLY J 264 -50.19 -18.87 19.38
N ILE J 265 -51.28 -18.15 19.68
CA ILE J 265 -51.22 -16.75 20.06
C ILE J 265 -51.00 -16.67 21.57
N TRP J 266 -49.74 -16.85 21.99
CA TRP J 266 -49.38 -16.86 23.40
C TRP J 266 -49.11 -15.44 23.90
N ARG J 267 -48.86 -14.50 22.97
CA ARG J 267 -48.31 -13.20 23.32
C ARG J 267 -49.28 -12.11 22.90
N ASN J 268 -49.28 -11.03 23.67
CA ASN J 268 -49.89 -9.75 23.31
C ASN J 268 -48.93 -8.98 22.41
N LEU J 269 -49.33 -8.70 21.16
CA LEU J 269 -48.52 -7.93 20.21
C LEU J 269 -49.07 -6.52 20.06
N TRP J 270 -50.23 -6.25 20.69
CA TRP J 270 -50.88 -4.96 20.59
C TRP J 270 -52.07 -4.93 21.55
N ALA J 271 -52.42 -3.73 22.03
CA ALA J 271 -53.55 -3.60 22.94
C ALA J 271 -54.68 -2.82 22.27
N ASP J 272 -54.35 -1.91 21.36
CA ASP J 272 -55.32 -1.00 20.78
C ASP J 272 -55.54 -1.35 19.31
N ASN J 273 -56.60 -2.13 19.01
CA ASN J 273 -56.84 -2.66 17.68
C ASN J 273 -57.27 -1.56 16.73
N GLU J 274 -57.77 -0.44 17.23
CA GLU J 274 -58.18 0.66 16.37
C GLU J 274 -56.96 1.34 15.76
N GLU J 275 -55.93 1.56 16.56
CA GLU J 275 -54.65 2.08 16.07
C GLU J 275 -54.04 1.04 15.11
N LEU J 276 -54.08 -0.24 15.50
CA LEU J 276 -53.52 -1.29 14.68
C LEU J 276 -54.18 -1.27 13.31
N GLY J 277 -55.51 -1.29 13.28
CA GLY J 277 -56.27 -1.36 12.05
C GLY J 277 -55.98 -0.19 11.11
N ALA J 278 -55.99 1.02 11.67
CA ALA J 278 -55.77 2.23 10.89
C ALA J 278 -54.34 2.26 10.34
N HIS J 279 -53.37 1.79 11.14
CA HIS J 279 -51.98 1.69 10.71
C HIS J 279 -51.83 0.71 9.55
N ALA J 280 -52.46 -0.47 9.67
CA ALA J 280 -52.41 -1.49 8.63
C ALA J 280 -53.07 -1.01 7.34
N ASN J 281 -54.23 -0.36 7.46
CA ASN J 281 -54.94 0.15 6.28
C ASN J 281 -54.03 1.14 5.53
N ALA J 282 -53.36 2.01 6.29
CA ALA J 282 -52.50 3.04 5.69
C ALA J 282 -51.24 2.39 5.11
N PHE J 283 -50.63 1.46 5.87
CA PHE J 283 -49.50 0.67 5.39
C PHE J 283 -49.76 0.09 4.00
N ILE J 284 -50.91 -0.59 3.85
CA ILE J 284 -51.19 -1.31 2.62
C ILE J 284 -51.46 -0.32 1.48
N ARG J 285 -52.36 0.64 1.71
CA ARG J 285 -52.71 1.58 0.64
C ARG J 285 -51.52 2.45 0.22
N ASP J 286 -50.70 2.90 1.18
CA ASP J 286 -49.58 3.77 0.85
C ASP J 286 -48.47 2.98 0.13
N LYS J 287 -48.28 1.71 0.49
CA LYS J 287 -47.34 0.84 -0.21
C LYS J 287 -47.79 0.67 -1.66
N LEU J 288 -49.10 0.48 -1.87
CA LEU J 288 -49.63 0.30 -3.22
C LEU J 288 -49.41 1.56 -4.04
N THR J 289 -49.69 2.73 -3.45
CA THR J 289 -49.49 4.03 -4.09
C THR J 289 -48.03 4.19 -4.52
N ALA J 290 -47.10 3.85 -3.62
CA ALA J 290 -45.68 3.96 -3.91
C ALA J 290 -45.30 3.06 -5.10
N ILE J 291 -45.71 1.79 -5.03
CA ILE J 291 -45.37 0.82 -6.07
C ILE J 291 -45.91 1.23 -7.44
N LYS J 292 -47.13 1.77 -7.52
CA LYS J 292 -47.69 2.25 -8.79
C LYS J 292 -46.74 3.21 -9.52
N THR J 293 -45.99 4.04 -8.77
CA THR J 293 -45.14 5.04 -9.38
C THR J 293 -43.93 4.43 -10.09
N ILE J 294 -43.61 3.15 -9.82
CA ILE J 294 -42.37 2.57 -10.33
C ILE J 294 -42.40 2.49 -11.85
N GLU J 295 -43.57 2.16 -12.44
CA GLU J 295 -43.68 1.96 -13.89
C GLU J 295 -43.26 3.22 -14.65
N LEU J 296 -43.51 4.43 -14.10
CA LEU J 296 -43.17 5.67 -14.81
C LEU J 296 -41.84 6.25 -14.35
N HIS J 297 -41.35 5.82 -13.17
CA HIS J 297 -40.18 6.42 -12.54
C HIS J 297 -39.29 5.31 -11.97
N MET K 9 -39.74 15.73 18.78
CA MET K 9 -39.30 15.38 17.40
C MET K 9 -40.18 16.10 16.38
N LYS K 10 -39.54 16.80 15.46
CA LYS K 10 -40.27 17.49 14.41
C LYS K 10 -40.11 16.69 13.12
N ILE K 11 -41.23 16.46 12.42
CA ILE K 11 -41.18 15.77 11.13
C ILE K 11 -41.19 16.84 10.05
N GLY K 12 -40.16 16.80 9.21
CA GLY K 12 -39.92 17.89 8.28
C GLY K 12 -39.94 17.47 6.82
N CYS K 13 -39.95 18.50 5.98
CA CYS K 13 -39.86 18.31 4.54
C CYS K 13 -38.86 19.31 3.98
N HIS K 14 -38.03 18.84 3.05
CA HIS K 14 -37.00 19.66 2.46
C HIS K 14 -37.65 20.43 1.33
N GLY K 15 -37.16 21.66 1.13
CA GLY K 15 -37.79 22.63 0.27
C GLY K 15 -37.90 22.17 -1.17
N LEU K 16 -37.00 21.29 -1.63
CA LEU K 16 -36.93 20.98 -3.05
C LEU K 16 -37.97 19.94 -3.48
N VAL K 17 -38.73 19.41 -2.54
CA VAL K 17 -39.99 18.80 -2.90
C VAL K 17 -40.89 19.82 -3.64
N TRP K 18 -40.82 21.09 -3.25
CA TRP K 18 -41.80 22.09 -3.63
C TRP K 18 -41.27 23.04 -4.69
N THR K 19 -40.06 23.58 -4.49
CA THR K 19 -39.48 24.51 -5.44
C THR K 19 -37.95 24.48 -5.41
N GLY K 20 -37.34 24.91 -6.53
CA GLY K 20 -35.90 25.15 -6.62
C GLY K 20 -35.53 26.63 -6.56
N HIS K 21 -36.54 27.51 -6.37
CA HIS K 21 -36.35 28.94 -6.43
C HIS K 21 -37.02 29.57 -5.22
N PHE K 22 -36.19 29.92 -4.22
CA PHE K 22 -36.64 30.46 -2.94
C PHE K 22 -36.60 31.99 -2.92
N ASP K 23 -37.26 32.61 -3.91
CA ASP K 23 -37.70 34.00 -3.84
C ASP K 23 -38.92 34.07 -2.92
N ALA K 24 -39.56 35.24 -2.83
CA ALA K 24 -40.72 35.41 -1.95
C ALA K 24 -41.81 34.38 -2.27
N GLU K 25 -42.08 34.17 -3.57
CA GLU K 25 -43.07 33.23 -4.07
C GLU K 25 -42.74 31.81 -3.63
N GLY K 26 -41.51 31.40 -3.91
CA GLY K 26 -41.03 30.07 -3.57
C GLY K 26 -41.09 29.80 -2.06
N ILE K 27 -40.69 30.78 -1.26
CA ILE K 27 -40.70 30.64 0.19
C ILE K 27 -42.14 30.39 0.66
N ARG K 28 -43.09 31.21 0.19
CA ARG K 28 -44.46 31.11 0.69
C ARG K 28 -45.06 29.78 0.22
N TYR K 29 -44.79 29.40 -1.04
CA TYR K 29 -45.32 28.18 -1.63
C TYR K 29 -44.82 26.97 -0.86
N SER K 30 -43.51 26.93 -0.58
CA SER K 30 -42.88 25.77 0.05
C SER K 30 -43.41 25.64 1.47
N VAL K 31 -43.61 26.77 2.16
CA VAL K 31 -44.10 26.72 3.54
C VAL K 31 -45.54 26.16 3.54
N GLN K 32 -46.36 26.65 2.62
CA GLN K 32 -47.76 26.29 2.56
C GLN K 32 -47.91 24.81 2.21
N LYS K 33 -47.19 24.37 1.17
CA LYS K 33 -47.32 23.00 0.69
C LYS K 33 -46.85 22.02 1.76
N THR K 34 -45.84 22.44 2.53
CA THR K 34 -45.30 21.61 3.61
C THR K 34 -46.39 21.36 4.65
N ARG K 35 -47.08 22.44 5.04
CA ARG K 35 -48.18 22.41 6.01
C ARG K 35 -49.30 21.50 5.50
N GLU K 36 -49.71 21.68 4.23
CA GLU K 36 -50.82 20.95 3.64
C GLU K 36 -50.53 19.44 3.60
N ALA K 37 -49.26 19.07 3.40
CA ALA K 37 -48.86 17.67 3.29
C ALA K 37 -48.80 16.99 4.67
N GLY K 38 -48.82 17.77 5.77
CA GLY K 38 -48.94 17.22 7.12
C GLY K 38 -47.70 17.41 8.00
N PHE K 39 -46.67 18.11 7.50
CA PHE K 39 -45.38 18.21 8.16
C PHE K 39 -45.41 19.28 9.26
N ASP K 40 -44.44 19.18 10.19
CA ASP K 40 -44.29 20.14 11.28
C ASP K 40 -43.32 21.26 10.92
N LEU K 41 -42.41 20.98 9.96
CA LEU K 41 -41.21 21.79 9.78
C LEU K 41 -40.81 21.77 8.31
N VAL K 42 -40.32 22.92 7.82
CA VAL K 42 -39.75 22.99 6.49
C VAL K 42 -38.25 23.25 6.63
N GLU K 43 -37.45 22.56 5.81
CA GLU K 43 -36.01 22.76 5.77
C GLU K 43 -35.70 23.59 4.55
N PHE K 44 -35.25 24.83 4.78
CA PHE K 44 -34.89 25.71 3.68
C PHE K 44 -33.48 25.40 3.24
N PRO K 45 -33.24 25.15 1.95
CA PRO K 45 -31.88 25.10 1.42
C PRO K 45 -31.38 26.52 1.15
N LEU K 46 -30.49 27.00 2.04
CA LEU K 46 -29.87 28.32 1.97
C LEU K 46 -28.58 28.26 1.17
N MET K 47 -28.65 28.06 -0.15
CA MET K 47 -27.42 27.97 -0.94
C MET K 47 -26.76 29.34 -0.98
N ASP K 48 -27.59 30.39 -1.11
CA ASP K 48 -27.17 31.78 -0.95
C ASP K 48 -28.00 32.41 0.17
N PRO K 49 -27.53 32.38 1.44
CA PRO K 49 -28.25 32.97 2.56
C PRO K 49 -28.14 34.50 2.67
N PHE K 50 -27.27 35.11 1.87
CA PHE K 50 -27.16 36.56 1.83
C PHE K 50 -28.47 37.13 1.27
N SER K 51 -29.05 36.44 0.28
CA SER K 51 -30.16 36.99 -0.50
C SER K 51 -31.47 36.26 -0.19
N PHE K 52 -31.50 35.53 0.93
CA PHE K 52 -32.73 34.86 1.33
C PHE K 52 -33.65 35.86 2.00
N ASP K 53 -34.90 35.98 1.50
CA ASP K 53 -35.91 36.91 2.01
C ASP K 53 -36.47 36.45 3.35
N VAL K 54 -35.72 36.81 4.40
CA VAL K 54 -36.02 36.41 5.77
C VAL K 54 -37.43 36.86 6.16
N GLN K 55 -37.83 38.05 5.72
CA GLN K 55 -39.08 38.64 6.20
C GLN K 55 -40.26 37.82 5.69
N THR K 56 -40.24 37.47 4.40
CA THR K 56 -41.30 36.65 3.85
C THR K 56 -41.35 35.29 4.55
N ALA K 57 -40.18 34.73 4.87
CA ALA K 57 -40.13 33.45 5.57
C ALA K 57 -40.81 33.55 6.94
N LYS K 58 -40.39 34.53 7.78
CA LYS K 58 -41.00 34.75 9.08
C LYS K 58 -42.52 34.82 8.95
N SER K 59 -42.97 35.62 7.98
CA SER K 59 -44.38 35.88 7.74
C SER K 59 -45.13 34.58 7.44
N ALA K 60 -44.61 33.79 6.48
CA ALA K 60 -45.25 32.56 6.04
C ALA K 60 -45.23 31.51 7.16
N LEU K 61 -44.12 31.42 7.90
CA LEU K 61 -44.00 30.44 8.97
C LEU K 61 -45.04 30.72 10.05
N ALA K 62 -45.21 32.00 10.38
CA ALA K 62 -46.20 32.44 11.36
C ALA K 62 -47.60 32.09 10.86
N GLU K 63 -47.88 32.44 9.60
CA GLU K 63 -49.18 32.20 9.01
C GLU K 63 -49.58 30.73 9.12
N HIS K 64 -48.63 29.81 8.85
CA HIS K 64 -48.95 28.40 8.72
C HIS K 64 -48.57 27.59 9.97
N GLY K 65 -48.03 28.26 11.01
CA GLY K 65 -47.73 27.59 12.27
C GLY K 65 -46.64 26.53 12.12
N LEU K 66 -45.61 26.82 11.34
CA LEU K 66 -44.64 25.82 10.88
C LEU K 66 -43.26 26.18 11.42
N ALA K 67 -42.53 25.16 11.89
CA ALA K 67 -41.14 25.34 12.29
C ALA K 67 -40.24 25.38 11.05
N ALA K 68 -38.99 25.82 11.26
CA ALA K 68 -38.03 25.90 10.17
C ALA K 68 -36.64 25.47 10.64
N SER K 69 -35.91 24.93 9.68
CA SER K 69 -34.49 24.67 9.79
C SER K 69 -33.86 25.08 8.47
N ALA K 70 -32.54 24.99 8.36
CA ALA K 70 -31.89 25.31 7.10
C ALA K 70 -30.63 24.47 6.91
N SER K 71 -30.36 24.20 5.64
CA SER K 71 -29.23 23.38 5.24
C SER K 71 -28.61 24.04 4.03
N LEU K 72 -27.38 23.64 3.74
CA LEU K 72 -26.59 24.25 2.71
C LEU K 72 -25.43 23.30 2.43
N GLY K 73 -24.97 23.29 1.19
CA GLY K 73 -23.65 22.76 0.87
C GLY K 73 -22.77 23.87 0.31
N LEU K 74 -21.52 23.90 0.76
CA LEU K 74 -20.51 24.83 0.29
C LEU K 74 -20.09 24.43 -1.12
N SER K 75 -19.33 25.30 -1.78
CA SER K 75 -18.85 25.15 -3.15
C SER K 75 -17.36 25.46 -3.16
N ASP K 76 -16.71 25.46 -4.34
CA ASP K 76 -15.28 25.66 -4.43
C ASP K 76 -14.88 27.02 -3.83
N ALA K 77 -15.68 28.06 -4.11
CA ALA K 77 -15.39 29.40 -3.61
C ALA K 77 -15.45 29.47 -2.08
N THR K 78 -16.08 28.49 -1.42
CA THR K 78 -16.40 28.60 -0.01
C THR K 78 -15.93 27.36 0.77
N ASP K 79 -14.96 26.64 0.22
CA ASP K 79 -14.59 25.34 0.76
C ASP K 79 -13.73 25.54 2.01
N VAL K 80 -14.32 25.35 3.20
CA VAL K 80 -13.59 25.51 4.44
C VAL K 80 -12.53 24.42 4.64
N SER K 81 -12.47 23.40 3.74
CA SER K 81 -11.45 22.35 3.82
C SER K 81 -10.27 22.69 2.91
N SER K 82 -10.34 23.85 2.24
CA SER K 82 -9.24 24.36 1.42
C SER K 82 -8.04 24.73 2.28
N GLU K 83 -6.86 24.73 1.65
CA GLU K 83 -5.66 25.23 2.29
C GLU K 83 -5.48 26.73 2.01
N ASP K 84 -6.29 27.28 1.09
CA ASP K 84 -6.31 28.71 0.79
C ASP K 84 -7.14 29.43 1.85
N PRO K 85 -6.51 30.27 2.72
CA PRO K 85 -7.23 30.90 3.83
C PRO K 85 -8.35 31.87 3.44
N ALA K 86 -8.25 32.45 2.22
CA ALA K 86 -9.26 33.34 1.68
C ALA K 86 -10.53 32.57 1.34
N VAL K 87 -10.36 31.36 0.83
CA VAL K 87 -11.48 30.51 0.50
C VAL K 87 -12.13 30.04 1.81
N VAL K 88 -11.31 29.64 2.78
CA VAL K 88 -11.82 29.25 4.09
C VAL K 88 -12.63 30.40 4.70
N LYS K 89 -12.10 31.63 4.61
CA LYS K 89 -12.74 32.78 5.23
C LYS K 89 -14.10 33.04 4.58
N ALA K 90 -14.15 32.99 3.23
CA ALA K 90 -15.38 33.16 2.48
C ALA K 90 -16.42 32.10 2.85
N GLY K 91 -15.97 30.86 3.08
CA GLY K 91 -16.86 29.80 3.52
C GLY K 91 -17.45 30.08 4.90
N GLU K 92 -16.56 30.41 5.84
CA GLU K 92 -16.94 30.73 7.20
C GLU K 92 -17.92 31.91 7.22
N GLU K 93 -17.75 32.82 6.27
CA GLU K 93 -18.58 34.02 6.22
C GLU K 93 -19.99 33.62 5.80
N LEU K 94 -20.06 32.71 4.82
CA LEU K 94 -21.31 32.19 4.29
C LEU K 94 -22.04 31.42 5.40
N LEU K 95 -21.29 30.64 6.17
CA LEU K 95 -21.82 29.85 7.27
C LEU K 95 -22.41 30.77 8.33
N ASN K 96 -21.67 31.84 8.65
CA ASN K 96 -22.10 32.77 9.68
C ASN K 96 -23.39 33.46 9.25
N ARG K 97 -23.49 33.81 7.97
CA ARG K 97 -24.71 34.47 7.50
C ARG K 97 -25.89 33.51 7.62
N ALA K 98 -25.67 32.22 7.33
CA ALA K 98 -26.73 31.24 7.42
C ALA K 98 -27.22 31.11 8.86
N VAL K 99 -26.28 31.12 9.82
CA VAL K 99 -26.65 31.06 11.23
C VAL K 99 -27.49 32.27 11.61
N ASP K 100 -27.11 33.45 11.09
CA ASP K 100 -27.82 34.69 11.39
C ASP K 100 -29.24 34.61 10.84
N VAL K 101 -29.38 34.06 9.63
CA VAL K 101 -30.71 33.91 9.05
C VAL K 101 -31.57 33.07 9.98
N LEU K 102 -31.04 31.95 10.46
CA LEU K 102 -31.78 31.08 11.36
C LEU K 102 -32.14 31.83 12.64
N ALA K 103 -31.20 32.66 13.14
CA ALA K 103 -31.42 33.43 14.36
C ALA K 103 -32.60 34.39 14.17
N GLU K 104 -32.63 35.13 13.05
CA GLU K 104 -33.72 36.04 12.71
C GLU K 104 -35.06 35.32 12.61
N LEU K 105 -35.03 34.03 12.21
CA LEU K 105 -36.24 33.23 12.08
C LEU K 105 -36.66 32.63 13.42
N GLY K 106 -35.76 32.66 14.42
CA GLY K 106 -36.05 32.06 15.72
C GLY K 106 -35.97 30.53 15.70
N ALA K 107 -35.25 29.99 14.69
CA ALA K 107 -35.06 28.56 14.48
C ALA K 107 -33.86 28.05 15.27
N THR K 108 -33.71 26.73 15.36
CA THR K 108 -32.73 26.12 16.24
C THR K 108 -31.76 25.19 15.52
N ASP K 109 -31.98 24.85 14.24
CA ASP K 109 -31.19 23.80 13.62
C ASP K 109 -30.59 24.25 12.30
N PHE K 110 -29.26 24.19 12.23
CA PHE K 110 -28.47 24.38 11.02
C PHE K 110 -27.78 23.05 10.73
N CYS K 111 -27.68 22.69 9.43
CA CYS K 111 -27.13 21.40 9.08
C CYS K 111 -26.70 21.43 7.62
N GLY K 112 -26.03 20.35 7.19
CA GLY K 112 -25.64 20.20 5.80
C GLY K 112 -24.15 19.97 5.64
N VAL K 113 -23.70 20.09 4.39
CA VAL K 113 -22.30 19.86 4.07
C VAL K 113 -21.58 21.19 4.25
N ILE K 114 -21.19 21.47 5.50
CA ILE K 114 -20.63 22.76 5.92
C ILE K 114 -19.16 22.62 6.35
N TYR K 115 -18.55 21.45 6.12
CA TYR K 115 -17.19 21.13 6.54
C TYR K 115 -16.30 20.88 5.32
N SER K 116 -16.89 20.92 4.13
CA SER K 116 -16.18 20.89 2.87
C SER K 116 -17.14 21.41 1.80
N ALA K 117 -16.66 21.42 0.56
CA ALA K 117 -17.50 21.67 -0.58
C ALA K 117 -18.36 20.43 -0.77
N MET K 118 -19.54 20.67 -1.34
CA MET K 118 -20.44 19.60 -1.72
C MET K 118 -20.28 19.29 -3.21
N LYS K 119 -19.40 18.35 -3.52
CA LYS K 119 -19.03 18.13 -4.89
C LYS K 119 -18.26 16.82 -5.00
N LYS K 120 -17.93 16.46 -6.25
CA LYS K 120 -17.04 15.35 -6.52
C LYS K 120 -15.60 15.84 -6.55
N TYR K 121 -14.86 15.67 -5.43
CA TYR K 121 -13.46 16.02 -5.40
C TYR K 121 -12.65 15.15 -6.36
N MET K 122 -11.53 15.69 -6.85
CA MET K 122 -10.62 14.99 -7.73
C MET K 122 -9.26 14.83 -7.03
N GLU K 123 -9.26 15.15 -5.73
CA GLU K 123 -8.05 15.04 -4.92
C GLU K 123 -8.47 14.68 -3.50
N PRO K 124 -7.64 13.91 -2.75
CA PRO K 124 -7.97 13.54 -1.39
C PRO K 124 -7.98 14.76 -0.49
N ALA K 125 -8.63 14.64 0.67
CA ALA K 125 -8.51 15.65 1.69
C ALA K 125 -7.07 15.63 2.22
N THR K 126 -6.74 16.73 2.87
CA THR K 126 -5.39 17.06 3.26
C THR K 126 -5.42 17.40 4.74
N ALA K 127 -4.34 17.13 5.47
CA ALA K 127 -4.35 17.31 6.91
C ALA K 127 -4.49 18.79 7.26
N ALA K 128 -3.85 19.67 6.48
CA ALA K 128 -3.94 21.09 6.73
C ALA K 128 -5.37 21.57 6.42
N GLY K 129 -5.96 21.04 5.35
CA GLY K 129 -7.33 21.38 4.97
C GLY K 129 -8.31 20.95 6.06
N LEU K 130 -8.11 19.76 6.62
CA LEU K 130 -8.99 19.27 7.65
C LEU K 130 -8.87 20.15 8.90
N ALA K 131 -7.65 20.57 9.25
CA ALA K 131 -7.43 21.47 10.38
C ALA K 131 -8.18 22.79 10.18
N ASN K 132 -8.16 23.33 8.96
CA ASN K 132 -8.87 24.56 8.63
C ASN K 132 -10.38 24.36 8.74
N SER K 133 -10.90 23.24 8.21
CA SER K 133 -12.31 22.91 8.30
C SER K 133 -12.80 22.89 9.75
N LYS K 134 -12.13 22.11 10.60
CA LYS K 134 -12.49 21.98 12.00
C LYS K 134 -12.48 23.33 12.74
N ALA K 135 -11.45 24.14 12.50
CA ALA K 135 -11.31 25.39 13.23
C ALA K 135 -12.46 26.33 12.84
N ALA K 136 -12.72 26.45 11.54
CA ALA K 136 -13.84 27.24 11.03
C ALA K 136 -15.17 26.73 11.59
N VAL K 137 -15.40 25.41 11.57
CA VAL K 137 -16.67 24.85 11.98
C VAL K 137 -16.84 25.11 13.47
N GLY K 138 -15.75 24.96 14.22
CA GLY K 138 -15.75 25.21 15.65
C GLY K 138 -16.21 26.63 15.98
N ARG K 139 -15.67 27.60 15.24
CA ARG K 139 -15.99 29.01 15.43
C ARG K 139 -17.47 29.24 15.09
N VAL K 140 -17.92 28.65 13.98
CA VAL K 140 -19.29 28.80 13.54
C VAL K 140 -20.23 28.23 14.60
N ALA K 141 -19.81 27.14 15.22
CA ALA K 141 -20.63 26.48 16.21
C ALA K 141 -20.70 27.35 17.47
N ASP K 142 -19.57 27.93 17.88
CA ASP K 142 -19.51 28.75 19.09
C ASP K 142 -20.44 29.96 18.94
N ARG K 143 -20.36 30.60 17.78
CA ARG K 143 -21.22 31.72 17.44
C ARG K 143 -22.67 31.28 17.51
N ALA K 144 -22.96 30.15 16.86
CA ALA K 144 -24.29 29.57 16.83
C ALA K 144 -24.78 29.21 18.23
N SER K 145 -23.86 28.75 19.11
CA SER K 145 -24.19 28.35 20.46
C SER K 145 -24.77 29.52 21.25
N ASP K 146 -24.12 30.67 21.15
CA ASP K 146 -24.60 31.88 21.82
C ASP K 146 -26.00 32.24 21.34
N LEU K 147 -26.33 31.92 20.07
CA LEU K 147 -27.65 32.18 19.48
C LEU K 147 -28.65 31.05 19.75
N GLY K 148 -28.26 30.04 20.54
CA GLY K 148 -29.12 28.91 20.84
C GLY K 148 -29.33 27.97 19.66
N ILE K 149 -28.38 27.94 18.69
CA ILE K 149 -28.55 27.20 17.45
C ILE K 149 -27.66 25.96 17.46
N ASN K 150 -28.23 24.80 17.14
CA ASN K 150 -27.48 23.57 16.93
C ASN K 150 -26.96 23.50 15.50
N VAL K 151 -25.73 22.98 15.36
CA VAL K 151 -25.09 22.79 14.08
C VAL K 151 -24.76 21.31 13.93
N SER K 152 -25.23 20.71 12.83
CA SER K 152 -25.04 19.29 12.59
C SER K 152 -24.41 19.06 11.22
N LEU K 153 -23.36 18.24 11.19
CA LEU K 153 -22.63 18.00 9.95
C LEU K 153 -23.26 16.82 9.23
N GLU K 154 -23.79 17.04 8.01
CA GLU K 154 -24.37 15.99 7.20
C GLU K 154 -23.26 15.13 6.60
N VAL K 155 -23.28 13.86 6.96
CA VAL K 155 -22.43 12.84 6.34
C VAL K 155 -22.99 12.51 4.97
N VAL K 156 -22.15 12.66 3.93
CA VAL K 156 -22.56 12.41 2.57
C VAL K 156 -21.56 11.50 1.85
N ASN K 157 -22.01 10.97 0.70
CA ASN K 157 -21.29 9.90 0.03
C ASN K 157 -20.04 10.48 -0.63
N ARG K 158 -19.23 9.57 -1.18
CA ARG K 158 -17.90 9.86 -1.68
C ARG K 158 -17.94 10.82 -2.85
N TYR K 159 -19.09 10.95 -3.51
CA TYR K 159 -19.23 11.80 -4.68
C TYR K 159 -19.66 13.20 -4.27
N GLU K 160 -19.83 13.42 -2.97
CA GLU K 160 -20.29 14.71 -2.46
C GLU K 160 -19.31 15.31 -1.46
N THR K 161 -18.40 14.50 -0.90
CA THR K 161 -17.31 14.99 -0.08
C THR K 161 -16.19 13.95 -0.01
N ASN K 162 -14.99 14.45 0.24
CA ASN K 162 -13.86 13.59 0.47
C ASN K 162 -13.47 13.60 1.95
N VAL K 163 -14.30 14.21 2.82
CA VAL K 163 -14.01 14.34 4.23
C VAL K 163 -14.87 13.36 5.05
N LEU K 164 -16.18 13.64 5.19
CA LEU K 164 -17.03 12.88 6.09
C LEU K 164 -18.02 12.00 5.33
N ASN K 165 -17.67 10.73 5.16
CA ASN K 165 -18.44 9.78 4.38
C ASN K 165 -19.16 8.76 5.26
N THR K 166 -18.76 8.61 6.53
CA THR K 166 -19.42 7.69 7.44
C THR K 166 -19.70 8.36 8.79
N GLY K 167 -20.64 7.80 9.56
CA GLY K 167 -20.92 8.27 10.91
C GLY K 167 -19.68 8.23 11.80
N ARG K 168 -18.83 7.23 11.59
CA ARG K 168 -17.63 7.03 12.38
C ARG K 168 -16.63 8.15 12.10
N GLN K 169 -16.51 8.53 10.83
CA GLN K 169 -15.58 9.60 10.48
C GLN K 169 -16.06 10.91 11.10
N ALA K 170 -17.38 11.14 11.13
CA ALA K 170 -17.89 12.36 11.70
C ALA K 170 -17.62 12.39 13.22
N LEU K 171 -17.74 11.23 13.90
CA LEU K 171 -17.43 11.18 15.32
C LEU K 171 -15.98 11.58 15.60
N ALA K 172 -15.04 11.08 14.78
CA ALA K 172 -13.64 11.41 14.99
C ALA K 172 -13.42 12.90 14.74
N TYR K 173 -14.11 13.46 13.75
CA TYR K 173 -14.02 14.87 13.45
C TYR K 173 -14.49 15.71 14.65
N LEU K 174 -15.61 15.34 15.27
CA LEU K 174 -16.16 16.10 16.38
C LEU K 174 -15.32 15.94 17.64
N GLU K 175 -14.44 14.93 17.67
CA GLU K 175 -13.79 14.50 18.90
C GLU K 175 -13.03 15.65 19.56
N GLU K 176 -12.06 16.23 18.88
CA GLU K 176 -11.21 17.19 19.56
C GLU K 176 -11.95 18.53 19.73
N LEU K 177 -12.89 18.82 18.84
CA LEU K 177 -13.68 20.04 18.95
C LEU K 177 -14.54 20.00 20.20
N ASN K 178 -15.11 18.82 20.51
CA ASN K 178 -15.95 18.61 21.68
C ASN K 178 -16.77 19.85 22.02
N ARG K 179 -17.58 20.32 21.07
CA ARG K 179 -18.54 21.39 21.29
C ARG K 179 -19.90 20.79 21.63
N PRO K 180 -20.62 21.25 22.68
CA PRO K 180 -21.92 20.67 23.05
C PRO K 180 -23.11 20.92 22.11
N ASN K 181 -23.01 21.91 21.20
CA ASN K 181 -24.08 22.15 20.24
C ASN K 181 -23.73 21.62 18.82
N LEU K 182 -22.60 20.91 18.70
CA LEU K 182 -22.13 20.40 17.40
C LEU K 182 -22.50 18.92 17.31
N GLY K 183 -23.32 18.54 16.32
CA GLY K 183 -23.71 17.16 16.20
C GLY K 183 -23.47 16.57 14.82
N ILE K 184 -23.99 15.35 14.65
CA ILE K 184 -23.91 14.61 13.41
C ILE K 184 -25.29 14.53 12.76
N HIS K 185 -25.32 14.67 11.44
CA HIS K 185 -26.52 14.57 10.63
C HIS K 185 -26.36 13.39 9.68
N LEU K 186 -27.22 12.37 9.83
CA LEU K 186 -27.20 11.21 8.96
C LEU K 186 -28.35 11.31 7.97
N ASP K 187 -28.13 10.71 6.80
CA ASP K 187 -29.07 10.74 5.71
C ASP K 187 -29.13 9.36 5.07
N THR K 188 -30.30 8.72 5.09
CA THR K 188 -30.41 7.32 4.67
C THR K 188 -29.91 7.14 3.24
N TYR K 189 -30.10 8.11 2.35
CA TYR K 189 -29.60 8.01 0.99
C TYR K 189 -28.07 7.80 0.95
N HIS K 190 -27.34 8.62 1.72
CA HIS K 190 -25.89 8.55 1.81
C HIS K 190 -25.44 7.32 2.57
N MET K 191 -26.17 7.00 3.66
CA MET K 191 -25.85 5.83 4.46
C MET K 191 -25.94 4.60 3.58
N ASN K 192 -26.92 4.59 2.69
CA ASN K 192 -27.20 3.42 1.86
C ASN K 192 -26.00 3.05 0.98
N ILE K 193 -25.13 4.05 0.73
CA ILE K 193 -23.94 3.86 -0.08
C ILE K 193 -22.77 3.46 0.80
N GLU K 194 -22.47 4.25 1.83
CA GLU K 194 -21.17 4.20 2.50
C GLU K 194 -21.17 3.28 3.73
N GLU K 195 -22.30 3.12 4.43
CA GLU K 195 -22.25 2.43 5.72
C GLU K 195 -22.29 0.91 5.54
N SER K 196 -21.83 0.19 6.57
CA SER K 196 -21.90 -1.25 6.62
C SER K 196 -23.35 -1.71 6.71
N ASP K 197 -24.19 -0.91 7.37
CA ASP K 197 -25.58 -1.28 7.58
C ASP K 197 -26.30 -0.08 8.18
N MET K 198 -27.62 -0.20 8.41
CA MET K 198 -28.38 0.98 8.81
C MET K 198 -28.53 1.10 10.32
N PHE K 199 -28.01 0.15 11.13
CA PHE K 199 -28.12 0.28 12.59
C PHE K 199 -26.82 0.69 13.29
N SER K 200 -25.66 0.13 12.91
CA SER K 200 -24.40 0.43 13.60
C SER K 200 -24.14 1.93 13.65
N PRO K 201 -24.28 2.66 12.51
CA PRO K 201 -24.02 4.10 12.53
C PRO K 201 -24.85 4.82 13.57
N ILE K 202 -26.10 4.38 13.78
CA ILE K 202 -27.01 5.05 14.71
C ILE K 202 -26.54 4.78 16.12
N LEU K 203 -26.25 3.50 16.39
CA LEU K 203 -25.74 3.08 17.68
C LEU K 203 -24.41 3.79 17.99
N ASP K 204 -23.47 3.84 17.04
CA ASP K 204 -22.16 4.41 17.29
C ASP K 204 -22.25 5.92 17.54
N THR K 205 -23.22 6.58 16.91
CA THR K 205 -23.28 8.04 16.84
C THR K 205 -24.29 8.57 17.87
N ALA K 206 -24.91 7.66 18.64
CA ALA K 206 -26.07 7.92 19.48
C ALA K 206 -26.04 9.28 20.16
N GLU K 207 -24.97 9.54 20.91
CA GLU K 207 -24.87 10.72 21.76
C GLU K 207 -24.91 11.96 20.88
N ALA K 208 -24.27 11.87 19.70
CA ALA K 208 -24.00 13.02 18.85
C ALA K 208 -24.99 13.18 17.70
N LEU K 209 -25.92 12.23 17.53
CA LEU K 209 -26.85 12.28 16.42
C LEU K 209 -27.92 13.35 16.68
N ARG K 210 -27.98 14.37 15.82
CA ARG K 210 -28.82 15.53 16.06
C ARG K 210 -29.78 15.84 14.91
N TYR K 211 -29.61 15.23 13.73
CA TYR K 211 -30.48 15.56 12.62
C TYR K 211 -30.50 14.37 11.68
N VAL K 212 -31.65 14.15 11.04
CA VAL K 212 -31.86 12.98 10.19
C VAL K 212 -32.51 13.41 8.88
N HIS K 213 -31.96 12.92 7.77
CA HIS K 213 -32.65 12.97 6.50
C HIS K 213 -33.17 11.58 6.15
N ILE K 214 -34.41 11.55 5.63
CA ILE K 214 -35.05 10.33 5.19
C ILE K 214 -35.10 10.42 3.68
N GLY K 215 -34.33 9.57 3.00
CA GLY K 215 -34.19 9.61 1.56
C GLY K 215 -34.09 8.21 0.97
N GLU K 216 -34.84 7.95 -0.10
CA GLU K 216 -34.76 6.68 -0.80
C GLU K 216 -33.45 6.62 -1.58
N SER K 217 -33.13 5.40 -2.02
CA SER K 217 -31.84 5.12 -2.61
C SER K 217 -31.59 6.02 -3.81
N HIS K 218 -32.66 6.28 -4.58
CA HIS K 218 -32.61 7.09 -5.78
C HIS K 218 -33.23 8.47 -5.55
N ARG K 219 -33.58 8.77 -4.28
CA ARG K 219 -34.08 10.09 -3.84
C ARG K 219 -35.52 10.33 -4.32
N GLY K 220 -36.24 9.27 -4.73
CA GLY K 220 -37.65 9.39 -5.13
C GLY K 220 -38.60 9.05 -3.99
N TYR K 221 -39.74 8.46 -4.35
CA TYR K 221 -40.75 8.04 -3.39
C TYR K 221 -40.16 7.09 -2.36
N LEU K 222 -40.51 7.31 -1.08
CA LEU K 222 -40.09 6.40 -0.03
C LEU K 222 -40.72 5.04 -0.29
N GLY K 223 -39.89 4.00 -0.30
CA GLY K 223 -40.35 2.62 -0.37
C GLY K 223 -40.31 2.10 -1.80
N THR K 224 -39.73 2.90 -2.73
CA THR K 224 -39.63 2.49 -4.13
C THR K 224 -38.20 2.24 -4.54
N GLY K 225 -37.30 2.03 -3.57
CA GLY K 225 -35.89 1.73 -3.83
C GLY K 225 -35.34 0.78 -2.78
N SER K 226 -34.03 0.85 -2.48
CA SER K 226 -33.41 -0.26 -1.74
C SER K 226 -33.01 0.13 -0.33
N VAL K 227 -33.34 1.35 0.13
CA VAL K 227 -32.91 1.77 1.45
C VAL K 227 -33.61 0.89 2.48
N ASP K 228 -32.86 0.45 3.52
CA ASP K 228 -33.41 -0.37 4.58
C ASP K 228 -33.95 0.52 5.69
N PHE K 229 -35.11 1.12 5.44
CA PHE K 229 -35.79 2.01 6.38
C PHE K 229 -36.14 1.30 7.67
N ASP K 230 -36.53 0.04 7.58
CA ASP K 230 -36.95 -0.68 8.78
C ASP K 230 -35.79 -0.78 9.78
N THR K 231 -34.60 -1.22 9.34
CA THR K 231 -33.46 -1.34 10.24
C THR K 231 -33.16 0.04 10.84
N PHE K 232 -33.22 1.06 9.99
CA PHE K 232 -32.90 2.42 10.40
C PHE K 232 -33.85 2.90 11.51
N PHE K 233 -35.16 2.80 11.27
CA PHE K 233 -36.12 3.32 12.25
C PHE K 233 -36.06 2.51 13.56
N LYS K 234 -35.81 1.19 13.48
CA LYS K 234 -35.71 0.40 14.68
C LYS K 234 -34.53 0.89 15.52
N ALA K 235 -33.44 1.26 14.86
CA ALA K 235 -32.25 1.72 15.55
C ALA K 235 -32.49 3.11 16.17
N LEU K 236 -33.13 4.04 15.44
CA LEU K 236 -33.53 5.32 16.00
C LEU K 236 -34.34 5.12 17.30
N GLY K 237 -35.30 4.19 17.26
CA GLY K 237 -36.12 3.92 18.44
C GLY K 237 -35.28 3.46 19.62
N ARG K 238 -34.32 2.58 19.33
CA ARG K 238 -33.51 1.95 20.34
C ARG K 238 -32.70 3.01 21.09
N ILE K 239 -32.24 4.07 20.42
CA ILE K 239 -31.39 5.05 21.09
C ILE K 239 -32.21 6.26 21.58
N GLY K 240 -33.54 6.20 21.41
CA GLY K 240 -34.46 7.27 21.82
C GLY K 240 -34.17 8.59 21.13
N TYR K 241 -33.92 8.55 19.82
CA TYR K 241 -33.61 9.77 19.09
C TYR K 241 -34.82 10.71 19.08
N ASP K 242 -34.61 12.01 19.28
CA ASP K 242 -35.74 12.93 19.40
C ASP K 242 -35.52 14.21 18.60
N GLY K 243 -34.49 14.25 17.76
CA GLY K 243 -34.30 15.40 16.90
C GLY K 243 -35.17 15.35 15.66
N PRO K 244 -34.97 16.31 14.75
CA PRO K 244 -35.68 16.37 13.47
C PRO K 244 -35.51 15.12 12.60
N VAL K 245 -36.60 14.74 11.93
CA VAL K 245 -36.63 13.68 10.96
C VAL K 245 -37.24 14.27 9.70
N VAL K 246 -36.43 14.42 8.65
CA VAL K 246 -36.83 15.25 7.53
C VAL K 246 -36.75 14.46 6.22
N PHE K 247 -37.86 14.47 5.48
CA PHE K 247 -37.97 13.91 4.15
C PHE K 247 -37.17 14.76 3.16
N GLU K 248 -36.46 14.09 2.26
CA GLU K 248 -35.63 14.74 1.26
C GLU K 248 -35.77 13.95 -0.03
N SER K 249 -36.09 14.65 -1.13
CA SER K 249 -36.38 14.02 -2.40
C SER K 249 -36.14 15.01 -3.53
N PHE K 250 -35.53 14.54 -4.61
CA PHE K 250 -35.26 15.39 -5.74
C PHE K 250 -35.76 14.73 -7.02
N SER K 251 -36.33 15.57 -7.89
CA SER K 251 -36.75 15.17 -9.22
C SER K 251 -36.44 16.26 -10.25
N SER K 252 -36.18 15.86 -11.49
CA SER K 252 -35.93 16.80 -12.56
C SER K 252 -37.16 17.67 -12.84
N SER K 253 -38.30 17.34 -12.23
CA SER K 253 -39.50 18.12 -12.46
C SER K 253 -39.53 19.38 -11.59
N VAL K 254 -38.66 19.45 -10.57
CA VAL K 254 -38.47 20.64 -9.74
C VAL K 254 -36.96 20.84 -9.55
N VAL K 255 -36.41 21.85 -10.21
CA VAL K 255 -34.98 22.02 -10.38
C VAL K 255 -34.55 23.27 -9.64
N ALA K 256 -33.54 23.15 -8.75
CA ALA K 256 -32.82 24.31 -8.23
C ALA K 256 -31.60 24.54 -9.12
N PRO K 257 -31.39 25.77 -9.66
CA PRO K 257 -30.39 25.98 -10.69
C PRO K 257 -29.02 25.42 -10.33
N ASP K 258 -28.62 25.55 -9.05
CA ASP K 258 -27.30 25.09 -8.63
C ASP K 258 -27.41 23.72 -7.95
N LEU K 259 -28.28 23.60 -6.94
CA LEU K 259 -28.30 22.41 -6.10
C LEU K 259 -28.59 21.14 -6.90
N SER K 260 -29.54 21.21 -7.86
CA SER K 260 -29.95 20.03 -8.61
C SER K 260 -28.79 19.49 -9.46
N ARG K 261 -27.95 20.42 -9.94
CA ARG K 261 -26.82 20.07 -10.80
C ARG K 261 -25.72 19.44 -9.94
N MET K 262 -25.51 20.01 -8.75
CA MET K 262 -24.48 19.55 -7.82
C MET K 262 -24.80 18.12 -7.37
N LEU K 263 -26.10 17.80 -7.22
CA LEU K 263 -26.56 16.51 -6.69
C LEU K 263 -26.82 15.50 -7.80
N GLY K 264 -26.65 15.90 -9.07
CA GLY K 264 -26.80 14.99 -10.19
C GLY K 264 -28.24 14.48 -10.39
N ILE K 265 -29.22 15.37 -10.28
CA ILE K 265 -30.64 15.03 -10.39
C ILE K 265 -31.06 15.05 -11.85
N TRP K 266 -30.82 13.92 -12.53
CA TRP K 266 -30.97 13.82 -13.97
C TRP K 266 -32.36 13.30 -14.36
N ARG K 267 -33.02 12.60 -13.45
CA ARG K 267 -34.20 11.84 -13.83
C ARG K 267 -35.42 12.38 -13.12
N ASN K 268 -36.56 12.13 -13.75
CA ASN K 268 -37.88 12.44 -13.20
C ASN K 268 -38.37 11.25 -12.39
N LEU K 269 -38.31 11.38 -11.07
CA LEU K 269 -38.69 10.35 -10.11
C LEU K 269 -40.10 10.63 -9.59
N TRP K 270 -40.68 11.75 -10.04
CA TRP K 270 -42.02 12.15 -9.64
C TRP K 270 -42.40 13.49 -10.30
N ALA K 271 -43.72 13.70 -10.48
CA ALA K 271 -44.26 14.92 -11.05
C ALA K 271 -45.33 15.49 -10.12
N ASP K 272 -45.91 14.66 -9.26
CA ASP K 272 -46.95 15.13 -8.33
C ASP K 272 -46.38 15.29 -6.93
N ASN K 273 -45.88 16.48 -6.61
CA ASN K 273 -45.15 16.65 -5.36
C ASN K 273 -46.11 16.65 -4.17
N GLU K 274 -47.39 16.97 -4.42
CA GLU K 274 -48.41 16.94 -3.36
C GLU K 274 -48.62 15.52 -2.87
N GLU K 275 -48.78 14.58 -3.81
CA GLU K 275 -48.88 13.16 -3.48
C GLU K 275 -47.57 12.72 -2.80
N LEU K 276 -46.42 13.07 -3.38
CA LEU K 276 -45.13 12.68 -2.83
C LEU K 276 -45.01 13.09 -1.37
N GLY K 277 -45.27 14.38 -1.10
CA GLY K 277 -45.16 14.93 0.24
C GLY K 277 -46.07 14.28 1.27
N ALA K 278 -47.35 14.13 0.90
CA ALA K 278 -48.32 13.54 1.80
C ALA K 278 -47.97 12.07 2.05
N HIS K 279 -47.52 11.39 1.00
CA HIS K 279 -47.12 9.99 1.14
C HIS K 279 -45.94 9.87 2.11
N ALA K 280 -44.94 10.76 1.97
CA ALA K 280 -43.73 10.66 2.77
C ALA K 280 -44.05 10.97 4.22
N ASN K 281 -44.87 12.00 4.44
CA ASN K 281 -45.25 12.38 5.80
C ASN K 281 -45.88 11.18 6.51
N ALA K 282 -46.80 10.49 5.83
CA ALA K 282 -47.44 9.32 6.42
C ALA K 282 -46.41 8.20 6.63
N PHE K 283 -45.56 7.95 5.62
CA PHE K 283 -44.52 6.93 5.72
C PHE K 283 -43.73 7.11 7.01
N ILE K 284 -43.22 8.32 7.22
CA ILE K 284 -42.36 8.59 8.37
C ILE K 284 -43.14 8.47 9.68
N ARG K 285 -44.29 9.16 9.79
CA ARG K 285 -45.06 9.14 11.04
C ARG K 285 -45.52 7.73 11.38
N ASP K 286 -46.00 6.98 10.37
CA ASP K 286 -46.51 5.64 10.58
C ASP K 286 -45.39 4.71 11.00
N LYS K 287 -44.20 4.91 10.43
CA LYS K 287 -43.05 4.08 10.77
C LYS K 287 -42.71 4.32 12.24
N LEU K 288 -42.69 5.59 12.66
CA LEU K 288 -42.42 5.93 14.06
C LEU K 288 -43.47 5.34 15.01
N THR K 289 -44.75 5.47 14.66
CA THR K 289 -45.81 4.87 15.45
C THR K 289 -45.57 3.37 15.64
N ALA K 290 -45.28 2.67 14.55
CA ALA K 290 -45.13 1.23 14.59
C ALA K 290 -43.93 0.83 15.46
N ILE K 291 -42.78 1.53 15.31
CA ILE K 291 -41.57 1.25 16.07
C ILE K 291 -41.78 1.45 17.57
N LYS K 292 -42.61 2.43 17.97
CA LYS K 292 -42.97 2.64 19.37
C LYS K 292 -43.47 1.33 19.99
N THR K 293 -44.19 0.51 19.21
CA THR K 293 -44.87 -0.66 19.74
C THR K 293 -43.88 -1.77 20.13
N ILE K 294 -42.67 -1.75 19.55
CA ILE K 294 -41.77 -2.90 19.69
C ILE K 294 -41.38 -3.04 21.16
N GLU K 295 -41.01 -1.92 21.78
CA GLU K 295 -40.47 -1.91 23.13
C GLU K 295 -41.50 -2.48 24.12
N LEU K 296 -42.78 -2.54 23.72
CA LEU K 296 -43.83 -2.98 24.64
C LEU K 296 -44.15 -4.47 24.52
N HIS K 297 -43.31 -5.29 23.87
CA HIS K 297 -43.70 -6.68 23.71
C HIS K 297 -42.50 -7.64 23.67
N MET L 9 -21.21 -19.85 -17.76
CA MET L 9 -21.02 -18.59 -16.98
C MET L 9 -19.59 -18.51 -16.45
N LYS L 10 -18.93 -17.39 -16.74
CA LYS L 10 -17.55 -17.17 -16.35
C LYS L 10 -17.53 -16.24 -15.14
N ILE L 11 -16.87 -16.68 -14.06
CA ILE L 11 -16.74 -15.89 -12.85
C ILE L 11 -15.42 -15.13 -12.89
N GLY L 12 -15.52 -13.80 -12.93
CA GLY L 12 -14.39 -12.95 -13.27
C GLY L 12 -13.98 -12.04 -12.12
N CYS L 13 -12.79 -11.44 -12.28
CA CYS L 13 -12.27 -10.41 -11.40
C CYS L 13 -11.72 -9.25 -12.23
N HIS L 14 -11.99 -8.03 -11.80
CA HIS L 14 -11.40 -6.86 -12.44
C HIS L 14 -9.92 -6.81 -12.12
N GLY L 15 -9.10 -6.46 -13.12
CA GLY L 15 -7.66 -6.38 -12.97
C GLY L 15 -7.21 -5.36 -11.93
N LEU L 16 -7.99 -4.27 -11.76
CA LEU L 16 -7.71 -3.25 -10.77
C LEU L 16 -7.73 -3.76 -9.32
N VAL L 17 -8.22 -4.98 -9.05
CA VAL L 17 -8.09 -5.55 -7.72
C VAL L 17 -6.61 -5.73 -7.39
N TRP L 18 -5.81 -6.01 -8.43
CA TRP L 18 -4.46 -6.57 -8.32
C TRP L 18 -3.37 -5.53 -8.59
N THR L 19 -3.52 -4.74 -9.67
CA THR L 19 -2.56 -3.72 -10.03
C THR L 19 -3.26 -2.52 -10.66
N GLY L 20 -2.63 -1.34 -10.54
CA GLY L 20 -3.07 -0.12 -11.19
C GLY L 20 -2.27 0.24 -12.45
N HIS L 21 -1.26 -0.56 -12.83
CA HIS L 21 -0.39 -0.25 -13.95
C HIS L 21 -0.26 -1.47 -14.84
N PHE L 22 -0.83 -1.41 -16.06
CA PHE L 22 -0.91 -2.58 -16.92
C PHE L 22 0.15 -2.56 -18.03
N ASP L 23 1.41 -2.33 -17.63
CA ASP L 23 2.58 -2.74 -18.39
C ASP L 23 2.68 -4.26 -18.39
N ALA L 24 3.78 -4.79 -18.94
CA ALA L 24 3.97 -6.22 -19.06
C ALA L 24 3.89 -6.89 -17.68
N GLU L 25 4.59 -6.32 -16.68
CA GLU L 25 4.63 -6.87 -15.33
C GLU L 25 3.22 -6.92 -14.74
N GLY L 26 2.49 -5.78 -14.84
CA GLY L 26 1.14 -5.66 -14.32
C GLY L 26 0.18 -6.67 -14.92
N ILE L 27 0.28 -6.85 -16.25
CA ILE L 27 -0.60 -7.78 -16.96
C ILE L 27 -0.38 -9.16 -16.40
N ARG L 28 0.89 -9.57 -16.28
CA ARG L 28 1.20 -10.94 -15.85
C ARG L 28 0.74 -11.13 -14.41
N TYR L 29 0.98 -10.12 -13.56
CA TYR L 29 0.61 -10.15 -12.15
C TYR L 29 -0.90 -10.29 -12.01
N SER L 30 -1.68 -9.46 -12.73
CA SER L 30 -3.13 -9.46 -12.57
C SER L 30 -3.72 -10.81 -12.98
N VAL L 31 -3.22 -11.36 -14.10
CA VAL L 31 -3.70 -12.64 -14.62
C VAL L 31 -3.38 -13.74 -13.60
N GLN L 32 -2.15 -13.74 -13.08
CA GLN L 32 -1.72 -14.77 -12.14
C GLN L 32 -2.55 -14.72 -10.86
N LYS L 33 -2.67 -13.54 -10.22
CA LYS L 33 -3.44 -13.44 -8.99
C LYS L 33 -4.91 -13.84 -9.19
N THR L 34 -5.50 -13.46 -10.34
CA THR L 34 -6.88 -13.80 -10.65
C THR L 34 -7.07 -15.32 -10.66
N ARG L 35 -6.14 -16.04 -11.32
CA ARG L 35 -6.17 -17.49 -11.37
C ARG L 35 -6.06 -18.05 -9.96
N GLU L 36 -5.08 -17.55 -9.19
CA GLU L 36 -4.77 -18.11 -7.88
C GLU L 36 -5.97 -17.93 -6.92
N ALA L 37 -6.79 -16.91 -7.18
CA ALA L 37 -7.91 -16.58 -6.30
C ALA L 37 -9.11 -17.47 -6.62
N GLY L 38 -9.10 -18.12 -7.80
CA GLY L 38 -10.10 -19.13 -8.17
C GLY L 38 -11.01 -18.71 -9.32
N PHE L 39 -10.73 -17.56 -9.94
CA PHE L 39 -11.59 -17.01 -10.96
C PHE L 39 -11.35 -17.70 -12.31
N ASP L 40 -12.32 -17.56 -13.23
CA ASP L 40 -12.21 -18.08 -14.58
C ASP L 40 -11.74 -17.00 -15.55
N LEU L 41 -11.94 -15.72 -15.20
CA LEU L 41 -11.77 -14.63 -16.16
C LEU L 41 -11.20 -13.37 -15.49
N VAL L 42 -10.43 -12.60 -16.26
CA VAL L 42 -9.95 -11.30 -15.80
C VAL L 42 -10.51 -10.26 -16.76
N GLU L 43 -10.92 -9.10 -16.20
CA GLU L 43 -11.36 -7.96 -16.98
C GLU L 43 -10.25 -6.92 -16.97
N PHE L 44 -9.66 -6.64 -18.14
CA PHE L 44 -8.57 -5.67 -18.21
C PHE L 44 -9.19 -4.31 -18.43
N PRO L 45 -8.78 -3.25 -17.69
CA PRO L 45 -9.09 -1.89 -18.13
C PRO L 45 -8.22 -1.54 -19.34
N LEU L 46 -8.78 -0.78 -20.29
CA LEU L 46 -7.99 -0.27 -21.39
C LEU L 46 -8.09 1.25 -21.38
N MET L 47 -7.58 1.88 -20.32
CA MET L 47 -7.74 3.31 -20.21
C MET L 47 -6.88 3.96 -21.29
N ASP L 48 -5.72 3.36 -21.58
CA ASP L 48 -4.95 3.65 -22.77
C ASP L 48 -4.71 2.36 -23.57
N PRO L 49 -5.57 2.04 -24.56
CA PRO L 49 -5.47 0.79 -25.33
C PRO L 49 -4.40 0.78 -26.42
N PHE L 50 -3.87 1.97 -26.74
CA PHE L 50 -2.83 2.08 -27.74
C PHE L 50 -1.54 1.45 -27.22
N SER L 51 -1.29 1.56 -25.91
CA SER L 51 -0.04 1.10 -25.30
C SER L 51 -0.22 -0.19 -24.50
N PHE L 52 -1.38 -0.84 -24.63
CA PHE L 52 -1.65 -2.09 -23.92
C PHE L 52 -0.93 -3.22 -24.64
N ASP L 53 -0.08 -3.94 -23.88
CA ASP L 53 0.74 -5.02 -24.40
C ASP L 53 -0.11 -6.28 -24.58
N VAL L 54 -0.74 -6.36 -25.75
CA VAL L 54 -1.60 -7.45 -26.15
C VAL L 54 -0.88 -8.80 -26.04
N GLN L 55 0.38 -8.84 -26.48
CA GLN L 55 1.08 -10.11 -26.64
C GLN L 55 1.37 -10.73 -25.28
N THR L 56 1.82 -9.90 -24.32
CA THR L 56 2.03 -10.38 -22.96
C THR L 56 0.71 -10.94 -22.40
N ALA L 57 -0.40 -10.24 -22.67
CA ALA L 57 -1.74 -10.63 -22.24
C ALA L 57 -2.15 -12.00 -22.79
N LYS L 58 -2.10 -12.19 -24.12
CA LYS L 58 -2.39 -13.47 -24.75
C LYS L 58 -1.60 -14.60 -24.11
N SER L 59 -0.32 -14.32 -23.93
CA SER L 59 0.62 -15.27 -23.36
C SER L 59 0.23 -15.62 -21.91
N ALA L 60 -0.04 -14.60 -21.08
CA ALA L 60 -0.38 -14.83 -19.68
C ALA L 60 -1.71 -15.59 -19.54
N LEU L 61 -2.71 -15.22 -20.36
CA LEU L 61 -4.00 -15.90 -20.39
C LEU L 61 -3.80 -17.39 -20.66
N ALA L 62 -3.04 -17.70 -21.72
CA ALA L 62 -2.76 -19.09 -22.07
C ALA L 62 -2.06 -19.80 -20.92
N GLU L 63 -1.01 -19.17 -20.38
CA GLU L 63 -0.24 -19.76 -19.30
C GLU L 63 -1.16 -20.18 -18.14
N HIS L 64 -2.14 -19.32 -17.78
CA HIS L 64 -2.93 -19.52 -16.58
C HIS L 64 -4.29 -20.18 -16.88
N GLY L 65 -4.60 -20.38 -18.18
CA GLY L 65 -5.85 -20.99 -18.60
C GLY L 65 -7.04 -20.10 -18.30
N LEU L 66 -6.88 -18.79 -18.51
CA LEU L 66 -7.84 -17.78 -18.07
C LEU L 66 -8.50 -17.13 -19.29
N ALA L 67 -9.81 -16.88 -19.19
CA ALA L 67 -10.50 -16.05 -20.18
C ALA L 67 -10.30 -14.58 -19.87
N ALA L 68 -10.71 -13.71 -20.79
CA ALA L 68 -10.50 -12.28 -20.61
C ALA L 68 -11.58 -11.47 -21.29
N SER L 69 -11.87 -10.31 -20.69
CA SER L 69 -12.75 -9.32 -21.26
C SER L 69 -12.05 -7.99 -21.02
N ALA L 70 -12.63 -6.87 -21.48
CA ALA L 70 -12.00 -5.59 -21.24
C ALA L 70 -13.04 -4.49 -21.15
N SER L 71 -12.68 -3.45 -20.40
CA SER L 71 -13.60 -2.36 -20.11
C SER L 71 -12.82 -1.05 -20.13
N LEU L 72 -13.55 0.07 -20.18
CA LEU L 72 -12.96 1.38 -20.00
C LEU L 72 -14.07 2.39 -19.72
N GLY L 73 -13.67 3.53 -19.17
CA GLY L 73 -14.50 4.72 -19.15
C GLY L 73 -13.87 5.85 -19.96
N LEU L 74 -14.69 6.53 -20.77
CA LEU L 74 -14.25 7.71 -21.48
C LEU L 74 -14.02 8.86 -20.49
N SER L 75 -13.35 9.90 -21.00
CA SER L 75 -13.07 11.10 -20.24
C SER L 75 -13.55 12.32 -21.04
N ASP L 76 -13.30 13.52 -20.51
CA ASP L 76 -13.65 14.76 -21.17
C ASP L 76 -13.14 14.79 -22.62
N ALA L 77 -11.88 14.40 -22.84
CA ALA L 77 -11.27 14.53 -24.15
C ALA L 77 -11.84 13.50 -25.12
N THR L 78 -12.59 12.49 -24.64
CA THR L 78 -13.08 11.41 -25.50
C THR L 78 -14.60 11.22 -25.33
N ASP L 79 -15.29 12.25 -24.87
CA ASP L 79 -16.69 12.14 -24.48
C ASP L 79 -17.58 12.09 -25.73
N VAL L 80 -18.09 10.89 -26.08
CA VAL L 80 -18.93 10.73 -27.26
C VAL L 80 -20.33 11.33 -27.05
N SER L 81 -20.62 11.87 -25.86
CA SER L 81 -21.85 12.59 -25.61
C SER L 81 -21.62 14.10 -25.71
N SER L 82 -20.42 14.51 -26.13
CA SER L 82 -20.12 15.91 -26.42
C SER L 82 -20.90 16.39 -27.65
N GLU L 83 -21.14 17.71 -27.73
CA GLU L 83 -21.67 18.37 -28.92
C GLU L 83 -20.56 18.72 -29.92
N ASP L 84 -19.29 18.67 -29.47
CA ASP L 84 -18.14 18.99 -30.29
C ASP L 84 -17.66 17.74 -31.01
N PRO L 85 -17.78 17.66 -32.36
CA PRO L 85 -17.54 16.40 -33.06
C PRO L 85 -16.09 15.92 -33.02
N ALA L 86 -15.15 16.84 -32.75
CA ALA L 86 -13.75 16.49 -32.63
C ALA L 86 -13.53 15.63 -31.39
N VAL L 87 -14.23 16.00 -30.30
CA VAL L 87 -14.25 15.24 -29.06
C VAL L 87 -14.89 13.88 -29.30
N VAL L 88 -16.07 13.84 -29.95
CA VAL L 88 -16.77 12.61 -30.27
C VAL L 88 -15.86 11.66 -31.05
N LYS L 89 -15.19 12.19 -32.08
CA LYS L 89 -14.37 11.38 -32.96
C LYS L 89 -13.19 10.80 -32.18
N ALA L 90 -12.59 11.59 -31.29
CA ALA L 90 -11.49 11.09 -30.47
C ALA L 90 -11.96 9.90 -29.63
N GLY L 91 -13.19 10.01 -29.10
CA GLY L 91 -13.79 8.95 -28.31
C GLY L 91 -14.01 7.70 -29.14
N GLU L 92 -14.60 7.89 -30.32
CA GLU L 92 -14.90 6.80 -31.24
C GLU L 92 -13.62 6.05 -31.60
N GLU L 93 -12.54 6.82 -31.79
CA GLU L 93 -11.22 6.30 -32.12
C GLU L 93 -10.71 5.40 -30.99
N LEU L 94 -10.84 5.88 -29.74
CA LEU L 94 -10.37 5.17 -28.55
C LEU L 94 -11.14 3.85 -28.39
N LEU L 95 -12.47 3.93 -28.58
CA LEU L 95 -13.37 2.78 -28.51
C LEU L 95 -12.94 1.72 -29.54
N ASN L 96 -12.66 2.19 -30.77
CA ASN L 96 -12.28 1.31 -31.87
C ASN L 96 -10.98 0.58 -31.54
N ARG L 97 -10.00 1.29 -30.98
CA ARG L 97 -8.74 0.63 -30.65
C ARG L 97 -8.96 -0.45 -29.60
N ALA L 98 -9.79 -0.16 -28.57
CA ALA L 98 -10.11 -1.13 -27.53
C ALA L 98 -10.70 -2.40 -28.12
N VAL L 99 -11.63 -2.25 -29.08
CA VAL L 99 -12.26 -3.39 -29.73
C VAL L 99 -11.18 -4.23 -30.43
N ASP L 100 -10.25 -3.55 -31.13
CA ASP L 100 -9.21 -4.23 -31.88
C ASP L 100 -8.33 -5.05 -30.93
N VAL L 101 -8.02 -4.48 -29.76
CA VAL L 101 -7.24 -5.19 -28.75
C VAL L 101 -7.93 -6.50 -28.41
N LEU L 102 -9.26 -6.44 -28.18
CA LEU L 102 -10.03 -7.62 -27.84
C LEU L 102 -10.04 -8.62 -29.00
N ALA L 103 -10.15 -8.11 -30.23
CA ALA L 103 -9.99 -8.97 -31.41
C ALA L 103 -8.69 -9.78 -31.37
N GLU L 104 -7.56 -9.07 -31.18
CA GLU L 104 -6.23 -9.69 -31.13
C GLU L 104 -6.15 -10.75 -30.03
N LEU L 105 -6.86 -10.53 -28.91
CA LEU L 105 -6.84 -11.43 -27.76
C LEU L 105 -7.68 -12.69 -28.01
N GLY L 106 -8.65 -12.61 -28.92
CA GLY L 106 -9.66 -13.65 -29.03
C GLY L 106 -10.68 -13.59 -27.88
N ALA L 107 -10.96 -12.37 -27.39
CA ALA L 107 -12.01 -12.17 -26.40
C ALA L 107 -13.34 -11.87 -27.08
N THR L 108 -14.43 -11.86 -26.31
CA THR L 108 -15.78 -11.72 -26.87
C THR L 108 -16.53 -10.52 -26.29
N ASP L 109 -16.07 -9.93 -25.17
CA ASP L 109 -16.86 -8.92 -24.47
C ASP L 109 -16.08 -7.64 -24.24
N PHE L 110 -16.57 -6.56 -24.84
CA PHE L 110 -16.18 -5.20 -24.48
C PHE L 110 -17.32 -4.54 -23.72
N CYS L 111 -17.02 -3.88 -22.60
CA CYS L 111 -18.05 -3.24 -21.80
C CYS L 111 -17.50 -2.01 -21.07
N GLY L 112 -18.39 -1.27 -20.41
CA GLY L 112 -17.99 -0.12 -19.60
C GLY L 112 -18.78 1.13 -19.92
N VAL L 113 -18.28 2.27 -19.46
CA VAL L 113 -18.94 3.54 -19.72
C VAL L 113 -18.41 4.13 -21.02
N ILE L 114 -19.03 3.74 -22.13
CA ILE L 114 -18.57 4.03 -23.48
C ILE L 114 -19.60 4.87 -24.26
N TYR L 115 -20.62 5.38 -23.56
CA TYR L 115 -21.69 6.18 -24.17
C TYR L 115 -21.60 7.61 -23.66
N SER L 116 -20.65 7.87 -22.75
CA SER L 116 -20.42 9.20 -22.21
C SER L 116 -19.07 9.20 -21.52
N ALA L 117 -18.65 10.35 -20.99
CA ALA L 117 -17.53 10.37 -20.06
C ALA L 117 -17.92 9.72 -18.74
N MET L 118 -16.93 9.18 -18.02
CA MET L 118 -17.13 8.67 -16.67
C MET L 118 -16.74 9.74 -15.66
N LYS L 119 -17.73 10.50 -15.23
CA LYS L 119 -17.47 11.62 -14.34
C LYS L 119 -18.79 12.15 -13.81
N LYS L 120 -18.66 13.08 -12.89
CA LYS L 120 -19.76 13.88 -12.39
C LYS L 120 -20.00 15.07 -13.30
N TYR L 121 -20.96 14.92 -14.22
CA TYR L 121 -21.43 16.05 -15.00
C TYR L 121 -22.04 17.11 -14.08
N MET L 122 -21.96 18.36 -14.55
CA MET L 122 -22.51 19.51 -13.85
C MET L 122 -23.75 20.03 -14.56
N GLU L 123 -24.17 19.31 -15.63
CA GLU L 123 -25.30 19.71 -16.45
C GLU L 123 -26.03 18.46 -16.92
N PRO L 124 -27.37 18.49 -17.11
CA PRO L 124 -28.08 17.37 -17.74
C PRO L 124 -27.51 17.10 -19.13
N ALA L 125 -27.74 15.88 -19.62
CA ALA L 125 -27.41 15.53 -20.98
C ALA L 125 -28.21 16.45 -21.91
N THR L 126 -27.73 16.56 -23.13
CA THR L 126 -28.34 17.45 -24.10
C THR L 126 -28.83 16.57 -25.25
N ALA L 127 -29.92 17.00 -25.92
CA ALA L 127 -30.52 16.24 -27.02
C ALA L 127 -29.46 15.94 -28.09
N ALA L 128 -28.64 16.96 -28.40
CA ALA L 128 -27.57 16.85 -29.40
C ALA L 128 -26.50 15.86 -28.95
N GLY L 129 -26.09 15.97 -27.68
CA GLY L 129 -25.11 15.08 -27.06
C GLY L 129 -25.56 13.61 -27.10
N LEU L 130 -26.83 13.36 -26.72
CA LEU L 130 -27.43 12.03 -26.72
C LEU L 130 -27.38 11.44 -28.14
N ALA L 131 -27.76 12.26 -29.13
CA ALA L 131 -27.81 11.83 -30.52
C ALA L 131 -26.41 11.41 -30.99
N ASN L 132 -25.40 12.20 -30.62
CA ASN L 132 -24.01 11.89 -30.95
C ASN L 132 -23.57 10.59 -30.29
N SER L 133 -23.97 10.42 -29.01
CA SER L 133 -23.59 9.24 -28.26
C SER L 133 -24.10 8.01 -28.97
N LYS L 134 -25.40 7.97 -29.27
CA LYS L 134 -26.01 6.80 -29.89
C LYS L 134 -25.32 6.46 -31.21
N ALA L 135 -25.12 7.49 -32.04
CA ALA L 135 -24.55 7.30 -33.36
C ALA L 135 -23.17 6.65 -33.23
N ALA L 136 -22.32 7.25 -32.39
CA ALA L 136 -20.96 6.79 -32.18
C ALA L 136 -20.95 5.34 -31.69
N VAL L 137 -21.80 5.04 -30.69
CA VAL L 137 -21.85 3.71 -30.12
C VAL L 137 -22.31 2.72 -31.19
N GLY L 138 -23.32 3.11 -31.97
CA GLY L 138 -23.84 2.27 -33.03
C GLY L 138 -22.74 1.84 -34.01
N ARG L 139 -21.92 2.82 -34.39
CA ARG L 139 -20.84 2.54 -35.34
C ARG L 139 -19.81 1.61 -34.71
N VAL L 140 -19.47 1.87 -33.44
CA VAL L 140 -18.50 1.05 -32.71
C VAL L 140 -19.01 -0.39 -32.59
N ALA L 141 -20.32 -0.53 -32.41
CA ALA L 141 -20.93 -1.84 -32.25
C ALA L 141 -20.85 -2.60 -33.58
N ASP L 142 -21.14 -1.91 -34.69
CA ASP L 142 -21.10 -2.53 -36.00
C ASP L 142 -19.69 -3.07 -36.28
N ARG L 143 -18.69 -2.24 -35.98
CA ARG L 143 -17.30 -2.61 -36.19
C ARG L 143 -16.97 -3.86 -35.37
N ALA L 144 -17.43 -3.84 -34.11
CA ALA L 144 -17.19 -4.92 -33.16
C ALA L 144 -17.88 -6.21 -33.65
N SER L 145 -19.07 -6.04 -34.25
CA SER L 145 -19.86 -7.17 -34.74
C SER L 145 -19.06 -7.98 -35.75
N ASP L 146 -18.41 -7.28 -36.69
CA ASP L 146 -17.66 -7.90 -37.76
C ASP L 146 -16.51 -8.72 -37.18
N LEU L 147 -16.04 -8.34 -35.98
CA LEU L 147 -14.95 -9.03 -35.30
C LEU L 147 -15.49 -10.12 -34.35
N GLY L 148 -16.82 -10.31 -34.30
CA GLY L 148 -17.44 -11.27 -33.40
C GLY L 148 -17.40 -10.82 -31.94
N ILE L 149 -17.39 -9.51 -31.69
CA ILE L 149 -17.25 -8.94 -30.35
C ILE L 149 -18.59 -8.37 -29.90
N ASN L 150 -19.02 -8.72 -28.68
CA ASN L 150 -20.19 -8.13 -28.05
C ASN L 150 -19.81 -6.85 -27.29
N VAL L 151 -20.67 -5.85 -27.39
CA VAL L 151 -20.43 -4.57 -26.75
C VAL L 151 -21.59 -4.35 -25.77
N SER L 152 -21.24 -4.03 -24.52
CA SER L 152 -22.22 -3.90 -23.45
C SER L 152 -22.03 -2.57 -22.72
N LEU L 153 -23.12 -1.80 -22.58
CA LEU L 153 -23.12 -0.50 -21.92
C LEU L 153 -23.33 -0.68 -20.42
N GLU L 154 -22.34 -0.29 -19.61
CA GLU L 154 -22.41 -0.39 -18.15
C GLU L 154 -23.25 0.77 -17.65
N VAL L 155 -24.40 0.42 -17.05
CA VAL L 155 -25.29 1.39 -16.43
C VAL L 155 -24.63 1.80 -15.12
N VAL L 156 -24.40 3.11 -14.93
CA VAL L 156 -23.72 3.57 -13.73
C VAL L 156 -24.52 4.69 -13.11
N ASN L 157 -24.13 5.08 -11.89
CA ASN L 157 -24.94 5.97 -11.08
C ASN L 157 -24.80 7.40 -11.62
N ARG L 158 -25.65 8.28 -11.09
CA ARG L 158 -25.78 9.67 -11.51
C ARG L 158 -24.49 10.49 -11.38
N TYR L 159 -23.57 10.03 -10.53
CA TYR L 159 -22.32 10.74 -10.31
C TYR L 159 -21.25 10.33 -11.33
N GLU L 160 -21.54 9.32 -12.16
CA GLU L 160 -20.57 8.79 -13.10
C GLU L 160 -21.06 8.90 -14.54
N THR L 161 -22.36 9.20 -14.73
CA THR L 161 -22.88 9.57 -16.04
C THR L 161 -24.22 10.28 -15.85
N ASN L 162 -24.58 11.07 -16.88
CA ASN L 162 -25.89 11.70 -16.93
C ASN L 162 -26.71 11.07 -18.05
N VAL L 163 -26.23 9.95 -18.61
CA VAL L 163 -26.94 9.29 -19.69
C VAL L 163 -27.69 8.07 -19.18
N LEU L 164 -27.00 6.94 -18.94
CA LEU L 164 -27.66 5.69 -18.63
C LEU L 164 -27.51 5.32 -17.15
N ASN L 165 -28.51 5.66 -16.33
CA ASN L 165 -28.45 5.42 -14.89
C ASN L 165 -29.31 4.22 -14.46
N THR L 166 -30.24 3.78 -15.32
CA THR L 166 -31.09 2.64 -15.01
C THR L 166 -31.11 1.66 -16.18
N GLY L 167 -31.37 0.39 -15.86
CA GLY L 167 -31.60 -0.63 -16.86
C GLY L 167 -32.59 -0.19 -17.93
N ARG L 168 -33.69 0.45 -17.50
CA ARG L 168 -34.76 0.94 -18.36
C ARG L 168 -34.21 1.91 -19.41
N GLN L 169 -33.40 2.88 -18.95
CA GLN L 169 -32.81 3.87 -19.86
C GLN L 169 -31.93 3.14 -20.87
N ALA L 170 -31.18 2.11 -20.43
CA ALA L 170 -30.33 1.37 -21.34
C ALA L 170 -31.17 0.65 -22.40
N LEU L 171 -32.29 0.06 -22.01
CA LEU L 171 -33.18 -0.60 -22.97
C LEU L 171 -33.66 0.36 -24.05
N ALA L 172 -34.19 1.52 -23.66
CA ALA L 172 -34.68 2.51 -24.61
C ALA L 172 -33.55 3.00 -25.52
N TYR L 173 -32.34 3.16 -24.98
CA TYR L 173 -31.16 3.53 -25.77
C TYR L 173 -30.82 2.45 -26.79
N LEU L 174 -30.86 1.16 -26.39
CA LEU L 174 -30.55 0.06 -27.29
C LEU L 174 -31.64 -0.08 -28.36
N GLU L 175 -32.88 0.23 -28.00
CA GLU L 175 -34.02 0.00 -28.88
C GLU L 175 -33.85 0.87 -30.12
N GLU L 176 -33.40 2.11 -29.93
CA GLU L 176 -33.18 3.02 -31.04
C GLU L 176 -32.14 2.44 -32.01
N LEU L 177 -31.02 1.91 -31.49
CA LEU L 177 -29.94 1.43 -32.35
C LEU L 177 -30.25 0.04 -32.94
N ASN L 178 -31.02 -0.79 -32.23
CA ASN L 178 -31.43 -2.09 -32.71
C ASN L 178 -30.24 -2.85 -33.31
N ARG L 179 -29.19 -3.03 -32.50
CA ARG L 179 -28.01 -3.81 -32.91
C ARG L 179 -27.96 -5.13 -32.15
N PRO L 180 -27.74 -6.29 -32.84
CA PRO L 180 -27.81 -7.60 -32.19
C PRO L 180 -26.66 -7.93 -31.25
N ASN L 181 -25.55 -7.19 -31.35
CA ASN L 181 -24.39 -7.46 -30.53
C ASN L 181 -24.25 -6.41 -29.43
N LEU L 182 -25.24 -5.51 -29.29
CA LEU L 182 -25.19 -4.45 -28.31
C LEU L 182 -26.02 -4.86 -27.10
N GLY L 183 -25.41 -4.90 -25.90
CA GLY L 183 -26.02 -5.42 -24.69
C GLY L 183 -26.01 -4.45 -23.52
N ILE L 184 -26.57 -4.91 -22.38
CA ILE L 184 -26.66 -4.13 -21.15
C ILE L 184 -25.74 -4.79 -20.12
N HIS L 185 -24.96 -3.94 -19.44
CA HIS L 185 -24.07 -4.36 -18.36
C HIS L 185 -24.56 -3.71 -17.07
N LEU L 186 -24.99 -4.52 -16.10
CA LEU L 186 -25.44 -4.03 -14.81
C LEU L 186 -24.38 -4.28 -13.74
N ASP L 187 -24.36 -3.38 -12.77
CA ASP L 187 -23.40 -3.36 -11.68
C ASP L 187 -24.19 -3.21 -10.37
N THR L 188 -24.10 -4.20 -9.47
CA THR L 188 -24.88 -4.15 -8.24
C THR L 188 -24.61 -2.87 -7.44
N TYR L 189 -23.35 -2.38 -7.45
CA TYR L 189 -23.01 -1.14 -6.76
C TYR L 189 -23.85 0.03 -7.27
N HIS L 190 -23.95 0.15 -8.60
CA HIS L 190 -24.67 1.23 -9.23
C HIS L 190 -26.19 1.04 -9.08
N MET L 191 -26.67 -0.20 -9.23
CA MET L 191 -28.06 -0.56 -9.11
C MET L 191 -28.57 -0.17 -7.72
N ASN L 192 -27.71 -0.40 -6.73
CA ASN L 192 -28.04 -0.22 -5.32
C ASN L 192 -28.45 1.24 -5.09
N ILE L 193 -27.99 2.16 -5.94
CA ILE L 193 -28.41 3.54 -5.87
C ILE L 193 -29.68 3.74 -6.71
N GLU L 194 -29.59 3.43 -8.02
CA GLU L 194 -30.55 4.00 -8.97
C GLU L 194 -31.82 3.15 -9.14
N GLU L 195 -31.79 1.84 -8.90
CA GLU L 195 -32.90 0.99 -9.34
C GLU L 195 -33.95 0.92 -8.23
N SER L 196 -35.13 0.42 -8.59
CA SER L 196 -36.23 0.30 -7.63
C SER L 196 -35.98 -0.88 -6.68
N ASP L 197 -35.27 -1.89 -7.17
CA ASP L 197 -35.00 -3.09 -6.39
C ASP L 197 -33.99 -3.92 -7.19
N MET L 198 -33.67 -5.13 -6.75
CA MET L 198 -32.62 -5.85 -7.46
C MET L 198 -33.20 -6.92 -8.41
N PHE L 199 -34.53 -7.11 -8.50
CA PHE L 199 -35.07 -8.11 -9.41
C PHE L 199 -35.67 -7.48 -10.66
N SER L 200 -36.41 -6.38 -10.52
CA SER L 200 -37.10 -5.75 -11.65
C SER L 200 -36.15 -5.42 -12.80
N PRO L 201 -34.98 -4.81 -12.56
CA PRO L 201 -34.05 -4.51 -13.64
C PRO L 201 -33.60 -5.76 -14.39
N ILE L 202 -33.48 -6.88 -13.67
CA ILE L 202 -33.00 -8.10 -14.28
C ILE L 202 -34.10 -8.64 -15.18
N LEU L 203 -35.33 -8.66 -14.65
CA LEU L 203 -36.48 -9.14 -15.41
C LEU L 203 -36.73 -8.25 -16.63
N ASP L 204 -36.64 -6.93 -16.45
CA ASP L 204 -36.93 -5.98 -17.51
C ASP L 204 -35.90 -6.08 -18.63
N THR L 205 -34.64 -6.41 -18.29
CA THR L 205 -33.55 -6.31 -19.24
C THR L 205 -33.15 -7.69 -19.77
N ALA L 206 -33.90 -8.71 -19.37
CA ALA L 206 -33.52 -10.12 -19.51
C ALA L 206 -32.84 -10.45 -20.84
N GLU L 207 -33.47 -10.12 -21.97
CA GLU L 207 -32.94 -10.57 -23.25
C GLU L 207 -31.63 -9.84 -23.58
N ALA L 208 -31.50 -8.59 -23.12
CA ALA L 208 -30.35 -7.74 -23.49
C ALA L 208 -29.22 -7.72 -22.44
N LEU L 209 -29.37 -8.42 -21.31
CA LEU L 209 -28.35 -8.37 -20.27
C LEU L 209 -27.20 -9.29 -20.69
N ARG L 210 -26.00 -8.73 -20.80
CA ARG L 210 -24.86 -9.50 -21.33
C ARG L 210 -23.69 -9.57 -20.37
N TYR L 211 -23.68 -8.73 -19.32
CA TYR L 211 -22.50 -8.59 -18.46
C TYR L 211 -22.92 -8.09 -17.07
N VAL L 212 -22.24 -8.59 -16.04
CA VAL L 212 -22.58 -8.24 -14.67
C VAL L 212 -21.31 -7.91 -13.90
N HIS L 213 -21.40 -6.83 -13.10
CA HIS L 213 -20.41 -6.51 -12.08
C HIS L 213 -21.01 -6.80 -10.71
N ILE L 214 -20.21 -7.43 -9.85
CA ILE L 214 -20.57 -7.69 -8.46
C ILE L 214 -19.74 -6.79 -7.56
N GLY L 215 -20.42 -5.79 -6.97
CA GLY L 215 -19.79 -4.82 -6.10
C GLY L 215 -20.69 -4.45 -4.92
N GLU L 216 -20.08 -4.40 -3.74
CA GLU L 216 -20.83 -4.12 -2.53
C GLU L 216 -21.16 -2.63 -2.57
N SER L 217 -22.08 -2.19 -1.70
CA SER L 217 -22.61 -0.83 -1.76
C SER L 217 -21.52 0.23 -1.70
N HIS L 218 -20.46 -0.04 -0.92
CA HIS L 218 -19.34 0.87 -0.71
C HIS L 218 -18.08 0.33 -1.39
N ARG L 219 -18.21 -0.76 -2.17
CA ARG L 219 -17.14 -1.30 -3.02
C ARG L 219 -16.07 -2.01 -2.20
N GLY L 220 -16.40 -2.41 -0.96
CA GLY L 220 -15.53 -3.20 -0.10
C GLY L 220 -15.80 -4.69 -0.23
N TYR L 221 -15.52 -5.44 0.85
CA TYR L 221 -15.81 -6.88 0.93
C TYR L 221 -17.28 -7.16 0.64
N LEU L 222 -17.55 -8.22 -0.11
CA LEU L 222 -18.92 -8.60 -0.41
C LEU L 222 -19.59 -9.09 0.87
N GLY L 223 -20.79 -8.55 1.11
CA GLY L 223 -21.57 -8.90 2.28
C GLY L 223 -21.25 -8.07 3.53
N THR L 224 -20.57 -6.91 3.37
CA THR L 224 -20.31 -6.00 4.47
C THR L 224 -21.06 -4.67 4.28
N GLY L 225 -21.99 -4.65 3.33
CA GLY L 225 -22.72 -3.45 2.98
C GLY L 225 -24.21 -3.70 2.74
N SER L 226 -24.84 -2.85 1.94
CA SER L 226 -26.29 -2.86 1.93
C SER L 226 -26.85 -3.42 0.62
N VAL L 227 -26.00 -3.92 -0.28
CA VAL L 227 -26.49 -4.51 -1.53
C VAL L 227 -27.27 -5.79 -1.22
N ASP L 228 -28.47 -5.91 -1.83
CA ASP L 228 -29.33 -7.08 -1.69
C ASP L 228 -28.89 -8.13 -2.71
N PHE L 229 -27.76 -8.80 -2.47
CA PHE L 229 -27.23 -9.82 -3.36
C PHE L 229 -28.19 -10.99 -3.54
N ASP L 230 -28.93 -11.35 -2.50
CA ASP L 230 -29.80 -12.51 -2.61
C ASP L 230 -30.92 -12.31 -3.65
N THR L 231 -31.66 -11.21 -3.58
CA THR L 231 -32.62 -10.92 -4.62
C THR L 231 -31.95 -10.91 -6.00
N PHE L 232 -30.77 -10.30 -6.09
CA PHE L 232 -30.11 -10.15 -7.37
C PHE L 232 -29.80 -11.52 -7.96
N PHE L 233 -29.16 -12.39 -7.19
CA PHE L 233 -28.75 -13.68 -7.74
C PHE L 233 -29.96 -14.56 -8.01
N LYS L 234 -31.02 -14.45 -7.19
CA LYS L 234 -32.24 -15.22 -7.41
C LYS L 234 -32.88 -14.77 -8.72
N ALA L 235 -32.81 -13.47 -9.05
CA ALA L 235 -33.34 -12.96 -10.30
C ALA L 235 -32.48 -13.39 -11.50
N LEU L 236 -31.14 -13.35 -11.36
CA LEU L 236 -30.26 -13.86 -12.41
C LEU L 236 -30.60 -15.32 -12.70
N GLY L 237 -30.82 -16.09 -11.63
CA GLY L 237 -31.21 -17.48 -11.76
C GLY L 237 -32.53 -17.63 -12.52
N ARG L 238 -33.51 -16.78 -12.19
CA ARG L 238 -34.83 -16.89 -12.77
C ARG L 238 -34.80 -16.72 -14.29
N ILE L 239 -34.00 -15.78 -14.81
CA ILE L 239 -33.98 -15.52 -16.25
C ILE L 239 -32.95 -16.39 -16.99
N GLY L 240 -32.22 -17.23 -16.24
CA GLY L 240 -31.23 -18.11 -16.84
C GLY L 240 -30.05 -17.35 -17.42
N TYR L 241 -29.60 -16.30 -16.74
CA TYR L 241 -28.44 -15.56 -17.22
C TYR L 241 -27.23 -16.49 -17.23
N ASP L 242 -26.39 -16.35 -18.26
CA ASP L 242 -25.21 -17.18 -18.40
C ASP L 242 -23.98 -16.38 -18.82
N GLY L 243 -24.07 -15.04 -18.87
CA GLY L 243 -22.92 -14.20 -19.17
C GLY L 243 -21.92 -14.10 -18.02
N PRO L 244 -20.82 -13.33 -18.20
CA PRO L 244 -19.86 -13.08 -17.12
C PRO L 244 -20.43 -12.43 -15.86
N VAL L 245 -19.87 -12.84 -14.73
CA VAL L 245 -20.22 -12.30 -13.43
C VAL L 245 -18.90 -11.96 -12.74
N VAL L 246 -18.61 -10.65 -12.60
CA VAL L 246 -17.25 -10.18 -12.39
C VAL L 246 -17.17 -9.30 -11.15
N PHE L 247 -16.28 -9.69 -10.21
CA PHE L 247 -16.03 -8.99 -8.97
C PHE L 247 -15.23 -7.70 -9.22
N GLU L 248 -15.61 -6.66 -8.50
CA GLU L 248 -14.99 -5.36 -8.65
C GLU L 248 -14.94 -4.72 -7.27
N SER L 249 -13.72 -4.34 -6.88
CA SER L 249 -13.44 -3.59 -5.67
C SER L 249 -12.15 -2.80 -5.92
N PHE L 250 -11.99 -1.65 -5.27
CA PHE L 250 -10.89 -0.76 -5.62
C PHE L 250 -10.17 -0.30 -4.36
N SER L 251 -8.85 -0.25 -4.45
CA SER L 251 -8.00 0.21 -3.36
C SER L 251 -7.02 1.27 -3.85
N SER L 252 -6.90 2.35 -3.07
CA SER L 252 -6.00 3.43 -3.42
C SER L 252 -4.54 2.95 -3.35
N SER L 253 -4.30 1.83 -2.63
CA SER L 253 -2.98 1.24 -2.48
C SER L 253 -2.54 0.49 -3.74
N VAL L 254 -3.47 0.31 -4.69
CA VAL L 254 -3.23 -0.56 -5.84
C VAL L 254 -3.40 0.22 -7.15
N VAL L 255 -4.55 0.88 -7.33
CA VAL L 255 -4.82 1.58 -8.58
C VAL L 255 -4.01 2.87 -8.60
N ALA L 256 -3.85 3.46 -9.79
CA ALA L 256 -3.05 4.65 -9.99
C ALA L 256 -3.60 5.82 -9.17
N PRO L 257 -2.75 6.77 -8.72
CA PRO L 257 -3.25 7.99 -8.07
C PRO L 257 -4.38 8.69 -8.79
N ASP L 258 -4.42 8.62 -10.14
CA ASP L 258 -5.38 9.39 -10.93
C ASP L 258 -6.74 8.67 -10.96
N LEU L 259 -6.71 7.36 -11.23
CA LEU L 259 -7.90 6.54 -11.26
C LEU L 259 -8.57 6.50 -9.88
N SER L 260 -7.79 6.45 -8.79
CA SER L 260 -8.42 6.36 -7.47
C SER L 260 -9.13 7.65 -7.11
N ARG L 261 -8.65 8.78 -7.65
CA ARG L 261 -9.31 10.08 -7.50
C ARG L 261 -10.60 10.09 -8.31
N MET L 262 -10.55 9.59 -9.55
CA MET L 262 -11.70 9.56 -10.43
C MET L 262 -12.86 8.77 -9.80
N LEU L 263 -12.53 7.67 -9.11
CA LEU L 263 -13.49 6.73 -8.58
C LEU L 263 -13.96 7.13 -7.18
N GLY L 264 -13.39 8.21 -6.63
CA GLY L 264 -13.77 8.71 -5.32
C GLY L 264 -13.36 7.77 -4.19
N ILE L 265 -12.16 7.17 -4.29
CA ILE L 265 -11.65 6.24 -3.28
C ILE L 265 -10.94 7.02 -2.18
N TRP L 266 -11.67 7.37 -1.11
CA TRP L 266 -11.13 8.18 -0.03
C TRP L 266 -10.74 7.34 1.19
N ARG L 267 -11.12 6.06 1.21
CA ARG L 267 -11.00 5.20 2.37
C ARG L 267 -10.49 3.85 1.91
N ASN L 268 -9.60 3.25 2.71
CA ASN L 268 -9.18 1.86 2.62
C ASN L 268 -10.25 0.96 3.24
N LEU L 269 -10.80 0.03 2.45
CA LEU L 269 -11.80 -0.92 2.92
C LEU L 269 -11.19 -2.33 3.09
N TRP L 270 -9.93 -2.50 2.66
CA TRP L 270 -9.25 -3.79 2.77
C TRP L 270 -7.77 -3.64 2.48
N ALA L 271 -6.95 -4.48 3.13
CA ALA L 271 -5.51 -4.42 2.91
C ALA L 271 -5.02 -5.57 2.04
N ASP L 272 -5.67 -6.72 2.15
CA ASP L 272 -5.12 -7.94 1.61
C ASP L 272 -5.94 -8.35 0.37
N ASN L 273 -5.43 -8.11 -0.86
CA ASN L 273 -6.24 -8.33 -2.06
C ASN L 273 -6.37 -9.82 -2.37
N GLU L 274 -5.43 -10.63 -1.91
CA GLU L 274 -5.53 -12.07 -2.09
C GLU L 274 -6.69 -12.63 -1.27
N GLU L 275 -6.83 -12.21 -0.01
CA GLU L 275 -7.95 -12.64 0.82
C GLU L 275 -9.25 -12.09 0.22
N LEU L 276 -9.26 -10.82 -0.17
CA LEU L 276 -10.46 -10.21 -0.76
C LEU L 276 -10.92 -11.04 -1.95
N GLY L 277 -9.96 -11.35 -2.84
CA GLY L 277 -10.26 -11.99 -4.12
C GLY L 277 -10.76 -13.42 -3.93
N ALA L 278 -10.11 -14.16 -3.04
CA ALA L 278 -10.58 -15.51 -2.72
C ALA L 278 -11.94 -15.45 -2.04
N HIS L 279 -12.16 -14.46 -1.16
CA HIS L 279 -13.44 -14.33 -0.49
C HIS L 279 -14.55 -14.04 -1.50
N ALA L 280 -14.28 -13.13 -2.44
CA ALA L 280 -15.25 -12.74 -3.47
C ALA L 280 -15.54 -13.90 -4.44
N ASN L 281 -14.49 -14.61 -4.86
CA ASN L 281 -14.69 -15.76 -5.74
C ASN L 281 -15.63 -16.77 -5.08
N ALA L 282 -15.36 -17.12 -3.81
CA ALA L 282 -16.22 -18.04 -3.05
C ALA L 282 -17.63 -17.46 -2.87
N PHE L 283 -17.73 -16.18 -2.51
CA PHE L 283 -19.03 -15.55 -2.32
C PHE L 283 -19.94 -15.79 -3.52
N ILE L 284 -19.44 -15.45 -4.71
CA ILE L 284 -20.22 -15.53 -5.94
C ILE L 284 -20.55 -16.99 -6.26
N ARG L 285 -19.54 -17.86 -6.23
CA ARG L 285 -19.76 -19.26 -6.62
C ARG L 285 -20.72 -19.95 -5.65
N ASP L 286 -20.57 -19.71 -4.35
CA ASP L 286 -21.39 -20.37 -3.35
C ASP L 286 -22.85 -19.87 -3.47
N LYS L 287 -23.01 -18.60 -3.84
CA LYS L 287 -24.34 -18.03 -4.03
C LYS L 287 -24.99 -18.75 -5.22
N LEU L 288 -24.25 -18.93 -6.31
CA LEU L 288 -24.81 -19.56 -7.50
C LEU L 288 -25.15 -21.02 -7.21
N THR L 289 -24.32 -21.72 -6.41
CA THR L 289 -24.61 -23.09 -6.04
C THR L 289 -25.93 -23.17 -5.29
N ALA L 290 -26.13 -22.28 -4.31
CA ALA L 290 -27.36 -22.25 -3.53
C ALA L 290 -28.58 -21.93 -4.42
N ILE L 291 -28.45 -20.94 -5.32
CA ILE L 291 -29.59 -20.46 -6.11
C ILE L 291 -30.03 -21.57 -7.07
N LYS L 292 -29.08 -22.39 -7.54
CA LYS L 292 -29.37 -23.51 -8.42
C LYS L 292 -30.39 -24.45 -7.75
N THR L 293 -30.33 -24.60 -6.43
CA THR L 293 -31.19 -25.55 -5.72
C THR L 293 -32.65 -25.08 -5.73
N ILE L 294 -32.92 -23.78 -5.93
CA ILE L 294 -34.25 -23.25 -5.70
C ILE L 294 -35.22 -23.81 -6.75
N GLU L 295 -34.78 -23.89 -8.01
CA GLU L 295 -35.62 -24.32 -9.10
C GLU L 295 -35.98 -25.80 -8.97
N LEU L 296 -35.16 -26.57 -8.23
CA LEU L 296 -35.29 -28.01 -8.11
C LEU L 296 -36.35 -28.40 -7.08
N HIS L 297 -36.75 -27.46 -6.23
CA HIS L 297 -37.58 -27.76 -5.07
C HIS L 297 -38.75 -26.76 -4.99
N MET M 9 -80.55 18.63 -43.76
CA MET M 9 -79.39 19.12 -42.95
C MET M 9 -79.23 18.29 -41.67
N LYS M 10 -78.03 17.75 -41.49
CA LYS M 10 -77.68 16.91 -40.36
C LYS M 10 -76.88 17.73 -39.36
N ILE M 11 -77.33 17.76 -38.11
CA ILE M 11 -76.61 18.45 -37.05
C ILE M 11 -75.68 17.43 -36.39
N GLY M 12 -74.36 17.65 -36.47
CA GLY M 12 -73.35 16.69 -36.04
C GLY M 12 -72.43 17.19 -34.91
N CYS M 13 -71.65 16.23 -34.37
CA CYS M 13 -70.68 16.48 -33.33
C CYS M 13 -69.38 15.77 -33.67
N HIS M 14 -68.26 16.49 -33.53
CA HIS M 14 -66.92 15.97 -33.73
C HIS M 14 -66.59 15.01 -32.58
N GLY M 15 -65.84 13.94 -32.91
CA GLY M 15 -65.51 12.84 -32.02
C GLY M 15 -64.74 13.31 -30.78
N LEU M 16 -63.95 14.36 -30.93
CA LEU M 16 -63.04 14.77 -29.87
C LEU M 16 -63.74 15.58 -28.78
N VAL M 17 -65.05 15.80 -28.94
CA VAL M 17 -65.81 16.25 -27.80
C VAL M 17 -65.80 15.16 -26.73
N TRP M 18 -65.73 13.89 -27.17
CA TRP M 18 -66.07 12.75 -26.33
C TRP M 18 -64.84 11.93 -25.89
N THR M 19 -63.94 11.66 -26.84
CA THR M 19 -62.74 10.87 -26.59
C THR M 19 -61.63 11.29 -27.55
N GLY M 20 -60.38 10.98 -27.18
CA GLY M 20 -59.23 11.17 -28.07
C GLY M 20 -58.70 9.85 -28.63
N HIS M 21 -59.35 8.72 -28.31
CA HIS M 21 -58.89 7.40 -28.76
C HIS M 21 -60.06 6.62 -29.38
N PHE M 22 -59.94 6.27 -30.67
CA PHE M 22 -61.05 5.65 -31.40
C PHE M 22 -60.79 4.16 -31.61
N ASP M 23 -60.50 3.48 -30.50
CA ASP M 23 -60.58 2.03 -30.43
C ASP M 23 -62.05 1.67 -30.37
N ALA M 24 -62.35 0.37 -30.26
CA ALA M 24 -63.73 -0.10 -30.20
C ALA M 24 -64.52 0.64 -29.12
N GLU M 25 -63.90 0.82 -27.93
CA GLU M 25 -64.61 1.39 -26.80
C GLU M 25 -64.90 2.87 -27.07
N GLY M 26 -63.90 3.58 -27.61
CA GLY M 26 -64.05 5.00 -27.93
C GLY M 26 -65.13 5.24 -28.98
N ILE M 27 -65.21 4.33 -29.97
CA ILE M 27 -66.16 4.45 -31.05
C ILE M 27 -67.57 4.35 -30.48
N ARG M 28 -67.78 3.33 -29.66
CA ARG M 28 -69.08 3.11 -29.07
C ARG M 28 -69.46 4.28 -28.17
N TYR M 29 -68.51 4.72 -27.34
CA TYR M 29 -68.69 5.84 -26.44
C TYR M 29 -69.07 7.12 -27.21
N SER M 30 -68.32 7.44 -28.27
CA SER M 30 -68.54 8.69 -29.01
C SER M 30 -69.88 8.67 -29.72
N VAL M 31 -70.22 7.56 -30.36
CA VAL M 31 -71.51 7.41 -30.99
C VAL M 31 -72.62 7.60 -29.95
N GLN M 32 -72.54 6.87 -28.84
CA GLN M 32 -73.61 6.94 -27.86
C GLN M 32 -73.80 8.35 -27.32
N LYS M 33 -72.71 9.00 -26.90
CA LYS M 33 -72.80 10.31 -26.27
C LYS M 33 -73.31 11.35 -27.27
N THR M 34 -72.90 11.20 -28.53
CA THR M 34 -73.37 12.07 -29.60
C THR M 34 -74.90 11.97 -29.73
N ARG M 35 -75.46 10.75 -29.69
CA ARG M 35 -76.90 10.52 -29.74
C ARG M 35 -77.59 11.18 -28.55
N GLU M 36 -77.02 11.01 -27.35
CA GLU M 36 -77.64 11.44 -26.12
C GLU M 36 -77.65 12.98 -26.05
N ALA M 37 -76.69 13.60 -26.74
CA ALA M 37 -76.58 15.04 -26.73
C ALA M 37 -77.62 15.66 -27.66
N GLY M 38 -78.19 14.84 -28.57
CA GLY M 38 -79.32 15.26 -29.41
C GLY M 38 -78.95 15.46 -30.89
N PHE M 39 -77.70 15.11 -31.25
CA PHE M 39 -77.18 15.28 -32.59
C PHE M 39 -77.69 14.15 -33.49
N ASP M 40 -77.59 14.41 -34.81
CA ASP M 40 -77.96 13.47 -35.85
C ASP M 40 -76.77 12.68 -36.35
N LEU M 41 -75.54 13.22 -36.18
CA LEU M 41 -74.37 12.71 -36.88
C LEU M 41 -73.13 12.82 -35.99
N VAL M 42 -72.22 11.87 -36.13
CA VAL M 42 -70.93 11.94 -35.47
C VAL M 42 -69.88 12.06 -36.56
N GLU M 43 -68.90 12.92 -36.33
CA GLU M 43 -67.76 13.02 -37.22
C GLU M 43 -66.58 12.29 -36.59
N PHE M 44 -66.15 11.18 -37.20
CA PHE M 44 -64.98 10.46 -36.75
C PHE M 44 -63.71 11.11 -37.28
N PRO M 45 -62.77 11.47 -36.39
CA PRO M 45 -61.43 11.82 -36.86
C PRO M 45 -60.66 10.53 -37.18
N LEU M 46 -60.31 10.34 -38.47
CA LEU M 46 -59.58 9.18 -38.92
C LEU M 46 -58.12 9.54 -39.13
N MET M 47 -57.42 9.86 -38.04
CA MET M 47 -56.01 10.21 -38.12
C MET M 47 -55.19 8.99 -38.60
N ASP M 48 -55.54 7.76 -38.14
CA ASP M 48 -55.00 6.51 -38.65
C ASP M 48 -56.15 5.59 -39.08
N PRO M 49 -56.57 5.65 -40.36
CA PRO M 49 -57.73 4.88 -40.82
C PRO M 49 -57.44 3.42 -41.13
N PHE M 50 -56.14 3.08 -41.13
CA PHE M 50 -55.70 1.71 -41.34
C PHE M 50 -56.15 0.84 -40.15
N SER M 51 -56.19 1.43 -38.95
CA SER M 51 -56.52 0.69 -37.74
C SER M 51 -57.90 1.03 -37.18
N PHE M 52 -58.77 1.69 -37.95
CA PHE M 52 -60.08 2.07 -37.45
C PHE M 52 -61.04 0.87 -37.51
N ASP M 53 -61.72 0.58 -36.38
CA ASP M 53 -62.63 -0.56 -36.26
C ASP M 53 -63.99 -0.27 -36.92
N VAL M 54 -64.05 -0.47 -38.24
CA VAL M 54 -65.22 -0.18 -39.05
C VAL M 54 -66.45 -0.94 -38.54
N GLN M 55 -66.25 -2.21 -38.14
CA GLN M 55 -67.37 -3.07 -37.78
C GLN M 55 -68.06 -2.54 -36.53
N THR M 56 -67.27 -2.16 -35.52
CA THR M 56 -67.82 -1.58 -34.29
C THR M 56 -68.58 -0.30 -34.61
N ALA M 57 -68.04 0.49 -35.54
CA ALA M 57 -68.67 1.74 -35.93
C ALA M 57 -70.04 1.47 -36.53
N LYS M 58 -70.11 0.66 -37.60
CA LYS M 58 -71.37 0.31 -38.24
C LYS M 58 -72.38 -0.14 -37.18
N SER M 59 -71.93 -1.05 -36.31
CA SER M 59 -72.77 -1.59 -35.25
C SER M 59 -73.34 -0.48 -34.36
N ALA M 60 -72.48 0.41 -33.86
CA ALA M 60 -72.89 1.45 -32.93
C ALA M 60 -73.80 2.46 -33.62
N LEU M 61 -73.47 2.85 -34.86
CA LEU M 61 -74.29 3.76 -35.64
C LEU M 61 -75.71 3.19 -35.83
N ALA M 62 -75.79 1.90 -36.18
CA ALA M 62 -77.07 1.20 -36.35
C ALA M 62 -77.85 1.15 -35.04
N GLU M 63 -77.17 0.77 -33.94
CA GLU M 63 -77.76 0.73 -32.60
C GLU M 63 -78.43 2.07 -32.24
N HIS M 64 -77.73 3.19 -32.52
CA HIS M 64 -78.16 4.48 -32.02
C HIS M 64 -78.85 5.31 -33.10
N GLY M 65 -78.93 4.81 -34.34
CA GLY M 65 -79.66 5.50 -35.39
C GLY M 65 -78.99 6.82 -35.80
N LEU M 66 -77.67 6.76 -36.01
CA LEU M 66 -76.86 7.96 -36.17
C LEU M 66 -76.14 7.90 -37.51
N ALA M 67 -76.06 9.03 -38.22
CA ALA M 67 -75.24 9.12 -39.41
C ALA M 67 -73.78 9.39 -39.01
N ALA M 68 -72.85 9.23 -39.95
CA ALA M 68 -71.45 9.44 -39.66
C ALA M 68 -70.77 10.08 -40.86
N SER M 69 -69.78 10.91 -40.55
CA SER M 69 -68.79 11.34 -41.51
C SER M 69 -67.41 11.08 -40.94
N ALA M 70 -66.37 11.40 -41.73
CA ALA M 70 -65.01 11.36 -41.21
C ALA M 70 -64.21 12.56 -41.68
N SER M 71 -63.25 12.99 -40.85
CA SER M 71 -62.30 14.01 -41.24
C SER M 71 -60.91 13.53 -40.89
N LEU M 72 -59.91 14.25 -41.39
CA LEU M 72 -58.53 13.89 -41.09
C LEU M 72 -57.62 15.06 -41.46
N GLY M 73 -56.50 15.18 -40.76
CA GLY M 73 -55.43 16.05 -41.18
C GLY M 73 -54.20 15.22 -41.50
N LEU M 74 -53.54 15.56 -42.61
CA LEU M 74 -52.31 14.89 -42.96
C LEU M 74 -51.18 15.43 -42.08
N SER M 75 -50.04 14.74 -42.16
CA SER M 75 -48.84 15.08 -41.43
C SER M 75 -47.65 15.10 -42.39
N ASP M 76 -46.44 15.23 -41.85
CA ASP M 76 -45.27 15.47 -42.68
C ASP M 76 -45.03 14.26 -43.58
N ALA M 77 -45.29 13.07 -43.03
CA ALA M 77 -45.04 11.82 -43.72
C ALA M 77 -46.04 11.59 -44.85
N THR M 78 -47.17 12.32 -44.82
CA THR M 78 -48.31 12.07 -45.70
C THR M 78 -48.73 13.33 -46.44
N ASP M 79 -47.81 14.27 -46.59
CA ASP M 79 -48.11 15.60 -47.08
C ASP M 79 -48.22 15.56 -48.61
N VAL M 80 -49.46 15.56 -49.12
CA VAL M 80 -49.71 15.53 -50.57
C VAL M 80 -49.30 16.85 -51.23
N SER M 81 -48.86 17.87 -50.47
CA SER M 81 -48.33 19.10 -51.05
C SER M 81 -46.80 19.09 -51.08
N SER M 82 -46.18 17.97 -50.69
CA SER M 82 -44.74 17.80 -50.80
C SER M 82 -44.31 17.74 -52.26
N GLU M 83 -43.02 18.02 -52.52
CA GLU M 83 -42.43 17.85 -53.85
C GLU M 83 -41.83 16.45 -53.98
N ASP M 84 -41.74 15.73 -52.86
CA ASP M 84 -41.19 14.38 -52.84
C ASP M 84 -42.32 13.41 -53.17
N PRO M 85 -42.31 12.71 -54.34
CA PRO M 85 -43.44 11.88 -54.76
C PRO M 85 -43.74 10.70 -53.84
N ALA M 86 -42.74 10.27 -53.06
CA ALA M 86 -42.92 9.18 -52.10
C ALA M 86 -43.78 9.66 -50.93
N VAL M 87 -43.62 10.93 -50.54
CA VAL M 87 -44.43 11.52 -49.49
C VAL M 87 -45.85 11.72 -49.98
N VAL M 88 -46.00 12.31 -51.17
CA VAL M 88 -47.30 12.46 -51.83
C VAL M 88 -48.03 11.12 -51.85
N LYS M 89 -47.33 10.09 -52.30
CA LYS M 89 -47.93 8.78 -52.50
C LYS M 89 -48.45 8.23 -51.17
N ALA M 90 -47.66 8.38 -50.10
CA ALA M 90 -48.05 7.87 -48.79
C ALA M 90 -49.30 8.59 -48.30
N GLY M 91 -49.42 9.88 -48.63
CA GLY M 91 -50.60 10.64 -48.28
C GLY M 91 -51.82 10.19 -49.07
N GLU M 92 -51.63 10.03 -50.38
CA GLU M 92 -52.68 9.60 -51.30
C GLU M 92 -53.22 8.24 -50.86
N GLU M 93 -52.32 7.42 -50.33
CA GLU M 93 -52.60 6.08 -49.83
C GLU M 93 -53.50 6.16 -48.59
N LEU M 94 -53.15 7.09 -47.68
CA LEU M 94 -53.87 7.30 -46.44
C LEU M 94 -55.26 7.87 -46.75
N LEU M 95 -55.30 8.84 -47.65
CA LEU M 95 -56.58 9.38 -48.12
C LEU M 95 -57.47 8.26 -48.68
N ASN M 96 -56.91 7.41 -49.57
CA ASN M 96 -57.69 6.36 -50.21
C ASN M 96 -58.25 5.41 -49.16
N ARG M 97 -57.47 5.08 -48.13
CA ARG M 97 -57.95 4.16 -47.10
C ARG M 97 -59.10 4.79 -46.32
N ALA M 98 -59.01 6.10 -46.05
CA ALA M 98 -60.07 6.78 -45.32
C ALA M 98 -61.36 6.76 -46.13
N VAL M 99 -61.25 6.92 -47.47
CA VAL M 99 -62.39 6.85 -48.37
C VAL M 99 -63.00 5.45 -48.35
N ASP M 100 -62.15 4.42 -48.31
CA ASP M 100 -62.58 3.02 -48.30
C ASP M 100 -63.32 2.75 -46.99
N VAL M 101 -62.81 3.29 -45.86
CA VAL M 101 -63.50 3.15 -44.57
C VAL M 101 -64.89 3.74 -44.65
N LEU M 102 -65.00 4.92 -45.27
CA LEU M 102 -66.27 5.62 -45.35
C LEU M 102 -67.25 4.83 -46.21
N ALA M 103 -66.71 4.21 -47.27
CA ALA M 103 -67.51 3.39 -48.16
C ALA M 103 -68.13 2.25 -47.36
N GLU M 104 -67.32 1.57 -46.55
CA GLU M 104 -67.77 0.47 -45.72
C GLU M 104 -68.81 0.92 -44.70
N LEU M 105 -68.73 2.16 -44.23
CA LEU M 105 -69.67 2.67 -43.23
C LEU M 105 -71.01 3.03 -43.85
N GLY M 106 -71.02 3.21 -45.17
CA GLY M 106 -72.19 3.75 -45.84
C GLY M 106 -72.35 5.25 -45.63
N ALA M 107 -71.23 5.95 -45.41
CA ALA M 107 -71.24 7.38 -45.10
C ALA M 107 -71.05 8.14 -46.38
N THR M 108 -71.38 9.45 -46.42
CA THR M 108 -71.32 10.19 -47.67
C THR M 108 -70.26 11.30 -47.65
N ASP M 109 -69.73 11.67 -46.47
CA ASP M 109 -68.86 12.84 -46.39
C ASP M 109 -67.49 12.51 -45.83
N PHE M 110 -66.48 12.83 -46.64
CA PHE M 110 -65.09 12.93 -46.22
C PHE M 110 -64.67 14.38 -46.31
N CYS M 111 -64.00 14.90 -45.27
CA CYS M 111 -63.51 16.27 -45.26
C CYS M 111 -62.23 16.41 -44.42
N GLY M 112 -61.73 17.65 -44.32
CA GLY M 112 -60.62 17.98 -43.45
C GLY M 112 -59.43 18.54 -44.23
N VAL M 113 -58.26 18.51 -43.60
CA VAL M 113 -57.06 19.07 -44.19
C VAL M 113 -56.33 17.96 -44.96
N ILE M 114 -56.78 17.78 -46.21
CA ILE M 114 -56.38 16.66 -47.04
C ILE M 114 -55.60 17.15 -48.26
N TYR M 115 -55.30 18.45 -48.32
CA TYR M 115 -54.60 19.05 -49.44
C TYR M 115 -53.21 19.50 -49.02
N SER M 116 -52.88 19.29 -47.73
CA SER M 116 -51.58 19.60 -47.16
C SER M 116 -51.44 18.89 -45.82
N ALA M 117 -50.26 18.98 -45.22
CA ALA M 117 -50.13 18.63 -43.82
C ALA M 117 -50.89 19.66 -42.97
N MET M 118 -51.40 19.20 -41.82
CA MET M 118 -52.05 20.12 -40.92
C MET M 118 -51.05 20.48 -39.84
N LYS M 119 -50.35 21.61 -40.02
CA LYS M 119 -49.29 22.01 -39.12
C LYS M 119 -48.90 23.45 -39.40
N LYS M 120 -47.98 23.95 -38.59
CA LYS M 120 -47.39 25.26 -38.80
C LYS M 120 -46.20 25.13 -39.74
N TYR M 121 -46.42 25.49 -41.02
CA TYR M 121 -45.38 25.46 -42.03
C TYR M 121 -44.41 26.57 -41.68
N MET M 122 -43.15 26.40 -42.10
CA MET M 122 -42.12 27.40 -41.91
C MET M 122 -41.71 27.96 -43.27
N GLU M 123 -42.37 27.54 -44.35
CA GLU M 123 -42.03 27.97 -45.71
C GLU M 123 -43.33 28.14 -46.50
N PRO M 124 -43.41 29.05 -47.50
CA PRO M 124 -44.59 29.14 -48.36
C PRO M 124 -44.78 27.86 -49.15
N ALA M 125 -46.01 27.67 -49.66
CA ALA M 125 -46.31 26.58 -50.58
C ALA M 125 -45.54 26.81 -51.88
N THR M 126 -45.30 25.74 -52.64
CA THR M 126 -44.49 25.82 -53.85
C THR M 126 -45.33 25.45 -55.07
N ALA M 127 -44.95 25.93 -56.26
CA ALA M 127 -45.75 25.76 -57.46
C ALA M 127 -45.98 24.27 -57.71
N ALA M 128 -44.89 23.53 -57.60
CA ALA M 128 -44.88 22.10 -57.85
C ALA M 128 -45.65 21.38 -56.75
N GLY M 129 -45.54 21.85 -55.51
CA GLY M 129 -46.23 21.28 -54.35
C GLY M 129 -47.74 21.41 -54.50
N LEU M 130 -48.20 22.59 -54.93
CA LEU M 130 -49.61 22.82 -55.18
C LEU M 130 -50.13 21.89 -56.28
N ALA M 131 -49.35 21.74 -57.37
CA ALA M 131 -49.78 20.89 -58.48
C ALA M 131 -49.89 19.44 -58.02
N ASN M 132 -48.99 18.99 -57.13
CA ASN M 132 -49.04 17.63 -56.62
C ASN M 132 -50.25 17.48 -55.70
N SER M 133 -50.53 18.49 -54.87
CA SER M 133 -51.70 18.49 -54.00
C SER M 133 -52.97 18.29 -54.83
N LYS M 134 -53.14 19.11 -55.87
CA LYS M 134 -54.35 19.10 -56.68
C LYS M 134 -54.54 17.76 -57.39
N ALA M 135 -53.46 17.26 -58.00
CA ALA M 135 -53.50 16.02 -58.75
C ALA M 135 -53.95 14.90 -57.82
N ALA M 136 -53.33 14.84 -56.64
CA ALA M 136 -53.60 13.79 -55.68
C ALA M 136 -55.04 13.87 -55.17
N VAL M 137 -55.52 15.10 -54.92
CA VAL M 137 -56.86 15.32 -54.40
C VAL M 137 -57.86 14.99 -55.51
N GLY M 138 -57.55 15.38 -56.75
CA GLY M 138 -58.34 15.00 -57.91
C GLY M 138 -58.57 13.49 -58.00
N ARG M 139 -57.48 12.71 -57.84
CA ARG M 139 -57.56 11.26 -57.95
C ARG M 139 -58.42 10.72 -56.83
N VAL M 140 -58.26 11.29 -55.62
CA VAL M 140 -58.98 10.83 -54.44
C VAL M 140 -60.46 11.13 -54.61
N ALA M 141 -60.76 12.33 -55.12
CA ALA M 141 -62.11 12.72 -55.45
C ALA M 141 -62.76 11.77 -56.47
N ASP M 142 -62.01 11.35 -57.49
CA ASP M 142 -62.54 10.56 -58.57
C ASP M 142 -62.96 9.19 -58.05
N ARG M 143 -62.07 8.63 -57.26
CA ARG M 143 -62.28 7.35 -56.62
C ARG M 143 -63.44 7.48 -55.66
N ALA M 144 -63.47 8.58 -54.90
CA ALA M 144 -64.54 8.79 -53.93
C ALA M 144 -65.88 8.93 -54.65
N SER M 145 -65.86 9.56 -55.83
CA SER M 145 -67.07 9.73 -56.64
C SER M 145 -67.68 8.35 -56.95
N ASP M 146 -66.85 7.41 -57.41
CA ASP M 146 -67.33 6.09 -57.79
C ASP M 146 -67.94 5.35 -56.59
N LEU M 147 -67.57 5.74 -55.37
CA LEU M 147 -68.07 5.11 -54.14
C LEU M 147 -69.19 5.94 -53.53
N GLY M 148 -69.61 6.99 -54.22
CA GLY M 148 -70.72 7.80 -53.74
C GLY M 148 -70.35 8.67 -52.53
N ILE M 149 -69.06 9.04 -52.45
CA ILE M 149 -68.53 9.88 -51.37
C ILE M 149 -68.22 11.28 -51.91
N ASN M 150 -68.71 12.28 -51.20
CA ASN M 150 -68.32 13.66 -51.44
C ASN M 150 -67.09 14.01 -50.61
N VAL M 151 -66.18 14.75 -51.25
CA VAL M 151 -64.94 15.20 -50.62
C VAL M 151 -64.96 16.72 -50.50
N SER M 152 -64.77 17.21 -49.27
CA SER M 152 -64.76 18.64 -49.01
C SER M 152 -63.43 19.04 -48.37
N LEU M 153 -62.83 20.13 -48.86
CA LEU M 153 -61.55 20.59 -48.34
C LEU M 153 -61.79 21.60 -47.21
N GLU M 154 -61.26 21.35 -46.00
CA GLU M 154 -61.45 22.26 -44.89
C GLU M 154 -60.43 23.39 -44.98
N VAL M 155 -60.94 24.59 -45.22
CA VAL M 155 -60.17 25.82 -45.17
C VAL M 155 -59.81 26.12 -43.72
N VAL M 156 -58.51 26.23 -43.44
CA VAL M 156 -58.02 26.42 -42.09
C VAL M 156 -57.05 27.61 -42.04
N ASN M 157 -56.71 28.07 -40.83
CA ASN M 157 -55.95 29.28 -40.63
C ASN M 157 -54.47 29.07 -40.97
N ARG M 158 -53.73 30.19 -41.03
CA ARG M 158 -52.37 30.24 -41.55
C ARG M 158 -51.42 29.36 -40.76
N TYR M 159 -51.78 28.99 -39.52
CA TYR M 159 -50.94 28.19 -38.65
C TYR M 159 -51.15 26.69 -38.82
N GLU M 160 -52.14 26.31 -39.63
CA GLU M 160 -52.48 24.90 -39.83
C GLU M 160 -52.32 24.48 -41.29
N THR M 161 -52.23 25.46 -42.19
CA THR M 161 -51.80 25.19 -43.55
C THR M 161 -51.25 26.46 -44.18
N ASN M 162 -50.48 26.26 -45.24
CA ASN M 162 -50.04 27.35 -46.12
C ASN M 162 -50.75 27.29 -47.46
N VAL M 163 -51.77 26.43 -47.62
CA VAL M 163 -52.40 26.28 -48.92
C VAL M 163 -53.74 27.01 -48.96
N LEU M 164 -54.77 26.49 -48.27
CA LEU M 164 -56.11 27.04 -48.35
C LEU M 164 -56.50 27.69 -47.02
N ASN M 165 -56.37 29.03 -46.94
CA ASN M 165 -56.68 29.79 -45.73
C ASN M 165 -58.00 30.57 -45.85
N THR M 166 -58.52 30.75 -47.07
CA THR M 166 -59.78 31.43 -47.27
C THR M 166 -60.68 30.66 -48.23
N GLY M 167 -62.00 30.94 -48.12
CA GLY M 167 -63.00 30.41 -49.03
C GLY M 167 -62.67 30.69 -50.51
N ARG M 168 -62.20 31.91 -50.80
CA ARG M 168 -61.86 32.34 -52.15
C ARG M 168 -60.75 31.46 -52.74
N GLN M 169 -59.69 31.20 -51.95
CA GLN M 169 -58.58 30.36 -52.38
C GLN M 169 -59.07 28.95 -52.67
N ALA M 170 -59.99 28.44 -51.84
CA ALA M 170 -60.49 27.09 -52.04
C ALA M 170 -61.27 27.02 -53.37
N LEU M 171 -62.05 28.06 -53.70
CA LEU M 171 -62.76 28.12 -54.97
C LEU M 171 -61.81 28.03 -56.15
N ALA M 172 -60.71 28.79 -56.11
CA ALA M 172 -59.72 28.80 -57.19
C ALA M 172 -59.04 27.42 -57.31
N TYR M 173 -58.85 26.72 -56.19
CA TYR M 173 -58.28 25.38 -56.18
C TYR M 173 -59.24 24.38 -56.82
N LEU M 174 -60.52 24.44 -56.46
CA LEU M 174 -61.53 23.55 -57.04
C LEU M 174 -61.73 23.83 -58.53
N GLU M 175 -61.56 25.09 -58.96
CA GLU M 175 -61.92 25.51 -60.31
C GLU M 175 -61.09 24.73 -61.32
N GLU M 176 -59.81 24.55 -60.97
CA GLU M 176 -58.88 23.82 -61.81
C GLU M 176 -59.35 22.39 -61.96
N LEU M 177 -59.70 21.77 -60.83
CA LEU M 177 -60.01 20.35 -60.77
C LEU M 177 -61.38 20.04 -61.39
N ASN M 178 -62.34 20.95 -61.21
CA ASN M 178 -63.63 20.84 -61.89
C ASN M 178 -64.20 19.44 -61.71
N ARG M 179 -64.29 18.99 -60.46
CA ARG M 179 -64.87 17.71 -60.09
C ARG M 179 -66.17 17.96 -59.36
N PRO M 180 -67.30 17.36 -59.75
CA PRO M 180 -68.59 17.73 -59.15
C PRO M 180 -68.75 17.34 -57.68
N ASN M 181 -68.01 16.30 -57.23
CA ASN M 181 -68.13 15.85 -55.85
C ASN M 181 -67.09 16.51 -54.92
N LEU M 182 -66.31 17.48 -55.45
CA LEU M 182 -65.30 18.18 -54.67
C LEU M 182 -65.86 19.50 -54.15
N GLY M 183 -65.90 19.64 -52.83
CA GLY M 183 -66.56 20.78 -52.20
C GLY M 183 -65.64 21.58 -51.30
N ILE M 184 -66.20 22.63 -50.71
CA ILE M 184 -65.53 23.43 -49.70
C ILE M 184 -66.18 23.17 -48.34
N HIS M 185 -65.31 23.05 -47.33
CA HIS M 185 -65.67 22.90 -45.93
C HIS M 185 -65.19 24.15 -45.19
N LEU M 186 -66.12 24.94 -44.63
CA LEU M 186 -65.76 26.11 -43.86
C LEU M 186 -65.96 25.81 -42.38
N ASP M 187 -65.11 26.44 -41.57
CA ASP M 187 -65.11 26.31 -40.12
C ASP M 187 -65.14 27.72 -39.51
N THR M 188 -66.18 28.05 -38.74
CA THR M 188 -66.25 29.38 -38.16
C THR M 188 -64.96 29.74 -37.39
N TYR M 189 -64.34 28.78 -36.67
CA TYR M 189 -63.10 29.06 -35.92
C TYR M 189 -61.99 29.60 -36.83
N HIS M 190 -61.83 28.97 -38.01
CA HIS M 190 -60.82 29.38 -38.98
C HIS M 190 -61.21 30.67 -39.68
N MET M 191 -62.51 30.82 -39.98
CA MET M 191 -63.02 31.97 -40.71
C MET M 191 -62.79 33.21 -39.87
N ASN M 192 -62.91 33.03 -38.56
CA ASN M 192 -62.85 34.10 -37.59
C ASN M 192 -61.50 34.81 -37.66
N ILE M 193 -60.47 34.09 -38.13
CA ILE M 193 -59.14 34.64 -38.22
C ILE M 193 -58.94 35.25 -39.61
N GLU M 194 -59.16 34.43 -40.64
CA GLU M 194 -58.69 34.72 -41.99
C GLU M 194 -59.68 35.50 -42.86
N GLU M 195 -61.00 35.41 -42.62
CA GLU M 195 -61.93 35.98 -43.60
C GLU M 195 -62.25 37.42 -43.26
N SER M 196 -62.83 38.08 -44.28
CA SER M 196 -63.20 39.49 -44.18
C SER M 196 -64.40 39.65 -43.23
N ASP M 197 -65.23 38.60 -43.17
CA ASP M 197 -66.48 38.59 -42.40
C ASP M 197 -67.12 37.22 -42.56
N MET M 198 -68.29 37.03 -41.95
CA MET M 198 -68.89 35.71 -41.90
C MET M 198 -69.96 35.50 -42.98
N PHE M 199 -70.26 36.50 -43.83
CA PHE M 199 -71.27 36.33 -44.87
C PHE M 199 -70.67 36.22 -46.27
N SER M 200 -69.67 37.04 -46.60
CA SER M 200 -69.06 37.03 -47.93
C SER M 200 -68.57 35.64 -48.31
N PRO M 201 -67.85 34.91 -47.42
CA PRO M 201 -67.35 33.58 -47.78
C PRO M 201 -68.49 32.63 -48.10
N ILE M 202 -69.60 32.69 -47.34
CA ILE M 202 -70.76 31.88 -47.62
C ILE M 202 -71.34 32.24 -49.00
N LEU M 203 -71.60 33.53 -49.25
CA LEU M 203 -72.22 33.94 -50.51
C LEU M 203 -71.32 33.57 -51.69
N ASP M 204 -70.00 33.76 -51.56
CA ASP M 204 -69.05 33.52 -52.66
C ASP M 204 -68.93 32.03 -52.98
N THR M 205 -69.11 31.20 -51.96
CA THR M 205 -68.75 29.80 -52.01
C THR M 205 -70.01 28.97 -52.17
N ALA M 206 -71.17 29.64 -52.28
CA ALA M 206 -72.50 29.05 -52.16
C ALA M 206 -72.61 27.69 -52.87
N GLU M 207 -72.30 27.69 -54.16
CA GLU M 207 -72.45 26.52 -55.02
C GLU M 207 -71.62 25.36 -54.47
N ALA M 208 -70.44 25.65 -53.91
CA ALA M 208 -69.44 24.63 -53.62
C ALA M 208 -69.38 24.26 -52.14
N LEU M 209 -70.12 24.99 -51.30
CA LEU M 209 -70.06 24.77 -49.86
C LEU M 209 -70.86 23.53 -49.52
N ARG M 210 -70.16 22.52 -48.98
CA ARG M 210 -70.75 21.20 -48.71
C ARG M 210 -70.65 20.75 -47.26
N TYR M 211 -69.87 21.44 -46.41
CA TYR M 211 -69.68 20.97 -45.04
C TYR M 211 -69.31 22.16 -44.17
N VAL M 212 -69.79 22.14 -42.91
CA VAL M 212 -69.60 23.24 -42.00
C VAL M 212 -69.17 22.74 -40.64
N HIS M 213 -68.15 23.40 -40.08
CA HIS M 213 -67.79 23.24 -38.68
C HIS M 213 -68.23 24.49 -37.90
N ILE M 214 -68.94 24.26 -36.78
CA ILE M 214 -69.29 25.29 -35.82
C ILE M 214 -68.33 25.24 -34.63
N GLY M 215 -67.44 26.24 -34.56
CA GLY M 215 -66.43 26.37 -33.51
C GLY M 215 -66.29 27.82 -33.04
N GLU M 216 -66.28 28.02 -31.72
CA GLU M 216 -66.05 29.30 -31.07
C GLU M 216 -64.60 29.71 -31.27
N SER M 217 -64.27 30.98 -31.01
CA SER M 217 -62.99 31.56 -31.43
C SER M 217 -61.82 30.86 -30.73
N HIS M 218 -62.05 30.36 -29.51
CA HIS M 218 -61.06 29.65 -28.72
C HIS M 218 -61.37 28.15 -28.63
N ARG M 219 -62.41 27.71 -29.38
CA ARG M 219 -62.77 26.32 -29.55
C ARG M 219 -63.47 25.76 -28.30
N GLY M 220 -63.94 26.62 -27.40
CA GLY M 220 -64.72 26.21 -26.24
C GLY M 220 -66.24 26.32 -26.46
N TYR M 221 -66.95 26.79 -25.43
CA TYR M 221 -68.41 26.83 -25.43
C TYR M 221 -68.88 27.82 -26.49
N LEU M 222 -69.88 27.43 -27.26
CA LEU M 222 -70.50 28.32 -28.23
C LEU M 222 -71.10 29.52 -27.49
N GLY M 223 -70.72 30.72 -27.95
CA GLY M 223 -71.30 31.96 -27.47
C GLY M 223 -70.48 32.62 -26.36
N THR M 224 -69.26 32.10 -26.15
CA THR M 224 -68.37 32.57 -25.10
C THR M 224 -67.07 33.11 -25.68
N GLY M 225 -67.09 33.42 -26.97
CA GLY M 225 -65.94 33.99 -27.64
C GLY M 225 -66.35 35.06 -28.63
N SER M 226 -65.54 35.22 -29.68
CA SER M 226 -65.67 36.38 -30.54
C SER M 226 -66.26 36.02 -31.91
N VAL M 227 -66.59 34.74 -32.15
CA VAL M 227 -67.16 34.35 -33.42
C VAL M 227 -68.56 34.97 -33.59
N ASP M 228 -68.78 35.53 -34.79
CA ASP M 228 -70.02 36.17 -35.16
C ASP M 228 -70.96 35.12 -35.79
N PHE M 229 -71.60 34.31 -34.94
CA PHE M 229 -72.44 33.23 -35.44
C PHE M 229 -73.69 33.79 -36.13
N ASP M 230 -74.17 34.95 -35.66
CA ASP M 230 -75.42 35.50 -36.16
C ASP M 230 -75.26 35.79 -37.65
N THR M 231 -74.19 36.49 -38.04
CA THR M 231 -74.00 36.76 -39.46
C THR M 231 -73.87 35.44 -40.20
N PHE M 232 -73.13 34.49 -39.62
CA PHE M 232 -72.81 33.27 -40.33
C PHE M 232 -74.10 32.51 -40.64
N PHE M 233 -74.93 32.28 -39.62
CA PHE M 233 -76.15 31.49 -39.81
C PHE M 233 -77.17 32.25 -40.65
N LYS M 234 -77.22 33.57 -40.55
CA LYS M 234 -78.13 34.31 -41.44
C LYS M 234 -77.71 34.14 -42.90
N ALA M 235 -76.39 34.07 -43.14
CA ALA M 235 -75.88 33.90 -44.49
C ALA M 235 -76.15 32.48 -44.99
N LEU M 236 -75.97 31.46 -44.13
CA LEU M 236 -76.33 30.08 -44.46
C LEU M 236 -77.78 30.00 -44.90
N GLY M 237 -78.66 30.63 -44.10
CA GLY M 237 -80.09 30.70 -44.39
C GLY M 237 -80.35 31.28 -45.78
N ARG M 238 -79.67 32.39 -46.07
CA ARG M 238 -79.88 33.10 -47.31
C ARG M 238 -79.54 32.24 -48.53
N ILE M 239 -78.53 31.36 -48.47
CA ILE M 239 -78.15 30.57 -49.65
C ILE M 239 -78.85 29.20 -49.65
N GLY M 240 -79.72 28.93 -48.67
CA GLY M 240 -80.39 27.63 -48.56
C GLY M 240 -79.42 26.45 -48.36
N TYR M 241 -78.40 26.64 -47.50
CA TYR M 241 -77.41 25.58 -47.28
C TYR M 241 -78.15 24.40 -46.65
N ASP M 242 -77.80 23.17 -47.08
CA ASP M 242 -78.46 21.98 -46.57
C ASP M 242 -77.48 20.85 -46.24
N GLY M 243 -76.16 21.11 -46.26
CA GLY M 243 -75.19 20.09 -45.88
C GLY M 243 -75.04 19.96 -44.36
N PRO M 244 -74.13 19.09 -43.87
CA PRO M 244 -73.91 18.96 -42.43
C PRO M 244 -73.42 20.24 -41.74
N VAL M 245 -73.88 20.40 -40.50
CA VAL M 245 -73.44 21.45 -39.60
C VAL M 245 -72.98 20.77 -38.34
N VAL M 246 -71.66 20.80 -38.07
CA VAL M 246 -71.05 19.92 -37.09
C VAL M 246 -70.29 20.76 -36.07
N PHE M 247 -70.64 20.59 -34.79
CA PHE M 247 -69.92 21.18 -33.68
C PHE M 247 -68.53 20.59 -33.54
N GLU M 248 -67.54 21.44 -33.26
CA GLU M 248 -66.15 21.02 -33.05
C GLU M 248 -65.65 21.83 -31.87
N SER M 249 -65.11 21.12 -30.86
CA SER M 249 -64.60 21.75 -29.65
C SER M 249 -63.46 20.93 -29.04
N PHE M 250 -62.45 21.63 -28.53
CA PHE M 250 -61.26 21.00 -27.98
C PHE M 250 -60.93 21.59 -26.62
N SER M 251 -60.63 20.68 -25.69
CA SER M 251 -60.19 21.02 -24.35
C SER M 251 -59.11 20.03 -23.87
N SER M 252 -58.23 20.55 -23.00
CA SER M 252 -57.19 19.73 -22.41
C SER M 252 -57.80 18.67 -21.50
N SER M 253 -59.12 18.72 -21.25
CA SER M 253 -59.83 17.64 -20.55
C SER M 253 -59.90 16.35 -21.37
N VAL M 254 -59.92 16.47 -22.70
CA VAL M 254 -60.05 15.30 -23.54
C VAL M 254 -58.98 15.43 -24.61
N VAL M 255 -58.00 14.54 -24.50
CA VAL M 255 -56.73 14.64 -25.19
C VAL M 255 -56.64 13.51 -26.20
N ALA M 256 -56.32 13.86 -27.44
CA ALA M 256 -55.84 12.88 -28.40
C ALA M 256 -54.32 13.03 -28.44
N PRO M 257 -53.55 11.91 -28.37
CA PRO M 257 -52.08 12.00 -28.26
C PRO M 257 -51.44 12.90 -29.33
N ASP M 258 -51.90 12.77 -30.57
CA ASP M 258 -51.34 13.55 -31.66
C ASP M 258 -52.12 14.84 -31.86
N LEU M 259 -53.45 14.73 -31.98
CA LEU M 259 -54.26 15.82 -32.51
C LEU M 259 -54.29 17.02 -31.56
N SER M 260 -54.31 16.77 -30.24
CA SER M 260 -54.33 17.82 -29.24
C SER M 260 -53.07 18.68 -29.27
N ARG M 261 -51.94 18.06 -29.62
CA ARG M 261 -50.68 18.78 -29.73
C ARG M 261 -50.64 19.54 -31.07
N MET M 262 -51.11 18.89 -32.13
CA MET M 262 -51.14 19.51 -33.45
C MET M 262 -52.01 20.77 -33.46
N LEU M 263 -53.11 20.80 -32.69
CA LEU M 263 -54.04 21.92 -32.75
C LEU M 263 -53.73 22.95 -31.66
N GLY M 264 -52.79 22.60 -30.77
CA GLY M 264 -52.32 23.53 -29.78
C GLY M 264 -53.34 23.75 -28.68
N ILE M 265 -53.87 22.65 -28.16
CA ILE M 265 -54.89 22.71 -27.13
C ILE M 265 -54.19 22.70 -25.77
N TRP M 266 -53.79 23.90 -25.28
CA TRP M 266 -52.98 24.02 -24.07
C TRP M 266 -53.88 24.23 -22.86
N ARG M 267 -55.10 24.72 -23.11
CA ARG M 267 -55.96 25.21 -22.05
C ARG M 267 -57.18 24.30 -21.89
N ASN M 268 -57.71 24.28 -20.67
CA ASN M 268 -58.96 23.64 -20.35
C ASN M 268 -60.10 24.64 -20.55
N LEU M 269 -60.91 24.46 -21.62
CA LEU M 269 -62.03 25.35 -21.92
C LEU M 269 -63.35 24.77 -21.43
N TRP M 270 -63.33 23.53 -20.93
CA TRP M 270 -64.50 22.85 -20.41
C TRP M 270 -64.10 21.52 -19.80
N ALA M 271 -64.87 21.08 -18.79
CA ALA M 271 -64.68 19.78 -18.14
C ALA M 271 -65.85 18.83 -18.41
N ASP M 272 -67.07 19.36 -18.59
CA ASP M 272 -68.26 18.52 -18.65
C ASP M 272 -68.76 18.42 -20.09
N ASN M 273 -68.34 17.38 -20.81
CA ASN M 273 -68.58 17.35 -22.25
C ASN M 273 -70.05 17.07 -22.55
N GLU M 274 -70.78 16.48 -21.59
CA GLU M 274 -72.20 16.19 -21.79
C GLU M 274 -72.98 17.50 -21.80
N GLU M 275 -72.67 18.42 -20.88
CA GLU M 275 -73.29 19.74 -20.85
C GLU M 275 -72.89 20.53 -22.10
N LEU M 276 -71.59 20.51 -22.45
CA LEU M 276 -71.07 21.18 -23.64
C LEU M 276 -71.85 20.75 -24.88
N GLY M 277 -71.95 19.42 -25.08
CA GLY M 277 -72.57 18.82 -26.26
C GLY M 277 -74.06 19.11 -26.37
N ALA M 278 -74.80 18.99 -25.26
CA ALA M 278 -76.22 19.34 -25.24
C ALA M 278 -76.38 20.80 -25.59
N HIS M 279 -75.51 21.63 -24.98
CA HIS M 279 -75.57 23.07 -25.15
C HIS M 279 -75.32 23.43 -26.61
N ALA M 280 -74.31 22.81 -27.22
CA ALA M 280 -73.94 23.05 -28.61
C ALA M 280 -75.05 22.63 -29.56
N ASN M 281 -75.64 21.45 -29.35
CA ASN M 281 -76.74 20.94 -30.17
C ASN M 281 -77.90 21.96 -30.15
N ALA M 282 -78.27 22.42 -28.97
CA ALA M 282 -79.36 23.37 -28.83
C ALA M 282 -78.96 24.71 -29.46
N PHE M 283 -77.71 25.13 -29.28
CA PHE M 283 -77.26 26.40 -29.82
C PHE M 283 -77.53 26.41 -31.32
N ILE M 284 -77.09 25.34 -31.99
CA ILE M 284 -77.11 25.28 -33.44
C ILE M 284 -78.56 25.15 -33.91
N ARG M 285 -79.30 24.24 -33.28
CA ARG M 285 -80.67 23.95 -33.70
C ARG M 285 -81.56 25.17 -33.48
N ASP M 286 -81.40 25.85 -32.33
CA ASP M 286 -82.24 27.00 -32.03
C ASP M 286 -81.88 28.18 -32.95
N LYS M 287 -80.61 28.24 -33.38
CA LYS M 287 -80.19 29.31 -34.26
C LYS M 287 -80.84 29.11 -35.63
N LEU M 288 -80.87 27.85 -36.09
CA LEU M 288 -81.49 27.50 -37.36
C LEU M 288 -82.98 27.82 -37.32
N THR M 289 -83.62 27.43 -36.22
CA THR M 289 -85.03 27.73 -35.99
C THR M 289 -85.28 29.23 -36.13
N ALA M 290 -84.49 30.05 -35.41
CA ALA M 290 -84.72 31.49 -35.44
C ALA M 290 -84.52 32.06 -36.85
N ILE M 291 -83.49 31.57 -37.58
CA ILE M 291 -83.15 32.12 -38.89
C ILE M 291 -84.24 31.81 -39.90
N LYS M 292 -84.86 30.63 -39.82
CA LYS M 292 -86.02 30.23 -40.61
C LYS M 292 -87.11 31.29 -40.60
N THR M 293 -87.32 31.93 -39.44
CA THR M 293 -88.40 32.89 -39.29
C THR M 293 -88.12 34.20 -40.03
N ILE M 294 -86.85 34.49 -40.36
CA ILE M 294 -86.49 35.75 -41.00
C ILE M 294 -87.19 35.88 -42.36
N GLU M 295 -87.23 34.82 -43.17
CA GLU M 295 -87.81 34.93 -44.51
C GLU M 295 -89.33 35.15 -44.49
N LEU M 296 -89.99 34.88 -43.36
CA LEU M 296 -91.43 35.07 -43.22
C LEU M 296 -91.79 36.51 -42.88
N HIS M 297 -90.80 37.32 -42.49
CA HIS M 297 -91.07 38.64 -41.91
C HIS M 297 -90.26 39.73 -42.65
N MET N 9 -50.25 59.19 -24.27
CA MET N 9 -50.45 58.01 -25.15
C MET N 9 -49.73 58.26 -26.47
N LYS N 10 -48.85 57.33 -26.85
CA LYS N 10 -48.16 57.43 -28.13
C LYS N 10 -48.83 56.47 -29.11
N ILE N 11 -49.13 56.96 -30.32
CA ILE N 11 -49.71 56.15 -31.37
C ILE N 11 -48.58 55.72 -32.29
N GLY N 12 -48.39 54.41 -32.43
CA GLY N 12 -47.15 53.85 -32.95
C GLY N 12 -47.38 52.94 -34.14
N CYS N 13 -46.28 52.61 -34.82
CA CYS N 13 -46.32 51.73 -35.99
C CYS N 13 -45.18 50.74 -35.89
N HIS N 14 -45.46 49.48 -36.23
CA HIS N 14 -44.49 48.41 -36.13
C HIS N 14 -43.61 48.48 -37.37
N GLY N 15 -42.32 48.20 -37.20
CA GLY N 15 -41.33 48.36 -38.26
C GLY N 15 -41.60 47.51 -39.50
N LEU N 16 -42.22 46.33 -39.33
CA LEU N 16 -42.44 45.39 -40.43
C LEU N 16 -43.54 45.87 -41.38
N VAL N 17 -44.16 47.01 -41.08
CA VAL N 17 -45.01 47.65 -42.07
C VAL N 17 -44.15 48.13 -43.23
N TRP N 18 -42.90 48.51 -42.92
CA TRP N 18 -42.06 49.29 -43.82
C TRP N 18 -40.94 48.47 -44.46
N THR N 19 -40.23 47.65 -43.65
CA THR N 19 -39.09 46.86 -44.11
C THR N 19 -38.95 45.58 -43.29
N GLY N 20 -38.30 44.56 -43.89
CA GLY N 20 -37.98 43.30 -43.21
C GLY N 20 -36.53 43.20 -42.70
N HIS N 21 -35.74 44.26 -42.93
CA HIS N 21 -34.30 44.25 -42.67
C HIS N 21 -33.88 45.54 -41.98
N PHE N 22 -33.43 45.42 -40.72
CA PHE N 22 -33.09 46.58 -39.91
C PHE N 22 -31.58 46.81 -39.88
N ASP N 23 -31.00 46.90 -41.09
CA ASP N 23 -29.71 47.52 -41.32
C ASP N 23 -29.88 49.04 -41.22
N ALA N 24 -28.79 49.80 -41.41
CA ALA N 24 -28.85 51.24 -41.28
C ALA N 24 -29.89 51.82 -42.24
N GLU N 25 -29.97 51.31 -43.47
CA GLU N 25 -30.92 51.86 -44.43
C GLU N 25 -32.35 51.59 -43.96
N GLY N 26 -32.61 50.33 -43.56
CA GLY N 26 -33.91 49.92 -43.05
C GLY N 26 -34.38 50.73 -41.85
N ILE N 27 -33.45 51.03 -40.92
CA ILE N 27 -33.74 51.81 -39.73
C ILE N 27 -34.17 53.22 -40.12
N ARG N 28 -33.41 53.87 -41.00
CA ARG N 28 -33.73 55.22 -41.47
C ARG N 28 -35.05 55.24 -42.24
N TYR N 29 -35.24 54.23 -43.10
CA TYR N 29 -36.42 54.12 -43.94
C TYR N 29 -37.67 53.97 -43.08
N SER N 30 -37.62 53.05 -42.11
CA SER N 30 -38.78 52.75 -41.28
C SER N 30 -39.13 53.96 -40.42
N VAL N 31 -38.10 54.64 -39.89
CA VAL N 31 -38.32 55.81 -39.06
C VAL N 31 -39.02 56.90 -39.89
N GLN N 32 -38.52 57.15 -41.10
CA GLN N 32 -39.03 58.24 -41.93
C GLN N 32 -40.49 57.97 -42.31
N LYS N 33 -40.77 56.76 -42.81
CA LYS N 33 -42.11 56.40 -43.27
C LYS N 33 -43.13 56.48 -42.12
N THR N 34 -42.72 56.06 -40.92
CA THR N 34 -43.56 56.10 -39.74
C THR N 34 -43.98 57.53 -39.45
N ARG N 35 -43.02 58.47 -39.52
CA ARG N 35 -43.28 59.88 -39.27
C ARG N 35 -44.24 60.41 -40.35
N GLU N 36 -44.02 60.02 -41.62
CA GLU N 36 -44.78 60.53 -42.75
C GLU N 36 -46.23 60.06 -42.68
N ALA N 37 -46.44 58.87 -42.10
CA ALA N 37 -47.76 58.28 -42.01
C ALA N 37 -48.57 58.94 -40.89
N GLY N 38 -47.88 59.67 -39.99
CA GLY N 38 -48.55 60.48 -38.98
C GLY N 38 -48.38 59.94 -37.55
N PHE N 39 -47.51 58.95 -37.36
CA PHE N 39 -47.37 58.29 -36.06
C PHE N 39 -46.45 59.07 -35.12
N ASP N 40 -46.54 58.77 -33.82
CA ASP N 40 -45.69 59.34 -32.79
C ASP N 40 -44.47 58.46 -32.52
N LEU N 41 -44.53 57.18 -32.91
CA LEU N 41 -43.61 56.19 -32.39
C LEU N 41 -43.39 55.07 -33.41
N VAL N 42 -42.19 54.50 -33.39
CA VAL N 42 -41.87 53.32 -34.16
C VAL N 42 -41.48 52.20 -33.19
N GLU N 43 -41.93 50.98 -33.49
CA GLU N 43 -41.56 49.79 -32.73
C GLU N 43 -40.56 49.00 -33.57
N PHE N 44 -39.32 48.88 -33.07
CA PHE N 44 -38.28 48.14 -33.76
C PHE N 44 -38.38 46.67 -33.36
N PRO N 45 -38.48 45.74 -34.34
CA PRO N 45 -38.33 44.32 -34.06
C PRO N 45 -36.83 44.02 -33.94
N LEU N 46 -36.40 43.74 -32.70
CA LEU N 46 -35.02 43.37 -32.40
C LEU N 46 -34.88 41.86 -32.37
N MET N 47 -35.06 41.20 -33.52
CA MET N 47 -34.92 39.76 -33.58
C MET N 47 -33.45 39.42 -33.32
N ASP N 48 -32.53 40.25 -33.83
CA ASP N 48 -31.11 40.18 -33.52
C ASP N 48 -30.63 41.54 -33.01
N PRO N 49 -30.66 41.79 -31.68
CA PRO N 49 -30.21 43.07 -31.12
C PRO N 49 -28.70 43.24 -31.01
N PHE N 50 -27.94 42.17 -31.25
CA PHE N 50 -26.49 42.24 -31.26
C PHE N 50 -26.01 43.03 -32.47
N SER N 51 -26.73 42.95 -33.59
CA SER N 51 -26.34 43.61 -34.82
C SER N 51 -27.22 44.82 -35.14
N PHE N 52 -27.98 45.32 -34.16
CA PHE N 52 -28.82 46.49 -34.37
C PHE N 52 -27.99 47.78 -34.22
N ASP N 53 -28.00 48.62 -35.28
CA ASP N 53 -27.22 49.86 -35.33
C ASP N 53 -27.90 50.95 -34.49
N VAL N 54 -27.59 50.95 -33.20
CA VAL N 54 -28.19 51.85 -32.23
C VAL N 54 -27.96 53.31 -32.65
N GLN N 55 -26.77 53.62 -33.17
CA GLN N 55 -26.39 55.02 -33.36
C GLN N 55 -27.22 55.63 -34.48
N THR N 56 -27.38 54.89 -35.60
CA THR N 56 -28.21 55.32 -36.71
C THR N 56 -29.65 55.56 -36.22
N ALA N 57 -30.14 54.67 -35.35
CA ALA N 57 -31.50 54.74 -34.84
C ALA N 57 -31.69 56.03 -34.05
N LYS N 58 -30.83 56.26 -33.04
CA LYS N 58 -30.87 57.48 -32.23
C LYS N 58 -30.92 58.70 -33.12
N SER N 59 -30.09 58.69 -34.16
CA SER N 59 -29.92 59.83 -35.04
C SER N 59 -31.22 60.09 -35.80
N ALA N 60 -31.80 59.04 -36.41
CA ALA N 60 -33.02 59.14 -37.20
C ALA N 60 -34.21 59.55 -36.35
N LEU N 61 -34.31 58.97 -35.14
CA LEU N 61 -35.40 59.28 -34.23
C LEU N 61 -35.38 60.77 -33.90
N ALA N 62 -34.19 61.29 -33.55
CA ALA N 62 -34.05 62.70 -33.23
C ALA N 62 -34.43 63.57 -34.44
N GLU N 63 -33.89 63.24 -35.63
CA GLU N 63 -34.22 63.91 -36.89
C GLU N 63 -35.73 64.05 -37.09
N HIS N 64 -36.50 62.98 -36.81
CA HIS N 64 -37.91 62.95 -37.18
C HIS N 64 -38.83 63.20 -35.98
N GLY N 65 -38.25 63.42 -34.79
CA GLY N 65 -39.00 63.77 -33.59
C GLY N 65 -39.88 62.62 -33.08
N LEU N 66 -39.35 61.40 -33.19
CA LEU N 66 -40.13 60.18 -33.05
C LEU N 66 -39.66 59.41 -31.82
N ALA N 67 -40.62 58.88 -31.06
CA ALA N 67 -40.32 57.96 -29.97
C ALA N 67 -40.06 56.57 -30.56
N ALA N 68 -39.50 55.68 -29.73
CA ALA N 68 -39.20 54.31 -30.16
C ALA N 68 -39.42 53.34 -29.02
N SER N 69 -39.87 52.15 -29.41
CA SER N 69 -39.95 51.00 -28.53
C SER N 69 -39.31 49.84 -29.26
N ALA N 70 -39.20 48.69 -28.58
CA ALA N 70 -38.72 47.50 -29.24
C ALA N 70 -39.47 46.27 -28.77
N SER N 71 -39.61 45.31 -29.69
CA SER N 71 -40.22 44.03 -29.40
C SER N 71 -39.35 42.93 -29.98
N LEU N 72 -39.49 41.73 -29.46
CA LEU N 72 -38.91 40.59 -30.14
C LEU N 72 -39.69 39.33 -29.78
N GLY N 73 -39.51 38.30 -30.61
CA GLY N 73 -39.84 36.94 -30.23
C GLY N 73 -38.56 36.09 -30.09
N LEU N 74 -38.47 35.30 -29.02
CA LEU N 74 -37.43 34.31 -28.89
C LEU N 74 -37.66 33.16 -29.86
N SER N 75 -36.63 32.33 -30.05
CA SER N 75 -36.70 31.13 -30.87
C SER N 75 -36.23 29.93 -30.06
N ASP N 76 -36.06 28.80 -30.74
CA ASP N 76 -35.67 27.56 -30.08
C ASP N 76 -34.33 27.70 -29.38
N ALA N 77 -33.37 28.40 -30.02
CA ALA N 77 -32.04 28.58 -29.48
C ALA N 77 -32.05 29.46 -28.22
N THR N 78 -33.12 30.23 -28.01
CA THR N 78 -33.16 31.25 -26.97
C THR N 78 -34.40 31.12 -26.10
N ASP N 79 -34.95 29.90 -26.03
CA ASP N 79 -36.22 29.66 -25.38
C ASP N 79 -36.03 29.64 -23.87
N VAL N 80 -36.40 30.74 -23.20
CA VAL N 80 -36.23 30.83 -21.75
C VAL N 80 -37.21 29.90 -21.03
N SER N 81 -38.10 29.23 -21.77
CA SER N 81 -39.00 28.27 -21.14
C SER N 81 -38.50 26.83 -21.34
N SER N 82 -37.32 26.67 -21.95
CA SER N 82 -36.72 25.36 -22.09
C SER N 82 -36.26 24.85 -20.72
N GLU N 83 -36.13 23.52 -20.61
CA GLU N 83 -35.56 22.84 -19.46
C GLU N 83 -34.05 22.70 -19.58
N ASP N 84 -33.48 23.06 -20.74
CA ASP N 84 -32.04 23.07 -20.95
C ASP N 84 -31.47 24.43 -20.53
N PRO N 85 -30.65 24.51 -19.44
CA PRO N 85 -30.19 25.80 -18.91
C PRO N 85 -29.26 26.60 -19.81
N ALA N 86 -28.61 25.94 -20.76
CA ALA N 86 -27.78 26.64 -21.75
C ALA N 86 -28.66 27.40 -22.74
N VAL N 87 -29.81 26.81 -23.09
CA VAL N 87 -30.78 27.48 -23.95
C VAL N 87 -31.38 28.68 -23.21
N VAL N 88 -31.78 28.49 -21.94
CA VAL N 88 -32.38 29.56 -21.18
C VAL N 88 -31.39 30.72 -21.11
N LYS N 89 -30.12 30.38 -20.84
CA LYS N 89 -29.06 31.35 -20.62
C LYS N 89 -28.87 32.19 -21.88
N ALA N 90 -28.81 31.53 -23.05
CA ALA N 90 -28.67 32.22 -24.32
C ALA N 90 -29.83 33.20 -24.55
N GLY N 91 -31.03 32.80 -24.10
CA GLY N 91 -32.23 33.62 -24.25
C GLY N 91 -32.14 34.86 -23.38
N GLU N 92 -31.75 34.66 -22.10
CA GLU N 92 -31.63 35.74 -21.15
C GLU N 92 -30.55 36.73 -21.61
N GLU N 93 -29.54 36.19 -22.29
CA GLU N 93 -28.47 36.98 -22.85
C GLU N 93 -29.01 37.89 -23.95
N LEU N 94 -29.82 37.31 -24.83
CA LEU N 94 -30.45 38.04 -25.93
C LEU N 94 -31.36 39.14 -25.39
N LEU N 95 -32.19 38.79 -24.41
CA LEU N 95 -33.09 39.74 -23.76
C LEU N 95 -32.32 40.91 -23.17
N ASN N 96 -31.26 40.59 -22.39
CA ASN N 96 -30.45 41.60 -21.71
C ASN N 96 -29.86 42.59 -22.70
N ARG N 97 -29.33 42.12 -23.84
CA ARG N 97 -28.82 42.99 -24.90
C ARG N 97 -29.93 43.87 -25.48
N ALA N 98 -31.15 43.33 -25.66
CA ALA N 98 -32.26 44.13 -26.16
C ALA N 98 -32.62 45.25 -25.17
N VAL N 99 -32.57 44.95 -23.86
CA VAL N 99 -32.83 45.96 -22.85
C VAL N 99 -31.77 47.07 -22.93
N ASP N 100 -30.51 46.66 -23.13
CA ASP N 100 -29.40 47.59 -23.24
C ASP N 100 -29.60 48.48 -24.45
N VAL N 101 -30.02 47.89 -25.58
CA VAL N 101 -30.27 48.66 -26.79
C VAL N 101 -31.26 49.78 -26.47
N LEU N 102 -32.31 49.44 -25.72
CA LEU N 102 -33.35 50.41 -25.42
C LEU N 102 -32.82 51.48 -24.48
N ALA N 103 -31.96 51.09 -23.53
CA ALA N 103 -31.31 52.05 -22.65
C ALA N 103 -30.51 53.07 -23.47
N GLU N 104 -29.70 52.58 -24.42
CA GLU N 104 -28.89 53.42 -25.29
C GLU N 104 -29.78 54.35 -26.13
N LEU N 105 -31.00 53.91 -26.50
CA LEU N 105 -31.90 54.72 -27.31
C LEU N 105 -32.59 55.79 -26.47
N GLY N 106 -32.58 55.60 -25.14
CA GLY N 106 -33.35 56.44 -24.24
C GLY N 106 -34.84 56.08 -24.24
N ALA N 107 -35.19 54.90 -24.78
CA ALA N 107 -36.57 54.41 -24.87
C ALA N 107 -37.01 53.81 -23.54
N THR N 108 -38.30 53.54 -23.40
CA THR N 108 -38.87 53.15 -22.11
C THR N 108 -39.57 51.79 -22.15
N ASP N 109 -39.73 51.22 -23.36
CA ASP N 109 -40.61 50.07 -23.52
C ASP N 109 -39.95 48.93 -24.28
N PHE N 110 -39.87 47.80 -23.58
CA PHE N 110 -39.54 46.53 -24.18
C PHE N 110 -40.79 45.65 -24.08
N CYS N 111 -41.11 44.93 -25.16
CA CYS N 111 -42.28 44.07 -25.14
C CYS N 111 -42.14 42.94 -26.16
N GLY N 112 -43.09 41.99 -26.14
CA GLY N 112 -43.10 40.90 -27.10
C GLY N 112 -43.15 39.53 -26.42
N VAL N 113 -42.75 38.50 -27.17
CA VAL N 113 -42.80 37.14 -26.67
C VAL N 113 -41.42 36.75 -26.12
N ILE N 114 -41.20 37.08 -24.85
CA ILE N 114 -39.89 37.07 -24.22
C ILE N 114 -39.90 36.10 -23.04
N TYR N 115 -41.03 35.40 -22.90
CA TYR N 115 -41.24 34.46 -21.81
C TYR N 115 -41.20 33.06 -22.38
N SER N 116 -41.07 32.92 -23.72
CA SER N 116 -41.02 31.62 -24.37
C SER N 116 -40.54 31.83 -25.79
N ALA N 117 -40.35 30.74 -26.55
CA ALA N 117 -40.12 30.87 -27.98
C ALA N 117 -41.42 31.32 -28.62
N MET N 118 -41.30 31.99 -29.78
CA MET N 118 -42.46 32.42 -30.55
C MET N 118 -42.64 31.43 -31.68
N LYS N 119 -43.47 30.40 -31.44
CA LYS N 119 -43.61 29.33 -32.43
C LYS N 119 -44.80 28.45 -32.06
N LYS N 120 -45.04 27.49 -32.95
CA LYS N 120 -46.02 26.46 -32.70
C LYS N 120 -45.34 25.33 -31.96
N TYR N 121 -45.51 25.30 -30.64
CA TYR N 121 -45.04 24.19 -29.85
C TYR N 121 -45.79 22.93 -30.24
N MET N 122 -45.15 21.79 -29.99
CA MET N 122 -45.73 20.50 -30.27
C MET N 122 -45.94 19.75 -28.96
N GLU N 123 -45.67 20.41 -27.83
CA GLU N 123 -45.85 19.86 -26.50
C GLU N 123 -46.40 20.95 -25.58
N PRO N 124 -47.16 20.61 -24.51
CA PRO N 124 -47.54 21.61 -23.51
C PRO N 124 -46.30 22.12 -22.80
N ALA N 125 -46.44 23.27 -22.12
CA ALA N 125 -45.40 23.80 -21.26
C ALA N 125 -45.23 22.85 -20.07
N THR N 126 -44.02 22.89 -19.50
CA THR N 126 -43.70 22.02 -18.38
C THR N 126 -43.46 22.90 -17.16
N ALA N 127 -43.66 22.33 -15.95
CA ALA N 127 -43.50 23.07 -14.70
C ALA N 127 -42.08 23.64 -14.58
N ALA N 128 -41.06 22.83 -14.90
CA ALA N 128 -39.65 23.23 -14.89
C ALA N 128 -39.38 24.34 -15.91
N GLY N 129 -39.98 24.23 -17.10
CA GLY N 129 -39.84 25.23 -18.14
C GLY N 129 -40.40 26.59 -17.70
N LEU N 130 -41.59 26.54 -17.06
CA LEU N 130 -42.24 27.74 -16.58
C LEU N 130 -41.38 28.38 -15.48
N ALA N 131 -40.79 27.57 -14.60
CA ALA N 131 -39.99 28.12 -13.52
C ALA N 131 -38.76 28.85 -14.08
N ASN N 132 -38.18 28.31 -15.18
CA ASN N 132 -37.03 28.93 -15.81
C ASN N 132 -37.45 30.24 -16.47
N SER N 133 -38.65 30.24 -17.05
CA SER N 133 -39.14 31.41 -17.77
C SER N 133 -39.26 32.55 -16.78
N LYS N 134 -39.95 32.27 -15.67
CA LYS N 134 -40.26 33.25 -14.64
C LYS N 134 -38.99 33.85 -14.04
N ALA N 135 -38.03 32.98 -13.68
CA ALA N 135 -36.79 33.41 -13.05
C ALA N 135 -36.03 34.32 -14.01
N ALA N 136 -35.92 33.90 -15.29
CA ALA N 136 -35.19 34.67 -16.29
C ALA N 136 -35.88 36.01 -16.52
N VAL N 137 -37.21 36.00 -16.61
CA VAL N 137 -37.95 37.20 -16.94
C VAL N 137 -37.85 38.16 -15.76
N GLY N 138 -37.90 37.60 -14.54
CA GLY N 138 -37.69 38.35 -13.30
C GLY N 138 -36.38 39.15 -13.32
N ARG N 139 -35.27 38.47 -13.67
CA ARG N 139 -33.95 39.09 -13.70
C ARG N 139 -33.89 40.13 -14.81
N VAL N 140 -34.49 39.83 -15.98
CA VAL N 140 -34.48 40.76 -17.10
C VAL N 140 -35.22 42.04 -16.71
N ALA N 141 -36.33 41.88 -15.98
CA ALA N 141 -37.15 42.98 -15.52
C ALA N 141 -36.38 43.85 -14.52
N ASP N 142 -35.66 43.21 -13.60
CA ASP N 142 -34.90 43.89 -12.56
C ASP N 142 -33.82 44.76 -13.21
N ARG N 143 -33.13 44.17 -14.19
CA ARG N 143 -32.11 44.87 -14.94
C ARG N 143 -32.73 46.06 -15.65
N ALA N 144 -33.83 45.81 -16.35
CA ALA N 144 -34.56 46.86 -17.06
C ALA N 144 -34.98 47.98 -16.10
N SER N 145 -35.43 47.64 -14.89
CA SER N 145 -35.90 48.59 -13.88
C SER N 145 -34.83 49.62 -13.52
N ASP N 146 -33.61 49.14 -13.25
CA ASP N 146 -32.45 49.98 -12.94
C ASP N 146 -32.17 50.97 -14.08
N LEU N 147 -32.53 50.59 -15.32
CA LEU N 147 -32.32 51.42 -16.50
C LEU N 147 -33.57 52.27 -16.82
N GLY N 148 -34.59 52.21 -15.94
CA GLY N 148 -35.83 52.95 -16.14
C GLY N 148 -36.68 52.44 -17.31
N ILE N 149 -36.58 51.13 -17.61
CA ILE N 149 -37.29 50.51 -18.72
C ILE N 149 -38.43 49.64 -18.19
N ASN N 150 -39.62 49.78 -18.82
CA ASN N 150 -40.73 48.87 -18.57
C ASN N 150 -40.62 47.66 -19.49
N VAL N 151 -40.94 46.49 -18.92
CA VAL N 151 -41.01 45.22 -19.65
C VAL N 151 -42.47 44.75 -19.64
N SER N 152 -43.00 44.54 -20.85
CA SER N 152 -44.37 44.09 -21.07
C SER N 152 -44.41 42.79 -21.89
N LEU N 153 -45.11 41.78 -21.34
CA LEU N 153 -45.20 40.47 -21.96
C LEU N 153 -46.40 40.45 -22.90
N GLU N 154 -46.16 40.14 -24.18
CA GLU N 154 -47.23 40.08 -25.15
C GLU N 154 -47.93 38.71 -25.13
N VAL N 155 -49.20 38.75 -24.72
CA VAL N 155 -50.07 37.59 -24.77
C VAL N 155 -50.35 37.26 -26.23
N VAL N 156 -50.12 36.01 -26.62
CA VAL N 156 -50.29 35.63 -28.00
C VAL N 156 -51.04 34.31 -28.09
N ASN N 157 -51.40 33.91 -29.30
CA ASN N 157 -52.32 32.81 -29.51
C ASN N 157 -51.58 31.48 -29.32
N ARG N 158 -52.37 30.41 -29.32
CA ARG N 158 -51.90 29.06 -29.01
C ARG N 158 -50.87 28.59 -30.01
N TYR N 159 -50.82 29.21 -31.19
CA TYR N 159 -49.95 28.78 -32.27
C TYR N 159 -48.60 29.49 -32.18
N GLU N 160 -48.48 30.43 -31.22
CA GLU N 160 -47.29 31.26 -31.05
C GLU N 160 -46.66 31.12 -29.66
N THR N 161 -47.40 30.63 -28.67
CA THR N 161 -46.80 30.22 -27.42
C THR N 161 -47.71 29.19 -26.78
N ASN N 162 -47.17 28.42 -25.84
CA ASN N 162 -47.95 27.50 -25.04
C ASN N 162 -47.98 27.99 -23.59
N VAL N 163 -47.52 29.22 -23.35
CA VAL N 163 -47.47 29.80 -22.02
C VAL N 163 -48.61 30.81 -21.81
N LEU N 164 -48.45 32.03 -22.34
CA LEU N 164 -49.39 33.10 -22.03
C LEU N 164 -50.30 33.34 -23.22
N ASN N 165 -51.50 32.74 -23.16
CA ASN N 165 -52.44 32.78 -24.27
C ASN N 165 -53.58 33.74 -23.96
N THR N 166 -53.78 34.05 -22.67
CA THR N 166 -54.83 34.98 -22.26
C THR N 166 -54.29 36.00 -21.27
N GLY N 167 -54.96 37.17 -21.22
CA GLY N 167 -54.62 38.20 -20.26
C GLY N 167 -54.65 37.66 -18.83
N ARG N 168 -55.61 36.77 -18.57
CA ARG N 168 -55.76 36.17 -17.24
C ARG N 168 -54.52 35.36 -16.86
N GLN N 169 -54.02 34.52 -17.78
CA GLN N 169 -52.79 33.79 -17.51
C GLN N 169 -51.64 34.75 -17.22
N ALA N 170 -51.54 35.83 -18.01
CA ALA N 170 -50.44 36.78 -17.86
C ALA N 170 -50.49 37.46 -16.48
N LEU N 171 -51.70 37.70 -15.98
CA LEU N 171 -51.81 38.25 -14.64
C LEU N 171 -51.23 37.31 -13.60
N ALA N 172 -51.59 36.02 -13.67
CA ALA N 172 -51.09 35.05 -12.70
C ALA N 172 -49.56 34.94 -12.82
N TYR N 173 -49.00 35.11 -14.02
CA TYR N 173 -47.57 35.04 -14.24
C TYR N 173 -46.89 36.24 -13.58
N LEU N 174 -47.44 37.45 -13.78
CA LEU N 174 -46.93 38.64 -13.12
C LEU N 174 -47.07 38.54 -11.59
N GLU N 175 -48.16 37.99 -11.09
CA GLU N 175 -48.42 37.98 -9.64
C GLU N 175 -47.33 37.22 -8.89
N GLU N 176 -46.79 36.15 -9.49
CA GLU N 176 -45.73 35.37 -8.87
C GLU N 176 -44.46 36.20 -8.78
N LEU N 177 -44.16 36.99 -9.82
CA LEU N 177 -42.91 37.73 -9.92
C LEU N 177 -42.95 39.03 -9.14
N ASN N 178 -44.13 39.61 -8.96
CA ASN N 178 -44.29 40.88 -8.25
C ASN N 178 -43.13 41.84 -8.54
N ARG N 179 -42.91 42.14 -9.83
CA ARG N 179 -42.05 43.23 -10.26
C ARG N 179 -42.90 44.45 -10.63
N PRO N 180 -42.61 45.66 -10.10
CA PRO N 180 -43.47 46.81 -10.37
C PRO N 180 -43.32 47.36 -11.79
N ASN N 181 -42.22 47.04 -12.50
CA ASN N 181 -42.05 47.48 -13.89
C ASN N 181 -42.43 46.38 -14.90
N LEU N 182 -43.08 45.30 -14.45
CA LEU N 182 -43.47 44.21 -15.34
C LEU N 182 -44.95 44.35 -15.69
N GLY N 183 -45.25 44.51 -16.97
CA GLY N 183 -46.63 44.72 -17.39
C GLY N 183 -47.12 43.71 -18.42
N ILE N 184 -48.36 43.93 -18.87
CA ILE N 184 -49.01 43.10 -19.87
C ILE N 184 -49.21 43.88 -21.15
N HIS N 185 -48.89 43.20 -22.25
CA HIS N 185 -49.06 43.68 -23.61
C HIS N 185 -50.13 42.83 -24.29
N LEU N 186 -51.26 43.47 -24.67
CA LEU N 186 -52.35 42.83 -25.40
C LEU N 186 -52.30 43.26 -26.86
N ASP N 187 -52.79 42.35 -27.71
CA ASP N 187 -52.78 42.48 -29.15
C ASP N 187 -54.16 42.02 -29.66
N THR N 188 -54.88 42.92 -30.34
CA THR N 188 -56.25 42.64 -30.73
C THR N 188 -56.34 41.37 -31.60
N TYR N 189 -55.33 41.14 -32.44
CA TYR N 189 -55.24 39.97 -33.30
C TYR N 189 -55.24 38.69 -32.49
N HIS N 190 -54.50 38.69 -31.36
CA HIS N 190 -54.35 37.53 -30.51
C HIS N 190 -55.62 37.35 -29.66
N MET N 191 -56.12 38.48 -29.13
CA MET N 191 -57.32 38.52 -28.31
C MET N 191 -58.50 37.92 -29.09
N ASN N 192 -58.55 38.22 -30.40
CA ASN N 192 -59.66 37.84 -31.26
C ASN N 192 -59.79 36.32 -31.32
N ILE N 193 -58.71 35.60 -31.06
CA ILE N 193 -58.73 34.16 -31.05
C ILE N 193 -59.04 33.65 -29.65
N GLU N 194 -58.26 34.09 -28.65
CA GLU N 194 -58.21 33.37 -27.36
C GLU N 194 -59.18 33.93 -26.31
N GLU N 195 -59.55 35.22 -26.37
CA GLU N 195 -60.29 35.80 -25.25
C GLU N 195 -61.78 35.58 -25.40
N SER N 196 -62.52 35.81 -24.31
CA SER N 196 -63.96 35.68 -24.27
C SER N 196 -64.62 36.82 -25.04
N ASP N 197 -63.95 37.98 -25.08
CA ASP N 197 -64.47 39.20 -25.69
C ASP N 197 -63.38 40.26 -25.59
N MET N 198 -63.63 41.48 -26.08
CA MET N 198 -62.59 42.49 -26.17
C MET N 198 -62.66 43.51 -25.03
N PHE N 199 -63.56 43.37 -24.05
CA PHE N 199 -63.58 44.28 -22.91
C PHE N 199 -63.08 43.62 -21.62
N SER N 200 -63.52 42.38 -21.32
CA SER N 200 -63.18 41.67 -20.10
C SER N 200 -61.67 41.69 -19.87
N PRO N 201 -60.84 41.37 -20.88
CA PRO N 201 -59.39 41.34 -20.70
C PRO N 201 -58.79 42.69 -20.31
N ILE N 202 -59.32 43.78 -20.89
CA ILE N 202 -58.88 45.13 -20.59
C ILE N 202 -59.22 45.45 -19.13
N LEU N 203 -60.47 45.22 -18.74
CA LEU N 203 -60.88 45.45 -17.37
C LEU N 203 -60.02 44.62 -16.40
N ASP N 204 -59.81 43.34 -16.72
CA ASP N 204 -59.13 42.41 -15.82
C ASP N 204 -57.68 42.81 -15.62
N THR N 205 -57.06 43.37 -16.67
CA THR N 205 -55.63 43.63 -16.67
C THR N 205 -55.34 45.11 -16.44
N ALA N 206 -56.36 45.90 -16.11
CA ALA N 206 -56.29 47.36 -16.08
C ALA N 206 -55.00 47.89 -15.43
N GLU N 207 -54.69 47.45 -14.20
CA GLU N 207 -53.53 47.98 -13.50
C GLU N 207 -52.23 47.57 -14.21
N ALA N 208 -52.22 46.40 -14.88
CA ALA N 208 -50.99 45.87 -15.45
C ALA N 208 -50.83 46.15 -16.94
N LEU N 209 -51.84 46.78 -17.57
CA LEU N 209 -51.80 46.90 -19.02
C LEU N 209 -50.93 48.09 -19.37
N ARG N 210 -49.88 47.84 -20.16
CA ARG N 210 -48.82 48.82 -20.39
C ARG N 210 -48.52 48.98 -21.86
N TYR N 211 -49.02 48.08 -22.72
CA TYR N 211 -48.72 48.15 -24.14
C TYR N 211 -49.84 47.46 -24.91
N VAL N 212 -50.11 47.96 -26.14
CA VAL N 212 -51.21 47.48 -26.96
C VAL N 212 -50.79 47.41 -28.42
N HIS N 213 -51.11 46.29 -29.07
CA HIS N 213 -51.01 46.19 -30.51
C HIS N 213 -52.41 46.23 -31.12
N ILE N 214 -52.56 47.00 -32.21
CA ILE N 214 -53.77 47.09 -32.99
C ILE N 214 -53.52 46.34 -34.30
N GLY N 215 -54.14 45.15 -34.42
CA GLY N 215 -54.08 44.31 -35.60
C GLY N 215 -55.46 43.72 -35.89
N GLU N 216 -55.84 43.74 -37.17
CA GLU N 216 -57.07 43.14 -37.67
C GLU N 216 -56.95 41.61 -37.60
N SER N 217 -58.08 40.91 -37.72
CA SER N 217 -58.14 39.47 -37.49
C SER N 217 -57.14 38.72 -38.35
N HIS N 218 -56.97 39.18 -39.59
CA HIS N 218 -56.04 38.57 -40.53
C HIS N 218 -54.75 39.38 -40.71
N ARG N 219 -54.61 40.48 -39.94
CA ARG N 219 -53.38 41.27 -39.82
C ARG N 219 -53.21 42.20 -41.02
N GLY N 220 -54.31 42.49 -41.72
CA GLY N 220 -54.30 43.39 -42.86
C GLY N 220 -54.85 44.78 -42.47
N TYR N 221 -55.54 45.41 -43.44
CA TYR N 221 -56.20 46.70 -43.24
C TYR N 221 -57.15 46.66 -42.05
N LEU N 222 -57.10 47.70 -41.22
CA LEU N 222 -58.00 47.82 -40.08
C LEU N 222 -59.43 48.03 -40.60
N GLY N 223 -60.37 47.25 -40.03
CA GLY N 223 -61.78 47.36 -40.34
C GLY N 223 -62.23 46.43 -41.47
N THR N 224 -61.34 45.53 -41.91
CA THR N 224 -61.60 44.63 -43.04
C THR N 224 -61.64 43.17 -42.60
N GLY N 225 -61.82 42.92 -41.29
CA GLY N 225 -61.82 41.58 -40.73
C GLY N 225 -62.82 41.49 -39.59
N SER N 226 -62.64 40.55 -38.67
CA SER N 226 -63.66 40.31 -37.66
C SER N 226 -63.35 40.89 -36.28
N VAL N 227 -62.26 41.65 -36.09
CA VAL N 227 -61.95 42.17 -34.76
C VAL N 227 -62.98 43.22 -34.39
N ASP N 228 -63.45 43.13 -33.16
CA ASP N 228 -64.38 44.07 -32.57
C ASP N 228 -63.55 45.20 -31.94
N PHE N 229 -63.09 46.12 -32.81
CA PHE N 229 -62.33 47.28 -32.38
C PHE N 229 -63.16 48.17 -31.47
N ASP N 230 -64.46 48.27 -31.75
CA ASP N 230 -65.28 49.22 -31.03
C ASP N 230 -65.32 48.83 -29.56
N THR N 231 -65.66 47.59 -29.24
CA THR N 231 -65.62 47.18 -27.84
C THR N 231 -64.25 47.46 -27.23
N PHE N 232 -63.17 47.12 -27.97
CA PHE N 232 -61.82 47.23 -27.47
C PHE N 232 -61.53 48.67 -27.05
N PHE N 233 -61.74 49.61 -27.99
CA PHE N 233 -61.43 51.01 -27.78
C PHE N 233 -62.33 51.58 -26.69
N LYS N 234 -63.59 51.15 -26.61
CA LYS N 234 -64.46 51.68 -25.58
C LYS N 234 -63.96 51.24 -24.21
N ALA N 235 -63.40 50.02 -24.12
CA ALA N 235 -62.88 49.48 -22.86
C ALA N 235 -61.57 50.18 -22.45
N LEU N 236 -60.69 50.44 -23.43
CA LEU N 236 -59.48 51.22 -23.20
C LEU N 236 -59.84 52.59 -22.63
N GLY N 237 -60.83 53.26 -23.23
CA GLY N 237 -61.31 54.56 -22.75
C GLY N 237 -61.81 54.48 -21.32
N ARG N 238 -62.52 53.39 -21.00
CA ARG N 238 -63.12 53.23 -19.69
C ARG N 238 -62.06 53.08 -18.58
N ILE N 239 -60.92 52.44 -18.85
CA ILE N 239 -59.94 52.22 -17.79
C ILE N 239 -58.90 53.34 -17.80
N GLY N 240 -59.00 54.26 -18.77
CA GLY N 240 -58.11 55.41 -18.85
C GLY N 240 -56.70 55.00 -19.24
N TYR N 241 -56.58 54.02 -20.13
CA TYR N 241 -55.28 53.56 -20.57
C TYR N 241 -54.55 54.71 -21.28
N ASP N 242 -53.25 54.86 -21.01
CA ASP N 242 -52.51 55.96 -21.59
C ASP N 242 -51.16 55.49 -22.11
N GLY N 243 -51.00 54.17 -22.29
CA GLY N 243 -49.73 53.66 -22.77
C GLY N 243 -49.67 53.71 -24.30
N PRO N 244 -48.61 53.15 -24.91
CA PRO N 244 -48.56 53.00 -26.35
C PRO N 244 -49.68 52.14 -26.96
N VAL N 245 -50.04 52.54 -28.18
CA VAL N 245 -51.07 51.93 -29.00
C VAL N 245 -50.52 51.84 -30.42
N VAL N 246 -50.11 50.64 -30.82
CA VAL N 246 -49.22 50.48 -31.96
C VAL N 246 -49.88 49.58 -33.01
N PHE N 247 -49.93 50.09 -34.26
CA PHE N 247 -50.43 49.34 -35.39
C PHE N 247 -49.42 48.29 -35.80
N GLU N 248 -49.92 47.09 -36.12
CA GLU N 248 -49.12 45.93 -36.46
C GLU N 248 -49.83 45.21 -37.63
N SER N 249 -49.11 45.05 -38.75
CA SER N 249 -49.68 44.51 -39.96
C SER N 249 -48.58 43.83 -40.80
N PHE N 250 -48.94 42.69 -41.40
CA PHE N 250 -47.99 41.85 -42.11
C PHE N 250 -48.60 41.39 -43.43
N SER N 251 -47.80 41.48 -44.49
CA SER N 251 -48.17 41.03 -45.83
C SER N 251 -46.97 40.45 -46.56
N SER N 252 -47.25 39.57 -47.54
CA SER N 252 -46.24 38.93 -48.38
C SER N 252 -45.35 39.96 -49.08
N SER N 253 -45.83 41.21 -49.20
CA SER N 253 -45.16 42.29 -49.91
C SER N 253 -43.93 42.77 -49.15
N VAL N 254 -43.94 42.63 -47.82
CA VAL N 254 -42.79 43.03 -47.03
C VAL N 254 -42.39 41.84 -46.18
N VAL N 255 -41.26 41.23 -46.54
CA VAL N 255 -40.85 39.97 -45.97
C VAL N 255 -39.61 40.23 -45.11
N ALA N 256 -39.66 39.74 -43.86
CA ALA N 256 -38.48 39.49 -43.08
C ALA N 256 -38.16 38.01 -43.19
N PRO N 257 -36.91 37.62 -43.54
CA PRO N 257 -36.59 36.22 -43.85
C PRO N 257 -37.04 35.22 -42.79
N ASP N 258 -36.93 35.58 -41.51
CA ASP N 258 -37.29 34.69 -40.40
C ASP N 258 -38.71 34.97 -39.92
N LEU N 259 -39.03 36.25 -39.66
CA LEU N 259 -40.21 36.61 -38.91
C LEU N 259 -41.49 36.34 -39.72
N SER N 260 -41.44 36.59 -41.03
CA SER N 260 -42.62 36.36 -41.85
C SER N 260 -42.97 34.87 -41.89
N ARG N 261 -41.96 34.00 -41.86
CA ARG N 261 -42.18 32.56 -41.78
C ARG N 261 -42.76 32.17 -40.41
N MET N 262 -42.22 32.76 -39.33
CA MET N 262 -42.60 32.40 -37.97
C MET N 262 -44.07 32.77 -37.73
N LEU N 263 -44.52 33.87 -38.36
CA LEU N 263 -45.87 34.38 -38.15
C LEU N 263 -46.87 33.81 -39.17
N GLY N 264 -46.38 33.04 -40.16
CA GLY N 264 -47.20 32.37 -41.15
C GLY N 264 -47.89 33.34 -42.11
N ILE N 265 -47.09 34.26 -42.67
CA ILE N 265 -47.59 35.28 -43.58
C ILE N 265 -47.52 34.76 -45.01
N TRP N 266 -48.57 34.02 -45.42
CA TRP N 266 -48.59 33.33 -46.71
C TRP N 266 -49.27 34.17 -47.80
N ARG N 267 -50.04 35.19 -47.41
CA ARG N 267 -50.98 35.85 -48.31
C ARG N 267 -50.65 37.34 -48.44
N ASN N 268 -51.04 37.94 -49.56
CA ASN N 268 -50.92 39.38 -49.76
C ASN N 268 -52.19 40.07 -49.26
N LEU N 269 -52.07 40.87 -48.20
CA LEU N 269 -53.19 41.59 -47.61
C LEU N 269 -53.12 43.07 -47.97
N TRP N 270 -52.02 43.51 -48.59
CA TRP N 270 -51.83 44.88 -49.03
C TRP N 270 -50.54 45.03 -49.82
N ALA N 271 -50.55 45.96 -50.79
CA ALA N 271 -49.40 46.22 -51.65
C ALA N 271 -48.72 47.54 -51.27
N ASP N 272 -49.51 48.55 -50.87
CA ASP N 272 -49.05 49.93 -50.72
C ASP N 272 -49.05 50.31 -49.23
N ASN N 273 -47.87 50.22 -48.61
CA ASN N 273 -47.76 50.36 -47.16
C ASN N 273 -47.94 51.82 -46.74
N GLU N 274 -47.75 52.77 -47.66
CA GLU N 274 -47.98 54.18 -47.36
C GLU N 274 -49.47 54.45 -47.12
N GLU N 275 -50.32 53.96 -48.03
CA GLU N 275 -51.76 54.06 -47.86
C GLU N 275 -52.18 53.30 -46.59
N LEU N 276 -51.68 52.06 -46.41
CA LEU N 276 -52.01 51.27 -45.23
C LEU N 276 -51.70 52.05 -43.95
N GLY N 277 -50.47 52.59 -43.88
CA GLY N 277 -49.97 53.23 -42.68
C GLY N 277 -50.80 54.45 -42.29
N ALA N 278 -51.09 55.29 -43.30
CA ALA N 278 -51.87 56.50 -43.11
C ALA N 278 -53.29 56.14 -42.69
N HIS N 279 -53.87 55.11 -43.32
CA HIS N 279 -55.19 54.64 -42.97
C HIS N 279 -55.23 54.16 -41.52
N ALA N 280 -54.23 53.35 -41.11
CA ALA N 280 -54.19 52.81 -39.75
C ALA N 280 -54.04 53.91 -38.70
N ASN N 281 -53.14 54.87 -38.97
CA ASN N 281 -52.90 56.00 -38.08
C ASN N 281 -54.20 56.77 -37.87
N ALA N 282 -54.91 57.05 -38.99
CA ALA N 282 -56.20 57.73 -38.95
C ALA N 282 -57.23 56.89 -38.21
N PHE N 283 -57.26 55.57 -38.52
CA PHE N 283 -58.21 54.68 -37.90
C PHE N 283 -58.06 54.75 -36.37
N ILE N 284 -56.83 54.62 -35.88
CA ILE N 284 -56.59 54.60 -34.44
C ILE N 284 -56.91 55.96 -33.82
N ARG N 285 -56.36 57.04 -34.37
CA ARG N 285 -56.54 58.35 -33.76
C ARG N 285 -58.02 58.74 -33.78
N ASP N 286 -58.70 58.49 -34.89
CA ASP N 286 -60.08 58.91 -35.04
C ASP N 286 -60.97 58.08 -34.13
N LYS N 287 -60.58 56.82 -33.88
CA LYS N 287 -61.33 55.98 -32.97
C LYS N 287 -61.19 56.53 -31.56
N LEU N 288 -59.97 56.91 -31.19
CA LEU N 288 -59.72 57.49 -29.87
C LEU N 288 -60.47 58.81 -29.73
N THR N 289 -60.51 59.65 -30.78
CA THR N 289 -61.25 60.90 -30.73
C THR N 289 -62.72 60.63 -30.40
N ALA N 290 -63.30 59.65 -31.11
CA ALA N 290 -64.71 59.32 -30.94
C ALA N 290 -64.97 58.79 -29.53
N ILE N 291 -64.08 57.92 -29.02
CA ILE N 291 -64.29 57.32 -27.71
C ILE N 291 -64.23 58.39 -26.62
N LYS N 292 -63.35 59.39 -26.77
CA LYS N 292 -63.23 60.50 -25.83
C LYS N 292 -64.59 61.19 -25.62
N THR N 293 -65.43 61.22 -26.67
CA THR N 293 -66.73 61.87 -26.62
C THR N 293 -67.76 61.10 -25.79
N ILE N 294 -67.55 59.81 -25.54
CA ILE N 294 -68.59 58.98 -24.94
C ILE N 294 -68.91 59.46 -23.53
N GLU N 295 -67.87 59.81 -22.76
CA GLU N 295 -68.05 60.20 -21.36
C GLU N 295 -68.81 61.54 -21.26
N LEU N 296 -68.79 62.34 -22.33
CA LEU N 296 -69.47 63.63 -22.36
C LEU N 296 -70.98 63.51 -22.58
N HIS N 297 -71.47 62.33 -23.01
CA HIS N 297 -72.84 62.20 -23.48
C HIS N 297 -73.56 61.08 -22.73
N MET O 9 42.42 -46.45 -64.85
CA MET O 9 41.34 -46.50 -63.83
C MET O 9 40.60 -47.83 -63.95
N LYS O 10 40.43 -48.50 -62.81
CA LYS O 10 39.68 -49.75 -62.76
C LYS O 10 38.32 -49.49 -62.13
N ILE O 11 37.26 -49.97 -62.80
CA ILE O 11 35.89 -49.87 -62.32
C ILE O 11 35.57 -51.17 -61.61
N GLY O 12 35.29 -51.08 -60.31
CA GLY O 12 35.23 -52.25 -59.46
C GLY O 12 33.90 -52.36 -58.73
N CYS O 13 33.72 -53.50 -58.06
CA CYS O 13 32.53 -53.78 -57.30
C CYS O 13 32.92 -54.41 -55.96
N HIS O 14 32.29 -53.93 -54.88
CA HIS O 14 32.49 -54.46 -53.55
C HIS O 14 31.77 -55.81 -53.46
N GLY O 15 32.38 -56.73 -52.71
CA GLY O 15 31.95 -58.12 -52.69
C GLY O 15 30.58 -58.33 -52.05
N LEU O 16 30.16 -57.44 -51.15
CA LEU O 16 28.85 -57.59 -50.51
C LEU O 16 27.68 -57.21 -51.42
N VAL O 17 27.93 -56.91 -52.69
CA VAL O 17 26.85 -56.92 -53.67
C VAL O 17 26.42 -58.37 -53.89
N TRP O 18 27.38 -59.31 -53.75
CA TRP O 18 27.22 -60.68 -54.22
C TRP O 18 27.03 -61.67 -53.06
N THR O 19 27.82 -61.55 -51.98
CA THR O 19 27.76 -62.48 -50.86
C THR O 19 28.25 -61.81 -49.59
N GLY O 20 27.82 -62.34 -48.44
CA GLY O 20 28.32 -61.90 -47.15
C GLY O 20 29.31 -62.88 -46.53
N HIS O 21 29.62 -63.97 -47.24
CA HIS O 21 30.44 -65.05 -46.72
C HIS O 21 31.55 -65.39 -47.71
N PHE O 22 32.81 -65.08 -47.38
CA PHE O 22 33.92 -65.23 -48.32
C PHE O 22 34.74 -66.49 -48.05
N ASP O 23 34.03 -67.62 -47.95
CA ASP O 23 34.63 -68.95 -48.07
C ASP O 23 34.95 -69.17 -49.54
N ALA O 24 35.42 -70.38 -49.87
CA ALA O 24 35.84 -70.69 -51.23
C ALA O 24 34.70 -70.46 -52.23
N GLU O 25 33.47 -70.86 -51.86
CA GLU O 25 32.32 -70.73 -52.74
C GLU O 25 31.99 -69.24 -52.92
N GLY O 26 31.95 -68.49 -51.81
CA GLY O 26 31.68 -67.06 -51.85
C GLY O 26 32.66 -66.28 -52.72
N ILE O 27 33.95 -66.66 -52.61
CA ILE O 27 35.02 -66.01 -53.35
C ILE O 27 34.80 -66.24 -54.84
N ARG O 28 34.56 -67.49 -55.25
CA ARG O 28 34.34 -67.82 -56.65
C ARG O 28 33.10 -67.10 -57.18
N TYR O 29 32.04 -67.10 -56.37
CA TYR O 29 30.75 -66.58 -56.78
C TYR O 29 30.91 -65.09 -57.03
N SER O 30 31.52 -64.39 -56.06
CA SER O 30 31.65 -62.94 -56.11
C SER O 30 32.52 -62.52 -57.29
N VAL O 31 33.63 -63.24 -57.52
CA VAL O 31 34.50 -62.94 -58.65
C VAL O 31 33.73 -63.10 -59.97
N GLN O 32 33.01 -64.22 -60.10
CA GLN O 32 32.32 -64.57 -61.34
C GLN O 32 31.25 -63.53 -61.66
N LYS O 33 30.42 -63.21 -60.66
CA LYS O 33 29.32 -62.26 -60.82
C LYS O 33 29.85 -60.86 -61.17
N THR O 34 30.96 -60.46 -60.56
CA THR O 34 31.60 -59.18 -60.82
C THR O 34 31.97 -59.07 -62.29
N ARG O 35 32.60 -60.12 -62.84
CA ARG O 35 32.99 -60.17 -64.25
C ARG O 35 31.75 -60.16 -65.14
N GLU O 36 30.69 -60.90 -64.76
CA GLU O 36 29.49 -61.00 -65.58
C GLU O 36 28.78 -59.64 -65.69
N ALA O 37 28.81 -58.86 -64.61
CA ALA O 37 28.20 -57.52 -64.56
C ALA O 37 29.00 -56.50 -65.38
N GLY O 38 30.28 -56.76 -65.69
CA GLY O 38 31.02 -55.89 -66.58
C GLY O 38 32.16 -55.12 -65.92
N PHE O 39 32.44 -55.40 -64.63
CA PHE O 39 33.45 -54.71 -63.86
C PHE O 39 34.86 -55.22 -64.20
N ASP O 40 35.87 -54.42 -63.83
CA ASP O 40 37.29 -54.72 -64.02
C ASP O 40 37.92 -55.33 -62.76
N LEU O 41 37.29 -55.10 -61.60
CA LEU O 41 37.95 -55.35 -60.33
C LEU O 41 36.92 -55.75 -59.28
N VAL O 42 37.34 -56.61 -58.35
CA VAL O 42 36.51 -56.95 -57.20
C VAL O 42 37.25 -56.48 -55.95
N GLU O 43 36.47 -55.94 -54.99
CA GLU O 43 37.00 -55.51 -53.71
C GLU O 43 36.53 -56.54 -52.69
N PHE O 44 37.49 -57.27 -52.12
CA PHE O 44 37.14 -58.24 -51.09
C PHE O 44 37.06 -57.51 -49.76
N PRO O 45 35.95 -57.63 -49.00
CA PRO O 45 35.94 -57.24 -47.60
C PRO O 45 36.63 -58.34 -46.79
N LEU O 46 37.77 -58.00 -46.18
CA LEU O 46 38.53 -58.92 -45.36
C LEU O 46 38.23 -58.65 -43.91
N MET O 47 36.99 -58.92 -43.49
CA MET O 47 36.62 -58.78 -42.09
C MET O 47 37.37 -59.82 -41.26
N ASP O 48 37.59 -61.02 -41.83
CA ASP O 48 38.49 -62.01 -41.24
C ASP O 48 39.52 -62.45 -42.30
N PRO O 49 40.70 -61.81 -42.38
CA PRO O 49 41.74 -62.20 -43.34
C PRO O 49 42.58 -63.42 -42.93
N PHE O 50 42.42 -63.87 -41.69
CA PHE O 50 43.09 -65.07 -41.21
C PHE O 50 42.53 -66.29 -41.95
N SER O 51 41.23 -66.28 -42.21
CA SER O 51 40.54 -67.41 -42.83
C SER O 51 40.22 -67.17 -44.30
N PHE O 52 40.86 -66.19 -44.93
CA PHE O 52 40.58 -65.92 -46.32
C PHE O 52 41.34 -66.91 -47.21
N ASP O 53 40.60 -67.62 -48.07
CA ASP O 53 41.20 -68.64 -48.92
C ASP O 53 41.90 -67.99 -50.11
N VAL O 54 43.16 -67.62 -49.89
CA VAL O 54 43.97 -66.91 -50.87
C VAL O 54 44.02 -67.67 -52.19
N GLN O 55 44.16 -69.00 -52.13
CA GLN O 55 44.46 -69.79 -53.30
C GLN O 55 43.25 -69.82 -54.24
N THR O 56 42.05 -70.00 -53.66
CA THR O 56 40.81 -69.94 -54.42
C THR O 56 40.69 -68.58 -55.11
N ALA O 57 41.03 -67.50 -54.38
CA ALA O 57 40.93 -66.14 -54.89
C ALA O 57 41.81 -65.98 -56.12
N LYS O 58 43.11 -66.31 -55.99
CA LYS O 58 44.07 -66.24 -57.09
C LYS O 58 43.51 -66.96 -58.32
N SER O 59 42.97 -68.15 -58.09
CA SER O 59 42.46 -69.03 -59.12
C SER O 59 41.29 -68.39 -59.85
N ALA O 60 40.32 -67.88 -59.09
CA ALA O 60 39.11 -67.28 -59.66
C ALA O 60 39.43 -66.00 -60.43
N LEU O 61 40.34 -65.18 -59.86
CA LEU O 61 40.77 -63.94 -60.49
C LEU O 61 41.41 -64.23 -61.85
N ALA O 62 42.30 -65.23 -61.87
CA ALA O 62 42.99 -65.64 -63.08
C ALA O 62 41.98 -66.13 -64.12
N GLU O 63 41.03 -66.97 -63.71
CA GLU O 63 40.04 -67.54 -64.60
C GLU O 63 39.26 -66.42 -65.31
N HIS O 64 38.93 -65.35 -64.57
CA HIS O 64 38.01 -64.34 -65.07
C HIS O 64 38.72 -63.09 -65.58
N GLY O 65 40.06 -63.04 -65.44
CA GLY O 65 40.85 -61.91 -65.92
C GLY O 65 40.60 -60.63 -65.11
N LEU O 66 40.41 -60.78 -63.78
CA LEU O 66 39.91 -59.72 -62.94
C LEU O 66 40.99 -59.24 -61.96
N ALA O 67 41.10 -57.93 -61.80
CA ALA O 67 41.94 -57.37 -60.76
C ALA O 67 41.20 -57.42 -59.42
N ALA O 68 41.96 -57.19 -58.33
CA ALA O 68 41.41 -57.29 -57.00
C ALA O 68 42.02 -56.24 -56.08
N SER O 69 41.25 -55.91 -55.04
CA SER O 69 41.65 -55.03 -53.94
C SER O 69 40.99 -55.59 -52.68
N ALA O 70 41.24 -54.98 -51.52
CA ALA O 70 40.56 -55.36 -50.30
C ALA O 70 40.34 -54.15 -49.39
N SER O 71 39.29 -54.28 -48.56
CA SER O 71 38.96 -53.30 -47.55
C SER O 71 38.62 -54.04 -46.26
N LEU O 72 38.52 -53.29 -45.16
CA LEU O 72 38.13 -53.87 -43.90
C LEU O 72 37.72 -52.73 -42.96
N GLY O 73 36.81 -53.01 -42.03
CA GLY O 73 36.59 -52.18 -40.87
C GLY O 73 36.97 -52.92 -39.59
N LEU O 74 37.63 -52.23 -38.67
CA LEU O 74 38.02 -52.84 -37.41
C LEU O 74 36.79 -52.89 -36.50
N SER O 75 36.93 -53.61 -35.37
CA SER O 75 35.88 -53.72 -34.37
C SER O 75 36.47 -53.36 -33.00
N ASP O 76 35.69 -53.58 -31.93
CA ASP O 76 36.09 -53.23 -30.58
C ASP O 76 37.35 -53.99 -30.17
N ALA O 77 37.45 -55.25 -30.62
CA ALA O 77 38.54 -56.11 -30.20
C ALA O 77 39.82 -55.73 -30.95
N THR O 78 39.70 -54.93 -32.01
CA THR O 78 40.82 -54.67 -32.90
C THR O 78 40.97 -53.17 -33.10
N ASP O 79 40.48 -52.39 -32.13
CA ASP O 79 40.43 -50.95 -32.27
C ASP O 79 41.80 -50.35 -32.00
N VAL O 80 42.54 -50.00 -33.07
CA VAL O 80 43.84 -49.37 -32.95
C VAL O 80 43.76 -47.94 -32.39
N SER O 81 42.55 -47.42 -32.13
CA SER O 81 42.39 -46.12 -31.48
C SER O 81 42.09 -46.29 -29.98
N SER O 82 42.11 -47.54 -29.49
CA SER O 82 41.98 -47.82 -28.07
C SER O 82 43.25 -47.37 -27.33
N GLU O 83 43.08 -47.08 -26.04
CA GLU O 83 44.19 -46.76 -25.15
C GLU O 83 44.79 -48.04 -24.55
N ASP O 84 44.11 -49.17 -24.76
CA ASP O 84 44.55 -50.47 -24.28
C ASP O 84 45.50 -51.08 -25.31
N PRO O 85 46.81 -51.24 -25.01
CA PRO O 85 47.79 -51.66 -26.01
C PRO O 85 47.57 -53.07 -26.56
N ALA O 86 46.85 -53.92 -25.80
CA ALA O 86 46.53 -55.27 -26.24
C ALA O 86 45.47 -55.24 -27.34
N VAL O 87 44.50 -54.32 -27.21
CA VAL O 87 43.49 -54.11 -28.24
C VAL O 87 44.16 -53.55 -29.50
N VAL O 88 45.01 -52.54 -29.34
CA VAL O 88 45.77 -51.99 -30.47
C VAL O 88 46.53 -53.10 -31.18
N LYS O 89 47.21 -53.96 -30.40
CA LYS O 89 48.08 -54.98 -30.95
C LYS O 89 47.25 -55.94 -31.80
N ALA O 90 46.10 -56.36 -31.27
CA ALA O 90 45.22 -57.26 -31.99
C ALA O 90 44.78 -56.65 -33.31
N GLY O 91 44.48 -55.34 -33.29
CA GLY O 91 44.13 -54.63 -34.51
C GLY O 91 45.26 -54.61 -35.52
N GLU O 92 46.45 -54.18 -35.07
CA GLU O 92 47.61 -54.06 -35.95
C GLU O 92 47.90 -55.41 -36.60
N GLU O 93 47.68 -56.47 -35.81
CA GLU O 93 47.97 -57.82 -36.25
C GLU O 93 47.03 -58.19 -37.40
N LEU O 94 45.75 -57.85 -37.21
CA LEU O 94 44.71 -58.11 -38.19
C LEU O 94 45.02 -57.35 -39.49
N LEU O 95 45.41 -56.07 -39.34
CA LEU O 95 45.76 -55.20 -40.45
C LEU O 95 46.90 -55.82 -41.27
N ASN O 96 47.93 -56.26 -40.55
CA ASN O 96 49.13 -56.83 -41.15
C ASN O 96 48.78 -58.03 -42.02
N ARG O 97 47.92 -58.91 -41.49
CA ARG O 97 47.52 -60.11 -42.21
C ARG O 97 46.71 -59.76 -43.46
N ALA O 98 45.88 -58.71 -43.41
CA ALA O 98 45.15 -58.26 -44.59
C ALA O 98 46.12 -57.80 -45.67
N VAL O 99 47.16 -57.06 -45.29
CA VAL O 99 48.15 -56.59 -46.24
C VAL O 99 48.84 -57.79 -46.88
N ASP O 100 49.16 -58.80 -46.06
CA ASP O 100 49.85 -59.98 -46.54
C ASP O 100 48.98 -60.68 -47.59
N VAL O 101 47.69 -60.80 -47.30
CA VAL O 101 46.77 -61.46 -48.23
C VAL O 101 46.81 -60.74 -49.58
N LEU O 102 46.89 -59.41 -49.55
CA LEU O 102 46.91 -58.63 -50.79
C LEU O 102 48.21 -58.89 -51.53
N ALA O 103 49.31 -59.01 -50.79
CA ALA O 103 50.61 -59.33 -51.37
C ALA O 103 50.53 -60.67 -52.10
N GLU O 104 49.92 -61.67 -51.46
CA GLU O 104 49.81 -63.01 -52.03
C GLU O 104 48.96 -62.96 -53.30
N LEU O 105 48.04 -61.99 -53.40
CA LEU O 105 47.17 -61.86 -54.56
C LEU O 105 47.85 -61.09 -55.69
N GLY O 106 48.93 -60.36 -55.39
CA GLY O 106 49.54 -59.45 -56.35
C GLY O 106 48.71 -58.18 -56.60
N ALA O 107 47.90 -57.80 -55.60
CA ALA O 107 47.09 -56.60 -55.66
C ALA O 107 47.88 -55.42 -55.10
N THR O 108 47.35 -54.19 -55.26
CA THR O 108 48.09 -52.97 -54.93
C THR O 108 47.40 -52.08 -53.90
N ASP O 109 46.14 -52.35 -53.55
CA ASP O 109 45.37 -51.42 -52.76
C ASP O 109 44.69 -52.11 -51.59
N PHE O 110 45.04 -51.61 -50.39
CA PHE O 110 44.34 -51.86 -49.14
C PHE O 110 43.63 -50.57 -48.70
N CYS O 111 42.40 -50.67 -48.20
CA CYS O 111 41.68 -49.48 -47.78
C CYS O 111 40.63 -49.81 -46.73
N GLY O 112 39.99 -48.76 -46.20
CA GLY O 112 38.83 -48.93 -45.35
C GLY O 112 39.02 -48.21 -44.03
N VAL O 113 38.22 -48.61 -43.03
CA VAL O 113 38.23 -47.97 -41.71
C VAL O 113 39.24 -48.73 -40.84
N ILE O 114 40.52 -48.35 -40.99
CA ILE O 114 41.62 -49.08 -40.41
C ILE O 114 42.34 -48.25 -39.36
N TYR O 115 41.75 -47.11 -39.01
CA TYR O 115 42.35 -46.14 -38.10
C TYR O 115 41.52 -46.09 -36.81
N SER O 116 40.46 -46.89 -36.76
CA SER O 116 39.56 -46.95 -35.60
C SER O 116 38.67 -48.16 -35.81
N ALA O 117 37.87 -48.46 -34.78
CA ALA O 117 36.74 -49.35 -34.93
C ALA O 117 35.71 -48.69 -35.84
N MET O 118 35.05 -49.50 -36.69
CA MET O 118 33.95 -49.04 -37.49
C MET O 118 32.69 -49.23 -36.66
N LYS O 119 32.29 -48.17 -35.96
CA LYS O 119 31.12 -48.27 -35.10
C LYS O 119 30.65 -46.89 -34.63
N LYS O 120 29.52 -46.88 -33.92
CA LYS O 120 29.01 -45.66 -33.33
C LYS O 120 29.65 -45.48 -31.97
N TYR O 121 30.71 -44.65 -31.89
CA TYR O 121 31.34 -44.32 -30.61
C TYR O 121 30.33 -43.61 -29.72
N MET O 122 30.49 -43.75 -28.39
CA MET O 122 29.64 -43.05 -27.43
C MET O 122 30.47 -41.98 -26.71
N GLU O 123 31.72 -41.75 -27.17
CA GLU O 123 32.61 -40.75 -26.61
C GLU O 123 33.47 -40.16 -27.74
N PRO O 124 33.91 -38.87 -27.68
CA PRO O 124 34.88 -38.35 -28.65
C PRO O 124 36.19 -39.11 -28.56
N ALA O 125 36.98 -39.03 -29.63
CA ALA O 125 38.29 -39.65 -29.68
C ALA O 125 39.16 -39.02 -28.60
N THR O 126 40.18 -39.77 -28.18
CA THR O 126 41.01 -39.40 -27.05
C THR O 126 42.44 -39.09 -27.55
N ALA O 127 43.15 -38.19 -26.87
CA ALA O 127 44.49 -37.78 -27.28
C ALA O 127 45.40 -39.00 -27.43
N ALA O 128 45.34 -39.88 -26.44
CA ALA O 128 46.14 -41.09 -26.36
C ALA O 128 45.72 -42.08 -27.44
N GLY O 129 44.40 -42.20 -27.65
CA GLY O 129 43.85 -43.09 -28.66
C GLY O 129 44.27 -42.69 -30.08
N LEU O 130 44.22 -41.37 -30.37
CA LEU O 130 44.65 -40.82 -31.65
C LEU O 130 46.12 -41.15 -31.91
N ALA O 131 46.96 -40.98 -30.88
CA ALA O 131 48.39 -41.23 -30.97
C ALA O 131 48.66 -42.68 -31.34
N ASN O 132 47.96 -43.60 -30.64
CA ASN O 132 48.04 -45.04 -30.90
C ASN O 132 47.60 -45.37 -32.32
N SER O 133 46.46 -44.78 -32.76
CA SER O 133 45.95 -45.00 -34.12
C SER O 133 47.01 -44.64 -35.16
N LYS O 134 47.54 -43.41 -35.09
CA LYS O 134 48.46 -42.89 -36.08
C LYS O 134 49.70 -43.77 -36.18
N ALA O 135 50.32 -44.07 -35.01
CA ALA O 135 51.50 -44.90 -34.93
C ALA O 135 51.25 -46.25 -35.57
N ALA O 136 50.13 -46.88 -35.20
CA ALA O 136 49.79 -48.21 -35.71
C ALA O 136 49.64 -48.18 -37.22
N VAL O 137 48.92 -47.19 -37.76
CA VAL O 137 48.66 -47.10 -39.19
C VAL O 137 49.98 -46.85 -39.90
N GLY O 138 50.83 -46.03 -39.30
CA GLY O 138 52.15 -45.75 -39.84
C GLY O 138 52.96 -47.03 -40.02
N ARG O 139 52.95 -47.90 -38.99
CA ARG O 139 53.73 -49.15 -39.05
C ARG O 139 53.16 -50.06 -40.13
N VAL O 140 51.81 -50.09 -40.23
CA VAL O 140 51.11 -50.90 -41.23
C VAL O 140 51.41 -50.36 -42.63
N ALA O 141 51.54 -49.03 -42.75
CA ALA O 141 51.85 -48.43 -44.02
C ALA O 141 53.25 -48.85 -44.48
N ASP O 142 54.20 -48.79 -43.52
CA ASP O 142 55.59 -49.08 -43.76
C ASP O 142 55.71 -50.51 -44.30
N ARG O 143 55.01 -51.42 -43.60
CA ARG O 143 54.98 -52.83 -43.94
C ARG O 143 54.42 -53.03 -45.35
N ALA O 144 53.30 -52.36 -45.63
CA ALA O 144 52.64 -52.41 -46.93
C ALA O 144 53.54 -51.85 -48.04
N SER O 145 54.30 -50.79 -47.72
CA SER O 145 55.18 -50.13 -48.66
C SER O 145 56.19 -51.14 -49.21
N ASP O 146 56.79 -51.93 -48.30
CA ASP O 146 57.78 -52.94 -48.65
C ASP O 146 57.22 -53.93 -49.67
N LEU O 147 55.90 -54.18 -49.62
CA LEU O 147 55.25 -55.17 -50.48
C LEU O 147 54.69 -54.52 -51.74
N GLY O 148 54.92 -53.21 -51.95
CA GLY O 148 54.36 -52.49 -53.08
C GLY O 148 52.83 -52.30 -52.99
N ILE O 149 52.32 -52.19 -51.75
CA ILE O 149 50.88 -52.04 -51.50
C ILE O 149 50.60 -50.61 -51.00
N ASN O 150 49.61 -49.95 -51.59
CA ASN O 150 49.14 -48.65 -51.13
C ASN O 150 48.05 -48.83 -50.09
N VAL O 151 48.07 -47.97 -49.08
CA VAL O 151 47.06 -47.96 -48.04
C VAL O 151 46.29 -46.65 -48.12
N SER O 152 44.95 -46.73 -48.17
CA SER O 152 44.09 -45.55 -48.20
C SER O 152 43.06 -45.60 -47.06
N LEU O 153 42.99 -44.50 -46.29
CA LEU O 153 42.05 -44.39 -45.18
C LEU O 153 40.69 -43.90 -45.70
N GLU O 154 39.66 -44.74 -45.52
CA GLU O 154 38.30 -44.39 -45.92
C GLU O 154 37.77 -43.38 -44.90
N VAL O 155 37.49 -42.16 -45.37
CA VAL O 155 36.79 -41.19 -44.56
C VAL O 155 35.35 -41.65 -44.44
N VAL O 156 34.80 -41.74 -43.22
CA VAL O 156 33.44 -42.22 -43.03
C VAL O 156 32.69 -41.31 -42.07
N ASN O 157 31.35 -41.46 -42.02
CA ASN O 157 30.48 -40.56 -41.29
C ASN O 157 30.58 -40.79 -39.78
N ARG O 158 29.98 -39.84 -39.06
CA ARG O 158 30.06 -39.72 -37.61
C ARG O 158 29.57 -40.97 -36.87
N TYR O 159 28.73 -41.79 -37.50
CA TYR O 159 28.16 -42.94 -36.82
C TYR O 159 29.03 -44.16 -37.01
N GLU O 160 30.12 -44.02 -37.80
CA GLU O 160 31.00 -45.14 -38.09
C GLU O 160 32.42 -44.90 -37.54
N THR O 161 32.75 -43.64 -37.23
CA THR O 161 34.01 -43.33 -36.58
C THR O 161 33.88 -41.99 -35.88
N ASN O 162 34.75 -41.78 -34.89
CA ASN O 162 34.95 -40.47 -34.29
C ASN O 162 36.31 -39.88 -34.71
N VAL O 163 37.00 -40.49 -35.68
CA VAL O 163 38.34 -40.06 -36.02
C VAL O 163 38.32 -39.23 -37.31
N LEU O 164 38.18 -39.90 -38.47
CA LEU O 164 38.24 -39.22 -39.75
C LEU O 164 36.85 -39.14 -40.38
N ASN O 165 36.18 -38.00 -40.19
CA ASN O 165 34.84 -37.75 -40.70
C ASN O 165 34.89 -36.94 -42.00
N THR O 166 35.95 -36.15 -42.23
CA THR O 166 36.06 -35.31 -43.42
C THR O 166 37.41 -35.52 -44.10
N GLY O 167 37.42 -35.27 -45.41
CA GLY O 167 38.65 -35.26 -46.19
C GLY O 167 39.72 -34.39 -45.55
N ARG O 168 39.34 -33.22 -45.01
CA ARG O 168 40.28 -32.30 -44.39
C ARG O 168 40.98 -32.98 -43.22
N GLN O 169 40.20 -33.62 -42.34
CA GLN O 169 40.75 -34.31 -41.18
C GLN O 169 41.72 -35.41 -41.61
N ALA O 170 41.38 -36.12 -42.69
CA ALA O 170 42.24 -37.19 -43.20
C ALA O 170 43.56 -36.63 -43.71
N LEU O 171 43.52 -35.47 -44.38
CA LEU O 171 44.73 -34.81 -44.87
C LEU O 171 45.67 -34.50 -43.71
N ALA O 172 45.11 -33.97 -42.63
CA ALA O 172 45.89 -33.60 -41.45
C ALA O 172 46.49 -34.84 -40.78
N TYR O 173 45.73 -35.94 -40.79
CA TYR O 173 46.19 -37.20 -40.23
C TYR O 173 47.36 -37.74 -41.06
N LEU O 174 47.27 -37.69 -42.40
CA LEU O 174 48.37 -38.12 -43.23
C LEU O 174 49.59 -37.22 -43.03
N GLU O 175 49.37 -35.91 -42.87
CA GLU O 175 50.46 -34.95 -42.86
C GLU O 175 51.44 -35.31 -41.73
N GLU O 176 50.91 -35.63 -40.54
CA GLU O 176 51.72 -36.00 -39.39
C GLU O 176 52.49 -37.30 -39.62
N LEU O 177 51.92 -38.28 -40.33
CA LEU O 177 52.59 -39.54 -40.58
C LEU O 177 53.65 -39.44 -41.68
N ASN O 178 53.45 -38.57 -42.66
CA ASN O 178 54.38 -38.38 -43.76
C ASN O 178 54.88 -39.73 -44.30
N ARG O 179 53.94 -40.58 -44.71
CA ARG O 179 54.24 -41.81 -45.43
C ARG O 179 53.85 -41.70 -46.89
N PRO O 180 54.73 -42.04 -47.86
CA PRO O 180 54.43 -41.85 -49.29
C PRO O 180 53.33 -42.74 -49.92
N ASN O 181 53.08 -43.88 -49.30
CA ASN O 181 52.11 -44.84 -49.82
C ASN O 181 50.79 -44.75 -49.02
N LEU O 182 50.66 -43.74 -48.13
CA LEU O 182 49.43 -43.51 -47.37
C LEU O 182 48.56 -42.50 -48.14
N GLY O 183 47.32 -42.91 -48.46
CA GLY O 183 46.42 -42.08 -49.25
C GLY O 183 45.05 -41.92 -48.58
N ILE O 184 44.15 -41.25 -49.29
CA ILE O 184 42.80 -41.00 -48.80
C ILE O 184 41.82 -41.73 -49.70
N HIS O 185 40.80 -42.30 -49.06
CA HIS O 185 39.71 -42.98 -49.74
C HIS O 185 38.43 -42.22 -49.44
N LEU O 186 37.77 -41.71 -50.49
CA LEU O 186 36.49 -41.03 -50.37
C LEU O 186 35.37 -41.92 -50.86
N ASP O 187 34.22 -41.76 -50.20
CA ASP O 187 33.03 -42.56 -50.41
C ASP O 187 31.84 -41.59 -50.49
N THR O 188 31.09 -41.63 -51.60
CA THR O 188 30.07 -40.63 -51.88
C THR O 188 28.99 -40.67 -50.80
N TYR O 189 28.69 -41.88 -50.30
CA TYR O 189 27.73 -42.06 -49.23
C TYR O 189 28.14 -41.28 -47.98
N HIS O 190 29.42 -41.36 -47.59
CA HIS O 190 29.91 -40.71 -46.39
C HIS O 190 30.08 -39.21 -46.62
N MET O 191 30.53 -38.84 -47.82
CA MET O 191 30.67 -37.45 -48.20
C MET O 191 29.33 -36.73 -48.09
N ASN O 192 28.28 -37.42 -48.55
CA ASN O 192 26.96 -36.83 -48.67
C ASN O 192 26.51 -36.32 -47.31
N ILE O 193 27.08 -36.87 -46.22
CA ILE O 193 26.71 -36.50 -44.86
C ILE O 193 27.62 -35.38 -44.36
N GLU O 194 28.94 -35.61 -44.39
CA GLU O 194 29.87 -34.78 -43.61
C GLU O 194 30.44 -33.61 -44.41
N GLU O 195 30.53 -33.74 -45.73
CA GLU O 195 31.27 -32.75 -46.51
C GLU O 195 30.40 -31.56 -46.88
N SER O 196 31.08 -30.47 -47.25
CA SER O 196 30.44 -29.20 -47.56
C SER O 196 29.75 -29.27 -48.93
N ASP O 197 30.20 -30.21 -49.79
CA ASP O 197 29.79 -30.34 -51.19
C ASP O 197 30.63 -31.45 -51.78
N MET O 198 30.40 -31.80 -53.06
CA MET O 198 31.02 -32.99 -53.61
C MET O 198 32.27 -32.66 -54.45
N PHE O 199 32.67 -31.38 -54.57
CA PHE O 199 33.85 -31.04 -55.36
C PHE O 199 35.04 -30.61 -54.51
N SER O 200 34.80 -29.78 -53.47
CA SER O 200 35.83 -29.30 -52.54
C SER O 200 36.70 -30.43 -51.99
N PRO O 201 36.13 -31.53 -51.48
CA PRO O 201 36.95 -32.60 -50.91
C PRO O 201 37.85 -33.21 -51.96
N ILE O 202 37.36 -33.37 -53.19
CA ILE O 202 38.15 -33.90 -54.30
C ILE O 202 39.33 -32.98 -54.59
N LEU O 203 39.04 -31.68 -54.75
CA LEU O 203 40.08 -30.71 -55.05
C LEU O 203 41.12 -30.61 -53.93
N ASP O 204 40.67 -30.58 -52.66
CA ASP O 204 41.57 -30.39 -51.52
C ASP O 204 42.44 -31.62 -51.30
N THR O 205 41.93 -32.79 -51.70
CA THR O 205 42.54 -34.06 -51.34
C THR O 205 43.32 -34.61 -52.54
N ALA O 206 43.34 -33.86 -53.65
CA ALA O 206 43.75 -34.33 -54.97
C ALA O 206 45.00 -35.20 -54.92
N GLU O 207 46.03 -34.69 -54.26
CA GLU O 207 47.34 -35.30 -54.27
C GLU O 207 47.24 -36.64 -53.57
N ALA O 208 46.42 -36.71 -52.51
CA ALA O 208 46.39 -37.87 -51.65
C ALA O 208 45.28 -38.85 -52.01
N LEU O 209 44.36 -38.47 -52.91
CA LEU O 209 43.22 -39.31 -53.22
C LEU O 209 43.65 -40.52 -54.04
N ARG O 210 43.43 -41.72 -53.47
CA ARG O 210 43.90 -42.95 -54.08
C ARG O 210 42.77 -43.94 -54.35
N TYR O 211 41.59 -43.78 -53.75
CA TYR O 211 40.55 -44.79 -53.89
C TYR O 211 39.17 -44.13 -53.76
N VAL O 212 38.17 -44.64 -54.50
CA VAL O 212 36.83 -44.08 -54.47
C VAL O 212 35.77 -45.17 -54.31
N HIS O 213 34.82 -44.95 -53.38
CA HIS O 213 33.58 -45.72 -53.32
C HIS O 213 32.42 -44.92 -53.91
N ILE O 214 31.62 -45.57 -54.77
CA ILE O 214 30.43 -44.99 -55.37
C ILE O 214 29.22 -45.61 -54.68
N GLY O 215 28.60 -44.83 -53.79
CA GLY O 215 27.42 -45.28 -53.07
C GLY O 215 26.35 -44.18 -52.97
N GLU O 216 25.09 -44.59 -53.13
CA GLU O 216 23.95 -43.71 -53.07
C GLU O 216 23.69 -43.35 -51.61
N SER O 217 22.85 -42.33 -51.38
CA SER O 217 22.60 -41.81 -50.04
C SER O 217 22.10 -42.88 -49.06
N HIS O 218 21.36 -43.86 -49.57
CA HIS O 218 20.81 -44.94 -48.77
C HIS O 218 21.47 -46.27 -49.11
N ARG O 219 22.50 -46.24 -49.98
CA ARG O 219 23.33 -47.40 -50.27
C ARG O 219 22.64 -48.33 -51.26
N GLY O 220 21.66 -47.81 -52.00
CA GLY O 220 20.86 -48.63 -52.89
C GLY O 220 21.26 -48.45 -54.35
N TYR O 221 20.29 -48.53 -55.25
CA TYR O 221 20.54 -48.32 -56.66
C TYR O 221 21.09 -46.90 -56.89
N LEU O 222 22.07 -46.79 -57.80
CA LEU O 222 22.63 -45.51 -58.17
C LEU O 222 21.59 -44.64 -58.91
N GLY O 223 21.41 -43.41 -58.42
CA GLY O 223 20.51 -42.45 -59.03
C GLY O 223 19.10 -42.52 -58.41
N THR O 224 18.97 -43.20 -57.26
CA THR O 224 17.67 -43.36 -56.61
C THR O 224 17.65 -42.74 -55.21
N GLY O 225 18.65 -41.89 -54.93
CA GLY O 225 18.76 -41.13 -53.69
C GLY O 225 19.27 -39.71 -53.97
N SER O 226 19.89 -39.09 -52.97
CA SER O 226 20.18 -37.66 -53.06
C SER O 226 21.66 -37.34 -53.28
N VAL O 227 22.50 -38.32 -53.66
CA VAL O 227 23.91 -38.03 -53.82
C VAL O 227 24.10 -37.28 -55.13
N ASP O 228 24.93 -36.23 -55.07
CA ASP O 228 25.25 -35.42 -56.24
C ASP O 228 26.45 -36.03 -56.96
N PHE O 229 26.20 -37.14 -57.66
CA PHE O 229 27.20 -37.82 -58.46
C PHE O 229 27.73 -36.93 -59.59
N ASP O 230 26.91 -36.03 -60.12
CA ASP O 230 27.36 -35.20 -61.24
C ASP O 230 28.53 -34.32 -60.82
N THR O 231 28.35 -33.57 -59.73
CA THR O 231 29.40 -32.71 -59.21
C THR O 231 30.64 -33.54 -58.95
N PHE O 232 30.44 -34.72 -58.32
CA PHE O 232 31.53 -35.56 -57.87
C PHE O 232 32.37 -36.03 -59.06
N PHE O 233 31.71 -36.63 -60.07
CA PHE O 233 32.40 -37.12 -61.25
C PHE O 233 33.08 -35.97 -62.01
N LYS O 234 32.44 -34.79 -62.08
CA LYS O 234 33.03 -33.67 -62.81
C LYS O 234 34.32 -33.20 -62.14
N ALA O 235 34.32 -33.24 -60.81
CA ALA O 235 35.49 -32.88 -60.01
C ALA O 235 36.60 -33.92 -60.20
N LEU O 236 36.25 -35.22 -60.19
CA LEU O 236 37.21 -36.27 -60.46
C LEU O 236 37.88 -36.05 -61.81
N GLY O 237 37.08 -35.66 -62.81
CA GLY O 237 37.59 -35.37 -64.15
C GLY O 237 38.58 -34.23 -64.13
N ARG O 238 38.27 -33.19 -63.35
CA ARG O 238 39.13 -32.01 -63.24
C ARG O 238 40.48 -32.37 -62.63
N ILE O 239 40.54 -33.24 -61.62
CA ILE O 239 41.84 -33.54 -61.02
C ILE O 239 42.55 -34.69 -61.73
N GLY O 240 41.95 -35.24 -62.81
CA GLY O 240 42.55 -36.33 -63.57
C GLY O 240 42.76 -37.61 -62.76
N TYR O 241 41.81 -37.90 -61.86
CA TYR O 241 41.91 -39.05 -60.97
C TYR O 241 41.90 -40.32 -61.82
N ASP O 242 42.78 -41.26 -61.46
CA ASP O 242 42.99 -42.47 -62.24
C ASP O 242 43.03 -43.71 -61.34
N GLY O 243 42.65 -43.58 -60.07
CA GLY O 243 42.64 -44.70 -59.16
C GLY O 243 41.38 -45.53 -59.30
N PRO O 244 41.17 -46.55 -58.44
CA PRO O 244 39.94 -47.34 -58.49
C PRO O 244 38.67 -46.54 -58.21
N VAL O 245 37.61 -46.87 -58.97
CA VAL O 245 36.27 -46.37 -58.73
C VAL O 245 35.39 -47.60 -58.54
N VAL O 246 34.86 -47.78 -57.32
CA VAL O 246 34.28 -49.04 -56.91
C VAL O 246 32.87 -48.82 -56.37
N PHE O 247 31.91 -49.54 -56.96
CA PHE O 247 30.53 -49.51 -56.52
C PHE O 247 30.40 -50.24 -55.19
N GLU O 248 29.58 -49.71 -54.31
CA GLU O 248 29.35 -50.30 -53.00
C GLU O 248 27.86 -50.12 -52.70
N SER O 249 27.17 -51.24 -52.43
CA SER O 249 25.75 -51.20 -52.11
C SER O 249 25.39 -52.32 -51.13
N PHE O 250 24.42 -52.08 -50.25
CA PHE O 250 24.05 -53.03 -49.23
C PHE O 250 22.54 -53.14 -49.15
N SER O 251 22.06 -54.39 -49.04
CA SER O 251 20.64 -54.73 -48.94
C SER O 251 20.45 -55.92 -48.00
N SER O 252 19.28 -55.98 -47.36
CA SER O 252 18.99 -57.05 -46.42
C SER O 252 19.01 -58.41 -47.12
N SER O 253 18.93 -58.41 -48.45
CA SER O 253 18.88 -59.63 -49.25
C SER O 253 20.25 -60.30 -49.32
N VAL O 254 21.32 -59.59 -48.99
CA VAL O 254 22.65 -60.15 -48.89
C VAL O 254 23.26 -59.70 -47.56
N VAL O 255 23.34 -60.64 -46.60
CA VAL O 255 23.76 -60.38 -45.24
C VAL O 255 25.15 -60.97 -45.02
N ALA O 256 26.05 -60.14 -44.49
CA ALA O 256 27.29 -60.58 -43.86
C ALA O 256 27.09 -60.57 -42.34
N PRO O 257 27.51 -61.64 -41.62
CA PRO O 257 27.24 -61.80 -40.19
C PRO O 257 27.63 -60.59 -39.36
N ASP O 258 28.76 -59.97 -39.70
CA ASP O 258 29.27 -58.84 -38.95
C ASP O 258 28.92 -57.52 -39.62
N LEU O 259 29.26 -57.42 -40.91
CA LEU O 259 29.34 -56.15 -41.61
C LEU O 259 27.95 -55.53 -41.76
N SER O 260 26.95 -56.37 -42.05
CA SER O 260 25.58 -55.91 -42.21
C SER O 260 25.03 -55.29 -40.93
N ARG O 261 25.44 -55.82 -39.77
CA ARG O 261 24.98 -55.31 -38.48
C ARG O 261 25.72 -54.02 -38.14
N MET O 262 27.00 -53.95 -38.53
CA MET O 262 27.81 -52.79 -38.22
C MET O 262 27.33 -51.57 -39.00
N LEU O 263 26.90 -51.77 -40.27
CA LEU O 263 26.49 -50.69 -41.16
C LEU O 263 24.98 -50.45 -41.09
N GLY O 264 24.26 -51.26 -40.31
CA GLY O 264 22.85 -51.00 -40.01
C GLY O 264 21.95 -51.22 -41.23
N ILE O 265 22.14 -52.35 -41.89
CA ILE O 265 21.43 -52.63 -43.12
C ILE O 265 20.10 -53.28 -42.75
N TRP O 266 19.11 -52.46 -42.37
CA TRP O 266 17.82 -52.92 -41.89
C TRP O 266 16.82 -53.14 -43.03
N ARG O 267 17.08 -52.56 -44.21
CA ARG O 267 16.05 -52.47 -45.24
C ARG O 267 16.49 -53.21 -46.49
N ASN O 268 15.49 -53.71 -47.22
CA ASN O 268 15.67 -54.21 -48.58
C ASN O 268 15.76 -53.01 -49.54
N LEU O 269 16.90 -52.86 -50.22
CA LEU O 269 17.09 -51.82 -51.23
C LEU O 269 17.18 -52.43 -52.62
N TRP O 270 17.29 -53.76 -52.69
CA TRP O 270 17.32 -54.51 -53.95
C TRP O 270 17.30 -56.00 -53.66
N ALA O 271 16.74 -56.77 -54.59
CA ALA O 271 16.63 -58.21 -54.46
C ALA O 271 17.57 -58.90 -55.45
N ASP O 272 17.69 -58.36 -56.67
CA ASP O 272 18.41 -59.01 -57.75
C ASP O 272 19.75 -58.29 -57.97
N ASN O 273 20.84 -58.93 -57.50
CA ASN O 273 22.13 -58.27 -57.46
C ASN O 273 22.75 -58.21 -58.83
N GLU O 274 22.35 -59.11 -59.72
CA GLU O 274 22.86 -59.08 -61.08
C GLU O 274 22.34 -57.82 -61.78
N GLU O 275 21.05 -57.53 -61.60
CA GLU O 275 20.38 -56.38 -62.18
C GLU O 275 21.07 -55.11 -61.64
N LEU O 276 21.26 -55.08 -60.32
CA LEU O 276 21.90 -53.95 -59.65
C LEU O 276 23.31 -53.73 -60.21
N GLY O 277 24.13 -54.78 -60.22
CA GLY O 277 25.53 -54.67 -60.61
C GLY O 277 25.70 -54.18 -62.05
N ALA O 278 24.90 -54.72 -62.98
CA ALA O 278 25.01 -54.32 -64.39
C ALA O 278 24.59 -52.87 -64.57
N HIS O 279 23.57 -52.44 -63.80
CA HIS O 279 23.10 -51.05 -63.77
C HIS O 279 24.20 -50.12 -63.25
N ALA O 280 24.87 -50.51 -62.16
CA ALA O 280 25.88 -49.69 -61.51
C ALA O 280 27.12 -49.58 -62.37
N ASN O 281 27.51 -50.70 -63.01
CA ASN O 281 28.65 -50.71 -63.89
C ASN O 281 28.40 -49.73 -65.05
N ALA O 282 27.17 -49.75 -65.58
CA ALA O 282 26.81 -48.86 -66.68
C ALA O 282 26.78 -47.41 -66.21
N PHE O 283 26.20 -47.18 -65.03
CA PHE O 283 26.10 -45.82 -64.48
C PHE O 283 27.49 -45.21 -64.40
N ILE O 284 28.43 -45.95 -63.81
CA ILE O 284 29.75 -45.41 -63.59
C ILE O 284 30.46 -45.17 -64.92
N ARG O 285 30.45 -46.17 -65.80
CA ARG O 285 31.20 -46.06 -67.04
C ARG O 285 30.61 -44.96 -67.94
N ASP O 286 29.28 -44.89 -68.04
CA ASP O 286 28.61 -43.93 -68.91
C ASP O 286 28.82 -42.51 -68.37
N LYS O 287 28.85 -42.37 -67.03
CA LYS O 287 29.13 -41.10 -66.38
C LYS O 287 30.56 -40.66 -66.75
N LEU O 288 31.53 -41.57 -66.67
CA LEU O 288 32.92 -41.23 -67.00
C LEU O 288 33.02 -40.82 -68.47
N THR O 289 32.31 -41.54 -69.33
CA THR O 289 32.34 -41.25 -70.76
C THR O 289 31.83 -39.84 -71.01
N ALA O 290 30.74 -39.48 -70.32
CA ALA O 290 30.12 -38.18 -70.50
C ALA O 290 31.05 -37.08 -69.99
N ILE O 291 31.72 -37.31 -68.84
CA ILE O 291 32.54 -36.26 -68.25
C ILE O 291 33.76 -36.00 -69.13
N LYS O 292 34.29 -37.05 -69.78
CA LYS O 292 35.39 -36.93 -70.72
C LYS O 292 35.07 -35.94 -71.85
N THR O 293 33.80 -35.83 -72.24
CA THR O 293 33.44 -34.94 -73.34
C THR O 293 33.55 -33.47 -72.91
N ILE O 294 33.56 -33.19 -71.60
CA ILE O 294 33.40 -31.81 -71.14
C ILE O 294 34.64 -31.00 -71.52
N GLU O 295 35.84 -31.57 -71.32
CA GLU O 295 37.10 -30.85 -71.52
C GLU O 295 37.23 -30.41 -72.99
N LEU O 296 36.62 -31.17 -73.91
CA LEU O 296 36.76 -30.97 -75.35
C LEU O 296 35.84 -29.86 -75.87
N HIS O 297 34.81 -29.47 -75.09
CA HIS O 297 33.75 -28.61 -75.59
C HIS O 297 33.48 -27.48 -74.58
N MET P 9 1.88 -21.20 -39.38
CA MET P 9 3.16 -21.97 -39.31
C MET P 9 4.10 -21.31 -38.31
N LYS P 10 4.64 -22.12 -37.40
CA LYS P 10 5.57 -21.63 -36.38
C LYS P 10 7.00 -22.01 -36.77
N ILE P 11 7.89 -21.00 -36.79
CA ILE P 11 9.29 -21.22 -37.15
C ILE P 11 10.07 -21.34 -35.84
N GLY P 12 10.72 -22.49 -35.65
CA GLY P 12 11.26 -22.83 -34.35
C GLY P 12 12.77 -23.05 -34.37
N CYS P 13 13.33 -23.13 -33.16
CA CYS P 13 14.73 -23.44 -32.94
C CYS P 13 14.87 -24.48 -31.83
N HIS P 14 15.75 -25.47 -32.06
CA HIS P 14 15.97 -26.54 -31.10
C HIS P 14 16.83 -25.98 -29.97
N GLY P 15 16.56 -26.45 -28.75
CA GLY P 15 17.26 -25.98 -27.57
C GLY P 15 18.77 -26.19 -27.60
N LEU P 16 19.26 -27.26 -28.25
CA LEU P 16 20.67 -27.59 -28.21
C LEU P 16 21.49 -26.66 -29.09
N VAL P 17 20.85 -25.71 -29.78
CA VAL P 17 21.59 -24.61 -30.39
C VAL P 17 22.23 -23.80 -29.27
N TRP P 18 21.54 -23.75 -28.12
CA TRP P 18 21.77 -22.72 -27.11
C TRP P 18 22.51 -23.27 -25.89
N THR P 19 22.08 -24.44 -25.41
CA THR P 19 22.60 -25.04 -24.18
C THR P 19 22.40 -26.55 -24.25
N GLY P 20 23.23 -27.27 -23.48
CA GLY P 20 23.10 -28.70 -23.34
C GLY P 20 22.43 -29.14 -22.04
N HIS P 21 22.24 -28.18 -21.11
CA HIS P 21 21.86 -28.45 -19.74
C HIS P 21 20.54 -27.72 -19.45
N PHE P 22 19.43 -28.49 -19.32
CA PHE P 22 18.10 -27.88 -19.22
C PHE P 22 17.63 -27.84 -17.78
N ASP P 23 18.50 -27.28 -16.92
CA ASP P 23 18.13 -26.80 -15.60
C ASP P 23 17.35 -25.50 -15.79
N ALA P 24 16.96 -24.86 -14.67
CA ALA P 24 16.21 -23.61 -14.69
C ALA P 24 16.92 -22.57 -15.56
N GLU P 25 18.24 -22.43 -15.40
CA GLU P 25 18.96 -21.39 -16.11
C GLU P 25 19.02 -21.72 -17.61
N GLY P 26 19.25 -22.99 -17.93
CA GLY P 26 19.31 -23.43 -19.31
C GLY P 26 17.99 -23.21 -20.03
N ILE P 27 16.89 -23.50 -19.32
CA ILE P 27 15.54 -23.33 -19.84
C ILE P 27 15.32 -21.86 -20.20
N ARG P 28 15.63 -20.96 -19.26
CA ARG P 28 15.43 -19.53 -19.48
C ARG P 28 16.33 -19.06 -20.62
N TYR P 29 17.59 -19.51 -20.64
CA TYR P 29 18.58 -19.04 -21.59
C TYR P 29 18.16 -19.43 -23.02
N SER P 30 17.75 -20.68 -23.18
CA SER P 30 17.38 -21.19 -24.47
C SER P 30 16.13 -20.48 -25.01
N VAL P 31 15.14 -20.22 -24.13
CA VAL P 31 13.93 -19.49 -24.50
C VAL P 31 14.30 -18.07 -24.93
N GLN P 32 15.12 -17.39 -24.12
CA GLN P 32 15.50 -16.03 -24.47
C GLN P 32 16.20 -15.99 -25.83
N LYS P 33 17.20 -16.85 -26.02
CA LYS P 33 18.04 -16.71 -27.21
C LYS P 33 17.22 -17.01 -28.46
N THR P 34 16.30 -17.97 -28.34
CA THR P 34 15.40 -18.33 -29.43
C THR P 34 14.61 -17.09 -29.88
N ARG P 35 14.07 -16.33 -28.91
CA ARG P 35 13.32 -15.12 -29.21
C ARG P 35 14.23 -14.10 -29.89
N GLU P 36 15.45 -13.95 -29.38
CA GLU P 36 16.34 -12.90 -29.86
C GLU P 36 16.86 -13.21 -31.27
N ALA P 37 16.85 -14.50 -31.65
CA ALA P 37 17.28 -14.89 -32.98
C ALA P 37 16.16 -14.70 -34.01
N GLY P 38 14.91 -14.59 -33.54
CA GLY P 38 13.79 -14.13 -34.35
C GLY P 38 12.74 -15.23 -34.53
N PHE P 39 12.92 -16.34 -33.79
CA PHE P 39 12.05 -17.50 -33.91
C PHE P 39 10.74 -17.29 -33.15
N ASP P 40 9.77 -18.16 -33.47
CA ASP P 40 8.45 -18.14 -32.85
C ASP P 40 8.34 -19.20 -31.75
N LEU P 41 9.20 -20.22 -31.80
CA LEU P 41 9.01 -21.40 -30.97
C LEU P 41 10.36 -22.02 -30.59
N VAL P 42 10.41 -22.59 -29.38
CA VAL P 42 11.57 -23.35 -28.93
C VAL P 42 11.13 -24.79 -28.75
N GLU P 43 12.00 -25.72 -29.18
CA GLU P 43 11.79 -27.14 -29.02
C GLU P 43 12.70 -27.61 -27.88
N PHE P 44 12.07 -28.09 -26.80
CA PHE P 44 12.80 -28.54 -25.63
C PHE P 44 13.14 -30.02 -25.80
N PRO P 45 14.43 -30.40 -25.67
CA PRO P 45 14.80 -31.80 -25.50
C PRO P 45 14.50 -32.24 -24.07
N LEU P 46 13.54 -33.16 -23.95
CA LEU P 46 13.13 -33.73 -22.68
C LEU P 46 13.77 -35.10 -22.55
N MET P 47 15.11 -35.13 -22.48
CA MET P 47 15.81 -36.39 -22.33
C MET P 47 15.53 -36.95 -20.93
N ASP P 48 15.39 -36.07 -19.93
CA ASP P 48 14.84 -36.44 -18.62
C ASP P 48 13.66 -35.52 -18.27
N PRO P 49 12.41 -35.93 -18.57
CA PRO P 49 11.22 -35.12 -18.29
C PRO P 49 10.76 -35.12 -16.83
N PHE P 50 11.29 -36.06 -16.04
CA PHE P 50 10.95 -36.15 -14.63
C PHE P 50 11.58 -34.98 -13.88
N SER P 51 12.73 -34.46 -14.35
CA SER P 51 13.45 -33.40 -13.65
C SER P 51 13.32 -32.07 -14.39
N PHE P 52 12.47 -32.01 -15.40
CA PHE P 52 12.31 -30.79 -16.19
C PHE P 52 11.49 -29.78 -15.38
N ASP P 53 12.07 -28.59 -15.17
CA ASP P 53 11.45 -27.53 -14.39
C ASP P 53 10.33 -26.85 -15.18
N VAL P 54 9.13 -27.44 -15.12
CA VAL P 54 7.99 -27.01 -15.91
C VAL P 54 7.65 -25.55 -15.60
N GLN P 55 7.76 -25.16 -14.32
CA GLN P 55 7.34 -23.84 -13.89
C GLN P 55 8.22 -22.76 -14.51
N THR P 56 9.53 -23.00 -14.56
CA THR P 56 10.46 -22.02 -15.11
C THR P 56 10.19 -21.88 -16.62
N ALA P 57 9.88 -22.99 -17.27
CA ALA P 57 9.55 -22.99 -18.69
C ALA P 57 8.31 -22.12 -18.97
N LYS P 58 7.19 -22.38 -18.27
CA LYS P 58 5.95 -21.61 -18.39
C LYS P 58 6.26 -20.11 -18.24
N SER P 59 7.07 -19.78 -17.23
CA SER P 59 7.47 -18.42 -16.92
C SER P 59 8.21 -17.77 -18.09
N ALA P 60 9.21 -18.48 -18.64
CA ALA P 60 10.09 -17.91 -19.66
C ALA P 60 9.35 -17.76 -21.00
N LEU P 61 8.56 -18.79 -21.33
CA LEU P 61 7.76 -18.79 -22.56
C LEU P 61 6.81 -17.59 -22.53
N ALA P 62 6.13 -17.38 -21.40
CA ALA P 62 5.22 -16.25 -21.24
C ALA P 62 5.99 -14.92 -21.36
N GLU P 63 7.15 -14.83 -20.71
CA GLU P 63 7.90 -13.58 -20.72
C GLU P 63 8.28 -13.19 -22.15
N HIS P 64 8.60 -14.18 -22.99
CA HIS P 64 9.14 -13.91 -24.32
C HIS P 64 8.11 -14.11 -25.44
N GLY P 65 6.87 -14.49 -25.08
CA GLY P 65 5.77 -14.59 -26.02
C GLY P 65 5.95 -15.73 -27.02
N LEU P 66 6.58 -16.81 -26.54
CA LEU P 66 7.14 -17.84 -27.40
C LEU P 66 6.33 -19.12 -27.20
N ALA P 67 6.09 -19.83 -28.31
CA ALA P 67 5.52 -21.16 -28.21
C ALA P 67 6.63 -22.16 -27.89
N ALA P 68 6.20 -23.38 -27.54
CA ALA P 68 7.12 -24.45 -27.22
C ALA P 68 6.55 -25.76 -27.72
N SER P 69 7.49 -26.64 -28.08
CA SER P 69 7.24 -28.05 -28.28
C SER P 69 8.29 -28.83 -27.50
N ALA P 70 8.25 -30.16 -27.62
CA ALA P 70 9.27 -31.01 -27.01
C ALA P 70 9.47 -32.28 -27.82
N SER P 71 10.70 -32.80 -27.71
CA SER P 71 11.15 -34.02 -28.35
C SER P 71 12.06 -34.80 -27.40
N LEU P 72 12.17 -36.11 -27.68
CA LEU P 72 13.11 -36.93 -26.94
C LEU P 72 13.44 -38.17 -27.75
N GLY P 73 14.58 -38.78 -27.40
CA GLY P 73 14.88 -40.14 -27.82
C GLY P 73 14.92 -41.09 -26.63
N LEU P 74 14.39 -42.30 -26.82
CA LEU P 74 14.45 -43.35 -25.82
C LEU P 74 15.84 -43.97 -25.85
N SER P 75 16.11 -44.82 -24.85
CA SER P 75 17.37 -45.56 -24.76
C SER P 75 17.08 -47.04 -24.56
N ASP P 76 18.15 -47.81 -24.30
CA ASP P 76 18.05 -49.25 -24.07
C ASP P 76 17.13 -49.57 -22.90
N ALA P 77 17.21 -48.76 -21.83
CA ALA P 77 16.38 -48.89 -20.64
C ALA P 77 14.88 -48.68 -20.92
N THR P 78 14.53 -47.92 -21.98
CA THR P 78 13.17 -47.43 -22.22
C THR P 78 12.68 -47.80 -23.62
N ASP P 79 13.31 -48.81 -24.22
CA ASP P 79 13.13 -49.16 -25.60
C ASP P 79 11.79 -49.89 -25.76
N VAL P 80 10.78 -49.17 -26.29
CA VAL P 80 9.45 -49.75 -26.41
C VAL P 80 9.43 -50.77 -27.55
N SER P 81 10.58 -50.97 -28.23
CA SER P 81 10.68 -52.01 -29.26
C SER P 81 11.35 -53.26 -28.71
N SER P 82 11.67 -53.26 -27.40
CA SER P 82 12.25 -54.42 -26.75
C SER P 82 11.22 -55.53 -26.65
N GLU P 83 11.73 -56.77 -26.54
CA GLU P 83 10.91 -57.95 -26.34
C GLU P 83 10.63 -58.15 -24.85
N ASP P 84 11.42 -57.48 -24.00
CA ASP P 84 11.27 -57.55 -22.56
C ASP P 84 10.19 -56.55 -22.11
N PRO P 85 9.02 -57.02 -21.59
CA PRO P 85 7.91 -56.12 -21.25
C PRO P 85 8.18 -55.15 -20.10
N ALA P 86 9.22 -55.45 -19.29
CA ALA P 86 9.62 -54.53 -18.24
C ALA P 86 10.26 -53.29 -18.87
N VAL P 87 11.01 -53.50 -19.95
CA VAL P 87 11.69 -52.42 -20.66
C VAL P 87 10.63 -51.56 -21.36
N VAL P 88 9.67 -52.22 -22.02
CA VAL P 88 8.56 -51.56 -22.70
C VAL P 88 7.80 -50.66 -21.72
N LYS P 89 7.51 -51.19 -20.53
CA LYS P 89 6.75 -50.45 -19.52
C LYS P 89 7.52 -49.22 -19.05
N ALA P 90 8.84 -49.36 -18.85
CA ALA P 90 9.68 -48.24 -18.46
C ALA P 90 9.60 -47.12 -19.49
N GLY P 91 9.60 -47.52 -20.78
CA GLY P 91 9.50 -46.60 -21.91
C GLY P 91 8.16 -45.86 -21.94
N GLU P 92 7.07 -46.62 -21.79
CA GLU P 92 5.72 -46.09 -21.73
C GLU P 92 5.58 -45.06 -20.61
N GLU P 93 6.28 -45.31 -19.50
CA GLU P 93 6.26 -44.44 -18.32
C GLU P 93 6.94 -43.11 -18.63
N LEU P 94 8.10 -43.18 -19.31
CA LEU P 94 8.88 -41.99 -19.64
C LEU P 94 8.11 -41.11 -20.62
N LEU P 95 7.52 -41.78 -21.63
CA LEU P 95 6.71 -41.11 -22.64
C LEU P 95 5.52 -40.40 -22.00
N ASN P 96 4.82 -41.09 -21.09
CA ASN P 96 3.63 -40.55 -20.44
C ASN P 96 3.99 -39.27 -19.66
N ARG P 97 5.15 -39.24 -18.99
CA ARG P 97 5.56 -38.07 -18.25
C ARG P 97 5.88 -36.91 -19.20
N ALA P 98 6.47 -37.21 -20.37
CA ALA P 98 6.79 -36.17 -21.35
C ALA P 98 5.51 -35.51 -21.85
N VAL P 99 4.49 -36.32 -22.12
CA VAL P 99 3.19 -35.83 -22.56
C VAL P 99 2.60 -34.93 -21.48
N ASP P 100 2.71 -35.33 -20.20
CA ASP P 100 2.21 -34.54 -19.08
C ASP P 100 2.93 -33.19 -19.02
N VAL P 101 4.25 -33.17 -19.19
CA VAL P 101 5.02 -31.94 -19.18
C VAL P 101 4.42 -30.97 -20.22
N LEU P 102 4.15 -31.50 -21.41
CA LEU P 102 3.68 -30.66 -22.50
C LEU P 102 2.26 -30.18 -22.20
N ALA P 103 1.46 -31.05 -21.57
CA ALA P 103 0.10 -30.70 -21.18
C ALA P 103 0.14 -29.49 -20.23
N GLU P 104 1.04 -29.53 -19.24
CA GLU P 104 1.20 -28.46 -18.28
C GLU P 104 1.67 -27.18 -18.97
N LEU P 105 2.41 -27.32 -20.09
CA LEU P 105 2.95 -26.16 -20.78
C LEU P 105 1.89 -25.51 -21.66
N GLY P 106 0.82 -26.26 -21.96
CA GLY P 106 -0.20 -25.82 -22.90
C GLY P 106 0.29 -25.92 -24.34
N ALA P 107 1.30 -26.78 -24.57
CA ALA P 107 1.82 -27.02 -25.91
C ALA P 107 0.96 -28.09 -26.59
N THR P 108 1.15 -28.25 -27.91
CA THR P 108 0.32 -29.15 -28.68
C THR P 108 1.15 -30.26 -29.33
N ASP P 109 2.48 -30.13 -29.32
CA ASP P 109 3.33 -30.97 -30.15
C ASP P 109 4.41 -31.70 -29.33
N PHE P 110 4.31 -33.03 -29.37
CA PHE P 110 5.32 -33.94 -28.90
C PHE P 110 5.85 -34.71 -30.10
N CYS P 111 7.18 -34.90 -30.14
CA CYS P 111 7.81 -35.55 -31.28
C CYS P 111 9.13 -36.21 -30.87
N GLY P 112 9.75 -36.95 -31.80
CA GLY P 112 11.05 -37.54 -31.58
C GLY P 112 11.05 -39.05 -31.82
N VAL P 113 12.12 -39.69 -31.33
CA VAL P 113 12.31 -41.12 -31.49
C VAL P 113 11.71 -41.83 -30.27
N ILE P 114 10.39 -42.06 -30.33
CA ILE P 114 9.61 -42.51 -29.20
C ILE P 114 8.98 -43.86 -29.53
N TYR P 115 9.43 -44.47 -30.62
CA TYR P 115 8.95 -45.77 -31.04
C TYR P 115 10.05 -46.82 -30.86
N SER P 116 11.25 -46.38 -30.51
CA SER P 116 12.36 -47.28 -30.31
C SER P 116 13.41 -46.55 -29.49
N ALA P 117 14.51 -47.22 -29.19
CA ALA P 117 15.69 -46.53 -28.68
C ALA P 117 16.27 -45.68 -29.79
N MET P 118 16.86 -44.53 -29.42
CA MET P 118 17.62 -43.67 -30.33
C MET P 118 19.11 -44.02 -30.25
N LYS P 119 19.53 -44.96 -31.11
CA LYS P 119 20.89 -45.47 -31.06
C LYS P 119 21.18 -46.36 -32.26
N LYS P 120 22.44 -46.82 -32.31
CA LYS P 120 22.87 -47.75 -33.34
C LYS P 120 22.58 -49.17 -32.87
N TYR P 121 21.45 -49.74 -33.29
CA TYR P 121 21.19 -51.15 -33.02
C TYR P 121 22.28 -51.99 -33.66
N MET P 122 22.47 -53.21 -33.14
CA MET P 122 23.40 -54.18 -33.72
C MET P 122 22.62 -55.36 -34.29
N GLU P 123 21.28 -55.21 -34.33
CA GLU P 123 20.37 -56.28 -34.65
C GLU P 123 19.17 -55.69 -35.42
N PRO P 124 18.66 -56.35 -36.47
CA PRO P 124 17.39 -55.92 -37.08
C PRO P 124 16.28 -55.95 -36.03
N ALA P 125 15.20 -55.19 -36.27
CA ALA P 125 14.03 -55.28 -35.41
C ALA P 125 13.39 -56.66 -35.55
N THR P 126 12.54 -57.00 -34.56
CA THR P 126 11.88 -58.29 -34.53
C THR P 126 10.37 -58.05 -34.56
N ALA P 127 9.62 -59.01 -35.11
CA ALA P 127 8.18 -58.85 -35.21
C ALA P 127 7.56 -58.60 -33.83
N ALA P 128 8.05 -59.32 -32.80
CA ALA P 128 7.56 -59.19 -31.43
C ALA P 128 7.84 -57.79 -30.90
N GLY P 129 9.06 -57.29 -31.16
CA GLY P 129 9.47 -55.96 -30.74
C GLY P 129 8.62 -54.85 -31.38
N LEU P 130 8.37 -54.99 -32.70
CA LEU P 130 7.56 -54.03 -33.44
C LEU P 130 6.15 -53.97 -32.85
N ALA P 131 5.57 -55.13 -32.55
CA ALA P 131 4.21 -55.21 -32.03
C ALA P 131 4.12 -54.49 -30.68
N ASN P 132 5.15 -54.67 -29.85
CA ASN P 132 5.23 -54.00 -28.57
C ASN P 132 5.28 -52.49 -28.77
N SER P 133 6.10 -52.04 -29.75
CA SER P 133 6.32 -50.62 -30.00
C SER P 133 4.98 -49.95 -30.32
N LYS P 134 4.28 -50.55 -31.28
CA LYS P 134 3.05 -49.98 -31.81
C LYS P 134 1.99 -49.90 -30.71
N ALA P 135 1.82 -50.98 -29.94
CA ALA P 135 0.81 -51.04 -28.89
C ALA P 135 1.11 -49.99 -27.82
N ALA P 136 2.39 -49.88 -27.40
CA ALA P 136 2.81 -48.91 -26.41
C ALA P 136 2.51 -47.49 -26.90
N VAL P 137 2.90 -47.23 -28.16
CA VAL P 137 2.78 -45.92 -28.77
C VAL P 137 1.31 -45.59 -28.91
N GLY P 138 0.49 -46.58 -29.31
CA GLY P 138 -0.96 -46.44 -29.39
C GLY P 138 -1.57 -45.91 -28.09
N ARG P 139 -1.18 -46.51 -26.95
CA ARG P 139 -1.68 -46.11 -25.65
C ARG P 139 -1.20 -44.69 -25.30
N VAL P 140 0.06 -44.38 -25.60
CA VAL P 140 0.62 -43.06 -25.34
C VAL P 140 -0.12 -42.00 -26.14
N ALA P 141 -0.49 -42.35 -27.38
CA ALA P 141 -1.20 -41.46 -28.27
C ALA P 141 -2.61 -41.18 -27.76
N ASP P 142 -3.29 -42.24 -27.30
CA ASP P 142 -4.66 -42.12 -26.81
C ASP P 142 -4.67 -41.19 -25.60
N ARG P 143 -3.70 -41.39 -24.70
CA ARG P 143 -3.51 -40.57 -23.52
C ARG P 143 -3.33 -39.11 -23.94
N ALA P 144 -2.44 -38.91 -24.93
CA ALA P 144 -2.08 -37.58 -25.41
C ALA P 144 -3.28 -36.88 -26.01
N SER P 145 -4.10 -37.64 -26.75
CA SER P 145 -5.30 -37.14 -27.43
C SER P 145 -6.27 -36.49 -26.45
N ASP P 146 -6.52 -37.18 -25.31
CA ASP P 146 -7.41 -36.69 -24.26
C ASP P 146 -6.89 -35.39 -23.65
N LEU P 147 -5.57 -35.14 -23.75
CA LEU P 147 -4.96 -33.92 -23.26
C LEU P 147 -4.86 -32.86 -24.36
N GLY P 148 -5.33 -33.18 -25.58
CA GLY P 148 -5.25 -32.29 -26.73
C GLY P 148 -3.83 -32.12 -27.28
N ILE P 149 -3.01 -33.18 -27.17
CA ILE P 149 -1.62 -33.17 -27.62
C ILE P 149 -1.49 -34.08 -28.86
N ASN P 150 -0.80 -33.56 -29.88
CA ASN P 150 -0.37 -34.36 -31.03
C ASN P 150 0.97 -35.03 -30.76
N VAL P 151 1.08 -36.28 -31.24
CA VAL P 151 2.29 -37.07 -31.14
C VAL P 151 2.77 -37.40 -32.55
N SER P 152 4.05 -37.08 -32.83
CA SER P 152 4.63 -37.25 -34.15
C SER P 152 5.94 -38.03 -34.06
N LEU P 153 6.01 -39.14 -34.80
CA LEU P 153 7.17 -40.00 -34.83
C LEU P 153 8.21 -39.46 -35.81
N GLU P 154 9.40 -39.18 -35.29
CA GLU P 154 10.42 -38.66 -36.14
C GLU P 154 11.13 -39.80 -36.84
N VAL P 155 11.03 -39.81 -38.16
CA VAL P 155 11.76 -40.75 -38.99
C VAL P 155 13.25 -40.36 -38.96
N VAL P 156 14.12 -41.32 -38.61
CA VAL P 156 15.54 -41.05 -38.47
C VAL P 156 16.30 -42.14 -39.20
N ASN P 157 17.58 -41.87 -39.45
CA ASN P 157 18.44 -42.70 -40.27
C ASN P 157 18.77 -44.00 -39.53
N ARG P 158 19.42 -44.92 -40.27
CA ARG P 158 19.71 -46.27 -39.86
C ARG P 158 20.57 -46.38 -38.59
N TYR P 159 21.36 -45.34 -38.30
CA TYR P 159 22.29 -45.34 -37.18
C TYR P 159 21.61 -44.91 -35.89
N GLU P 160 20.33 -44.54 -35.99
CA GLU P 160 19.59 -43.99 -34.87
C GLU P 160 18.31 -44.78 -34.59
N THR P 161 17.86 -45.62 -35.53
CA THR P 161 16.82 -46.61 -35.25
C THR P 161 16.86 -47.70 -36.31
N ASN P 162 16.20 -48.82 -36.02
CA ASN P 162 16.01 -49.88 -37.00
C ASN P 162 14.52 -50.03 -37.30
N VAL P 163 13.69 -49.10 -36.83
CA VAL P 163 12.25 -49.21 -36.99
C VAL P 163 11.76 -48.33 -38.15
N LEU P 164 11.74 -47.01 -37.96
CA LEU P 164 11.23 -46.08 -38.98
C LEU P 164 12.38 -45.27 -39.59
N ASN P 165 12.90 -45.73 -40.74
CA ASN P 165 14.00 -45.08 -41.45
C ASN P 165 13.49 -44.27 -42.65
N THR P 166 12.28 -44.57 -43.14
CA THR P 166 11.68 -43.85 -44.24
C THR P 166 10.26 -43.41 -43.87
N GLY P 167 9.81 -42.32 -44.50
CA GLY P 167 8.47 -41.82 -44.30
C GLY P 167 7.43 -42.89 -44.59
N ARG P 168 7.73 -43.74 -45.58
CA ARG P 168 6.82 -44.81 -45.98
C ARG P 168 6.64 -45.83 -44.87
N GLN P 169 7.74 -46.19 -44.19
CA GLN P 169 7.68 -47.08 -43.05
C GLN P 169 6.80 -46.47 -41.96
N ALA P 170 6.93 -45.15 -41.75
CA ALA P 170 6.16 -44.49 -40.71
C ALA P 170 4.67 -44.49 -41.07
N LEU P 171 4.34 -44.35 -42.36
CA LEU P 171 2.96 -44.40 -42.81
C LEU P 171 2.34 -45.76 -42.52
N ALA P 172 3.08 -46.84 -42.81
CA ALA P 172 2.61 -48.20 -42.56
C ALA P 172 2.37 -48.42 -41.07
N TYR P 173 3.28 -47.86 -40.26
CA TYR P 173 3.22 -47.99 -38.81
C TYR P 173 1.97 -47.28 -38.30
N LEU P 174 1.69 -46.07 -38.80
CA LEU P 174 0.53 -45.32 -38.37
C LEU P 174 -0.76 -46.00 -38.83
N GLU P 175 -0.75 -46.62 -40.01
CA GLU P 175 -1.95 -47.14 -40.63
C GLU P 175 -2.57 -48.23 -39.73
N GLU P 176 -1.72 -49.07 -39.15
CA GLU P 176 -2.16 -50.12 -38.24
C GLU P 176 -2.88 -49.52 -37.04
N LEU P 177 -2.27 -48.49 -36.44
CA LEU P 177 -2.78 -47.89 -35.22
C LEU P 177 -4.02 -47.03 -35.48
N ASN P 178 -4.10 -46.39 -36.65
CA ASN P 178 -5.26 -45.61 -37.04
C ASN P 178 -5.68 -44.67 -35.90
N ARG P 179 -4.74 -43.86 -35.41
CA ARG P 179 -4.98 -42.84 -34.40
C ARG P 179 -4.98 -41.45 -35.05
N PRO P 180 -5.99 -40.60 -34.78
CA PRO P 180 -6.11 -39.31 -35.46
C PRO P 180 -5.09 -38.26 -35.05
N ASN P 181 -4.51 -38.41 -33.85
CA ASN P 181 -3.57 -37.44 -33.31
C ASN P 181 -2.12 -37.93 -33.44
N LEU P 182 -1.95 -39.05 -34.14
CA LEU P 182 -0.63 -39.60 -34.38
C LEU P 182 -0.18 -39.16 -35.77
N GLY P 183 0.97 -38.46 -35.83
CA GLY P 183 1.50 -37.94 -37.08
C GLY P 183 2.94 -38.38 -37.38
N ILE P 184 3.47 -37.80 -38.45
CA ILE P 184 4.82 -38.08 -38.93
C ILE P 184 5.66 -36.81 -38.79
N HIS P 185 6.91 -37.00 -38.39
CA HIS P 185 7.88 -35.93 -38.22
C HIS P 185 9.08 -36.23 -39.13
N LEU P 186 9.32 -35.35 -40.11
CA LEU P 186 10.45 -35.48 -41.01
C LEU P 186 11.51 -34.46 -40.63
N ASP P 187 12.76 -34.81 -40.95
CA ASP P 187 13.95 -34.07 -40.58
C ASP P 187 14.90 -34.11 -41.77
N THR P 188 15.26 -32.93 -42.31
CA THR P 188 15.92 -32.93 -43.61
C THR P 188 17.26 -33.68 -43.53
N TYR P 189 17.93 -33.58 -42.38
CA TYR P 189 19.16 -34.33 -42.12
C TYR P 189 18.98 -35.83 -42.32
N HIS P 190 17.91 -36.41 -41.76
CA HIS P 190 17.66 -37.84 -41.87
C HIS P 190 17.17 -38.23 -43.26
N MET P 191 16.33 -37.36 -43.84
CA MET P 191 15.82 -37.54 -45.19
C MET P 191 17.00 -37.63 -46.17
N ASN P 192 18.03 -36.83 -45.90
CA ASN P 192 19.16 -36.70 -46.81
C ASN P 192 19.90 -38.02 -46.94
N ILE P 193 19.73 -38.90 -45.94
CA ILE P 193 20.38 -40.20 -46.01
C ILE P 193 19.41 -41.21 -46.62
N GLU P 194 18.20 -41.35 -46.05
CA GLU P 194 17.41 -42.55 -46.29
C GLU P 194 16.43 -42.40 -47.45
N GLU P 195 16.03 -41.17 -47.80
CA GLU P 195 14.93 -41.01 -48.73
C GLU P 195 15.44 -41.00 -50.17
N SER P 196 14.51 -41.28 -51.10
CA SER P 196 14.77 -41.26 -52.53
C SER P 196 15.04 -39.82 -53.00
N ASP P 197 14.44 -38.83 -52.32
CA ASP P 197 14.53 -37.45 -52.74
C ASP P 197 13.81 -36.60 -51.68
N MET P 198 13.82 -35.27 -51.84
CA MET P 198 13.24 -34.43 -50.81
C MET P 198 11.76 -34.05 -51.09
N PHE P 199 11.14 -34.53 -52.20
CA PHE P 199 9.74 -34.17 -52.46
C PHE P 199 8.78 -35.35 -52.25
N SER P 200 9.14 -36.55 -52.75
CA SER P 200 8.31 -37.74 -52.61
C SER P 200 7.85 -37.94 -51.16
N PRO P 201 8.75 -37.89 -50.15
CA PRO P 201 8.34 -38.12 -48.76
C PRO P 201 7.30 -37.11 -48.28
N ILE P 202 7.42 -35.86 -48.72
CA ILE P 202 6.47 -34.83 -48.33
C ILE P 202 5.11 -35.18 -48.91
N LEU P 203 5.08 -35.48 -50.21
CA LEU P 203 3.86 -35.76 -50.93
C LEU P 203 3.22 -37.05 -50.38
N ASP P 204 4.04 -38.07 -50.13
CA ASP P 204 3.58 -39.36 -49.64
C ASP P 204 2.99 -39.23 -48.23
N THR P 205 3.52 -38.32 -47.40
CA THR P 205 3.15 -38.25 -45.98
C THR P 205 2.19 -37.10 -45.72
N ALA P 206 1.76 -36.42 -46.78
CA ALA P 206 1.09 -35.12 -46.74
C ALA P 206 0.12 -34.97 -45.56
N GLU P 207 -0.88 -35.86 -45.51
CA GLU P 207 -1.98 -35.73 -44.55
C GLU P 207 -1.45 -35.93 -43.13
N ALA P 208 -0.41 -36.76 -42.98
CA ALA P 208 0.02 -37.22 -41.67
C ALA P 208 1.23 -36.43 -41.15
N LEU P 209 1.85 -35.64 -42.04
CA LEU P 209 3.01 -34.83 -41.66
C LEU P 209 2.57 -33.73 -40.72
N ARG P 210 3.10 -33.72 -39.49
CA ARG P 210 2.72 -32.75 -38.49
C ARG P 210 3.89 -31.87 -38.02
N TYR P 211 5.14 -32.27 -38.27
CA TYR P 211 6.26 -31.60 -37.63
C TYR P 211 7.52 -31.75 -38.49
N VAL P 212 8.34 -30.70 -38.56
CA VAL P 212 9.49 -30.68 -39.45
C VAL P 212 10.74 -30.18 -38.73
N HIS P 213 11.87 -30.88 -38.94
CA HIS P 213 13.20 -30.40 -38.58
C HIS P 213 13.99 -29.94 -39.82
N ILE P 214 14.60 -28.75 -39.75
CA ILE P 214 15.49 -28.24 -40.77
C ILE P 214 16.94 -28.42 -40.33
N GLY P 215 17.62 -29.42 -40.91
CA GLY P 215 19.02 -29.69 -40.60
C GLY P 215 19.86 -29.83 -41.87
N GLU P 216 21.00 -29.15 -41.92
CA GLU P 216 22.01 -29.38 -42.95
C GLU P 216 22.58 -30.79 -42.83
N SER P 217 23.32 -31.23 -43.86
CA SER P 217 23.71 -32.62 -44.01
C SER P 217 24.65 -33.02 -42.87
N HIS P 218 25.44 -32.06 -42.39
CA HIS P 218 26.38 -32.25 -41.29
C HIS P 218 25.89 -31.55 -40.01
N ARG P 219 24.67 -30.99 -40.06
CA ARG P 219 23.99 -30.43 -38.90
C ARG P 219 24.59 -29.07 -38.52
N GLY P 220 25.29 -28.44 -39.45
CA GLY P 220 25.90 -27.14 -39.20
C GLY P 220 25.07 -26.02 -39.83
N TYR P 221 25.75 -24.97 -40.31
CA TYR P 221 25.12 -23.84 -40.97
C TYR P 221 24.31 -24.29 -42.19
N LEU P 222 23.10 -23.73 -42.30
CA LEU P 222 22.20 -24.00 -43.40
C LEU P 222 22.81 -23.45 -44.69
N GLY P 223 22.92 -24.33 -45.68
CA GLY P 223 23.44 -23.98 -47.00
C GLY P 223 24.95 -24.21 -47.12
N THR P 224 25.54 -24.99 -46.21
CA THR P 224 26.97 -25.29 -46.25
C THR P 224 27.21 -26.80 -46.39
N GLY P 225 26.17 -27.52 -46.83
CA GLY P 225 26.18 -28.96 -46.97
C GLY P 225 25.39 -29.40 -48.21
N SER P 226 25.02 -30.68 -48.24
CA SER P 226 24.46 -31.28 -49.45
C SER P 226 22.93 -31.41 -49.41
N VAL P 227 22.24 -30.91 -48.38
CA VAL P 227 20.79 -31.05 -48.33
C VAL P 227 20.15 -30.17 -49.40
N ASP P 228 19.17 -30.75 -50.08
CA ASP P 228 18.44 -30.09 -51.15
C ASP P 228 17.25 -29.36 -50.55
N PHE P 229 17.49 -28.19 -49.99
CA PHE P 229 16.45 -27.47 -49.27
C PHE P 229 15.41 -26.92 -50.25
N ASP P 230 15.83 -26.67 -51.49
CA ASP P 230 14.97 -26.02 -52.46
C ASP P 230 13.79 -26.94 -52.78
N THR P 231 14.11 -28.20 -53.13
CA THR P 231 13.11 -29.21 -53.40
C THR P 231 12.20 -29.39 -52.19
N PHE P 232 12.80 -29.43 -51.00
CA PHE P 232 12.06 -29.70 -49.78
C PHE P 232 11.00 -28.62 -49.56
N PHE P 233 11.43 -27.36 -49.53
CA PHE P 233 10.51 -26.27 -49.27
C PHE P 233 9.46 -26.13 -50.38
N LYS P 234 9.83 -26.42 -51.63
CA LYS P 234 8.87 -26.30 -52.73
C LYS P 234 7.78 -27.35 -52.54
N ALA P 235 8.17 -28.54 -52.05
CA ALA P 235 7.21 -29.61 -51.83
C ALA P 235 6.30 -29.28 -50.62
N LEU P 236 6.86 -28.71 -49.55
CA LEU P 236 6.07 -28.21 -48.43
C LEU P 236 5.01 -27.22 -48.93
N GLY P 237 5.44 -26.27 -49.78
CA GLY P 237 4.54 -25.29 -50.37
C GLY P 237 3.40 -25.98 -51.13
N ARG P 238 3.74 -26.98 -51.95
CA ARG P 238 2.76 -27.70 -52.73
C ARG P 238 1.67 -28.37 -51.88
N ILE P 239 1.97 -28.94 -50.70
CA ILE P 239 0.93 -29.63 -49.91
C ILE P 239 0.28 -28.71 -48.88
N GLY P 240 0.68 -27.43 -48.88
CA GLY P 240 0.08 -26.43 -47.99
C GLY P 240 0.34 -26.76 -46.52
N TYR P 241 1.54 -27.27 -46.22
CA TYR P 241 1.94 -27.59 -44.86
C TYR P 241 1.98 -26.32 -44.02
N ASP P 242 1.41 -26.39 -42.81
CA ASP P 242 1.31 -25.25 -41.92
C ASP P 242 1.73 -25.63 -40.50
N GLY P 243 2.32 -26.81 -40.30
CA GLY P 243 2.83 -27.19 -39.00
C GLY P 243 4.15 -26.51 -38.65
N PRO P 244 4.76 -26.81 -37.48
CA PRO P 244 6.06 -26.25 -37.11
C PRO P 244 7.19 -26.62 -38.07
N VAL P 245 8.14 -25.70 -38.20
CA VAL P 245 9.34 -25.87 -39.01
C VAL P 245 10.50 -25.41 -38.14
N VAL P 246 11.33 -26.36 -37.70
CA VAL P 246 12.25 -26.09 -36.60
C VAL P 246 13.69 -26.38 -36.99
N PHE P 247 14.55 -25.39 -36.81
CA PHE P 247 15.98 -25.51 -37.03
C PHE P 247 16.66 -26.37 -35.97
N GLU P 248 17.56 -27.26 -36.41
CA GLU P 248 18.23 -28.25 -35.57
C GLU P 248 19.69 -28.27 -36.04
N SER P 249 20.59 -27.89 -35.13
CA SER P 249 22.03 -27.77 -35.41
C SER P 249 22.82 -28.09 -34.14
N PHE P 250 23.97 -28.75 -34.32
CA PHE P 250 24.76 -29.27 -33.22
C PHE P 250 26.24 -29.02 -33.51
N SER P 251 26.96 -28.53 -32.48
CA SER P 251 28.38 -28.28 -32.54
C SER P 251 29.05 -28.64 -31.19
N SER P 252 30.35 -28.99 -31.25
CA SER P 252 31.17 -29.30 -30.08
C SER P 252 31.21 -28.14 -29.09
N SER P 253 30.83 -26.95 -29.54
CA SER P 253 30.87 -25.76 -28.70
C SER P 253 29.69 -25.70 -27.73
N VAL P 254 28.65 -26.54 -27.92
CA VAL P 254 27.57 -26.66 -26.94
C VAL P 254 27.29 -28.14 -26.74
N VAL P 255 27.59 -28.63 -25.53
CA VAL P 255 27.59 -30.06 -25.29
C VAL P 255 26.42 -30.37 -24.36
N ALA P 256 25.60 -31.37 -24.72
CA ALA P 256 24.68 -32.01 -23.80
C ALA P 256 25.31 -33.33 -23.38
N PRO P 257 25.40 -33.63 -22.06
CA PRO P 257 26.16 -34.78 -21.59
C PRO P 257 25.80 -36.08 -22.29
N ASP P 258 24.49 -36.31 -22.48
CA ASP P 258 24.00 -37.54 -23.09
C ASP P 258 23.83 -37.34 -24.60
N LEU P 259 23.14 -36.26 -24.99
CA LEU P 259 22.59 -36.16 -26.32
C LEU P 259 23.67 -35.89 -27.38
N SER P 260 24.64 -35.04 -27.08
CA SER P 260 25.76 -34.80 -27.97
C SER P 260 26.48 -36.10 -28.34
N ARG P 261 26.55 -37.02 -27.39
CA ARG P 261 27.31 -38.25 -27.56
C ARG P 261 26.45 -39.24 -28.36
N MET P 262 25.12 -39.20 -28.11
CA MET P 262 24.16 -40.07 -28.77
C MET P 262 24.06 -39.76 -30.27
N LEU P 263 24.23 -38.48 -30.63
CA LEU P 263 24.10 -38.01 -32.01
C LEU P 263 25.45 -37.94 -32.71
N GLY P 264 26.54 -38.21 -31.97
CA GLY P 264 27.86 -38.31 -32.57
C GLY P 264 28.42 -36.96 -33.04
N ILE P 265 28.29 -35.94 -32.18
CA ILE P 265 28.72 -34.59 -32.52
C ILE P 265 30.19 -34.44 -32.17
N TRP P 266 31.07 -34.90 -33.08
CA TRP P 266 32.51 -34.93 -32.81
C TRP P 266 33.18 -33.62 -33.17
N ARG P 267 32.57 -32.79 -34.04
CA ARG P 267 33.26 -31.71 -34.73
C ARG P 267 32.68 -30.33 -34.37
N ASN P 268 33.50 -29.27 -34.47
CA ASN P 268 33.05 -27.89 -34.29
C ASN P 268 32.52 -27.35 -35.62
N LEU P 269 31.19 -27.15 -35.74
CA LEU P 269 30.58 -26.63 -36.95
C LEU P 269 30.25 -25.14 -36.79
N TRP P 270 30.45 -24.58 -35.59
CA TRP P 270 30.24 -23.17 -35.30
C TRP P 270 30.59 -22.85 -33.84
N ALA P 271 31.02 -21.60 -33.56
CA ALA P 271 31.36 -21.14 -32.23
C ALA P 271 30.35 -20.13 -31.70
N ASP P 272 29.67 -19.41 -32.60
CA ASP P 272 28.82 -18.28 -32.26
C ASP P 272 27.36 -18.63 -32.57
N ASN P 273 26.63 -19.08 -31.56
CA ASN P 273 25.29 -19.58 -31.81
C ASN P 273 24.32 -18.43 -32.11
N GLU P 274 24.65 -17.20 -31.69
CA GLU P 274 23.83 -16.05 -32.01
C GLU P 274 23.81 -15.82 -33.53
N GLU P 275 24.99 -15.81 -34.14
CA GLU P 275 25.13 -15.65 -35.58
C GLU P 275 24.47 -16.81 -36.30
N LEU P 276 24.72 -18.04 -35.83
CA LEU P 276 24.10 -19.20 -36.44
C LEU P 276 22.58 -19.04 -36.45
N GLY P 277 22.01 -18.75 -35.29
CA GLY P 277 20.55 -18.77 -35.14
C GLY P 277 19.86 -17.71 -36.00
N ALA P 278 20.46 -16.53 -36.07
CA ALA P 278 19.93 -15.41 -36.84
C ALA P 278 19.98 -15.74 -38.33
N HIS P 279 21.07 -16.41 -38.73
CA HIS P 279 21.25 -16.87 -40.08
C HIS P 279 20.18 -17.90 -40.42
N ALA P 280 19.96 -18.87 -39.52
CA ALA P 280 19.00 -19.93 -39.78
C ALA P 280 17.58 -19.39 -39.85
N ASN P 281 17.24 -18.47 -38.94
CA ASN P 281 15.93 -17.85 -38.94
C ASN P 281 15.65 -17.15 -40.28
N ALA P 282 16.60 -16.36 -40.78
CA ALA P 282 16.46 -15.69 -42.07
C ALA P 282 16.41 -16.71 -43.20
N PHE P 283 17.28 -17.73 -43.17
CA PHE P 283 17.30 -18.76 -44.20
C PHE P 283 15.91 -19.37 -44.34
N ILE P 284 15.32 -19.81 -43.23
CA ILE P 284 14.05 -20.51 -43.27
C ILE P 284 12.96 -19.54 -43.77
N ARG P 285 12.91 -18.33 -43.20
CA ARG P 285 11.83 -17.39 -43.48
C ARG P 285 11.94 -16.91 -44.93
N ASP P 286 13.16 -16.60 -45.36
CA ASP P 286 13.39 -16.06 -46.68
C ASP P 286 13.06 -17.12 -47.73
N LYS P 287 13.37 -18.40 -47.43
CA LYS P 287 13.03 -19.48 -48.33
C LYS P 287 11.51 -19.58 -48.46
N LEU P 288 10.78 -19.53 -47.34
CA LEU P 288 9.32 -19.61 -47.36
C LEU P 288 8.74 -18.42 -48.14
N THR P 289 9.30 -17.22 -47.94
CA THR P 289 8.85 -16.03 -48.66
C THR P 289 8.90 -16.28 -50.18
N ALA P 290 10.03 -16.84 -50.62
CA ALA P 290 10.33 -17.02 -52.02
C ALA P 290 9.41 -18.07 -52.61
N ILE P 291 9.22 -19.19 -51.89
CA ILE P 291 8.35 -20.29 -52.31
C ILE P 291 6.89 -19.83 -52.47
N LYS P 292 6.41 -18.93 -51.60
CA LYS P 292 5.06 -18.41 -51.73
C LYS P 292 4.85 -17.73 -53.07
N THR P 293 5.90 -17.13 -53.64
CA THR P 293 5.78 -16.40 -54.89
C THR P 293 5.56 -17.34 -56.06
N ILE P 294 5.86 -18.63 -55.90
CA ILE P 294 5.80 -19.55 -57.02
C ILE P 294 4.36 -19.67 -57.55
N GLU P 295 3.37 -19.79 -56.64
CA GLU P 295 2.00 -20.06 -57.04
C GLU P 295 1.44 -18.91 -57.87
N LEU P 296 2.02 -17.70 -57.71
CA LEU P 296 1.55 -16.49 -58.36
C LEU P 296 2.12 -16.32 -59.77
N HIS P 297 3.18 -17.08 -60.13
CA HIS P 297 3.93 -16.80 -61.35
C HIS P 297 4.12 -18.08 -62.19
MG MG Q . 18.87 4.92 6.98
MG MG R . 36.11 0.98 24.87
C1 PEG S . 48.66 -10.65 36.55
O1 PEG S . 49.66 -9.64 36.75
C2 PEG S . 49.18 -11.89 35.82
O2 PEG S . 49.63 -11.57 34.49
C3 PEG S . 50.32 -12.62 33.83
C4 PEG S . 50.34 -12.41 32.32
O4 PEG S . 51.48 -11.69 31.84
MG MG T . -3.32 -6.91 49.84
MG MG U . 8.57 15.23 51.91
C1 PEG V . 10.11 36.08 50.44
O1 PEG V . 11.27 35.80 51.25
C2 PEG V . 8.82 35.66 51.10
O2 PEG V . 7.88 36.74 51.25
C3 PEG V . 6.76 36.46 52.09
C4 PEG V . 7.21 36.25 53.51
O4 PEG V . 6.21 36.36 54.49
MG MG W . 37.72 38.18 0.55
MG MG X . 17.09 49.48 9.74
C1 PEG Y . 1.22 63.47 5.56
O1 PEG Y . 0.30 62.39 5.35
C2 PEG Y . 1.62 63.54 7.00
O2 PEG Y . 2.15 64.78 7.42
C3 PEG Y . 3.11 64.66 8.48
C4 PEG Y . 2.55 65.00 9.85
O4 PEG Y . 2.36 63.89 10.74
MG MG Z . 34.81 -34.23 6.35
C1 PEG AA . 28.71 -39.07 25.52
O1 PEG AA . 29.98 -39.67 25.57
C2 PEG AA . 28.58 -37.98 26.51
O2 PEG AA . 28.19 -36.78 25.86
C3 PEG AA . 27.05 -36.13 26.42
C4 PEG AA . 26.31 -35.37 25.35
O4 PEG AA . 25.06 -35.98 24.99
MG MG BA . 43.96 -19.50 -11.70
MG MG CA . -32.40 -24.82 16.58
MG MG DA . -53.78 -16.16 6.39
MG MG EA . -29.39 15.09 2.79
MG MG FA . -18.69 -1.55 -12.75
MG MG GA . -62.68 22.21 -38.28
MG MG HA . -48.22 41.70 -31.56
MG MG IA . 32.78 -47.37 -48.30
MG MG JA . 15.44 -34.29 -35.76
#